data_7DXE
#
_entry.id   7DXE
#
loop_
_entity.id
_entity.type
_entity.pdbx_description
1 polymer 'Short transient receptor potential channel 3'
2 non-polymer 'CHOLESTEROL HEMISUCCINATE'
3 non-polymer 'ZINC ION'
4 non-polymer '(2S)-3-(hexadecanoyloxy)-2-[(9Z)-octadec-9-enoyloxy]propyl 2-(trimethylammonio)ethyl phosphate'
5 non-polymer '[(2S)-2-[(E)-octadec-10-enoyl]oxy-3-oxidanyl-propyl] octadec-10-enoate'
#
_entity_poly.entity_id   1
_entity_poly.type   'polypeptide(L)'
_entity_poly.pdbx_seq_one_letter_code
;MREKGRRQAVRGPAFMFNDRGTSLTAEEERFLDAAEYGNIPVVRKMLEESKTLNVNCVDYMGQNALQLAVGNEHLEVTEL
LLKKENLARIGDALLLAISKGYVRIVEAILNHPGFAASKRLTLSPCEQELQDDDFYAYDEDGTRFSPDITPIILAAHCQK
YEVVHMLLMKGARIERPHDYFCKCGDCMEKQRHDSFSHSRSRINAYKGLASPAYLSLSSEDPVLTALELSNELAKLANIE
KEFKNDYRKLSMQCKDFVVGVLDLCRDSEEVEAILNGDLESAEPLEVHRHKASLSRVKLAIKYEVKKFVAHPNCQQQLLT
IWYENLSGLREQTIAIKCLVVLVVALGLPFLAIGYWIAPCSRLGKILRSPFMKFVAHAASFIIFLGLLVFNASDRFEGIT
TLPNITVTDYPKQIFRVKTTQFTWTEMLIMVWVLGMMWSECKELWLEGPREYILQLWNVLDFGMLSIFIAAFTARFLAFL
QATKAQQYVDSYVQESDLSEVTLPPEIQYFTYARDKWLPSDPQIISEGLYAIAVVLSFSRIAYILPANESFGPLQISLGR
TVKDIFKFMVLFIMVFFAFMIGMFILYSYYLGAKVNAAFTTVEESFKTLFWSIFGLSEVTSVVLKYDHKFIENIGYVLYG
IYNVTMVVVLLNMLIAMINSSYQEIEDDSDVEWKFARSKLWLSYFDDGKTLPPPFSLVPSPKSFVYFIMRIVNFPKCRRR
RLQKDIEMGMGNSKSRLNLFTQSNSRVFESHSFNSILNQPTRYQQIMKRLIKRYVLKAQVDKENDEVNEGELKEIKQDIS
SLRYELLEDKSQATEELAILIHKLSEKLNPSMLRCE
;
_entity_poly.pdbx_strand_id   D,A,B,C
#
loop_
_chem_comp.id
_chem_comp.type
_chem_comp.name
_chem_comp.formula
98R non-polymer '[(2S)-2-[(E)-octadec-10-enoyl]oxy-3-oxidanyl-propyl] octadec-10-enoate' 'C39 H72 O5'
POV non-polymer '(2S)-3-(hexadecanoyloxy)-2-[(9Z)-octadec-9-enoyloxy]propyl 2-(trimethylammonio)ethyl phosphate' 'C42 H82 N O8 P'
Y01 non-polymer 'CHOLESTEROL HEMISUCCINATE' 'C31 H50 O4'
ZN non-polymer 'ZINC ION' 'Zn 2'
#
# COMPACT_ATOMS: atom_id res chain seq x y z
N THR A 22 13.35 54.56 23.78
CA THR A 22 14.27 54.55 22.64
C THR A 22 15.39 55.56 22.83
N SER A 23 16.63 55.06 22.80
CA SER A 23 17.79 55.93 22.97
C SER A 23 17.96 56.92 21.83
N LEU A 24 17.35 56.64 20.67
CA LEU A 24 17.50 57.51 19.52
C LEU A 24 16.86 58.88 19.77
N THR A 25 17.41 59.89 19.10
CA THR A 25 16.87 61.24 19.19
C THR A 25 15.78 61.44 18.12
N ALA A 26 15.24 62.64 18.07
CA ALA A 26 14.09 62.90 17.19
C ALA A 26 14.51 63.05 15.74
N GLU A 27 15.64 63.71 15.49
CA GLU A 27 16.05 63.96 14.11
C GLU A 27 16.40 62.66 13.39
N GLU A 28 17.09 61.73 14.07
CA GLU A 28 17.43 60.48 13.41
C GLU A 28 16.21 59.58 13.25
N GLU A 29 15.22 59.71 14.12
CA GLU A 29 13.95 59.03 13.89
C GLU A 29 13.25 59.59 12.65
N ARG A 30 13.24 60.92 12.51
CA ARG A 30 12.67 61.54 11.31
C ARG A 30 13.40 61.08 10.06
N PHE A 31 14.73 60.91 10.16
CA PHE A 31 15.52 60.38 9.06
C PHE A 31 15.13 58.94 8.74
N LEU A 32 15.05 58.10 9.77
CA LEU A 32 14.86 56.66 9.55
C LEU A 32 13.45 56.34 9.06
N ASP A 33 12.43 57.08 9.50
CA ASP A 33 11.09 56.82 8.99
C ASP A 33 11.02 57.05 7.49
N ALA A 34 11.62 58.15 7.01
CA ALA A 34 11.61 58.42 5.58
C ALA A 34 12.51 57.44 4.83
N ALA A 35 13.63 57.03 5.43
CA ALA A 35 14.50 56.05 4.77
C ALA A 35 13.79 54.71 4.63
N GLU A 36 13.09 54.27 5.68
CA GLU A 36 12.37 53.01 5.62
C GLU A 36 11.21 53.08 4.62
N TYR A 37 10.44 54.16 4.67
CA TYR A 37 9.30 54.33 3.77
C TYR A 37 9.69 54.91 2.42
N GLY A 38 10.97 55.13 2.17
CA GLY A 38 11.45 55.44 0.83
C GLY A 38 11.19 56.84 0.34
N ASN A 39 11.00 57.80 1.23
CA ASN A 39 10.81 59.19 0.81
C ASN A 39 12.17 59.78 0.50
N ILE A 40 12.49 59.89 -0.80
CA ILE A 40 13.82 60.33 -1.22
C ILE A 40 14.14 61.76 -0.77
N PRO A 41 13.26 62.76 -0.99
CA PRO A 41 13.67 64.13 -0.67
C PRO A 41 13.90 64.38 0.82
N VAL A 42 13.11 63.78 1.70
CA VAL A 42 13.30 64.00 3.13
C VAL A 42 14.65 63.47 3.57
N VAL A 43 15.01 62.25 3.14
CA VAL A 43 16.29 61.68 3.51
C VAL A 43 17.43 62.50 2.91
N ARG A 44 17.30 62.90 1.65
CA ARG A 44 18.33 63.72 1.01
C ARG A 44 18.56 65.00 1.80
N LYS A 45 17.48 65.72 2.13
CA LYS A 45 17.60 66.95 2.89
C LYS A 45 18.19 66.69 4.28
N MET A 46 17.84 65.56 4.89
CA MET A 46 18.32 65.28 6.23
C MET A 46 19.83 65.04 6.24
N LEU A 47 20.35 64.24 5.32
CA LEU A 47 21.76 63.89 5.35
C LEU A 47 22.65 64.88 4.60
N GLU A 48 22.09 65.97 4.09
CA GLU A 48 22.88 66.99 3.38
C GLU A 48 23.27 68.09 4.36
N GLU A 49 24.54 68.10 4.76
CA GLU A 49 25.19 69.16 5.51
C GLU A 49 24.72 69.29 6.96
N SER A 50 23.99 68.32 7.48
CA SER A 50 23.64 68.33 8.89
C SER A 50 24.87 67.98 9.72
N LYS A 51 25.08 68.74 10.81
CA LYS A 51 26.24 68.49 11.66
C LYS A 51 26.11 67.18 12.41
N THR A 52 24.94 66.95 13.01
CA THR A 52 24.63 65.72 13.72
C THR A 52 24.04 64.71 12.73
N LEU A 53 23.33 63.70 13.23
CA LEU A 53 22.66 62.70 12.38
C LEU A 53 23.66 61.77 11.70
N ASN A 54 24.56 61.20 12.50
CA ASN A 54 25.42 60.12 12.02
C ASN A 54 24.59 59.05 11.33
N VAL A 55 25.04 58.63 10.13
CA VAL A 55 24.27 57.71 9.31
C VAL A 55 24.26 56.30 9.89
N ASN A 56 25.17 55.99 10.82
CA ASN A 56 25.25 54.67 11.41
C ASN A 56 24.28 54.48 12.58
N CYS A 57 23.23 55.27 12.65
CA CYS A 57 22.31 55.23 13.79
C CYS A 57 21.52 53.93 13.77
N VAL A 58 20.68 53.75 14.80
CA VAL A 58 19.93 52.50 14.97
C VAL A 58 18.44 52.80 15.02
N ASP A 59 17.62 51.75 15.12
CA ASP A 59 16.17 51.91 15.01
C ASP A 59 15.49 51.04 16.08
N TYR A 60 14.16 50.96 15.98
CA TYR A 60 13.38 50.25 16.99
C TYR A 60 13.69 48.76 17.02
N MET A 61 13.89 48.16 15.84
CA MET A 61 14.19 46.74 15.73
C MET A 61 15.69 46.46 15.78
N GLY A 62 16.51 47.47 16.02
CA GLY A 62 17.95 47.32 15.97
C GLY A 62 18.53 47.43 14.58
N GLN A 63 17.74 47.83 13.60
CA GLN A 63 18.17 47.87 12.22
C GLN A 63 18.99 49.14 11.95
N ASN A 64 19.22 49.44 10.68
CA ASN A 64 20.00 50.58 10.23
C ASN A 64 19.23 51.29 9.13
N ALA A 65 19.67 52.50 8.82
CA ALA A 65 19.10 53.23 7.68
C ALA A 65 19.27 52.45 6.39
N LEU A 66 20.51 51.97 6.15
CA LEU A 66 20.80 51.24 4.92
C LEU A 66 20.00 49.94 4.84
N GLN A 67 19.91 49.21 5.96
CA GLN A 67 19.19 47.94 5.93
C GLN A 67 17.69 48.15 5.75
N LEU A 68 17.15 49.20 6.37
CA LEU A 68 15.73 49.51 6.16
C LEU A 68 15.48 49.95 4.71
N ALA A 69 16.44 50.63 4.11
CA ALA A 69 16.28 51.04 2.71
C ALA A 69 16.35 49.84 1.77
N VAL A 70 17.24 48.89 2.06
CA VAL A 70 17.39 47.74 1.15
C VAL A 70 16.28 46.71 1.37
N GLY A 71 15.76 46.61 2.59
CA GLY A 71 14.73 45.62 2.88
C GLY A 71 13.50 45.77 2.02
N ASN A 72 13.11 47.00 1.74
CA ASN A 72 12.04 47.32 0.80
C ASN A 72 12.69 48.07 -0.35
N GLU A 73 12.65 47.46 -1.55
CA GLU A 73 13.52 47.87 -2.65
C GLU A 73 13.41 49.37 -2.95
N HIS A 74 14.50 50.09 -2.70
CA HIS A 74 14.59 51.53 -2.95
C HIS A 74 16.02 51.80 -3.40
N LEU A 75 16.23 51.80 -4.71
CA LEU A 75 17.57 52.01 -5.25
C LEU A 75 18.06 53.44 -4.98
N GLU A 76 17.14 54.41 -5.04
CA GLU A 76 17.53 55.80 -4.82
C GLU A 76 18.00 56.03 -3.38
N VAL A 77 17.22 55.58 -2.41
CA VAL A 77 17.57 55.79 -1.01
C VAL A 77 18.86 55.05 -0.67
N THR A 78 19.00 53.82 -1.18
CA THR A 78 20.22 53.06 -0.92
C THR A 78 21.43 53.74 -1.54
N GLU A 79 21.28 54.28 -2.75
CA GLU A 79 22.40 54.96 -3.39
C GLU A 79 22.81 56.21 -2.62
N LEU A 80 21.83 57.04 -2.25
CA LEU A 80 22.16 58.27 -1.52
C LEU A 80 22.73 57.97 -0.14
N LEU A 81 22.32 56.87 0.48
CA LEU A 81 22.97 56.44 1.72
C LEU A 81 24.41 55.97 1.45
N LEU A 82 24.61 55.25 0.35
CA LEU A 82 25.94 54.77 -0.02
C LEU A 82 26.90 55.91 -0.34
N LYS A 83 26.38 57.08 -0.72
CA LYS A 83 27.24 58.23 -0.98
C LYS A 83 28.11 58.55 0.24
N LYS A 84 27.56 58.35 1.44
CA LYS A 84 28.30 58.63 2.66
C LYS A 84 29.51 57.71 2.78
N GLU A 85 30.63 58.27 3.23
CA GLU A 85 31.88 57.52 3.27
C GLU A 85 31.85 56.46 4.36
N ASN A 86 31.52 56.86 5.58
CA ASN A 86 31.52 55.96 6.74
C ASN A 86 30.09 55.50 6.98
N LEU A 87 29.76 54.32 6.47
CA LEU A 87 28.43 53.72 6.65
C LEU A 87 28.62 52.30 7.17
N ALA A 88 27.89 51.96 8.23
CA ALA A 88 28.08 50.68 8.90
C ALA A 88 27.13 49.63 8.35
N ARG A 89 27.54 48.36 8.49
CA ARG A 89 26.74 47.19 8.10
C ARG A 89 26.41 47.22 6.61
N ILE A 90 27.45 47.39 5.79
CA ILE A 90 27.29 47.31 4.34
C ILE A 90 27.14 45.87 3.90
N GLY A 91 27.94 44.97 4.46
CA GLY A 91 27.87 43.57 4.07
C GLY A 91 26.54 42.94 4.39
N ASP A 92 25.94 43.33 5.52
CA ASP A 92 24.60 42.85 5.83
C ASP A 92 23.60 43.32 4.79
N ALA A 93 23.72 44.57 4.34
CA ALA A 93 22.84 45.07 3.29
C ALA A 93 23.03 44.29 2.00
N LEU A 94 24.28 43.94 1.67
CA LEU A 94 24.54 43.14 0.48
C LEU A 94 23.90 41.76 0.60
N LEU A 95 24.06 41.11 1.75
CA LEU A 95 23.43 39.80 1.95
C LEU A 95 21.92 39.88 1.91
N LEU A 96 21.35 40.97 2.41
CA LEU A 96 19.90 41.14 2.37
C LEU A 96 19.42 41.35 0.93
N ALA A 97 20.18 42.11 0.15
CA ALA A 97 19.82 42.32 -1.25
C ALA A 97 19.95 41.03 -2.06
N ILE A 98 20.98 40.24 -1.76
CA ILE A 98 21.18 38.98 -2.46
C ILE A 98 20.09 37.98 -2.07
N SER A 99 19.68 37.97 -0.80
CA SER A 99 18.59 37.11 -0.37
C SER A 99 17.32 37.36 -1.17
N LYS A 100 17.13 38.59 -1.64
CA LYS A 100 16.00 38.95 -2.47
C LYS A 100 16.49 39.13 -3.91
N GLY A 101 15.58 39.56 -4.79
CA GLY A 101 15.90 39.67 -6.20
C GLY A 101 16.31 41.06 -6.65
N TYR A 102 16.76 41.90 -5.72
CA TYR A 102 17.07 43.29 -6.01
C TYR A 102 18.46 43.37 -6.62
N VAL A 103 18.52 43.15 -7.94
CA VAL A 103 19.81 43.09 -8.63
C VAL A 103 20.44 44.49 -8.70
N ARG A 104 19.61 45.52 -8.86
CA ARG A 104 20.15 46.87 -8.97
C ARG A 104 20.81 47.30 -7.67
N ILE A 105 20.19 46.98 -6.53
CA ILE A 105 20.79 47.32 -5.24
C ILE A 105 22.09 46.57 -5.05
N VAL A 106 22.15 45.32 -5.54
CA VAL A 106 23.39 44.56 -5.46
C VAL A 106 24.49 45.22 -6.27
N GLU A 107 24.16 45.65 -7.50
CA GLU A 107 25.13 46.36 -8.32
C GLU A 107 25.62 47.63 -7.64
N ALA A 108 24.68 48.37 -7.03
CA ALA A 108 25.06 49.61 -6.34
C ALA A 108 26.01 49.33 -5.19
N ILE A 109 25.67 48.34 -4.35
CA ILE A 109 26.52 48.03 -3.19
C ILE A 109 27.87 47.48 -3.61
N LEU A 110 27.92 46.73 -4.72
CA LEU A 110 29.21 46.24 -5.21
C LEU A 110 30.05 47.37 -5.78
N ASN A 111 29.40 48.40 -6.35
CA ASN A 111 30.14 49.57 -6.82
C ASN A 111 30.71 50.41 -5.70
N HIS A 112 30.33 50.14 -4.45
CA HIS A 112 30.86 50.89 -3.33
C HIS A 112 32.38 50.76 -3.28
N PRO A 113 33.10 51.83 -2.94
CA PRO A 113 34.57 51.73 -2.86
C PRO A 113 35.06 50.82 -1.76
N GLY A 114 34.23 50.51 -0.77
CA GLY A 114 34.63 49.58 0.27
C GLY A 114 34.87 48.18 -0.26
N PHE A 115 34.07 47.77 -1.25
CA PHE A 115 34.22 46.43 -1.82
C PHE A 115 35.30 46.37 -2.89
N ALA A 116 35.56 47.49 -3.58
CA ALA A 116 36.42 47.45 -4.76
C ALA A 116 37.86 47.11 -4.40
N ALA A 117 38.45 47.85 -3.46
CA ALA A 117 39.87 47.73 -3.15
C ALA A 117 40.15 46.78 -1.99
N SER A 118 39.20 45.89 -1.66
CA SER A 118 39.36 45.00 -0.53
C SER A 118 39.01 43.58 -0.93
N LYS A 119 39.46 42.63 -0.11
CA LYS A 119 39.14 41.22 -0.25
C LYS A 119 37.84 40.84 0.48
N ARG A 120 37.07 41.85 0.91
CA ARG A 120 35.90 41.58 1.75
C ARG A 120 34.83 40.79 1.01
N LEU A 121 34.68 41.01 -0.30
CA LEU A 121 33.61 40.36 -1.04
C LEU A 121 33.80 38.85 -1.12
N THR A 122 35.04 38.39 -1.35
CA THR A 122 35.28 36.97 -1.58
C THR A 122 35.17 36.17 -0.29
N LEU A 123 35.99 36.52 0.71
CA LEU A 123 36.13 35.68 1.89
C LEU A 123 34.94 35.83 2.83
N SER A 124 34.68 34.77 3.59
CA SER A 124 33.49 34.70 4.43
C SER A 124 33.58 35.66 5.62
N PRO A 125 32.43 36.09 6.15
CA PRO A 125 32.47 36.96 7.34
C PRO A 125 33.15 36.34 8.54
N CYS A 126 33.17 35.01 8.65
CA CYS A 126 33.74 34.36 9.82
C CYS A 126 35.26 34.53 9.88
N GLU A 127 35.93 34.45 8.73
CA GLU A 127 37.38 34.43 8.70
C GLU A 127 37.98 35.50 7.78
N GLN A 128 37.22 36.57 7.49
CA GLN A 128 37.70 37.56 6.52
C GLN A 128 38.89 38.35 7.06
N GLU A 129 38.79 38.83 8.31
CA GLU A 129 39.80 39.71 8.88
C GLU A 129 39.71 39.60 10.39
N LEU A 130 40.31 40.57 11.09
CA LEU A 130 40.11 40.66 12.54
C LEU A 130 38.64 40.85 12.89
N GLN A 131 37.86 41.45 11.96
CA GLN A 131 36.41 41.61 12.08
C GLN A 131 36.01 42.54 13.21
N ASP A 132 36.89 43.46 13.61
CA ASP A 132 36.49 44.48 14.57
C ASP A 132 35.42 45.39 13.98
N ASP A 133 35.50 45.67 12.69
CA ASP A 133 34.48 46.47 12.02
C ASP A 133 33.21 45.65 11.82
N ASP A 134 32.06 46.31 11.97
CA ASP A 134 30.77 45.67 11.78
C ASP A 134 30.38 45.69 10.31
N PHE A 135 31.19 44.98 9.50
CA PHE A 135 30.95 44.94 8.06
C PHE A 135 29.73 44.09 7.75
N TYR A 136 29.67 42.86 8.26
CA TYR A 136 28.57 41.94 8.00
C TYR A 136 27.63 41.80 9.18
N ALA A 137 27.73 42.69 10.17
CA ALA A 137 26.98 42.52 11.40
C ALA A 137 25.48 42.66 11.15
N TYR A 138 24.71 41.91 11.95
CA TYR A 138 23.27 42.02 12.11
C TYR A 138 23.04 42.59 13.50
N ASP A 139 21.79 42.58 13.96
CA ASP A 139 21.30 43.51 14.97
C ASP A 139 22.32 43.84 16.05
N GLU A 140 22.63 42.91 16.95
CA GLU A 140 23.73 43.13 17.87
C GLU A 140 24.62 41.91 18.05
N ASP A 141 24.04 40.72 18.08
CA ASP A 141 24.78 39.55 18.56
C ASP A 141 25.55 38.83 17.45
N GLY A 142 24.92 38.59 16.30
CA GLY A 142 25.58 37.82 15.27
C GLY A 142 25.17 38.28 13.89
N THR A 143 25.66 37.56 12.88
CA THR A 143 25.35 37.86 11.49
C THR A 143 23.92 37.44 11.15
N ARG A 144 23.41 37.99 10.04
CA ARG A 144 22.07 37.66 9.59
C ARG A 144 21.94 36.17 9.30
N PHE A 145 22.86 35.64 8.50
CA PHE A 145 22.91 34.21 8.18
C PHE A 145 24.08 33.57 8.93
N SER A 146 24.33 32.30 8.63
CA SER A 146 25.46 31.61 9.24
C SER A 146 26.75 32.36 8.93
N PRO A 147 27.67 32.44 9.89
CA PRO A 147 28.93 33.17 9.64
C PRO A 147 29.75 32.58 8.51
N ASP A 148 29.51 31.32 8.12
CA ASP A 148 30.24 30.70 7.03
C ASP A 148 29.76 31.15 5.66
N ILE A 149 28.47 31.51 5.54
CA ILE A 149 27.91 31.84 4.25
C ILE A 149 28.51 33.15 3.71
N THR A 150 28.93 33.13 2.46
CA THR A 150 29.43 34.28 1.75
C THR A 150 28.34 34.86 0.87
N PRO A 151 28.55 36.04 0.27
CA PRO A 151 27.56 36.54 -0.70
C PRO A 151 27.35 35.61 -1.88
N ILE A 152 28.42 34.99 -2.40
CA ILE A 152 28.27 34.11 -3.55
C ILE A 152 27.61 32.79 -3.15
N ILE A 153 27.98 32.26 -1.98
CA ILE A 153 27.33 31.04 -1.48
C ILE A 153 25.84 31.29 -1.26
N LEU A 154 25.50 32.47 -0.73
CA LEU A 154 24.09 32.79 -0.52
C LEU A 154 23.35 32.98 -1.84
N ALA A 155 24.00 33.60 -2.82
CA ALA A 155 23.38 33.74 -4.13
C ALA A 155 23.12 32.38 -4.77
N ALA A 156 24.06 31.45 -4.62
CA ALA A 156 23.86 30.11 -5.13
C ALA A 156 22.73 29.39 -4.39
N HIS A 157 22.67 29.55 -3.06
CA HIS A 157 21.58 28.99 -2.28
C HIS A 157 20.23 29.47 -2.80
N CYS A 158 20.09 30.79 -2.97
CA CYS A 158 18.82 31.37 -3.40
C CYS A 158 18.53 31.14 -4.88
N GLN A 159 19.51 30.66 -5.66
CA GLN A 159 19.36 30.43 -7.10
C GLN A 159 18.98 31.72 -7.83
N LYS A 160 19.77 32.77 -7.59
CA LYS A 160 19.63 34.04 -8.28
C LYS A 160 20.69 34.07 -9.39
N TYR A 161 20.25 33.82 -10.63
CA TYR A 161 21.21 33.70 -11.73
C TYR A 161 21.93 35.01 -11.99
N GLU A 162 21.19 36.12 -12.01
CA GLU A 162 21.81 37.43 -12.26
C GLU A 162 22.85 37.75 -11.18
N VAL A 163 22.48 37.55 -9.91
CA VAL A 163 23.39 37.87 -8.82
C VAL A 163 24.62 36.97 -8.86
N VAL A 164 24.42 35.69 -9.20
CA VAL A 164 25.55 34.76 -9.29
C VAL A 164 26.50 35.20 -10.38
N HIS A 165 25.97 35.61 -11.54
CA HIS A 165 26.83 36.08 -12.62
C HIS A 165 27.58 37.34 -12.21
N MET A 166 26.87 38.28 -11.56
CA MET A 166 27.53 39.51 -11.10
C MET A 166 28.68 39.21 -10.16
N LEU A 167 28.45 38.36 -9.16
CA LEU A 167 29.48 38.04 -8.19
C LEU A 167 30.62 37.25 -8.83
N LEU A 168 30.32 36.45 -9.86
CA LEU A 168 31.38 35.74 -10.56
C LEU A 168 32.23 36.68 -11.39
N MET A 169 31.65 37.78 -11.89
CA MET A 169 32.45 38.75 -12.62
C MET A 169 33.50 39.39 -11.73
N LYS A 170 33.16 39.62 -10.46
CA LYS A 170 34.11 40.21 -9.53
C LYS A 170 35.18 39.24 -9.06
N GLY A 171 35.11 37.98 -9.47
CA GLY A 171 36.07 36.98 -9.04
C GLY A 171 35.68 36.23 -7.78
N ALA A 172 34.44 36.38 -7.32
CA ALA A 172 33.96 35.69 -6.12
C ALA A 172 33.47 34.31 -6.54
N ARG A 173 34.21 33.27 -6.15
CA ARG A 173 33.87 31.90 -6.50
C ARG A 173 33.84 31.07 -5.22
N ILE A 174 32.89 30.13 -5.16
CA ILE A 174 32.80 29.23 -4.01
C ILE A 174 34.04 28.36 -3.97
N GLU A 175 34.75 28.38 -2.85
CA GLU A 175 35.93 27.55 -2.69
C GLU A 175 35.50 26.13 -2.32
N ARG A 176 35.92 25.16 -3.13
CA ARG A 176 35.55 23.78 -2.87
C ARG A 176 36.11 23.33 -1.52
N PRO A 177 35.29 22.77 -0.64
CA PRO A 177 35.79 22.38 0.67
C PRO A 177 36.80 21.25 0.58
N HIS A 178 37.72 21.23 1.53
CA HIS A 178 38.76 20.21 1.55
C HIS A 178 38.15 18.82 1.73
N ASP A 179 38.94 17.80 1.40
CA ASP A 179 38.51 16.42 1.60
C ASP A 179 38.19 16.18 3.06
N TYR A 180 37.25 15.25 3.30
CA TYR A 180 36.83 14.98 4.67
C TYR A 180 38.01 14.59 5.55
N PHE A 181 38.93 13.78 5.03
CA PHE A 181 40.06 13.29 5.79
C PHE A 181 41.30 14.16 5.65
N CYS A 182 41.14 15.43 5.26
CA CYS A 182 42.27 16.33 5.17
C CYS A 182 42.85 16.59 6.56
N LYS A 183 44.18 16.64 6.64
CA LYS A 183 44.89 16.85 7.89
C LYS A 183 45.69 18.15 7.90
N CYS A 184 45.41 19.06 6.97
CA CYS A 184 46.12 20.33 6.93
C CYS A 184 45.87 21.11 8.22
N GLY A 185 46.77 22.05 8.50
CA GLY A 185 46.71 22.79 9.74
C GLY A 185 45.42 23.58 9.89
N ASP A 186 44.92 24.15 8.79
CA ASP A 186 43.70 24.95 8.84
C ASP A 186 42.49 24.08 9.21
N CYS A 187 42.33 22.96 8.51
CA CYS A 187 41.19 22.08 8.80
C CYS A 187 41.28 21.51 10.20
N MET A 188 42.48 21.16 10.66
CA MET A 188 42.63 20.66 12.02
C MET A 188 42.26 21.74 13.04
N GLU A 189 42.71 22.97 12.80
CA GLU A 189 42.36 24.06 13.71
C GLU A 189 40.85 24.29 13.77
N LYS A 190 40.20 24.29 12.62
CA LYS A 190 38.74 24.45 12.59
C LYS A 190 38.04 23.25 13.22
N GLN A 191 38.67 22.08 13.19
CA GLN A 191 38.09 20.89 13.79
C GLN A 191 38.20 20.89 15.31
N ARG A 192 39.27 21.48 15.85
CA ARG A 192 39.47 21.46 17.30
C ARG A 192 38.32 22.14 18.03
N HIS A 193 37.96 23.36 17.61
CA HIS A 193 36.87 24.10 18.21
C HIS A 193 35.74 24.24 17.20
N ASP A 194 34.51 23.95 17.64
CA ASP A 194 33.32 24.00 16.80
C ASP A 194 33.45 23.06 15.60
N SER A 195 33.58 21.77 15.88
CA SER A 195 33.55 20.78 14.80
C SER A 195 32.18 20.73 14.14
N PHE A 196 31.11 20.94 14.92
CA PHE A 196 29.77 21.01 14.36
C PHE A 196 29.64 22.16 13.37
N SER A 197 30.16 23.33 13.75
CA SER A 197 30.13 24.47 12.84
C SER A 197 30.96 24.20 11.59
N HIS A 198 32.06 23.47 11.73
CA HIS A 198 32.89 23.13 10.57
C HIS A 198 32.11 22.24 9.60
N SER A 199 31.45 21.21 10.13
CA SER A 199 30.63 20.35 9.27
C SER A 199 29.49 21.13 8.63
N ARG A 200 28.86 22.03 9.39
CA ARG A 200 27.78 22.84 8.82
C ARG A 200 28.29 23.74 7.70
N SER A 201 29.49 24.30 7.86
CA SER A 201 30.05 25.14 6.82
C SER A 201 30.39 24.33 5.58
N ARG A 202 30.89 23.11 5.76
CA ARG A 202 31.10 22.22 4.60
C ARG A 202 29.80 21.96 3.87
N ILE A 203 28.73 21.68 4.61
CA ILE A 203 27.44 21.41 3.97
C ILE A 203 26.93 22.64 3.24
N ASN A 204 27.15 23.83 3.81
CA ASN A 204 26.74 25.05 3.12
C ASN A 204 27.52 25.26 1.83
N ALA A 205 28.83 25.03 1.88
CA ALA A 205 29.62 25.16 0.66
C ALA A 205 29.16 24.19 -0.42
N TYR A 206 28.83 22.96 -0.02
CA TYR A 206 28.38 21.98 -1.01
C TYR A 206 26.98 22.29 -1.51
N LYS A 207 26.11 22.86 -0.66
CA LYS A 207 24.80 23.26 -1.13
C LYS A 207 24.88 24.45 -2.07
N GLY A 208 25.92 25.27 -1.92
CA GLY A 208 26.16 26.32 -2.89
C GLY A 208 26.71 25.78 -4.20
N LEU A 209 27.64 24.83 -4.11
CA LEU A 209 28.24 24.26 -5.33
C LEU A 209 27.22 23.45 -6.11
N ALA A 210 26.34 22.72 -5.43
CA ALA A 210 25.35 21.87 -6.08
C ALA A 210 24.14 22.64 -6.58
N SER A 211 24.18 23.96 -6.55
CA SER A 211 23.04 24.74 -7.01
C SER A 211 23.05 24.83 -8.54
N PRO A 212 21.89 24.66 -9.18
CA PRO A 212 21.83 24.77 -10.64
C PRO A 212 22.35 26.10 -11.16
N ALA A 213 22.10 27.20 -10.43
CA ALA A 213 22.62 28.49 -10.84
C ALA A 213 24.14 28.48 -10.93
N TYR A 214 24.79 28.12 -9.82
CA TYR A 214 26.25 28.10 -9.82
C TYR A 214 26.80 27.00 -10.73
N LEU A 215 26.10 25.88 -10.83
CA LEU A 215 26.55 24.82 -11.74
C LEU A 215 26.58 25.31 -13.18
N SER A 216 25.53 26.00 -13.61
CA SER A 216 25.45 26.44 -15.00
C SER A 216 26.39 27.60 -15.27
N LEU A 217 26.45 28.58 -14.36
CA LEU A 217 27.25 29.78 -14.62
C LEU A 217 28.68 29.69 -14.10
N SER A 218 29.09 28.55 -13.56
CA SER A 218 30.38 28.47 -12.89
C SER A 218 31.53 28.24 -13.87
N SER A 219 31.40 27.22 -14.72
CA SER A 219 32.53 26.78 -15.52
C SER A 219 32.03 26.26 -16.87
N GLU A 220 32.97 26.10 -17.78
CA GLU A 220 32.68 25.46 -19.06
C GLU A 220 32.45 23.96 -18.86
N ASP A 221 31.59 23.40 -19.70
CA ASP A 221 31.18 21.99 -19.61
C ASP A 221 30.59 21.71 -18.23
N PRO A 222 29.43 22.29 -17.90
CA PRO A 222 28.87 22.08 -16.55
C PRO A 222 28.23 20.72 -16.34
N VAL A 223 27.97 19.94 -17.40
CA VAL A 223 27.38 18.62 -17.20
C VAL A 223 28.40 17.68 -16.56
N LEU A 224 29.66 17.75 -16.99
CA LEU A 224 30.70 16.95 -16.35
C LEU A 224 30.94 17.40 -14.92
N THR A 225 30.95 18.71 -14.69
CA THR A 225 31.06 19.23 -13.34
C THR A 225 29.96 18.69 -12.45
N ALA A 226 28.73 18.68 -12.95
CA ALA A 226 27.60 18.21 -12.14
C ALA A 226 27.69 16.72 -11.88
N LEU A 227 28.11 15.93 -12.86
CA LEU A 227 28.28 14.50 -12.64
C LEU A 227 29.34 14.21 -11.58
N GLU A 228 30.50 14.86 -11.70
CA GLU A 228 31.57 14.64 -10.72
C GLU A 228 31.15 15.09 -9.33
N LEU A 229 30.46 16.24 -9.24
CA LEU A 229 29.99 16.69 -7.93
C LEU A 229 28.95 15.75 -7.36
N SER A 230 28.10 15.16 -8.21
CA SER A 230 27.14 14.17 -7.73
C SER A 230 27.86 12.98 -7.12
N ASN A 231 28.89 12.47 -7.79
CA ASN A 231 29.64 11.35 -7.23
C ASN A 231 30.32 11.73 -5.92
N GLU A 232 30.92 12.93 -5.87
CA GLU A 232 31.60 13.37 -4.66
C GLU A 232 30.63 13.48 -3.48
N LEU A 233 29.44 14.04 -3.74
CA LEU A 233 28.45 14.18 -2.67
C LEU A 233 27.90 12.82 -2.23
N ALA A 234 27.78 11.87 -3.15
CA ALA A 234 27.34 10.53 -2.73
C ALA A 234 28.38 9.87 -1.84
N LYS A 235 29.67 9.96 -2.22
CA LYS A 235 30.72 9.42 -1.37
C LYS A 235 30.74 10.08 0.00
N LEU A 236 30.55 11.40 0.05
CA LEU A 236 30.53 12.07 1.35
C LEU A 236 29.28 11.74 2.15
N ALA A 237 28.17 11.43 1.48
CA ALA A 237 27.00 10.94 2.18
C ALA A 237 27.30 9.60 2.85
N ASN A 238 28.03 8.74 2.15
CA ASN A 238 28.40 7.45 2.76
C ASN A 238 29.41 7.63 3.89
N ILE A 239 30.25 8.68 3.80
CA ILE A 239 31.29 8.86 4.82
C ILE A 239 30.73 9.51 6.08
N GLU A 240 29.96 10.60 5.93
CA GLU A 240 29.48 11.36 7.09
C GLU A 240 28.53 10.54 7.95
N LYS A 241 27.40 10.13 7.37
CA LYS A 241 26.40 9.27 8.00
C LYS A 241 25.56 9.96 9.06
N GLU A 242 25.87 11.21 9.39
CA GLU A 242 24.98 12.02 10.21
C GLU A 242 24.13 12.95 9.36
N PHE A 243 24.76 13.62 8.40
CA PHE A 243 24.09 14.47 7.44
C PHE A 243 23.89 13.76 6.11
N LYS A 244 23.65 12.45 6.17
CA LYS A 244 23.51 11.64 4.96
C LYS A 244 22.37 12.15 4.08
N ASN A 245 21.27 12.58 4.70
CA ASN A 245 20.13 13.05 3.92
C ASN A 245 20.43 14.36 3.21
N ASP A 246 21.19 15.25 3.85
CA ASP A 246 21.57 16.50 3.20
C ASP A 246 22.41 16.22 1.95
N TYR A 247 23.46 15.41 2.08
CA TYR A 247 24.31 15.11 0.94
C TYR A 247 23.56 14.34 -0.14
N ARG A 248 22.61 13.49 0.24
CA ARG A 248 21.83 12.79 -0.77
C ARG A 248 20.90 13.75 -1.51
N LYS A 249 20.33 14.72 -0.81
CA LYS A 249 19.54 15.75 -1.48
C LYS A 249 20.40 16.54 -2.46
N LEU A 250 21.62 16.89 -2.07
CA LEU A 250 22.49 17.63 -2.99
C LEU A 250 22.89 16.78 -4.20
N SER A 251 23.16 15.49 -3.97
CA SER A 251 23.48 14.61 -5.09
C SER A 251 22.28 14.48 -6.04
N MET A 252 21.07 14.41 -5.49
CA MET A 252 19.88 14.38 -6.34
C MET A 252 19.71 15.68 -7.10
N GLN A 253 20.08 16.81 -6.49
CA GLN A 253 20.07 18.09 -7.21
C GLN A 253 21.00 18.04 -8.41
N CYS A 254 22.21 17.53 -8.23
CA CYS A 254 23.15 17.43 -9.35
C CYS A 254 22.63 16.51 -10.44
N LYS A 255 22.11 15.34 -10.05
CA LYS A 255 21.56 14.42 -11.03
C LYS A 255 20.41 15.06 -11.80
N ASP A 256 19.53 15.78 -11.10
CA ASP A 256 18.41 16.44 -11.77
C ASP A 256 18.89 17.52 -12.72
N PHE A 257 19.95 18.25 -12.35
CA PHE A 257 20.48 19.25 -13.28
C PHE A 257 21.01 18.59 -14.55
N VAL A 258 21.74 17.49 -14.40
CA VAL A 258 22.27 16.80 -15.58
C VAL A 258 21.13 16.32 -16.48
N VAL A 259 20.11 15.71 -15.88
CA VAL A 259 18.98 15.21 -16.67
C VAL A 259 18.23 16.36 -17.33
N GLY A 260 18.11 17.48 -16.62
CA GLY A 260 17.42 18.63 -17.20
C GLY A 260 18.16 19.22 -18.37
N VAL A 261 19.49 19.30 -18.28
CA VAL A 261 20.28 19.77 -19.41
C VAL A 261 20.14 18.81 -20.59
N LEU A 262 20.12 17.50 -20.31
CA LEU A 262 19.94 16.52 -21.39
C LEU A 262 18.57 16.66 -22.04
N ASP A 263 17.55 16.99 -21.24
CA ASP A 263 16.18 17.01 -21.77
C ASP A 263 15.99 18.08 -22.83
N LEU A 264 16.68 19.22 -22.70
CA LEU A 264 16.45 20.35 -23.58
C LEU A 264 16.96 20.14 -25.00
N CYS A 265 17.74 19.09 -25.25
CA CYS A 265 18.26 18.85 -26.59
C CYS A 265 17.12 18.62 -27.59
N ARG A 266 17.19 19.30 -28.73
CA ARG A 266 16.20 19.15 -29.78
C ARG A 266 16.83 18.90 -31.14
N ASP A 267 18.14 18.65 -31.20
CA ASP A 267 18.82 18.22 -32.41
C ASP A 267 19.66 17.00 -32.08
N SER A 268 20.02 16.24 -33.12
CA SER A 268 20.86 15.08 -32.89
C SER A 268 22.29 15.48 -32.55
N GLU A 269 22.74 16.64 -33.05
CA GLU A 269 24.08 17.10 -32.74
C GLU A 269 24.22 17.45 -31.27
N GLU A 270 23.20 18.10 -30.69
CA GLU A 270 23.24 18.44 -29.28
C GLU A 270 23.16 17.20 -28.39
N VAL A 271 22.32 16.23 -28.77
CA VAL A 271 22.27 14.97 -28.03
C VAL A 271 23.63 14.28 -28.07
N GLU A 272 24.26 14.24 -29.25
CA GLU A 272 25.58 13.62 -29.34
C GLU A 272 26.61 14.39 -28.52
N ALA A 273 26.51 15.71 -28.48
CA ALA A 273 27.47 16.51 -27.72
C ALA A 273 27.33 16.28 -26.23
N ILE A 274 26.10 16.11 -25.74
CA ILE A 274 25.93 15.84 -24.31
C ILE A 274 26.32 14.41 -23.97
N LEU A 275 25.98 13.45 -24.84
CA LEU A 275 26.23 12.05 -24.54
C LEU A 275 27.72 11.72 -24.55
N ASN A 276 28.53 12.47 -25.29
CA ASN A 276 29.98 12.31 -25.24
C ASN A 276 30.62 13.68 -25.42
N GLY A 277 31.65 13.95 -24.63
CA GLY A 277 32.29 15.24 -24.65
C GLY A 277 33.02 15.52 -25.95
N ASP A 278 33.81 16.58 -25.91
CA ASP A 278 34.58 17.00 -27.06
C ASP A 278 35.65 15.97 -27.40
N SER A 293 32.09 6.81 -29.44
CA SER A 293 32.25 6.57 -28.01
C SER A 293 31.20 7.33 -27.21
N LEU A 294 30.68 6.70 -26.16
CA LEU A 294 29.68 7.30 -25.28
C LEU A 294 30.38 7.53 -23.94
N SER A 295 31.09 8.67 -23.85
CA SER A 295 31.88 8.93 -22.66
C SER A 295 31.00 9.31 -21.48
N ARG A 296 30.09 10.27 -21.69
CA ARG A 296 29.24 10.72 -20.59
C ARG A 296 28.26 9.64 -20.17
N VAL A 297 27.82 8.78 -21.10
CA VAL A 297 26.94 7.69 -20.72
C VAL A 297 27.67 6.69 -19.83
N LYS A 298 28.92 6.35 -20.19
CA LYS A 298 29.71 5.48 -19.35
C LYS A 298 29.96 6.10 -17.98
N LEU A 299 30.25 7.41 -17.95
CA LEU A 299 30.56 8.06 -16.69
C LEU A 299 29.31 8.22 -15.82
N ALA A 300 28.13 8.31 -16.44
CA ALA A 300 26.89 8.36 -15.68
C ALA A 300 26.47 6.98 -15.19
N ILE A 301 26.78 5.93 -15.95
CA ILE A 301 26.56 4.58 -15.48
C ILE A 301 27.48 4.28 -14.29
N LYS A 302 28.71 4.78 -14.33
CA LYS A 302 29.62 4.57 -13.22
C LYS A 302 29.13 5.28 -11.97
N TYR A 303 28.61 6.49 -12.12
CA TYR A 303 28.13 7.29 -11.00
C TYR A 303 26.65 7.06 -10.69
N GLU A 304 26.03 6.05 -11.29
CA GLU A 304 24.69 5.60 -10.93
C GLU A 304 23.63 6.67 -11.18
N VAL A 305 23.79 7.46 -12.24
CA VAL A 305 22.80 8.46 -12.61
C VAL A 305 21.78 7.77 -13.50
N LYS A 306 20.69 7.31 -12.91
CA LYS A 306 19.78 6.40 -13.60
C LYS A 306 18.87 7.12 -14.59
N LYS A 307 18.48 8.36 -14.31
CA LYS A 307 17.55 9.05 -15.20
C LYS A 307 18.24 9.68 -16.40
N PHE A 308 19.55 9.94 -16.31
CA PHE A 308 20.29 10.36 -17.49
C PHE A 308 20.38 9.23 -18.52
N VAL A 309 20.59 8.01 -18.05
CA VAL A 309 20.77 6.89 -18.96
C VAL A 309 19.43 6.34 -19.43
N ALA A 310 18.39 6.45 -18.62
CA ALA A 310 17.06 5.98 -18.98
C ALA A 310 16.21 7.06 -19.65
N HIS A 311 16.84 8.14 -20.09
CA HIS A 311 16.11 9.21 -20.75
C HIS A 311 15.91 8.87 -22.23
N PRO A 312 14.74 9.16 -22.79
CA PRO A 312 14.51 8.84 -24.21
C PRO A 312 15.56 9.38 -25.16
N ASN A 313 16.09 10.58 -24.88
CA ASN A 313 17.11 11.16 -25.75
C ASN A 313 18.40 10.35 -25.73
N CYS A 314 18.70 9.69 -24.62
CA CYS A 314 19.85 8.80 -24.54
C CYS A 314 19.53 7.40 -25.03
N GLN A 315 18.31 6.92 -24.76
CA GLN A 315 17.92 5.58 -25.19
C GLN A 315 17.84 5.46 -26.70
N GLN A 316 17.42 6.53 -27.38
CA GLN A 316 17.36 6.46 -28.84
C GLN A 316 18.75 6.34 -29.44
N GLN A 317 19.73 7.05 -28.87
CA GLN A 317 21.09 6.93 -29.37
C GLN A 317 21.68 5.55 -29.07
N LEU A 318 21.45 5.04 -27.85
CA LEU A 318 21.93 3.71 -27.53
C LEU A 318 21.27 2.64 -28.41
N LEU A 319 20.03 2.88 -28.83
CA LEU A 319 19.35 1.93 -29.71
C LEU A 319 19.87 1.99 -31.15
N THR A 320 20.19 3.19 -31.64
CA THR A 320 20.79 3.27 -32.98
C THR A 320 22.21 2.74 -32.99
N ILE A 321 22.91 2.77 -31.86
CA ILE A 321 24.20 2.09 -31.79
C ILE A 321 24.02 0.58 -31.66
N TRP A 322 22.97 0.15 -30.95
CA TRP A 322 22.75 -1.26 -30.66
C TRP A 322 22.39 -2.04 -31.92
N TYR A 323 21.38 -1.58 -32.66
CA TYR A 323 20.98 -2.21 -33.91
C TYR A 323 21.71 -1.58 -35.10
N GLU A 324 23.04 -1.65 -35.05
CA GLU A 324 23.86 -1.09 -36.11
C GLU A 324 24.04 -2.12 -37.22
N ASN A 325 24.08 -1.63 -38.46
CA ASN A 325 24.27 -2.43 -39.67
C ASN A 325 23.10 -3.37 -39.96
N LEU A 326 22.10 -3.43 -39.10
CA LEU A 326 20.88 -4.21 -39.34
C LEU A 326 19.70 -3.36 -38.86
N SER A 327 19.16 -2.56 -39.79
CA SER A 327 18.12 -1.62 -39.41
C SER A 327 16.75 -2.29 -39.36
N GLY A 328 16.48 -3.22 -40.28
CA GLY A 328 15.15 -3.81 -40.35
C GLY A 328 14.78 -4.63 -39.14
N LEU A 329 15.76 -5.23 -38.47
CA LEU A 329 15.48 -6.13 -37.35
C LEU A 329 15.05 -5.40 -36.09
N ARG A 330 15.01 -4.06 -36.10
CA ARG A 330 14.58 -3.33 -34.92
C ARG A 330 13.09 -3.48 -34.67
N GLU A 331 12.29 -3.60 -35.74
CA GLU A 331 10.84 -3.57 -35.63
C GLU A 331 10.20 -4.96 -35.62
N GLN A 332 10.97 -6.01 -35.86
CA GLN A 332 10.40 -7.35 -35.89
C GLN A 332 9.88 -7.75 -34.51
N THR A 333 8.89 -8.65 -34.51
CA THR A 333 8.28 -9.09 -33.27
C THR A 333 9.29 -9.89 -32.42
N ILE A 334 8.91 -10.15 -31.17
CA ILE A 334 9.77 -10.90 -30.27
C ILE A 334 9.96 -12.32 -30.76
N ALA A 335 8.93 -12.91 -31.36
CA ALA A 335 9.03 -14.27 -31.86
C ALA A 335 10.12 -14.40 -32.91
N ILE A 336 10.21 -13.44 -33.83
CA ILE A 336 11.20 -13.53 -34.90
C ILE A 336 12.61 -13.35 -34.35
N LYS A 337 12.79 -12.47 -33.36
CA LYS A 337 14.12 -12.28 -32.77
C LYS A 337 14.56 -13.54 -32.01
N CYS A 338 13.63 -14.17 -31.28
CA CYS A 338 13.97 -15.43 -30.63
C CYS A 338 14.28 -16.52 -31.65
N LEU A 339 13.55 -16.52 -32.77
CA LEU A 339 13.86 -17.46 -33.84
C LEU A 339 15.26 -17.22 -34.39
N VAL A 340 15.67 -15.96 -34.49
CA VAL A 340 17.03 -15.65 -34.91
C VAL A 340 18.04 -16.23 -33.92
N VAL A 341 17.72 -16.16 -32.63
CA VAL A 341 18.56 -16.78 -31.61
C VAL A 341 18.73 -18.27 -31.90
N LEU A 342 17.63 -18.94 -32.21
CA LEU A 342 17.69 -20.38 -32.50
C LEU A 342 18.49 -20.66 -33.78
N VAL A 343 18.31 -19.83 -34.80
CA VAL A 343 19.06 -20.01 -36.05
C VAL A 343 20.55 -19.88 -35.79
N VAL A 344 20.95 -18.87 -35.00
CA VAL A 344 22.36 -18.69 -34.70
C VAL A 344 22.88 -19.85 -33.86
N ALA A 345 22.05 -20.36 -32.93
CA ALA A 345 22.47 -21.51 -32.14
C ALA A 345 22.73 -22.72 -33.02
N LEU A 346 21.92 -22.92 -34.06
CA LEU A 346 22.11 -24.08 -34.93
C LEU A 346 23.29 -23.87 -35.88
N GLY A 347 23.52 -22.64 -36.34
CA GLY A 347 24.57 -22.38 -37.30
C GLY A 347 25.85 -21.75 -36.78
N LEU A 348 26.05 -21.71 -35.47
CA LEU A 348 27.21 -21.00 -34.92
C LEU A 348 28.57 -21.57 -35.32
N PRO A 349 28.80 -22.89 -35.39
CA PRO A 349 30.12 -23.36 -35.88
C PRO A 349 30.49 -22.80 -37.25
N PHE A 350 29.53 -22.79 -38.17
CA PHE A 350 29.80 -22.31 -39.52
C PHE A 350 30.11 -20.82 -39.53
N LEU A 351 29.33 -20.03 -38.79
CA LEU A 351 29.59 -18.59 -38.73
C LEU A 351 30.91 -18.30 -38.02
N ALA A 352 31.28 -19.16 -37.05
CA ALA A 352 32.56 -19.01 -36.38
C ALA A 352 33.71 -19.16 -37.36
N ILE A 353 33.67 -20.20 -38.22
CA ILE A 353 34.75 -20.35 -39.19
C ILE A 353 34.65 -19.27 -40.27
N GLY A 354 33.44 -18.78 -40.57
CA GLY A 354 33.30 -17.75 -41.59
C GLY A 354 33.76 -16.39 -41.13
N TYR A 355 33.75 -16.13 -39.83
CA TYR A 355 34.21 -14.84 -39.32
C TYR A 355 35.67 -14.57 -39.65
N TRP A 356 36.47 -15.60 -39.88
CA TRP A 356 37.85 -15.38 -40.29
C TRP A 356 37.93 -14.68 -41.65
N ILE A 357 37.05 -15.07 -42.58
CA ILE A 357 36.97 -14.43 -43.90
C ILE A 357 36.04 -13.21 -43.89
N ALA A 358 35.26 -13.02 -42.83
CA ALA A 358 34.24 -11.99 -42.72
C ALA A 358 34.69 -10.53 -42.82
N PRO A 359 35.82 -10.10 -42.22
CA PRO A 359 36.11 -8.65 -42.18
C PRO A 359 36.00 -7.94 -43.53
N CYS A 360 36.25 -8.65 -44.64
CA CYS A 360 35.99 -8.09 -45.96
C CYS A 360 34.51 -8.16 -46.31
N SER A 361 33.82 -9.20 -45.85
CA SER A 361 32.43 -9.43 -46.23
C SER A 361 31.49 -8.48 -45.50
N ARG A 362 30.30 -8.29 -46.09
CA ARG A 362 29.25 -7.52 -45.43
C ARG A 362 28.65 -8.29 -44.26
N LEU A 363 28.56 -9.61 -44.40
CA LEU A 363 28.09 -10.44 -43.29
C LEU A 363 29.00 -10.31 -42.07
N GLY A 364 30.28 -10.00 -42.29
CA GLY A 364 31.15 -9.68 -41.17
C GLY A 364 30.67 -8.46 -40.40
N LYS A 365 30.20 -7.44 -41.12
CA LYS A 365 29.63 -6.27 -40.45
C LYS A 365 28.32 -6.63 -39.75
N ILE A 366 27.51 -7.48 -40.39
CA ILE A 366 26.27 -7.91 -39.75
C ILE A 366 26.55 -8.63 -38.44
N LEU A 367 27.60 -9.45 -38.42
CA LEU A 367 27.96 -10.19 -37.21
C LEU A 367 28.62 -9.29 -36.17
N ARG A 368 29.36 -8.26 -36.60
CA ARG A 368 30.07 -7.40 -35.67
C ARG A 368 29.14 -6.45 -34.93
N SER A 369 27.90 -6.29 -35.36
CA SER A 369 26.95 -5.44 -34.66
C SER A 369 26.77 -5.92 -33.22
N PRO A 370 26.54 -4.99 -32.28
CA PRO A 370 26.37 -5.41 -30.87
C PRO A 370 25.21 -6.35 -30.65
N PHE A 371 24.10 -6.17 -31.37
CA PHE A 371 22.96 -7.07 -31.19
C PHE A 371 23.32 -8.50 -31.60
N MET A 372 24.07 -8.65 -32.69
CA MET A 372 24.47 -10.00 -33.09
C MET A 372 25.53 -10.57 -32.17
N LYS A 373 26.38 -9.72 -31.58
CA LYS A 373 27.27 -10.21 -30.54
C LYS A 373 26.48 -10.78 -29.37
N PHE A 374 25.45 -10.06 -28.93
CA PHE A 374 24.62 -10.54 -27.82
C PHE A 374 23.88 -11.81 -28.19
N VAL A 375 23.34 -11.88 -29.41
CA VAL A 375 22.63 -13.09 -29.84
C VAL A 375 23.60 -14.26 -29.92
N ALA A 376 24.83 -14.01 -30.39
CA ALA A 376 25.82 -15.08 -30.45
C ALA A 376 26.17 -15.59 -29.06
N HIS A 377 26.36 -14.68 -28.10
CA HIS A 377 26.67 -15.11 -26.74
C HIS A 377 25.51 -15.88 -26.11
N ALA A 378 24.28 -15.42 -26.35
CA ALA A 378 23.12 -16.11 -25.79
C ALA A 378 22.96 -17.50 -26.42
N ALA A 379 23.10 -17.60 -27.74
CA ALA A 379 23.02 -18.91 -28.38
C ALA A 379 24.16 -19.82 -27.96
N SER A 380 25.33 -19.25 -27.70
CA SER A 380 26.45 -20.04 -27.18
C SER A 380 26.12 -20.62 -25.82
N PHE A 381 25.59 -19.80 -24.92
CA PHE A 381 25.19 -20.30 -23.60
C PHE A 381 24.09 -21.34 -23.72
N ILE A 382 23.17 -21.16 -24.67
CA ILE A 382 22.14 -22.16 -24.91
C ILE A 382 22.76 -23.48 -25.34
N ILE A 383 23.75 -23.42 -26.24
CA ILE A 383 24.43 -24.64 -26.66
C ILE A 383 25.14 -25.30 -25.48
N PHE A 384 25.69 -24.48 -24.58
CA PHE A 384 26.36 -25.04 -23.41
C PHE A 384 25.38 -25.79 -22.52
N LEU A 385 24.22 -25.19 -22.26
CA LEU A 385 23.20 -25.88 -21.47
C LEU A 385 22.71 -27.14 -22.17
N GLY A 386 22.54 -27.07 -23.50
CA GLY A 386 22.14 -28.24 -24.24
C GLY A 386 23.16 -29.36 -24.14
N LEU A 387 24.45 -29.01 -24.12
CA LEU A 387 25.49 -30.01 -23.94
C LEU A 387 25.44 -30.60 -22.54
N LEU A 388 25.29 -29.77 -21.51
CA LEU A 388 25.18 -30.27 -20.15
C LEU A 388 24.02 -31.26 -20.02
N VAL A 389 22.90 -30.97 -20.68
CA VAL A 389 21.75 -31.86 -20.61
C VAL A 389 21.99 -33.13 -21.42
N PHE A 390 22.46 -32.97 -22.67
CA PHE A 390 22.61 -34.11 -23.56
C PHE A 390 23.70 -35.06 -23.10
N ASN A 391 24.65 -34.58 -22.32
CA ASN A 391 25.65 -35.48 -21.74
C ASN A 391 25.02 -36.46 -20.78
N ALA A 392 23.95 -36.05 -20.10
CA ALA A 392 23.21 -36.92 -19.20
C ALA A 392 22.17 -37.77 -19.91
N SER A 393 22.20 -37.82 -21.25
CA SER A 393 21.29 -38.70 -21.96
C SER A 393 21.66 -40.17 -21.73
N ASP A 394 20.80 -41.05 -22.21
CA ASP A 394 20.82 -42.49 -21.97
C ASP A 394 20.54 -42.84 -20.52
N ARG A 395 20.31 -41.84 -19.66
CA ARG A 395 19.85 -42.06 -18.30
C ARG A 395 18.53 -41.36 -18.02
N PHE A 396 17.92 -40.75 -19.04
CA PHE A 396 16.68 -40.00 -18.84
C PHE A 396 15.59 -40.89 -18.27
N GLU A 397 15.52 -42.14 -18.71
CA GLU A 397 14.54 -43.08 -18.20
C GLU A 397 15.12 -44.02 -17.14
N GLY A 398 16.31 -43.74 -16.66
CA GLY A 398 16.90 -44.52 -15.58
C GLY A 398 18.10 -45.32 -16.05
N ILE A 399 19.02 -45.57 -15.11
CA ILE A 399 20.18 -46.41 -15.41
C ILE A 399 19.69 -47.82 -15.72
N THR A 400 20.40 -48.50 -16.62
CA THR A 400 19.94 -49.79 -17.12
C THR A 400 20.37 -50.94 -16.21
N THR A 401 21.58 -50.87 -15.68
CA THR A 401 22.13 -51.91 -14.83
C THR A 401 22.16 -51.45 -13.38
N LEU A 402 21.92 -52.38 -12.47
CA LEU A 402 21.93 -52.05 -11.05
C LEU A 402 23.35 -51.67 -10.62
N PRO A 403 23.48 -50.84 -9.58
CA PRO A 403 24.83 -50.47 -9.11
C PRO A 403 25.65 -51.64 -8.62
N ASN A 404 25.04 -52.78 -8.31
CA ASN A 404 25.79 -53.95 -7.86
C ASN A 404 26.54 -54.61 -9.01
N ILE A 405 26.02 -54.51 -10.23
CA ILE A 405 26.54 -55.25 -11.37
C ILE A 405 27.63 -54.45 -12.06
N THR A 406 28.65 -55.16 -12.55
CA THR A 406 29.75 -54.56 -13.31
C THR A 406 29.71 -55.09 -14.73
N VAL A 407 29.60 -54.18 -15.70
CA VAL A 407 29.57 -54.54 -17.11
C VAL A 407 30.77 -53.88 -17.79
N THR A 408 31.49 -54.67 -18.60
CA THR A 408 32.67 -54.19 -19.29
C THR A 408 32.63 -54.64 -20.74
N ASP A 409 33.22 -53.82 -21.61
CA ASP A 409 33.21 -54.12 -23.05
C ASP A 409 34.04 -55.36 -23.36
N TYR A 410 35.31 -55.36 -22.96
CA TYR A 410 36.18 -56.51 -23.18
C TYR A 410 36.75 -57.00 -21.86
N PRO A 411 36.96 -58.32 -21.70
CA PRO A 411 37.23 -58.87 -20.37
C PRO A 411 38.44 -58.28 -19.67
N LYS A 412 39.50 -57.97 -20.42
CA LYS A 412 40.77 -57.60 -19.80
C LYS A 412 40.72 -56.23 -19.12
N GLN A 413 39.74 -55.39 -19.42
CA GLN A 413 39.77 -54.02 -18.93
C GLN A 413 39.23 -53.92 -17.51
N ILE A 414 39.76 -52.94 -16.78
CA ILE A 414 39.26 -52.62 -15.45
C ILE A 414 37.94 -51.87 -15.58
N PHE A 415 36.99 -52.16 -14.68
CA PHE A 415 35.68 -51.52 -14.73
C PHE A 415 35.77 -50.02 -14.49
N ARG A 416 36.73 -49.57 -13.67
CA ARG A 416 36.85 -48.14 -13.41
C ARG A 416 37.31 -47.38 -14.65
N VAL A 417 38.12 -48.01 -15.50
CA VAL A 417 38.46 -47.39 -16.78
C VAL A 417 37.20 -47.14 -17.59
N LYS A 418 36.28 -48.11 -17.59
CA LYS A 418 35.00 -47.94 -18.27
C LYS A 418 34.15 -46.85 -17.62
N THR A 419 34.23 -46.70 -16.29
CA THR A 419 33.36 -45.77 -15.59
C THR A 419 33.86 -44.32 -15.68
N THR A 420 35.17 -44.10 -15.68
CA THR A 420 35.71 -42.76 -15.56
C THR A 420 36.25 -42.18 -16.87
N GLN A 421 36.12 -42.90 -17.98
CA GLN A 421 36.65 -42.39 -19.24
C GLN A 421 35.86 -41.18 -19.72
N PHE A 422 36.55 -40.27 -20.41
CA PHE A 422 35.93 -39.04 -20.88
C PHE A 422 35.19 -39.29 -22.18
N THR A 423 33.88 -39.10 -22.17
CA THR A 423 33.11 -39.12 -23.41
C THR A 423 33.33 -37.82 -24.18
N TRP A 424 32.91 -37.82 -25.44
CA TRP A 424 33.22 -36.68 -26.32
C TRP A 424 32.55 -35.40 -25.84
N THR A 425 31.27 -35.47 -25.49
CA THR A 425 30.58 -34.27 -25.01
C THR A 425 31.20 -33.75 -23.73
N GLU A 426 31.75 -34.65 -22.90
CA GLU A 426 32.40 -34.20 -21.66
C GLU A 426 33.69 -33.44 -21.96
N MET A 427 34.46 -33.91 -22.94
CA MET A 427 35.64 -33.14 -23.35
C MET A 427 35.24 -31.80 -23.94
N LEU A 428 34.12 -31.76 -24.66
CA LEU A 428 33.64 -30.48 -25.18
C LEU A 428 33.26 -29.53 -24.04
N ILE A 429 32.61 -30.06 -22.99
CA ILE A 429 32.32 -29.25 -21.81
C ILE A 429 33.61 -28.76 -21.17
N MET A 430 34.64 -29.60 -21.15
CA MET A 430 35.91 -29.19 -20.56
C MET A 430 36.52 -28.03 -21.32
N VAL A 431 36.57 -28.12 -22.65
CA VAL A 431 37.14 -27.02 -23.42
C VAL A 431 36.28 -25.77 -23.28
N TRP A 432 34.97 -25.94 -23.13
CA TRP A 432 34.07 -24.81 -22.93
C TRP A 432 34.37 -24.10 -21.62
N VAL A 433 34.50 -24.86 -20.54
CA VAL A 433 34.79 -24.28 -19.23
C VAL A 433 36.17 -23.63 -19.24
N LEU A 434 37.12 -24.22 -19.97
CA LEU A 434 38.44 -23.60 -20.09
C LEU A 434 38.35 -22.26 -20.80
N GLY A 435 37.52 -22.17 -21.84
CA GLY A 435 37.34 -20.89 -22.52
C GLY A 435 36.70 -19.83 -21.63
N MET A 436 35.62 -20.22 -20.93
CA MET A 436 34.98 -19.28 -20.02
C MET A 436 35.95 -18.84 -18.92
N MET A 437 36.74 -19.78 -18.40
CA MET A 437 37.72 -19.45 -17.37
C MET A 437 38.79 -18.53 -17.91
N TRP A 438 39.19 -18.70 -19.17
CA TRP A 438 40.16 -17.80 -19.77
C TRP A 438 39.60 -16.39 -19.87
N SER A 439 38.35 -16.26 -20.33
CA SER A 439 37.74 -14.94 -20.40
C SER A 439 37.66 -14.29 -19.02
N GLU A 440 37.25 -15.06 -18.01
CA GLU A 440 37.08 -14.51 -16.67
C GLU A 440 38.43 -14.12 -16.06
N CYS A 441 39.47 -14.95 -16.25
CA CYS A 441 40.80 -14.61 -15.76
C CYS A 441 41.36 -13.40 -16.50
N LYS A 442 41.02 -13.23 -17.78
CA LYS A 442 41.45 -12.04 -18.51
C LYS A 442 40.84 -10.80 -17.90
N GLU A 443 39.53 -10.81 -17.65
CA GLU A 443 38.91 -9.66 -17.03
C GLU A 443 39.39 -9.44 -15.59
N LEU A 444 39.76 -10.51 -14.89
CA LEU A 444 40.36 -10.39 -13.57
C LEU A 444 41.71 -9.70 -13.64
N TRP A 445 42.54 -10.09 -14.61
CA TRP A 445 43.85 -9.46 -14.77
C TRP A 445 43.71 -8.00 -15.16
N LEU A 446 42.70 -7.68 -15.98
CA LEU A 446 42.50 -6.30 -16.39
C LEU A 446 42.02 -5.44 -15.23
N GLU A 447 40.88 -5.79 -14.63
CA GLU A 447 40.29 -4.94 -13.61
C GLU A 447 41.03 -5.03 -12.27
N GLY A 448 41.74 -6.13 -12.02
CA GLY A 448 42.45 -6.29 -10.78
C GLY A 448 41.62 -6.98 -9.72
N PRO A 449 42.26 -7.79 -8.87
CA PRO A 449 41.49 -8.57 -7.88
C PRO A 449 40.59 -7.74 -6.98
N ARG A 450 41.07 -6.58 -6.52
CA ARG A 450 40.29 -5.77 -5.60
C ARG A 450 38.96 -5.35 -6.22
N GLU A 451 39.00 -4.74 -7.41
CA GLU A 451 37.77 -4.33 -8.07
C GLU A 451 36.99 -5.54 -8.58
N TYR A 452 37.68 -6.62 -8.92
CA TYR A 452 37.01 -7.81 -9.45
C TYR A 452 36.14 -8.48 -8.40
N ILE A 453 36.60 -8.51 -7.15
CA ILE A 453 35.86 -9.21 -6.10
C ILE A 453 34.63 -8.42 -5.63
N LEU A 454 34.60 -7.11 -5.84
CA LEU A 454 33.54 -6.27 -5.28
C LEU A 454 32.16 -6.71 -5.76
N GLN A 455 32.00 -6.91 -7.06
CA GLN A 455 30.72 -7.36 -7.59
C GLN A 455 30.47 -8.81 -7.19
N LEU A 456 29.41 -9.03 -6.41
CA LEU A 456 29.15 -10.38 -5.90
C LEU A 456 28.79 -11.36 -7.02
N TRP A 457 28.14 -10.88 -8.08
CA TRP A 457 27.79 -11.79 -9.17
C TRP A 457 29.02 -12.31 -9.87
N ASN A 458 30.06 -11.48 -9.98
CA ASN A 458 31.32 -11.96 -10.56
C ASN A 458 31.95 -13.02 -9.68
N VAL A 459 31.81 -12.88 -8.36
CA VAL A 459 32.31 -13.91 -7.45
C VAL A 459 31.53 -15.21 -7.65
N LEU A 460 30.21 -15.11 -7.83
CA LEU A 460 29.40 -16.30 -8.10
C LEU A 460 29.86 -16.97 -9.39
N ASP A 461 30.11 -16.19 -10.44
CA ASP A 461 30.55 -16.76 -11.71
C ASP A 461 31.90 -17.43 -11.58
N PHE A 462 32.83 -16.78 -10.88
CA PHE A 462 34.15 -17.38 -10.67
C PHE A 462 34.05 -18.67 -9.88
N GLY A 463 33.17 -18.70 -8.87
CA GLY A 463 32.98 -19.92 -8.09
C GLY A 463 32.37 -21.04 -8.90
N MET A 464 31.41 -20.72 -9.77
CA MET A 464 30.81 -21.73 -10.62
C MET A 464 31.83 -22.34 -11.57
N LEU A 465 32.63 -21.50 -12.22
CA LEU A 465 33.66 -22.01 -13.11
C LEU A 465 34.70 -22.81 -12.34
N SER A 466 35.06 -22.36 -11.13
CA SER A 466 36.01 -23.10 -10.31
C SER A 466 35.45 -24.46 -9.89
N ILE A 467 34.14 -24.55 -9.67
CA ILE A 467 33.55 -25.83 -9.28
C ILE A 467 33.52 -26.79 -10.47
N PHE A 468 33.26 -26.26 -11.68
CA PHE A 468 33.42 -27.10 -12.87
C PHE A 468 34.85 -27.63 -12.98
N ILE A 469 35.83 -26.74 -12.78
CA ILE A 469 37.24 -27.16 -12.83
C ILE A 469 37.51 -28.23 -11.79
N ALA A 470 36.95 -28.08 -10.59
CA ALA A 470 37.16 -29.06 -9.53
C ALA A 470 36.58 -30.42 -9.90
N ALA A 471 35.35 -30.42 -10.43
CA ALA A 471 34.73 -31.68 -10.84
C ALA A 471 35.55 -32.38 -11.90
N PHE A 472 36.01 -31.63 -12.91
CA PHE A 472 36.79 -32.27 -13.96
C PHE A 472 38.17 -32.72 -13.48
N THR A 473 38.76 -31.99 -12.53
CA THR A 473 40.03 -32.43 -11.97
C THR A 473 39.87 -33.73 -11.20
N ALA A 474 38.83 -33.84 -10.38
CA ALA A 474 38.59 -35.08 -9.65
C ALA A 474 38.31 -36.24 -10.59
N ARG A 475 37.52 -35.99 -11.63
CA ARG A 475 37.27 -37.02 -12.64
C ARG A 475 38.56 -37.46 -13.31
N PHE A 476 39.44 -36.51 -13.61
CA PHE A 476 40.70 -36.84 -14.25
C PHE A 476 41.61 -37.65 -13.34
N LEU A 477 41.61 -37.35 -12.04
CA LEU A 477 42.40 -38.14 -11.11
C LEU A 477 41.87 -39.57 -11.01
N ALA A 478 40.55 -39.72 -10.93
CA ALA A 478 39.97 -41.07 -10.95
C ALA A 478 40.33 -41.81 -12.23
N PHE A 479 40.33 -41.10 -13.36
CA PHE A 479 40.69 -41.72 -14.63
C PHE A 479 42.15 -42.14 -14.65
N LEU A 480 43.04 -41.32 -14.07
CA LEU A 480 44.46 -41.69 -14.01
C LEU A 480 44.67 -42.94 -13.18
N GLN A 481 44.01 -43.02 -12.01
CA GLN A 481 44.13 -44.21 -11.19
C GLN A 481 43.57 -45.44 -11.92
N ALA A 482 42.45 -45.27 -12.61
CA ALA A 482 41.85 -46.39 -13.33
C ALA A 482 42.78 -46.89 -14.44
N THR A 483 43.37 -45.97 -15.21
CA THR A 483 44.23 -46.40 -16.30
C THR A 483 45.54 -46.97 -15.79
N LYS A 484 46.00 -46.53 -14.61
CA LYS A 484 47.17 -47.17 -14.01
C LYS A 484 46.86 -48.60 -13.60
N ALA A 485 45.67 -48.83 -13.04
CA ALA A 485 45.25 -50.20 -12.73
C ALA A 485 45.15 -51.05 -14.00
N GLN A 486 44.57 -50.48 -15.07
CA GLN A 486 44.48 -51.20 -16.33
C GLN A 486 45.87 -51.54 -16.89
N GLN A 487 46.81 -50.60 -16.77
CA GLN A 487 48.16 -50.85 -17.25
C GLN A 487 48.82 -51.97 -16.45
N TYR A 488 48.65 -51.97 -15.13
CA TYR A 488 49.16 -53.06 -14.31
C TYR A 488 48.59 -54.40 -14.75
N VAL A 489 47.26 -54.44 -14.95
CA VAL A 489 46.60 -55.70 -15.31
C VAL A 489 47.12 -56.21 -16.65
N ASP A 490 47.22 -55.32 -17.65
CA ASP A 490 47.66 -55.75 -18.96
C ASP A 490 49.15 -56.11 -18.96
N SER A 491 49.94 -55.49 -18.09
CA SER A 491 51.38 -55.72 -18.11
C SER A 491 51.76 -57.01 -17.40
N TYR A 492 51.25 -57.24 -16.19
CA TYR A 492 51.82 -58.29 -15.35
C TYR A 492 51.08 -59.61 -15.37
N VAL A 493 49.77 -59.63 -15.56
CA VAL A 493 49.00 -60.86 -15.47
C VAL A 493 48.55 -61.27 -16.87
N GLN A 494 48.53 -62.59 -17.11
CA GLN A 494 48.14 -63.16 -18.39
C GLN A 494 47.02 -64.17 -18.17
N GLU A 495 45.90 -63.96 -18.86
CA GLU A 495 44.76 -64.86 -18.80
C GLU A 495 43.76 -64.43 -19.87
N SER A 496 42.71 -65.22 -20.02
CA SER A 496 41.67 -64.90 -21.00
C SER A 496 40.69 -63.88 -20.44
N ASP A 497 40.10 -64.17 -19.29
CA ASP A 497 39.15 -63.28 -18.64
C ASP A 497 39.71 -62.83 -17.29
N LEU A 498 39.48 -61.56 -16.96
CA LEU A 498 40.00 -61.02 -15.71
C LEU A 498 39.29 -61.60 -14.49
N SER A 499 38.03 -62.00 -14.64
CA SER A 499 37.24 -62.42 -13.49
C SER A 499 37.85 -63.64 -12.80
N GLU A 500 38.38 -64.58 -13.58
CA GLU A 500 38.96 -65.79 -13.01
C GLU A 500 40.22 -65.49 -12.21
N VAL A 501 40.94 -64.43 -12.56
CA VAL A 501 42.21 -64.12 -11.94
C VAL A 501 41.99 -63.49 -10.56
N THR A 502 42.93 -63.74 -9.65
CA THR A 502 43.01 -63.06 -8.38
C THR A 502 44.15 -62.04 -8.43
N LEU A 503 43.86 -60.81 -8.06
CA LEU A 503 44.77 -59.68 -8.24
C LEU A 503 45.21 -59.13 -6.89
N PRO A 504 46.30 -58.35 -6.86
CA PRO A 504 46.63 -57.63 -5.64
C PRO A 504 45.52 -56.68 -5.26
N PRO A 505 45.31 -56.43 -3.96
CA PRO A 505 44.10 -55.72 -3.53
C PRO A 505 44.06 -54.25 -3.95
N GLU A 506 45.20 -53.56 -3.90
CA GLU A 506 45.22 -52.15 -4.32
C GLU A 506 44.79 -52.00 -5.77
N ILE A 507 45.17 -52.96 -6.63
CA ILE A 507 44.76 -52.91 -8.02
C ILE A 507 43.38 -53.53 -8.20
N GLN A 508 43.05 -54.55 -7.41
CA GLN A 508 41.76 -55.22 -7.55
C GLN A 508 40.60 -54.30 -7.14
N TYR A 509 40.86 -53.34 -6.24
CA TYR A 509 39.81 -52.43 -5.80
C TYR A 509 39.13 -51.72 -6.97
N PHE A 510 39.86 -51.49 -8.06
CA PHE A 510 39.27 -50.82 -9.22
C PHE A 510 38.34 -51.72 -10.02
N THR A 511 38.15 -52.97 -9.62
CA THR A 511 37.17 -53.85 -10.25
C THR A 511 35.82 -53.83 -9.53
N TYR A 512 35.72 -53.10 -8.42
CA TYR A 512 34.51 -53.10 -7.61
C TYR A 512 33.41 -52.26 -8.25
N ALA A 513 32.16 -52.60 -7.91
CA ALA A 513 30.99 -51.93 -8.44
C ALA A 513 30.74 -50.63 -7.66
N ARG A 514 29.59 -50.00 -7.89
CA ARG A 514 29.34 -48.70 -7.31
C ARG A 514 29.25 -48.78 -5.80
N ASP A 515 28.62 -49.84 -5.28
CA ASP A 515 28.34 -49.88 -3.86
C ASP A 515 29.62 -50.02 -3.06
N LYS A 516 30.54 -50.85 -3.51
CA LYS A 516 31.73 -51.09 -2.72
C LYS A 516 32.56 -49.83 -2.54
N TRP A 517 32.43 -48.89 -3.50
CA TRP A 517 33.34 -47.75 -3.66
C TRP A 517 33.67 -46.97 -2.40
N LEU A 518 34.94 -46.63 -2.21
CA LEU A 518 35.33 -45.89 -1.01
C LEU A 518 34.53 -44.60 -0.91
N PRO A 519 34.09 -44.23 0.30
CA PRO A 519 33.31 -42.98 0.44
C PRO A 519 33.99 -41.74 -0.11
N SER A 520 35.31 -41.65 -0.03
CA SER A 520 36.06 -40.50 -0.50
C SER A 520 36.69 -40.73 -1.87
N ASP A 521 36.09 -41.60 -2.68
CA ASP A 521 36.58 -41.82 -4.04
C ASP A 521 36.56 -40.51 -4.82
N PRO A 522 37.57 -40.23 -5.64
CA PRO A 522 37.57 -38.96 -6.39
C PRO A 522 36.41 -38.82 -7.35
N GLN A 523 35.85 -39.93 -7.84
CA GLN A 523 34.73 -39.80 -8.79
C GLN A 523 33.44 -39.43 -8.08
N ILE A 524 33.28 -39.81 -6.82
CA ILE A 524 32.13 -39.35 -6.04
C ILE A 524 32.19 -37.84 -5.85
N ILE A 525 33.38 -37.34 -5.50
CA ILE A 525 33.60 -35.90 -5.42
C ILE A 525 33.31 -35.24 -6.77
N SER A 526 33.73 -35.90 -7.85
CA SER A 526 33.50 -35.36 -9.18
C SER A 526 32.02 -35.23 -9.48
N GLU A 527 31.24 -36.28 -9.20
CA GLU A 527 29.80 -36.25 -9.44
C GLU A 527 29.13 -35.16 -8.62
N GLY A 528 29.49 -35.05 -7.34
CA GLY A 528 28.85 -34.04 -6.50
C GLY A 528 29.17 -32.63 -6.97
N LEU A 529 30.44 -32.33 -7.19
CA LEU A 529 30.82 -31.01 -7.66
C LEU A 529 30.24 -30.72 -9.04
N TYR A 530 30.08 -31.74 -9.89
CA TYR A 530 29.51 -31.52 -11.21
C TYR A 530 28.03 -31.18 -11.12
N ALA A 531 27.29 -31.85 -10.22
CA ALA A 531 25.89 -31.48 -10.02
C ALA A 531 25.75 -30.06 -9.51
N ILE A 532 26.57 -29.68 -8.52
CA ILE A 532 26.52 -28.31 -8.03
C ILE A 532 26.86 -27.32 -9.14
N ALA A 533 27.84 -27.67 -9.97
CA ALA A 533 28.26 -26.77 -11.04
C ALA A 533 27.17 -26.61 -12.09
N VAL A 534 26.43 -27.69 -12.39
CA VAL A 534 25.33 -27.59 -13.35
C VAL A 534 24.23 -26.69 -12.80
N VAL A 535 23.85 -26.90 -11.53
CA VAL A 535 22.83 -26.07 -10.92
C VAL A 535 23.23 -24.61 -10.94
N LEU A 536 24.51 -24.32 -10.66
CA LEU A 536 24.96 -22.94 -10.69
C LEU A 536 25.07 -22.39 -12.11
N SER A 537 25.43 -23.24 -13.08
CA SER A 537 25.60 -22.78 -14.45
C SER A 537 24.27 -22.38 -15.06
N PHE A 538 23.18 -23.00 -14.60
CA PHE A 538 21.88 -22.56 -15.08
C PHE A 538 21.54 -21.13 -14.64
N SER A 539 22.27 -20.58 -13.66
CA SER A 539 21.99 -19.23 -13.18
C SER A 539 22.50 -18.14 -14.11
N ARG A 540 23.32 -18.47 -15.11
CA ARG A 540 23.87 -17.48 -16.00
C ARG A 540 22.83 -16.76 -16.86
N ILE A 541 21.55 -17.15 -16.79
CA ILE A 541 20.47 -16.45 -17.50
C ILE A 541 20.30 -15.01 -17.02
N ALA A 542 20.94 -14.64 -15.91
CA ALA A 542 20.86 -13.26 -15.46
C ALA A 542 21.67 -12.32 -16.34
N TYR A 543 22.69 -12.83 -17.03
CA TYR A 543 23.41 -12.02 -18.00
C TYR A 543 22.59 -11.76 -19.26
N ILE A 544 21.54 -12.55 -19.48
CA ILE A 544 20.79 -12.49 -20.72
C ILE A 544 19.41 -11.87 -20.55
N LEU A 545 18.77 -12.05 -19.39
CA LEU A 545 17.40 -11.59 -19.22
C LEU A 545 17.19 -10.08 -19.30
N PRO A 546 18.08 -9.21 -18.79
CA PRO A 546 17.77 -7.76 -18.81
C PRO A 546 17.52 -7.20 -20.19
N ALA A 547 17.98 -7.86 -21.25
CA ALA A 547 17.73 -7.36 -22.60
C ALA A 547 16.25 -7.44 -22.96
N ASN A 548 15.51 -8.36 -22.37
CA ASN A 548 14.10 -8.52 -22.69
C ASN A 548 13.27 -7.39 -22.06
N GLU A 549 12.16 -7.05 -22.72
CA GLU A 549 11.31 -5.97 -22.25
C GLU A 549 10.34 -6.41 -21.15
N SER A 550 9.92 -7.67 -21.16
CA SER A 550 8.96 -8.17 -20.19
C SER A 550 9.61 -8.85 -18.98
N PHE A 551 10.79 -9.45 -19.15
CA PHE A 551 11.45 -10.17 -18.06
C PHE A 551 12.48 -9.33 -17.32
N GLY A 552 12.89 -8.18 -17.87
CA GLY A 552 13.84 -7.30 -17.22
C GLY A 552 13.37 -6.77 -15.87
N PRO A 553 12.25 -6.04 -15.87
CA PRO A 553 11.77 -5.46 -14.59
C PRO A 553 11.50 -6.51 -13.53
N LEU A 554 11.01 -7.68 -13.92
CA LEU A 554 10.82 -8.78 -12.98
C LEU A 554 12.13 -9.20 -12.34
N GLN A 555 13.20 -9.26 -13.15
CA GLN A 555 14.52 -9.60 -12.61
C GLN A 555 15.02 -8.51 -11.66
N ILE A 556 14.77 -7.24 -11.99
CA ILE A 556 15.18 -6.14 -11.12
C ILE A 556 14.49 -6.25 -9.75
N SER A 557 13.17 -6.42 -9.77
CA SER A 557 12.43 -6.57 -8.52
C SER A 557 12.92 -7.78 -7.74
N LEU A 558 13.18 -8.89 -8.43
CA LEU A 558 13.68 -10.09 -7.74
C LEU A 558 15.01 -9.81 -7.05
N GLY A 559 15.92 -9.12 -7.74
CA GLY A 559 17.19 -8.78 -7.13
C GLY A 559 17.04 -7.94 -5.87
N ARG A 560 16.16 -6.93 -5.93
CA ARG A 560 15.93 -6.10 -4.75
C ARG A 560 15.39 -6.93 -3.58
N THR A 561 14.40 -7.78 -3.85
CA THR A 561 13.85 -8.60 -2.77
C THR A 561 14.91 -9.52 -2.18
N VAL A 562 15.80 -10.06 -3.03
CA VAL A 562 16.88 -10.90 -2.52
C VAL A 562 17.81 -10.10 -1.62
N LYS A 563 18.08 -8.84 -1.99
CA LYS A 563 18.94 -8.01 -1.17
C LYS A 563 18.36 -7.78 0.22
N ASP A 564 17.03 -7.75 0.33
CA ASP A 564 16.44 -7.67 1.68
C ASP A 564 16.35 -9.05 2.37
N ILE A 565 16.14 -10.10 1.56
CA ILE A 565 16.08 -11.46 2.06
C ILE A 565 17.36 -11.83 2.78
N PHE A 566 18.49 -11.27 2.35
CA PHE A 566 19.75 -11.59 3.04
C PHE A 566 19.70 -11.18 4.51
N LYS A 567 19.27 -9.94 4.80
CA LYS A 567 19.20 -9.50 6.19
C LYS A 567 18.19 -10.33 6.98
N PHE A 568 17.02 -10.57 6.39
CA PHE A 568 16.04 -11.34 7.16
C PHE A 568 16.50 -12.80 7.35
N MET A 569 17.31 -13.33 6.43
CA MET A 569 17.87 -14.65 6.64
C MET A 569 18.95 -14.65 7.72
N VAL A 570 19.67 -13.53 7.89
CA VAL A 570 20.60 -13.43 9.00
C VAL A 570 19.85 -13.52 10.33
N LEU A 571 18.72 -12.81 10.43
CA LEU A 571 17.91 -12.94 11.65
C LEU A 571 17.39 -14.37 11.82
N PHE A 572 16.91 -14.96 10.72
CA PHE A 572 16.55 -16.38 10.72
C PHE A 572 17.65 -17.23 11.32
N ILE A 573 18.90 -16.99 10.90
CA ILE A 573 20.02 -17.81 11.36
C ILE A 573 20.24 -17.64 12.86
N MET A 574 20.12 -16.40 13.36
CA MET A 574 20.27 -16.20 14.80
C MET A 574 19.22 -17.00 15.58
N VAL A 575 17.94 -16.84 15.22
CA VAL A 575 16.87 -17.54 15.94
C VAL A 575 17.04 -19.06 15.81
N PHE A 576 17.37 -19.51 14.60
CA PHE A 576 17.50 -20.93 14.32
C PHE A 576 18.63 -21.55 15.14
N PHE A 577 19.76 -20.86 15.23
CA PHE A 577 20.87 -21.38 16.03
C PHE A 577 20.50 -21.43 17.50
N ALA A 578 19.80 -20.40 17.99
CA ALA A 578 19.31 -20.41 19.37
C ALA A 578 18.53 -21.70 19.64
N PHE A 579 17.49 -21.95 18.84
CA PHE A 579 16.63 -23.10 19.09
C PHE A 579 17.35 -24.42 18.83
N MET A 580 18.26 -24.46 17.87
CA MET A 580 19.01 -25.68 17.60
C MET A 580 19.85 -26.07 18.81
N ILE A 581 20.58 -25.11 19.39
CA ILE A 581 21.41 -25.41 20.55
C ILE A 581 20.54 -25.79 21.73
N GLY A 582 19.40 -25.11 21.90
CA GLY A 582 18.50 -25.48 22.99
C GLY A 582 18.01 -26.91 22.88
N MET A 583 17.48 -27.28 21.71
CA MET A 583 16.94 -28.64 21.53
C MET A 583 18.04 -29.69 21.64
N PHE A 584 19.24 -29.37 21.15
CA PHE A 584 20.34 -30.33 21.25
C PHE A 584 20.73 -30.56 22.70
N ILE A 585 20.92 -29.47 23.45
CA ILE A 585 21.25 -29.62 24.87
C ILE A 585 20.15 -30.37 25.61
N LEU A 586 18.91 -30.23 25.18
CA LEU A 586 17.81 -30.94 25.84
C LEU A 586 17.85 -32.43 25.53
N TYR A 587 17.95 -32.80 24.26
CA TYR A 587 17.72 -34.18 23.84
C TYR A 587 18.99 -34.99 23.60
N SER A 588 20.19 -34.43 23.80
CA SER A 588 21.39 -35.18 23.45
C SER A 588 21.60 -36.39 24.35
N TYR A 589 21.15 -36.32 25.60
CA TYR A 589 21.34 -37.44 26.52
C TYR A 589 20.44 -38.63 26.20
N TYR A 590 19.39 -38.42 25.41
CA TYR A 590 18.38 -39.45 25.12
C TYR A 590 18.56 -40.06 23.74
N LEU A 591 19.80 -40.32 23.32
CA LEU A 591 20.04 -40.77 21.95
C LEU A 591 19.36 -42.12 21.69
N GLY A 592 19.63 -43.12 22.52
CA GLY A 592 18.90 -44.37 22.38
C GLY A 592 17.46 -44.30 22.82
N ALA A 593 17.09 -43.28 23.60
CA ALA A 593 15.75 -43.23 24.16
C ALA A 593 14.72 -42.71 23.16
N LYS A 594 15.04 -41.72 22.36
CA LYS A 594 14.04 -41.17 21.45
C LYS A 594 13.57 -42.13 20.37
N VAL A 595 12.28 -42.08 20.05
CA VAL A 595 11.73 -42.95 19.01
C VAL A 595 12.31 -42.59 17.65
N ASN A 596 12.63 -41.32 17.43
CA ASN A 596 13.21 -40.84 16.19
C ASN A 596 14.44 -40.03 16.54
N ALA A 597 15.59 -40.40 15.97
CA ALA A 597 16.84 -39.74 16.32
C ALA A 597 16.91 -38.34 15.73
N ALA A 598 16.03 -37.45 16.22
CA ALA A 598 15.87 -36.12 15.65
C ALA A 598 16.84 -35.10 16.24
N PHE A 599 16.80 -34.93 17.57
CA PHE A 599 17.62 -33.92 18.24
C PHE A 599 18.80 -34.53 18.99
N THR A 600 19.19 -35.77 18.65
CA THR A 600 20.22 -36.45 19.43
C THR A 600 21.60 -35.85 19.19
N THR A 601 21.88 -35.38 17.98
CA THR A 601 23.17 -34.78 17.63
C THR A 601 22.92 -33.39 17.07
N VAL A 602 24.01 -32.61 16.97
CA VAL A 602 23.85 -31.26 16.43
C VAL A 602 23.53 -31.30 14.93
N GLU A 603 24.06 -32.30 14.22
CA GLU A 603 23.72 -32.44 12.80
C GLU A 603 22.26 -32.78 12.62
N GLU A 604 21.77 -33.79 13.35
CA GLU A 604 20.37 -34.18 13.25
C GLU A 604 19.46 -33.07 13.73
N SER A 605 19.88 -32.33 14.76
CA SER A 605 19.07 -31.23 15.25
C SER A 605 18.96 -30.12 14.22
N PHE A 606 20.08 -29.70 13.64
CA PHE A 606 20.04 -28.74 12.54
C PHE A 606 19.18 -29.23 11.40
N LYS A 607 19.31 -30.52 11.05
CA LYS A 607 18.55 -31.08 9.95
C LYS A 607 17.05 -30.98 10.19
N THR A 608 16.58 -31.48 11.34
CA THR A 608 15.16 -31.49 11.60
C THR A 608 14.61 -30.09 11.83
N LEU A 609 15.39 -29.19 12.43
CA LEU A 609 14.89 -27.84 12.64
C LEU A 609 14.83 -27.06 11.33
N PHE A 610 15.73 -27.34 10.38
CA PHE A 610 15.62 -26.71 9.08
C PHE A 610 14.44 -27.25 8.30
N TRP A 611 14.32 -28.58 8.24
CA TRP A 611 13.21 -29.15 7.48
C TRP A 611 11.86 -28.90 8.14
N SER A 612 11.84 -28.43 9.39
CA SER A 612 10.59 -28.01 10.01
C SER A 612 10.07 -26.72 9.43
N ILE A 613 10.93 -25.88 8.84
CA ILE A 613 10.49 -24.64 8.22
C ILE A 613 9.49 -24.94 7.11
N PHE A 614 9.72 -26.00 6.35
CA PHE A 614 8.87 -26.36 5.23
C PHE A 614 7.86 -27.44 5.58
N GLY A 615 7.67 -27.72 6.87
CA GLY A 615 6.69 -28.70 7.30
C GLY A 615 7.02 -30.14 6.95
N LEU A 616 8.24 -30.42 6.53
CA LEU A 616 8.62 -31.74 6.07
C LEU A 616 9.18 -32.62 7.17
N SER A 617 9.17 -32.16 8.41
CA SER A 617 9.62 -32.96 9.55
C SER A 617 8.45 -33.25 10.49
N GLU A 618 8.37 -34.50 10.94
CA GLU A 618 7.25 -34.95 11.75
C GLU A 618 7.25 -34.27 13.13
N VAL A 619 6.10 -34.36 13.80
CA VAL A 619 5.97 -33.89 15.18
C VAL A 619 6.36 -34.97 16.18
N THR A 620 6.52 -36.22 15.74
CA THR A 620 7.01 -37.30 16.58
C THR A 620 8.51 -37.21 16.82
N SER A 621 9.14 -36.09 16.46
CA SER A 621 10.56 -35.92 16.72
C SER A 621 10.85 -35.79 18.21
N VAL A 622 9.97 -35.11 18.94
CA VAL A 622 10.23 -34.74 20.33
C VAL A 622 9.78 -35.78 21.34
N VAL A 623 8.98 -36.76 20.94
CA VAL A 623 8.44 -37.74 21.88
C VAL A 623 9.51 -38.73 22.28
N LEU A 624 9.46 -39.22 23.52
CA LEU A 624 10.46 -40.12 24.09
C LEU A 624 9.89 -41.53 24.24
N LYS A 625 10.74 -42.55 24.13
CA LYS A 625 10.30 -43.88 24.56
C LYS A 625 10.23 -43.96 26.09
N TYR A 626 11.12 -43.25 26.79
CA TYR A 626 11.15 -43.39 28.25
C TYR A 626 10.00 -42.61 28.89
N ASP A 627 9.62 -43.03 30.09
CA ASP A 627 8.58 -42.33 30.83
C ASP A 627 9.16 -41.15 31.61
N HIS A 628 9.70 -40.19 30.85
CA HIS A 628 9.98 -38.85 31.33
C HIS A 628 9.07 -37.86 30.62
N LYS A 629 8.20 -37.22 31.38
CA LYS A 629 7.26 -36.24 30.82
C LYS A 629 7.74 -34.80 30.89
N PHE A 630 8.61 -34.45 31.84
CA PHE A 630 9.11 -33.08 31.91
C PHE A 630 9.91 -32.73 30.65
N ILE A 631 10.89 -33.57 30.30
CA ILE A 631 11.73 -33.29 29.14
C ILE A 631 10.91 -33.30 27.86
N GLU A 632 10.01 -34.27 27.72
CA GLU A 632 9.19 -34.38 26.51
C GLU A 632 8.25 -33.19 26.38
N ASN A 633 7.68 -32.73 27.50
CA ASN A 633 6.78 -31.58 27.44
C ASN A 633 7.53 -30.30 27.14
N ILE A 634 8.74 -30.14 27.69
CA ILE A 634 9.56 -28.98 27.34
C ILE A 634 9.96 -29.05 25.88
N GLY A 635 10.18 -30.25 25.34
CA GLY A 635 10.42 -30.37 23.91
C GLY A 635 9.23 -29.94 23.09
N TYR A 636 8.03 -30.38 23.48
CA TYR A 636 6.80 -29.90 22.84
C TYR A 636 6.75 -28.38 22.84
N VAL A 637 6.96 -27.76 24.00
CA VAL A 637 6.80 -26.32 24.12
C VAL A 637 7.86 -25.59 23.29
N LEU A 638 9.12 -26.05 23.35
CA LEU A 638 10.18 -25.38 22.59
C LEU A 638 9.96 -25.53 21.09
N TYR A 639 9.53 -26.70 20.64
CA TYR A 639 9.26 -26.89 19.22
C TYR A 639 8.12 -26.00 18.75
N GLY A 640 7.03 -25.92 19.53
CA GLY A 640 5.95 -25.02 19.18
C GLY A 640 6.36 -23.56 19.16
N ILE A 641 7.14 -23.13 20.15
CA ILE A 641 7.63 -21.76 20.18
C ILE A 641 8.49 -21.49 18.96
N TYR A 642 9.31 -22.47 18.55
CA TYR A 642 10.17 -22.30 17.39
C TYR A 642 9.34 -22.13 16.12
N ASN A 643 8.31 -22.95 15.95
CA ASN A 643 7.45 -22.82 14.77
C ASN A 643 6.76 -21.46 14.75
N VAL A 644 6.22 -21.03 15.89
CA VAL A 644 5.53 -19.74 15.95
C VAL A 644 6.50 -18.60 15.66
N THR A 645 7.73 -18.69 16.16
CA THR A 645 8.71 -17.64 15.94
C THR A 645 9.14 -17.58 14.48
N MET A 646 9.30 -18.74 13.84
CA MET A 646 9.62 -18.75 12.43
C MET A 646 8.49 -18.13 11.61
N VAL A 647 7.24 -18.42 11.97
CA VAL A 647 6.11 -17.82 11.28
C VAL A 647 6.10 -16.30 11.46
N VAL A 648 6.38 -15.83 12.68
CA VAL A 648 6.37 -14.40 12.95
C VAL A 648 7.47 -13.70 12.16
N VAL A 649 8.66 -14.31 12.11
CA VAL A 649 9.77 -13.70 11.37
C VAL A 649 9.46 -13.68 9.88
N LEU A 650 8.83 -14.73 9.36
CA LEU A 650 8.44 -14.73 7.95
C LEU A 650 7.43 -13.62 7.65
N LEU A 651 6.44 -13.45 8.51
CA LEU A 651 5.45 -12.40 8.31
C LEU A 651 6.09 -11.03 8.37
N ASN A 652 7.02 -10.82 9.30
CA ASN A 652 7.72 -9.54 9.38
C ASN A 652 8.54 -9.29 8.13
N MET A 653 9.21 -10.33 7.61
CA MET A 653 9.95 -10.20 6.36
C MET A 653 9.03 -9.78 5.22
N LEU A 654 7.89 -10.43 5.11
CA LEU A 654 6.95 -10.11 4.03
C LEU A 654 6.47 -8.67 4.13
N ILE A 655 6.14 -8.22 5.34
CA ILE A 655 5.65 -6.85 5.52
C ILE A 655 6.75 -5.85 5.20
N ALA A 656 7.97 -6.09 5.70
CA ALA A 656 9.07 -5.18 5.43
C ALA A 656 9.35 -5.07 3.94
N MET A 657 9.28 -6.20 3.23
CA MET A 657 9.50 -6.17 1.79
C MET A 657 8.39 -5.41 1.08
N ILE A 658 7.14 -5.60 1.51
CA ILE A 658 6.02 -4.88 0.90
C ILE A 658 6.20 -3.38 1.09
N ASN A 659 6.56 -2.95 2.30
CA ASN A 659 6.76 -1.53 2.56
C ASN A 659 7.94 -0.98 1.77
N SER A 660 9.05 -1.72 1.73
CA SER A 660 10.21 -1.30 0.97
C SER A 660 9.97 -1.31 -0.54
N SER A 661 8.89 -1.96 -0.99
CA SER A 661 8.56 -1.94 -2.41
C SER A 661 8.21 -0.54 -2.90
N TYR A 662 7.66 0.30 -2.02
CA TYR A 662 7.39 1.70 -2.37
C TYR A 662 7.72 2.59 -1.18
N ASP A 667 7.93 6.51 -12.35
CA ASP A 667 8.43 5.49 -13.26
C ASP A 667 9.86 5.06 -12.88
N ASP A 668 10.10 4.92 -11.57
CA ASP A 668 11.43 4.50 -11.11
C ASP A 668 11.67 3.04 -11.45
N SER A 669 10.63 2.21 -11.36
CA SER A 669 10.76 0.81 -11.76
C SER A 669 11.08 0.67 -13.24
N ASP A 670 10.73 1.67 -14.05
CA ASP A 670 11.08 1.64 -15.46
C ASP A 670 12.50 2.12 -15.69
N VAL A 671 12.93 3.18 -15.00
CA VAL A 671 14.27 3.70 -15.23
C VAL A 671 15.33 2.76 -14.67
N GLU A 672 15.02 2.02 -13.60
CA GLU A 672 16.00 1.04 -13.11
C GLU A 672 16.21 -0.07 -14.12
N TRP A 673 15.13 -0.58 -14.72
CA TRP A 673 15.28 -1.60 -15.75
C TRP A 673 15.99 -1.05 -16.98
N LYS A 674 15.66 0.17 -17.40
CA LYS A 674 16.33 0.74 -18.55
C LYS A 674 17.82 0.97 -18.27
N PHE A 675 18.18 1.31 -17.03
CA PHE A 675 19.57 1.46 -16.67
C PHE A 675 20.31 0.12 -16.72
N ALA A 676 19.68 -0.94 -16.20
CA ALA A 676 20.29 -2.26 -16.28
C ALA A 676 20.47 -2.71 -17.73
N ARG A 677 19.45 -2.49 -18.55
CA ARG A 677 19.56 -2.86 -19.96
C ARG A 677 20.61 -2.04 -20.68
N SER A 678 20.76 -0.76 -20.32
CA SER A 678 21.79 0.06 -20.95
C SER A 678 23.19 -0.38 -20.54
N LYS A 679 23.35 -0.83 -19.30
CA LYS A 679 24.62 -1.44 -18.92
C LYS A 679 24.88 -2.69 -19.74
N LEU A 680 23.86 -3.52 -19.93
CA LEU A 680 24.01 -4.71 -20.75
C LEU A 680 24.42 -4.35 -22.18
N TRP A 681 23.83 -3.29 -22.74
CA TRP A 681 24.17 -2.87 -24.09
C TRP A 681 25.62 -2.39 -24.17
N LEU A 682 26.00 -1.46 -23.27
CA LEU A 682 27.36 -0.93 -23.29
C LEU A 682 28.40 -2.00 -23.04
N SER A 683 28.02 -3.11 -22.38
CA SER A 683 28.96 -4.21 -22.24
C SER A 683 29.31 -4.82 -23.59
N TYR A 684 28.41 -4.73 -24.57
CA TYR A 684 28.64 -5.28 -25.91
C TYR A 684 29.05 -4.26 -26.94
N PHE A 685 28.83 -2.96 -26.69
CA PHE A 685 29.26 -1.95 -27.65
C PHE A 685 30.75 -2.05 -27.94
N ASP A 686 31.55 -2.24 -26.90
CA ASP A 686 32.99 -2.42 -27.08
C ASP A 686 33.58 -3.24 -25.93
N LYS A 689 34.96 -8.29 -27.21
CA LYS A 689 33.93 -9.30 -27.02
C LYS A 689 33.19 -9.55 -28.34
N THR A 690 33.90 -10.12 -29.32
CA THR A 690 33.30 -10.35 -30.63
C THR A 690 32.75 -11.77 -30.76
N LEU A 691 33.51 -12.78 -30.31
CA LEU A 691 33.08 -14.16 -30.44
C LEU A 691 32.81 -14.79 -29.07
N PRO A 692 31.92 -15.77 -29.01
CA PRO A 692 31.54 -16.36 -27.72
C PRO A 692 32.72 -17.05 -27.05
N PRO A 693 32.58 -17.41 -25.77
CA PRO A 693 33.69 -18.03 -25.03
C PRO A 693 34.27 -19.26 -25.72
N PRO A 694 33.45 -20.16 -26.30
CA PRO A 694 34.06 -21.34 -26.95
C PRO A 694 34.97 -20.99 -28.12
N PHE A 695 34.60 -19.99 -28.92
CA PHE A 695 35.36 -19.62 -30.10
C PHE A 695 36.26 -18.41 -29.88
N SER A 696 36.25 -17.84 -28.68
CA SER A 696 37.17 -16.75 -28.36
C SER A 696 38.55 -17.26 -27.93
N LEU A 697 38.76 -18.57 -27.93
CA LEU A 697 40.09 -19.10 -27.60
C LEU A 697 41.06 -18.96 -28.76
N VAL A 698 40.58 -19.13 -29.98
CA VAL A 698 41.47 -19.01 -31.14
C VAL A 698 41.91 -17.56 -31.28
N PRO A 699 43.19 -17.29 -31.56
CA PRO A 699 43.70 -15.92 -31.71
C PRO A 699 43.75 -15.44 -33.16
N GLN A 759 37.48 32.05 -31.49
CA GLN A 759 36.58 30.98 -31.91
C GLN A 759 36.57 29.87 -30.86
N PRO A 760 35.49 29.81 -30.07
CA PRO A 760 35.51 28.95 -28.87
C PRO A 760 35.73 27.47 -29.17
N THR A 761 34.75 26.85 -29.82
CA THR A 761 34.78 25.47 -30.31
C THR A 761 33.39 25.23 -30.90
N ARG A 762 33.26 24.16 -31.68
CA ARG A 762 31.91 23.70 -32.00
C ARG A 762 31.20 23.15 -30.76
N TYR A 763 31.91 22.34 -29.97
CA TYR A 763 31.32 21.79 -28.76
C TYR A 763 31.01 22.88 -27.74
N GLN A 764 31.90 23.86 -27.60
CA GLN A 764 31.62 24.96 -26.69
C GLN A 764 30.43 25.77 -27.15
N GLN A 765 30.23 25.93 -28.46
CA GLN A 765 29.04 26.62 -28.95
C GLN A 765 27.78 25.85 -28.61
N ILE A 766 27.78 24.54 -28.86
CA ILE A 766 26.61 23.72 -28.53
C ILE A 766 26.32 23.79 -27.04
N MET A 767 27.35 23.69 -26.21
CA MET A 767 27.15 23.68 -24.76
C MET A 767 26.64 25.04 -24.28
N LYS A 768 27.17 26.12 -24.84
CA LYS A 768 26.68 27.45 -24.48
C LYS A 768 25.22 27.62 -24.87
N ARG A 769 24.83 27.11 -26.04
CA ARG A 769 23.43 27.18 -26.43
C ARG A 769 22.53 26.41 -25.46
N LEU A 770 22.95 25.19 -25.09
CA LEU A 770 22.14 24.37 -24.19
C LEU A 770 22.02 25.02 -22.80
N ILE A 771 23.12 25.57 -22.29
CA ILE A 771 23.08 26.19 -20.97
C ILE A 771 22.25 27.48 -21.01
N LYS A 772 22.29 28.20 -22.13
CA LYS A 772 21.41 29.35 -22.28
C LYS A 772 19.95 28.93 -22.26
N ARG A 773 19.61 27.84 -22.96
CA ARG A 773 18.25 27.32 -22.91
C ARG A 773 17.86 26.96 -21.48
N TYR A 774 18.77 26.35 -20.73
CA TYR A 774 18.44 25.91 -19.37
C TYR A 774 18.21 27.11 -18.46
N VAL A 775 19.08 28.12 -18.53
CA VAL A 775 18.91 29.32 -17.72
C VAL A 775 17.60 30.01 -18.07
N LEU A 776 17.29 30.12 -19.37
CA LEU A 776 16.06 30.78 -19.77
C LEU A 776 14.83 30.01 -19.29
N LYS A 777 14.84 28.68 -19.44
CA LYS A 777 13.71 27.88 -18.98
C LYS A 777 13.53 28.00 -17.47
N ALA A 778 14.63 27.99 -16.71
CA ALA A 778 14.52 28.13 -15.27
C ALA A 778 13.97 29.49 -14.88
N GLN A 779 14.45 30.57 -15.50
CA GLN A 779 13.95 31.90 -15.17
C GLN A 779 12.49 32.05 -15.54
N VAL A 780 12.08 31.51 -16.70
CA VAL A 780 10.68 31.59 -17.10
C VAL A 780 9.80 30.80 -16.15
N ASP A 781 10.26 29.60 -15.75
CA ASP A 781 9.49 28.80 -14.80
C ASP A 781 9.36 29.50 -13.45
N LYS A 782 10.42 30.19 -13.02
CA LYS A 782 10.37 30.88 -11.74
C LYS A 782 9.44 32.09 -11.80
N GLU A 783 9.57 32.91 -12.84
CA GLU A 783 8.75 34.12 -12.95
C GLU A 783 7.29 33.77 -13.18
N ASN A 784 7.00 32.72 -13.95
CA ASN A 784 5.62 32.35 -14.23
C ASN A 784 4.86 31.99 -12.96
N ASP A 785 5.51 31.27 -12.06
CA ASP A 785 4.90 30.86 -10.80
C ASP A 785 4.76 32.04 -9.84
N THR B 22 28.18 47.69 -25.53
CA THR B 22 27.05 47.54 -26.44
C THR B 22 27.33 48.23 -27.78
N SER B 23 27.28 47.45 -28.86
CA SER B 23 27.53 47.99 -30.19
C SER B 23 26.46 49.00 -30.61
N LEU B 24 25.29 48.96 -29.99
CA LEU B 24 24.20 49.86 -30.38
C LEU B 24 24.56 51.32 -30.09
N THR B 25 23.98 52.22 -30.88
CA THR B 25 24.17 53.64 -30.68
C THR B 25 23.12 54.18 -29.71
N ALA B 26 23.16 55.48 -29.46
CA ALA B 26 22.30 56.08 -28.43
C ALA B 26 20.87 56.23 -28.92
N GLU B 27 20.67 56.61 -30.19
CA GLU B 27 19.32 56.86 -30.67
C GLU B 27 18.50 55.57 -30.73
N GLU B 28 19.12 54.46 -31.14
CA GLU B 28 18.35 53.22 -31.19
C GLU B 28 18.11 52.65 -29.80
N GLU B 29 19.00 52.96 -28.84
CA GLU B 29 18.70 52.62 -27.45
C GLU B 29 17.51 53.43 -26.94
N ARG B 30 17.47 54.72 -27.26
CA ARG B 30 16.32 55.55 -26.89
C ARG B 30 15.04 55.03 -27.53
N PHE B 31 15.14 54.54 -28.76
CA PHE B 31 14.00 53.91 -29.43
C PHE B 31 13.56 52.64 -28.72
N LEU B 32 14.52 51.77 -28.40
CA LEU B 32 14.18 50.44 -27.87
C LEU B 32 13.67 50.51 -26.44
N ASP B 33 14.16 51.44 -25.63
CA ASP B 33 13.61 51.56 -24.27
C ASP B 33 12.14 51.91 -24.30
N ALA B 34 11.75 52.86 -25.16
CA ALA B 34 10.34 53.23 -25.26
C ALA B 34 9.52 52.12 -25.91
N ALA B 35 10.10 51.41 -26.88
CA ALA B 35 9.38 50.31 -27.50
C ALA B 35 9.11 49.18 -26.50
N GLU B 36 10.12 48.85 -25.68
CA GLU B 36 9.95 47.82 -24.67
C GLU B 36 8.95 48.24 -23.61
N TYR B 37 9.08 49.47 -23.11
CA TYR B 37 8.19 49.98 -22.07
C TYR B 37 6.90 50.55 -22.62
N GLY B 38 6.68 50.47 -23.93
CA GLY B 38 5.38 50.75 -24.50
C GLY B 38 4.99 52.21 -24.60
N ASN B 39 5.95 53.12 -24.62
CA ASN B 39 5.65 54.54 -24.78
C ASN B 39 5.39 54.80 -26.27
N ILE B 40 4.11 54.93 -26.63
CA ILE B 40 3.74 55.07 -28.04
C ILE B 40 4.30 56.33 -28.67
N PRO B 41 4.17 57.53 -28.08
CA PRO B 41 4.60 58.73 -28.81
C PRO B 41 6.10 58.80 -29.06
N VAL B 42 6.92 58.34 -28.10
CA VAL B 42 8.36 58.40 -28.30
C VAL B 42 8.78 57.53 -29.48
N VAL B 43 8.25 56.31 -29.54
CA VAL B 43 8.58 55.40 -30.64
C VAL B 43 8.05 55.96 -31.96
N ARG B 44 6.82 56.48 -31.96
CA ARG B 44 6.27 57.07 -33.18
C ARG B 44 7.16 58.21 -33.69
N LYS B 45 7.54 59.13 -32.80
CA LYS B 45 8.40 60.23 -33.20
C LYS B 45 9.76 59.73 -33.67
N MET B 46 10.27 58.68 -33.05
CA MET B 46 11.60 58.18 -33.41
C MET B 46 11.60 57.58 -34.81
N LEU B 47 10.61 56.76 -35.14
CA LEU B 47 10.63 56.08 -36.43
C LEU B 47 9.97 56.87 -37.54
N GLU B 48 9.53 58.10 -37.29
CA GLU B 48 8.92 58.95 -38.31
C GLU B 48 10.00 59.84 -38.93
N GLU B 49 10.40 59.51 -40.16
CA GLU B 49 11.24 60.33 -41.03
C GLU B 49 12.69 60.45 -40.57
N SER B 50 13.12 59.65 -39.60
CA SER B 50 14.53 59.63 -39.23
C SER B 50 15.34 58.93 -40.32
N LYS B 51 16.48 59.53 -40.68
CA LYS B 51 17.32 58.95 -41.73
C LYS B 51 17.96 57.66 -41.26
N THR B 52 18.54 57.67 -40.07
CA THR B 52 19.15 56.50 -39.43
C THR B 52 18.06 55.76 -38.65
N LEU B 53 18.47 54.90 -37.70
CA LEU B 53 17.54 54.16 -36.83
C LEU B 53 16.79 53.07 -37.60
N ASN B 54 17.56 52.24 -38.31
CA ASN B 54 17.01 51.02 -38.89
C ASN B 54 16.21 50.24 -37.85
N VAL B 55 15.00 49.83 -38.22
CA VAL B 55 14.10 49.18 -37.26
C VAL B 55 14.56 47.78 -36.90
N ASN B 56 15.46 47.20 -37.68
CA ASN B 56 15.95 45.85 -37.42
C ASN B 56 17.08 45.80 -36.41
N CYS B 57 17.23 46.83 -35.57
CA CYS B 57 18.34 46.92 -34.65
C CYS B 57 18.21 45.86 -33.56
N VAL B 58 19.22 45.80 -32.68
CA VAL B 58 19.29 44.77 -31.65
C VAL B 58 19.34 45.42 -30.27
N ASP B 59 19.36 44.60 -29.21
CA ASP B 59 19.25 45.11 -27.86
C ASP B 59 20.24 44.35 -26.96
N TYR B 60 20.14 44.61 -25.65
CA TYR B 60 21.08 44.03 -24.69
C TYR B 60 20.98 42.52 -24.64
N MET B 61 19.77 41.98 -24.71
CA MET B 61 19.55 40.54 -24.66
C MET B 61 19.57 39.90 -26.05
N GLY B 62 19.91 40.66 -27.09
CA GLY B 62 19.85 40.17 -28.45
C GLY B 62 18.47 40.23 -29.07
N GLN B 63 17.53 40.89 -28.42
CA GLN B 63 16.15 40.93 -28.89
C GLN B 63 16.00 41.98 -29.99
N ASN B 64 14.77 42.31 -30.32
CA ASN B 64 14.42 43.26 -31.37
C ASN B 64 13.36 44.21 -30.83
N ALA B 65 13.14 45.30 -31.55
CA ALA B 65 12.08 46.24 -31.20
C ALA B 65 10.73 45.53 -31.23
N LEU B 66 10.45 44.79 -32.30
CA LEU B 66 9.17 44.11 -32.44
C LEU B 66 8.98 43.05 -31.37
N GLN B 67 10.03 42.28 -31.07
CA GLN B 67 9.91 41.23 -30.05
C GLN B 67 9.74 41.82 -28.66
N LEU B 68 10.43 42.92 -28.37
CA LEU B 68 10.23 43.58 -27.09
C LEU B 68 8.83 44.17 -26.98
N ALA B 69 8.28 44.64 -28.09
CA ALA B 69 6.92 45.18 -28.07
C ALA B 69 5.90 44.08 -27.87
N VAL B 70 6.10 42.92 -28.50
CA VAL B 70 5.12 41.84 -28.40
C VAL B 70 5.25 41.10 -27.07
N GLY B 71 6.46 41.04 -26.49
CA GLY B 71 6.64 40.30 -25.26
C GLY B 71 5.79 40.81 -24.12
N ASN B 72 5.61 42.12 -24.05
CA ASN B 72 4.69 42.76 -23.11
C ASN B 72 3.60 43.41 -23.95
N GLU B 73 2.37 42.93 -23.81
CA GLU B 73 1.31 43.20 -24.77
C GLU B 73 1.13 44.70 -25.03
N HIS B 74 1.44 45.11 -26.25
CA HIS B 74 1.31 46.50 -26.70
C HIS B 74 0.89 46.45 -28.17
N LEU B 75 -0.42 46.49 -28.41
CA LEU B 75 -0.92 46.42 -29.77
C LEU B 75 -0.53 47.66 -30.57
N GLU B 76 -0.52 48.82 -29.93
CA GLU B 76 -0.20 50.06 -30.64
C GLU B 76 1.26 50.05 -31.12
N VAL B 77 2.19 49.74 -30.21
CA VAL B 77 3.60 49.75 -30.57
C VAL B 77 3.88 48.69 -31.64
N THR B 78 3.29 47.50 -31.49
CA THR B 78 3.49 46.46 -32.47
C THR B 78 2.94 46.87 -33.83
N GLU B 79 1.77 47.52 -33.86
CA GLU B 79 1.20 47.95 -35.11
C GLU B 79 2.07 49.00 -35.80
N LEU B 80 2.51 50.01 -35.03
CA LEU B 80 3.33 51.06 -35.64
C LEU B 80 4.69 50.54 -36.08
N LEU B 81 5.22 49.51 -35.41
CA LEU B 81 6.42 48.85 -35.91
C LEU B 81 6.12 48.07 -37.18
N LEU B 82 4.96 47.40 -37.24
CA LEU B 82 4.57 46.64 -38.43
C LEU B 82 4.35 47.54 -39.63
N LYS B 83 4.06 48.83 -39.42
CA LYS B 83 3.91 49.75 -40.54
C LYS B 83 5.14 49.76 -41.42
N LYS B 84 6.33 49.60 -40.81
CA LYS B 84 7.56 49.60 -41.57
C LYS B 84 7.63 48.40 -42.52
N GLU B 85 8.12 48.65 -43.73
CA GLU B 85 8.11 47.61 -44.76
C GLU B 85 9.11 46.51 -44.45
N ASN B 86 10.37 46.88 -44.19
CA ASN B 86 11.44 45.92 -43.95
C ASN B 86 11.63 45.81 -42.43
N LEU B 87 11.03 44.79 -41.83
CA LEU B 87 11.15 44.51 -40.41
C LEU B 87 11.55 43.06 -40.23
N ALA B 88 12.58 42.82 -39.41
CA ALA B 88 13.15 41.49 -39.26
C ALA B 88 12.50 40.74 -38.10
N ARG B 89 12.54 39.41 -38.19
CA ARG B 89 12.06 38.52 -37.14
C ARG B 89 10.58 38.72 -36.87
N ILE B 90 9.78 38.70 -37.95
CA ILE B 90 8.33 38.78 -37.80
C ILE B 90 7.76 37.45 -37.32
N GLY B 91 8.26 36.35 -37.88
CA GLY B 91 7.75 35.04 -37.48
C GLY B 91 8.01 34.73 -36.02
N ASP B 92 9.16 35.16 -35.50
CA ASP B 92 9.43 35.00 -34.08
C ASP B 92 8.42 35.78 -33.24
N ALA B 93 8.08 36.99 -33.68
CA ALA B 93 7.07 37.76 -32.98
C ALA B 93 5.72 37.07 -33.01
N LEU B 94 5.38 36.45 -34.14
CA LEU B 94 4.12 35.70 -34.23
C LEU B 94 4.13 34.52 -33.27
N LEU B 95 5.22 33.76 -33.23
CA LEU B 95 5.30 32.63 -32.31
C LEU B 95 5.27 33.08 -30.86
N LEU B 96 5.86 34.24 -30.56
CA LEU B 96 5.80 34.75 -29.19
C LEU B 96 4.40 35.18 -28.82
N ALA B 97 3.67 35.79 -29.75
CA ALA B 97 2.30 36.20 -29.49
C ALA B 97 1.39 34.98 -29.34
N ILE B 98 1.63 33.94 -30.14
CA ILE B 98 0.84 32.72 -30.04
C ILE B 98 1.13 31.99 -28.72
N SER B 99 2.40 31.99 -28.31
CA SER B 99 2.75 31.38 -27.03
C SER B 99 1.97 32.00 -25.87
N LYS B 100 1.60 33.27 -26.00
CA LYS B 100 0.78 33.96 -25.02
C LYS B 100 -0.64 34.13 -25.56
N GLY B 101 -1.47 34.83 -24.81
CA GLY B 101 -2.87 34.97 -25.19
C GLY B 101 -3.21 36.24 -25.92
N TYR B 102 -2.21 36.87 -26.55
CA TYR B 102 -2.39 38.17 -27.19
C TYR B 102 -2.98 37.95 -28.59
N VAL B 103 -4.31 37.82 -28.62
CA VAL B 103 -4.99 37.50 -29.87
C VAL B 103 -4.95 38.70 -30.82
N ARG B 104 -5.03 39.92 -30.27
CA ARG B 104 -5.02 41.11 -31.12
C ARG B 104 -3.69 41.27 -31.83
N ILE B 105 -2.59 41.01 -31.12
CA ILE B 105 -1.27 41.10 -31.75
C ILE B 105 -1.14 40.04 -32.83
N VAL B 106 -1.73 38.85 -32.61
CA VAL B 106 -1.69 37.80 -33.62
C VAL B 106 -2.45 38.24 -34.86
N GLU B 107 -3.63 38.83 -34.67
CA GLU B 107 -4.40 39.34 -35.81
C GLU B 107 -3.60 40.40 -36.57
N ALA B 108 -2.95 41.31 -35.84
CA ALA B 108 -2.15 42.35 -36.48
C ALA B 108 -1.01 41.76 -37.30
N ILE B 109 -0.26 40.82 -36.72
CA ILE B 109 0.87 40.23 -37.42
C ILE B 109 0.41 39.40 -38.61
N LEU B 110 -0.75 38.75 -38.51
CA LEU B 110 -1.27 38.01 -39.65
C LEU B 110 -1.74 38.93 -40.76
N ASN B 111 -2.22 40.13 -40.40
CA ASN B 111 -2.60 41.11 -41.40
C ASN B 111 -1.41 41.72 -42.13
N HIS B 112 -0.19 41.45 -41.67
CA HIS B 112 1.00 41.95 -42.34
C HIS B 112 1.04 41.45 -43.78
N PRO B 113 1.46 42.29 -44.73
CA PRO B 113 1.55 41.83 -46.12
C PRO B 113 2.58 40.74 -46.35
N GLY B 114 3.53 40.57 -45.44
CA GLY B 114 4.50 39.49 -45.59
C GLY B 114 3.85 38.12 -45.49
N PHE B 115 2.83 37.99 -44.64
CA PHE B 115 2.16 36.71 -44.47
C PHE B 115 1.10 36.47 -45.54
N ALA B 116 0.50 37.53 -46.08
CA ALA B 116 -0.67 37.39 -46.94
C ALA B 116 -0.32 36.67 -48.25
N ALA B 117 0.67 37.18 -48.97
CA ALA B 117 0.98 36.70 -50.31
C ALA B 117 2.05 35.62 -50.31
N SER B 118 2.31 34.97 -49.18
CA SER B 118 3.37 33.98 -49.08
C SER B 118 2.85 32.71 -48.41
N LYS B 119 3.61 31.63 -48.59
CA LYS B 119 3.34 30.35 -47.94
C LYS B 119 4.02 30.25 -46.58
N ARG B 120 4.54 31.37 -46.06
CA ARG B 120 5.35 31.33 -44.84
C ARG B 120 4.53 30.89 -43.62
N LEU B 121 3.25 31.23 -43.58
CA LEU B 121 2.44 30.92 -42.39
C LEU B 121 2.25 29.42 -42.23
N THR B 122 1.98 28.71 -43.31
CA THR B 122 1.64 27.28 -43.20
C THR B 122 2.86 26.44 -42.89
N LEU B 123 3.89 26.49 -43.73
CA LEU B 123 5.00 25.56 -43.63
C LEU B 123 5.95 25.93 -42.48
N SER B 124 6.63 24.91 -41.95
CA SER B 124 7.44 25.06 -40.76
C SER B 124 8.70 25.87 -41.05
N PRO B 125 9.27 26.54 -40.04
CA PRO B 125 10.52 27.28 -40.24
C PRO B 125 11.68 26.41 -40.72
N CYS B 126 11.67 25.12 -40.41
CA CYS B 126 12.78 24.26 -40.78
C CYS B 126 12.87 24.05 -42.29
N GLU B 127 11.73 23.90 -42.96
CA GLU B 127 11.70 23.54 -44.37
C GLU B 127 10.88 24.49 -45.22
N GLN B 128 10.67 25.73 -44.77
CA GLN B 128 9.78 26.65 -45.48
C GLN B 128 10.40 27.08 -46.81
N GLU B 129 11.67 27.46 -46.81
CA GLU B 129 12.31 28.03 -47.98
C GLU B 129 13.83 27.83 -47.83
N LEU B 130 14.61 28.57 -48.62
CA LEU B 130 16.04 28.60 -48.42
C LEU B 130 16.40 29.11 -47.02
N GLN B 131 15.53 29.95 -46.44
CA GLN B 131 15.64 30.44 -45.07
C GLN B 131 16.83 31.36 -44.87
N ASP B 132 17.32 32.00 -45.94
CA ASP B 132 18.36 33.02 -45.79
C ASP B 132 17.84 34.19 -44.97
N ASP B 133 16.57 34.55 -45.15
CA ASP B 133 15.96 35.62 -44.38
C ASP B 133 15.69 35.15 -42.95
N ASP B 134 15.89 36.06 -42.00
CA ASP B 134 15.63 35.77 -40.58
C ASP B 134 14.16 35.99 -40.25
N PHE B 135 13.31 35.18 -40.89
CA PHE B 135 11.87 35.30 -40.68
C PHE B 135 11.48 34.81 -39.29
N TYR B 136 11.89 33.59 -38.94
CA TYR B 136 11.55 32.99 -37.66
C TYR B 136 12.71 32.99 -36.67
N ALA B 137 13.76 33.75 -36.97
CA ALA B 137 14.97 33.68 -36.15
C ALA B 137 14.74 34.19 -34.74
N TYR B 138 15.45 33.60 -33.80
CA TYR B 138 15.61 34.04 -32.43
C TYR B 138 17.04 34.54 -32.31
N ASP B 139 17.50 34.80 -31.07
CA ASP B 139 18.58 35.75 -30.80
C ASP B 139 19.69 35.73 -31.84
N GLU B 140 20.50 34.68 -31.90
CA GLU B 140 21.45 34.56 -32.98
C GLU B 140 21.53 33.15 -33.56
N ASP B 141 21.46 32.14 -32.70
CA ASP B 141 21.85 30.79 -33.12
C ASP B 141 20.71 29.99 -33.72
N GLY B 142 19.54 30.00 -33.08
CA GLY B 142 18.44 29.18 -33.56
C GLY B 142 17.09 29.83 -33.31
N THR B 143 16.04 29.10 -33.63
CA THR B 143 14.68 29.56 -33.46
C THR B 143 14.29 29.54 -31.98
N ARG B 144 13.23 30.27 -31.63
CA ARG B 144 12.75 30.31 -30.26
C ARG B 144 12.32 28.92 -29.79
N PHE B 145 11.51 28.24 -30.58
CA PHE B 145 11.07 26.89 -30.30
C PHE B 145 11.77 25.92 -31.24
N SER B 146 11.37 24.65 -31.19
CA SER B 146 11.92 23.66 -32.10
C SER B 146 11.69 24.10 -33.54
N PRO B 147 12.66 23.88 -34.44
CA PRO B 147 12.47 24.29 -35.84
C PRO B 147 11.30 23.61 -36.52
N ASP B 148 10.82 22.48 -35.98
CA ASP B 148 9.69 21.78 -36.58
C ASP B 148 8.36 22.46 -36.25
N ILE B 149 8.26 23.11 -35.11
CA ILE B 149 6.98 23.68 -34.66
C ILE B 149 6.58 24.83 -35.57
N THR B 150 5.32 24.80 -36.00
CA THR B 150 4.71 25.85 -36.80
C THR B 150 3.87 26.74 -35.90
N PRO B 151 3.37 27.88 -36.40
CA PRO B 151 2.43 28.67 -35.59
C PRO B 151 1.18 27.91 -35.20
N ILE B 152 0.62 27.10 -36.10
CA ILE B 152 -0.60 26.37 -35.77
C ILE B 152 -0.31 25.23 -34.80
N ILE B 153 0.82 24.53 -35.00
CA ILE B 153 1.21 23.49 -34.06
C ILE B 153 1.45 24.07 -32.67
N LEU B 154 2.06 25.25 -32.61
CA LEU B 154 2.30 25.88 -31.31
C LEU B 154 0.99 26.34 -30.67
N ALA B 155 0.07 26.87 -31.48
CA ALA B 155 -1.24 27.25 -30.96
C ALA B 155 -1.98 26.05 -30.39
N ALA B 156 -1.90 24.91 -31.07
CA ALA B 156 -2.53 23.70 -30.55
C ALA B 156 -1.85 23.22 -29.28
N HIS B 157 -0.51 23.28 -29.23
CA HIS B 157 0.21 22.95 -28.00
C HIS B 157 -0.27 23.79 -26.84
N CYS B 158 -0.34 25.10 -27.01
CA CYS B 158 -0.74 26.01 -25.94
C CYS B 158 -2.23 25.98 -25.64
N GLN B 159 -3.04 25.33 -26.49
CA GLN B 159 -4.49 25.26 -26.32
C GLN B 159 -5.12 26.65 -26.29
N LYS B 160 -4.79 27.45 -27.31
CA LYS B 160 -5.38 28.77 -27.50
C LYS B 160 -6.47 28.64 -28.56
N TYR B 161 -7.73 28.58 -28.12
CA TYR B 161 -8.83 28.32 -29.04
C TYR B 161 -8.99 29.44 -30.07
N GLU B 162 -8.92 30.69 -29.61
CA GLU B 162 -9.05 31.81 -30.54
C GLU B 162 -7.95 31.79 -31.59
N VAL B 163 -6.71 31.60 -31.16
CA VAL B 163 -5.59 31.61 -32.09
C VAL B 163 -5.69 30.43 -33.05
N VAL B 164 -6.13 29.28 -32.57
CA VAL B 164 -6.28 28.11 -33.43
C VAL B 164 -7.34 28.39 -34.50
N HIS B 165 -8.46 28.99 -34.11
CA HIS B 165 -9.48 29.32 -35.09
C HIS B 165 -8.96 30.33 -36.11
N MET B 166 -8.25 31.36 -35.64
CA MET B 166 -7.69 32.35 -36.55
C MET B 166 -6.77 31.70 -37.58
N LEU B 167 -5.84 30.87 -37.11
CA LEU B 167 -4.91 30.23 -38.02
C LEU B 167 -5.59 29.24 -38.94
N LEU B 168 -6.68 28.62 -38.48
CA LEU B 168 -7.43 27.72 -39.36
C LEU B 168 -8.18 28.50 -40.44
N MET B 169 -8.59 29.73 -40.16
CA MET B 169 -9.24 30.54 -41.18
C MET B 169 -8.29 30.83 -42.33
N LYS B 170 -7.00 31.04 -42.02
CA LYS B 170 -6.01 31.32 -43.06
C LYS B 170 -5.62 30.07 -43.85
N GLY B 171 -6.14 28.90 -43.50
CA GLY B 171 -5.79 27.67 -44.16
C GLY B 171 -4.60 26.95 -43.58
N ALA B 172 -4.12 27.36 -42.40
CA ALA B 172 -3.00 26.71 -41.74
C ALA B 172 -3.53 25.53 -40.94
N ARG B 173 -3.22 24.31 -41.39
CA ARG B 173 -3.67 23.09 -40.75
C ARG B 173 -2.47 22.20 -40.47
N ILE B 174 -2.49 21.52 -39.33
CA ILE B 174 -1.42 20.59 -38.98
C ILE B 174 -1.44 19.44 -39.97
N GLU B 175 -0.31 19.20 -40.64
CA GLU B 175 -0.22 18.10 -41.59
C GLU B 175 0.04 16.81 -40.82
N ARG B 176 -0.85 15.83 -41.01
CA ARG B 176 -0.71 14.57 -40.31
C ARG B 176 0.61 13.90 -40.71
N PRO B 177 1.43 13.47 -39.75
CA PRO B 177 2.73 12.87 -40.11
C PRO B 177 2.53 11.54 -40.82
N HIS B 178 3.50 11.23 -41.68
CA HIS B 178 3.45 9.99 -42.45
C HIS B 178 3.51 8.78 -41.51
N ASP B 179 3.10 7.64 -42.04
CA ASP B 179 3.17 6.39 -41.29
C ASP B 179 4.62 6.11 -40.88
N TYR B 180 4.78 5.44 -39.74
CA TYR B 180 6.11 5.16 -39.21
C TYR B 180 6.97 4.44 -40.25
N PHE B 181 6.38 3.47 -40.96
CA PHE B 181 7.12 2.66 -41.91
C PHE B 181 7.06 3.21 -43.33
N CYS B 182 6.78 4.50 -43.49
CA CYS B 182 6.76 5.11 -44.81
C CYS B 182 8.16 5.11 -45.40
N LYS B 183 8.25 4.83 -46.70
CA LYS B 183 9.53 4.77 -47.40
C LYS B 183 9.64 5.82 -48.50
N CYS B 184 8.79 6.84 -48.48
CA CYS B 184 8.86 7.90 -49.47
C CYS B 184 10.20 8.62 -49.39
N GLY B 185 10.56 9.29 -50.48
CA GLY B 185 11.87 9.93 -50.56
C GLY B 185 12.07 11.00 -49.49
N ASP B 186 11.01 11.74 -49.19
CA ASP B 186 11.13 12.81 -48.20
C ASP B 186 11.41 12.24 -46.81
N CYS B 187 10.62 11.24 -46.39
CA CYS B 187 10.82 10.64 -45.07
C CYS B 187 12.18 9.97 -44.98
N MET B 188 12.61 9.30 -46.05
CA MET B 188 13.94 8.68 -46.03
C MET B 188 15.04 9.73 -45.92
N GLU B 189 14.91 10.84 -46.64
CA GLU B 189 15.90 11.91 -46.55
C GLU B 189 15.97 12.49 -45.15
N LYS B 190 14.80 12.74 -44.54
CA LYS B 190 14.78 13.24 -43.16
C LYS B 190 15.30 12.21 -42.17
N GLN B 191 15.20 10.93 -42.51
CA GLN B 191 15.69 9.87 -41.63
C GLN B 191 17.20 9.73 -41.71
N ARG B 192 17.79 10.00 -42.87
CA ARG B 192 19.24 9.83 -43.03
C ARG B 192 20.01 10.71 -42.05
N HIS B 193 19.70 12.00 -42.02
CA HIS B 193 20.35 12.93 -41.11
C HIS B 193 19.34 13.42 -40.08
N ASP B 194 19.74 13.40 -38.81
CA ASP B 194 18.90 13.81 -37.69
C ASP B 194 17.63 12.97 -37.61
N SER B 195 17.81 11.66 -37.42
CA SER B 195 16.65 10.80 -37.18
C SER B 195 15.98 11.14 -35.85
N PHE B 196 16.78 11.54 -34.86
CA PHE B 196 16.22 11.97 -33.59
C PHE B 196 15.32 13.19 -33.77
N SER B 197 15.79 14.17 -34.54
CA SER B 197 14.97 15.35 -34.81
C SER B 197 13.71 14.99 -35.58
N HIS B 198 13.80 14.00 -36.46
CA HIS B 198 12.63 13.56 -37.21
C HIS B 198 11.58 12.96 -36.27
N SER B 199 12.02 12.08 -35.36
CA SER B 199 11.09 11.52 -34.39
C SER B 199 10.50 12.60 -33.50
N ARG B 200 11.32 13.56 -33.08
CA ARG B 200 10.83 14.65 -32.24
C ARG B 200 9.79 15.49 -32.99
N SER B 201 10.00 15.72 -34.27
CA SER B 201 9.02 16.47 -35.06
C SER B 201 7.73 15.70 -35.21
N ARG B 202 7.81 14.38 -35.40
CA ARG B 202 6.60 13.58 -35.42
C ARG B 202 5.83 13.69 -34.11
N ILE B 203 6.53 13.62 -32.99
CA ILE B 203 5.86 13.72 -31.69
C ILE B 203 5.23 15.10 -31.52
N ASN B 204 5.91 16.15 -32.00
CA ASN B 204 5.31 17.48 -31.91
C ASN B 204 4.05 17.58 -32.75
N ALA B 205 4.08 17.05 -33.97
CA ALA B 205 2.89 17.08 -34.81
C ALA B 205 1.74 16.33 -34.15
N TYR B 206 2.02 15.18 -33.52
CA TYR B 206 0.96 14.43 -32.88
C TYR B 206 0.47 15.10 -31.60
N LYS B 207 1.35 15.79 -30.88
CA LYS B 207 0.92 16.54 -29.70
C LYS B 207 0.08 17.75 -30.11
N GLY B 208 0.30 18.28 -31.31
CA GLY B 208 -0.58 19.30 -31.82
C GLY B 208 -1.93 18.75 -32.26
N LEU B 209 -1.91 17.60 -32.93
CA LEU B 209 -3.16 16.99 -33.39
C LEU B 209 -4.02 16.52 -32.24
N ALA B 210 -3.40 15.97 -31.19
CA ALA B 210 -4.13 15.44 -30.05
C ALA B 210 -4.57 16.52 -29.07
N SER B 211 -4.44 17.79 -29.43
CA SER B 211 -4.84 18.85 -28.52
C SER B 211 -6.35 19.05 -28.58
N PRO B 212 -7.01 19.22 -27.43
CA PRO B 212 -8.47 19.45 -27.45
C PRO B 212 -8.88 20.66 -28.29
N ALA B 213 -8.06 21.71 -28.29
CA ALA B 213 -8.36 22.87 -29.12
C ALA B 213 -8.42 22.49 -30.59
N TYR B 214 -7.35 21.91 -31.10
CA TYR B 214 -7.34 21.53 -32.51
C TYR B 214 -8.32 20.42 -32.81
N LEU B 215 -8.54 19.50 -31.86
CA LEU B 215 -9.52 18.43 -32.07
C LEU B 215 -10.92 19.01 -32.24
N SER B 216 -11.30 19.97 -31.40
CA SER B 216 -12.65 20.52 -31.48
C SER B 216 -12.81 21.43 -32.68
N LEU B 217 -11.84 22.29 -32.95
CA LEU B 217 -11.98 23.29 -34.02
C LEU B 217 -11.47 22.81 -35.37
N SER B 218 -11.01 21.56 -35.47
CA SER B 218 -10.34 21.13 -36.71
C SER B 218 -11.34 20.70 -37.77
N SER B 219 -12.26 19.80 -37.43
CA SER B 219 -13.09 19.16 -38.44
C SER B 219 -14.47 18.88 -37.86
N GLU B 220 -15.40 18.57 -38.76
CA GLU B 220 -16.73 18.12 -38.36
C GLU B 220 -16.64 16.71 -37.78
N ASP B 221 -17.53 16.44 -36.81
CA ASP B 221 -17.55 15.18 -36.08
C ASP B 221 -16.21 14.94 -35.39
N PRO B 222 -15.84 15.76 -34.40
CA PRO B 222 -14.52 15.59 -33.77
C PRO B 222 -14.43 14.41 -32.83
N VAL B 223 -15.54 13.80 -32.41
CA VAL B 223 -15.46 12.66 -31.52
C VAL B 223 -14.89 11.45 -32.26
N LEU B 224 -15.30 11.24 -33.51
CA LEU B 224 -14.73 10.16 -34.31
C LEU B 224 -13.26 10.43 -34.61
N THR B 225 -12.93 11.69 -34.93
CA THR B 225 -11.54 12.05 -35.14
C THR B 225 -10.69 11.74 -33.91
N ALA B 226 -11.20 12.06 -32.72
CA ALA B 226 -10.44 11.83 -31.50
C ALA B 226 -10.29 10.33 -31.21
N LEU B 227 -11.35 9.54 -31.46
CA LEU B 227 -11.24 8.10 -31.27
C LEU B 227 -10.19 7.49 -32.21
N GLU B 228 -10.26 7.85 -33.50
CA GLU B 228 -9.29 7.30 -34.45
C GLU B 228 -7.88 7.73 -34.10
N LEU B 229 -7.69 8.99 -33.72
CA LEU B 229 -6.36 9.45 -33.33
C LEU B 229 -5.87 8.75 -32.07
N SER B 230 -6.76 8.45 -31.14
CA SER B 230 -6.38 7.69 -29.96
C SER B 230 -5.85 6.32 -30.34
N ASN B 231 -6.57 5.63 -31.24
CA ASN B 231 -6.10 4.31 -31.69
C ASN B 231 -4.75 4.42 -32.40
N GLU B 232 -4.60 5.42 -33.26
CA GLU B 232 -3.34 5.59 -34.01
C GLU B 232 -2.18 5.85 -33.06
N LEU B 233 -2.39 6.69 -32.05
CA LEU B 233 -1.33 6.99 -31.10
C LEU B 233 -1.01 5.79 -30.23
N ALA B 234 -2.00 4.95 -29.90
CA ALA B 234 -1.69 3.73 -29.14
C ALA B 234 -0.84 2.78 -29.97
N LYS B 235 -1.20 2.59 -31.24
CA LYS B 235 -0.40 1.73 -32.11
C LYS B 235 1.02 2.27 -32.26
N LEU B 236 1.17 3.58 -32.39
CA LEU B 236 2.53 4.13 -32.50
C LEU B 236 3.28 4.06 -31.19
N ALA B 237 2.58 4.09 -30.05
CA ALA B 237 3.25 3.84 -28.78
C ALA B 237 3.80 2.42 -28.72
N ASN B 238 3.04 1.46 -29.24
CA ASN B 238 3.54 0.09 -29.28
C ASN B 238 4.69 -0.07 -30.27
N ILE B 239 4.70 0.74 -31.33
CA ILE B 239 5.73 0.58 -32.36
C ILE B 239 7.04 1.26 -31.94
N GLU B 240 6.97 2.50 -31.46
CA GLU B 240 8.18 3.27 -31.16
C GLU B 240 8.97 2.64 -30.01
N LYS B 241 8.35 2.56 -28.84
CA LYS B 241 8.89 1.92 -27.63
C LYS B 241 10.00 2.72 -26.96
N GLU B 242 10.44 3.82 -27.56
CA GLU B 242 11.32 4.76 -26.87
C GLU B 242 10.53 5.93 -26.29
N PHE B 243 9.64 6.50 -27.10
CA PHE B 243 8.75 7.56 -26.66
C PHE B 243 7.36 7.02 -26.34
N LYS B 244 7.31 5.80 -25.79
CA LYS B 244 6.04 5.16 -25.49
C LYS B 244 5.21 6.00 -24.53
N ASN B 245 5.84 6.63 -23.55
CA ASN B 245 5.10 7.42 -22.57
C ASN B 245 4.49 8.67 -23.21
N ASP B 246 5.21 9.30 -24.14
CA ASP B 246 4.66 10.46 -24.84
C ASP B 246 3.40 10.08 -25.61
N TYR B 247 3.48 9.03 -26.43
CA TYR B 247 2.32 8.62 -27.21
C TYR B 247 1.18 8.14 -26.33
N ARG B 248 1.48 7.52 -25.19
CA ARG B 248 0.41 7.11 -24.29
C ARG B 248 -0.26 8.32 -23.64
N LYS B 249 0.53 9.34 -23.30
CA LYS B 249 -0.08 10.59 -22.81
C LYS B 249 -0.99 11.21 -23.86
N LEU B 250 -0.56 11.22 -25.11
CA LEU B 250 -1.41 11.80 -26.16
C LEU B 250 -2.67 10.98 -26.37
N SER B 251 -2.56 9.65 -26.31
CA SER B 251 -3.74 8.81 -26.43
C SER B 251 -4.69 9.04 -25.28
N MET B 252 -4.17 9.22 -24.07
CA MET B 252 -5.01 9.55 -22.94
C MET B 252 -5.68 10.91 -23.11
N GLN B 253 -4.97 11.86 -23.72
CA GLN B 253 -5.60 13.15 -24.03
C GLN B 253 -6.79 12.97 -24.95
N CYS B 254 -6.64 12.17 -26.01
CA CYS B 254 -7.76 11.94 -26.92
C CYS B 254 -8.93 11.25 -26.22
N LYS B 255 -8.63 10.22 -25.43
CA LYS B 255 -9.69 9.54 -24.69
C LYS B 255 -10.41 10.50 -23.75
N ASP B 256 -9.66 11.35 -23.05
CA ASP B 256 -10.28 12.32 -22.14
C ASP B 256 -11.14 13.32 -22.90
N PHE B 257 -10.71 13.73 -24.08
CA PHE B 257 -11.54 14.64 -24.88
C PHE B 257 -12.86 13.98 -25.26
N VAL B 258 -12.80 12.72 -25.70
CA VAL B 258 -14.02 12.02 -26.07
C VAL B 258 -14.97 11.91 -24.88
N VAL B 259 -14.43 11.51 -23.72
CA VAL B 259 -15.26 11.36 -22.53
C VAL B 259 -15.82 12.70 -22.09
N GLY B 260 -15.03 13.77 -22.22
CA GLY B 260 -15.52 15.09 -21.85
C GLY B 260 -16.64 15.57 -22.75
N VAL B 261 -16.53 15.31 -24.06
CA VAL B 261 -17.62 15.66 -24.96
C VAL B 261 -18.87 14.85 -24.63
N LEU B 262 -18.69 13.58 -24.27
CA LEU B 262 -19.85 12.76 -23.90
C LEU B 262 -20.50 13.27 -22.62
N ASP B 263 -19.69 13.78 -21.68
CA ASP B 263 -20.21 14.17 -20.39
C ASP B 263 -21.19 15.34 -20.49
N LEU B 264 -20.97 16.25 -21.43
CA LEU B 264 -21.76 17.48 -21.50
C LEU B 264 -23.19 17.26 -21.98
N CYS B 265 -23.51 16.07 -22.48
CA CYS B 265 -24.86 15.81 -22.96
C CYS B 265 -25.87 15.95 -21.83
N ARG B 266 -26.97 16.67 -22.10
CA ARG B 266 -28.03 16.85 -21.13
C ARG B 266 -29.41 16.55 -21.72
N ASP B 267 -29.47 16.01 -22.93
CA ASP B 267 -30.71 15.52 -23.51
C ASP B 267 -30.47 14.11 -24.02
N SER B 268 -31.57 13.37 -24.21
CA SER B 268 -31.42 12.02 -24.74
C SER B 268 -31.04 12.03 -26.21
N GLU B 269 -31.45 13.08 -26.94
CA GLU B 269 -31.09 13.18 -28.36
C GLU B 269 -29.58 13.38 -28.53
N GLU B 270 -28.98 14.20 -27.69
CA GLU B 270 -27.53 14.42 -27.77
C GLU B 270 -26.76 13.17 -27.37
N VAL B 271 -27.22 12.46 -26.33
CA VAL B 271 -26.59 11.20 -25.96
C VAL B 271 -26.66 10.21 -27.11
N GLU B 272 -27.83 10.10 -27.74
CA GLU B 272 -27.97 9.19 -28.88
C GLU B 272 -27.09 9.62 -30.05
N ALA B 273 -26.94 10.93 -30.26
CA ALA B 273 -26.11 11.41 -31.36
C ALA B 273 -24.64 11.09 -31.13
N ILE B 274 -24.17 11.19 -29.88
CA ILE B 274 -22.78 10.88 -29.63
C ILE B 274 -22.56 9.37 -29.64
N LEU B 275 -23.51 8.59 -29.11
CA LEU B 275 -23.31 7.14 -29.00
C LEU B 275 -23.34 6.46 -30.36
N ASN B 276 -24.00 7.05 -31.35
CA ASN B 276 -23.96 6.54 -32.71
C ASN B 276 -24.02 7.71 -33.68
N GLY B 277 -23.21 7.66 -34.73
CA GLY B 277 -23.12 8.76 -35.66
C GLY B 277 -24.38 8.95 -36.46
N ASP B 278 -24.26 9.78 -37.48
CA ASP B 278 -25.37 10.09 -38.37
C ASP B 278 -25.78 8.86 -39.17
N SER B 293 -28.57 1.03 -33.54
CA SER B 293 -27.16 0.66 -33.61
C SER B 293 -26.32 1.58 -32.75
N LEU B 294 -25.33 1.00 -32.06
CA LEU B 294 -24.41 1.76 -31.22
C LEU B 294 -23.05 1.73 -31.92
N SER B 295 -22.86 2.64 -32.87
CA SER B 295 -21.65 2.62 -33.67
C SER B 295 -20.44 3.11 -32.89
N ARG B 296 -20.58 4.27 -32.25
CA ARG B 296 -19.45 4.82 -31.50
C ARG B 296 -19.13 3.99 -30.27
N VAL B 297 -20.13 3.34 -29.67
CA VAL B 297 -19.84 2.46 -28.54
C VAL B 297 -19.04 1.25 -28.98
N LYS B 298 -19.42 0.65 -30.12
CA LYS B 298 -18.63 -0.46 -30.65
C LYS B 298 -17.22 -0.01 -31.01
N LEU B 299 -17.09 1.17 -31.61
CA LEU B 299 -15.77 1.63 -32.02
C LEU B 299 -14.90 2.03 -30.83
N ALA B 300 -15.52 2.44 -29.72
CA ALA B 300 -14.77 2.73 -28.51
C ALA B 300 -14.40 1.47 -27.76
N ILE B 301 -15.24 0.44 -27.83
CA ILE B 301 -14.87 -0.85 -27.28
C ILE B 301 -13.71 -1.46 -28.06
N LYS B 302 -13.71 -1.28 -29.38
CA LYS B 302 -12.60 -1.78 -30.19
C LYS B 302 -11.30 -1.07 -29.85
N TYR B 303 -11.36 0.25 -29.65
CA TYR B 303 -10.18 1.05 -29.34
C TYR B 303 -9.90 1.16 -27.84
N GLU B 304 -10.59 0.37 -27.01
CA GLU B 304 -10.28 0.24 -25.59
C GLU B 304 -10.43 1.56 -24.83
N VAL B 305 -11.43 2.36 -25.20
CA VAL B 305 -11.73 3.59 -24.50
C VAL B 305 -12.69 3.24 -23.36
N LYS B 306 -12.13 3.01 -22.17
CA LYS B 306 -12.90 2.42 -21.08
C LYS B 306 -13.84 3.40 -20.41
N LYS B 307 -13.46 4.68 -20.32
CA LYS B 307 -14.31 5.64 -19.61
C LYS B 307 -15.45 6.17 -20.47
N PHE B 308 -15.33 6.10 -21.79
CA PHE B 308 -16.46 6.41 -22.65
C PHE B 308 -17.57 5.39 -22.49
N VAL B 309 -17.20 4.11 -22.39
CA VAL B 309 -18.21 3.06 -22.31
C VAL B 309 -18.73 2.88 -20.89
N ALA B 310 -17.91 3.18 -19.87
CA ALA B 310 -18.32 3.08 -18.49
C ALA B 310 -18.90 4.38 -17.95
N HIS B 311 -19.25 5.31 -18.82
CA HIS B 311 -19.83 6.57 -18.40
C HIS B 311 -21.33 6.40 -18.16
N PRO B 312 -21.88 7.01 -17.11
CA PRO B 312 -23.33 6.86 -16.85
C PRO B 312 -24.22 7.21 -18.03
N ASN B 313 -23.84 8.21 -18.82
CA ASN B 313 -24.65 8.60 -19.97
C ASN B 313 -24.69 7.49 -21.02
N CYS B 314 -23.62 6.70 -21.14
CA CYS B 314 -23.61 5.55 -22.02
C CYS B 314 -24.22 4.31 -21.38
N GLN B 315 -24.00 4.13 -20.08
CA GLN B 315 -24.53 2.96 -19.39
C GLN B 315 -26.05 2.98 -19.33
N GLN B 316 -26.65 4.17 -19.19
CA GLN B 316 -28.11 4.24 -19.15
C GLN B 316 -28.70 3.82 -20.49
N GLN B 317 -28.07 4.22 -21.60
CA GLN B 317 -28.57 3.81 -22.91
C GLN B 317 -28.38 2.32 -23.13
N LEU B 318 -27.21 1.79 -22.76
CA LEU B 318 -26.99 0.35 -22.89
C LEU B 318 -27.96 -0.44 -22.02
N LEU B 319 -28.37 0.11 -20.88
CA LEU B 319 -29.33 -0.57 -20.02
C LEU B 319 -30.74 -0.53 -20.58
N THR B 320 -31.14 0.60 -21.19
CA THR B 320 -32.45 0.63 -21.81
C THR B 320 -32.51 -0.23 -23.07
N ILE B 321 -31.37 -0.46 -23.73
CA ILE B 321 -31.35 -1.44 -24.82
C ILE B 321 -31.34 -2.87 -24.27
N TRP B 322 -30.69 -3.07 -23.13
CA TRP B 322 -30.51 -4.41 -22.57
C TRP B 322 -31.82 -4.97 -22.06
N TYR B 323 -32.53 -4.22 -21.21
CA TYR B 323 -33.83 -4.65 -20.69
C TYR B 323 -34.96 -4.13 -21.59
N GLU B 324 -34.91 -4.52 -22.87
CA GLU B 324 -35.91 -4.09 -23.82
C GLU B 324 -37.10 -5.05 -23.78
N ASN B 325 -38.30 -4.50 -23.97
CA ASN B 325 -39.58 -5.21 -24.00
C ASN B 325 -39.94 -5.82 -22.64
N LEU B 326 -39.10 -5.70 -21.62
CA LEU B 326 -39.41 -6.15 -20.27
C LEU B 326 -38.88 -5.06 -19.32
N SER B 327 -39.74 -4.10 -19.01
CA SER B 327 -39.29 -2.97 -18.21
C SER B 327 -39.30 -3.28 -16.72
N GLY B 328 -40.30 -4.04 -16.26
CA GLY B 328 -40.42 -4.28 -14.83
C GLY B 328 -39.28 -5.08 -14.23
N LEU B 329 -38.66 -5.96 -15.03
CA LEU B 329 -37.62 -6.84 -14.51
C LEU B 329 -36.30 -6.12 -14.24
N ARG B 330 -36.21 -4.82 -14.52
CA ARG B 330 -34.97 -4.10 -14.25
C ARG B 330 -34.75 -3.90 -12.75
N GLU B 331 -35.82 -3.74 -11.99
CA GLU B 331 -35.73 -3.37 -10.58
C GLU B 331 -35.84 -4.54 -9.63
N GLN B 332 -36.15 -5.74 -10.12
CA GLN B 332 -36.30 -6.89 -9.25
C GLN B 332 -34.96 -7.25 -8.60
N THR B 333 -35.03 -7.89 -7.44
CA THR B 333 -33.83 -8.27 -6.71
C THR B 333 -33.05 -9.33 -7.47
N ILE B 334 -31.83 -9.59 -7.00
CA ILE B 334 -30.98 -10.59 -7.64
C ILE B 334 -31.57 -11.99 -7.49
N ALA B 335 -32.24 -12.25 -6.35
CA ALA B 335 -32.84 -13.56 -6.13
C ALA B 335 -33.89 -13.87 -7.19
N ILE B 336 -34.73 -12.89 -7.54
CA ILE B 336 -35.79 -13.14 -8.51
C ILE B 336 -35.23 -13.35 -9.90
N LYS B 337 -34.17 -12.61 -10.26
CA LYS B 337 -33.56 -12.81 -11.57
C LYS B 337 -32.90 -14.19 -11.68
N CYS B 338 -32.22 -14.63 -10.61
CA CYS B 338 -31.67 -15.98 -10.62
C CYS B 338 -32.78 -17.03 -10.68
N LEU B 339 -33.90 -16.77 -10.00
CA LEU B 339 -35.03 -17.68 -10.11
C LEU B 339 -35.57 -17.74 -11.53
N VAL B 340 -35.55 -16.61 -12.25
CA VAL B 340 -35.94 -16.62 -13.65
C VAL B 340 -34.99 -17.48 -14.46
N VAL B 341 -33.69 -17.44 -14.12
CA VAL B 341 -32.72 -18.33 -14.77
C VAL B 341 -33.13 -19.79 -14.59
N LEU B 342 -33.51 -20.15 -13.36
CA LEU B 342 -33.91 -21.53 -13.08
C LEU B 342 -35.20 -21.89 -13.82
N VAL B 343 -36.16 -20.97 -13.87
CA VAL B 343 -37.41 -21.23 -14.59
C VAL B 343 -37.14 -21.49 -16.06
N VAL B 344 -36.27 -20.67 -16.67
CA VAL B 344 -35.94 -20.86 -18.07
C VAL B 344 -35.18 -22.17 -18.27
N ALA B 345 -34.32 -22.53 -17.32
CA ALA B 345 -33.62 -23.82 -17.43
C ALA B 345 -34.59 -24.97 -17.42
N LEU B 346 -35.64 -24.89 -16.60
CA LEU B 346 -36.61 -25.98 -16.53
C LEU B 346 -37.52 -26.01 -17.76
N GLY B 347 -37.87 -24.85 -18.29
CA GLY B 347 -38.82 -24.76 -19.39
C GLY B 347 -38.24 -24.50 -20.77
N LEU B 348 -36.92 -24.62 -20.94
CA LEU B 348 -36.31 -24.26 -22.22
C LEU B 348 -36.74 -25.12 -23.41
N PRO B 349 -36.92 -26.44 -23.32
CA PRO B 349 -37.44 -27.17 -24.50
C PRO B 349 -38.75 -26.62 -25.03
N PHE B 350 -39.68 -26.29 -24.13
CA PHE B 350 -40.99 -25.80 -24.54
C PHE B 350 -40.88 -24.44 -25.20
N LEU B 351 -40.08 -23.54 -24.62
CA LEU B 351 -39.90 -22.22 -25.22
C LEU B 351 -39.16 -22.32 -26.54
N ALA B 352 -38.26 -23.30 -26.67
CA ALA B 352 -37.57 -23.53 -27.93
C ALA B 352 -38.56 -23.87 -29.04
N ILE B 353 -39.48 -24.79 -28.77
CA ILE B 353 -40.46 -25.13 -29.81
C ILE B 353 -41.46 -23.98 -30.00
N GLY B 354 -41.72 -23.20 -28.95
CA GLY B 354 -42.65 -22.09 -29.09
C GLY B 354 -42.08 -20.91 -29.86
N TYR B 355 -40.75 -20.77 -29.87
CA TYR B 355 -40.14 -19.67 -30.61
C TYR B 355 -40.45 -19.73 -32.11
N TRP B 356 -40.76 -20.91 -32.64
CA TRP B 356 -41.14 -21.00 -34.05
C TRP B 356 -42.44 -20.24 -34.33
N ILE B 357 -43.40 -20.34 -33.40
CA ILE B 357 -44.66 -19.60 -33.52
C ILE B 357 -44.57 -18.20 -32.91
N ALA B 358 -43.50 -17.90 -32.17
CA ALA B 358 -43.31 -16.66 -31.43
C ALA B 358 -43.29 -15.35 -32.22
N PRO B 359 -42.65 -15.25 -33.41
CA PRO B 359 -42.50 -13.92 -34.03
C PRO B 359 -43.79 -13.12 -34.14
N CYS B 360 -44.93 -13.77 -34.24
CA CYS B 360 -46.21 -13.07 -34.16
C CYS B 360 -46.58 -12.74 -32.72
N SER B 361 -46.21 -13.61 -31.78
CA SER B 361 -46.62 -13.48 -30.38
C SER B 361 -45.82 -12.39 -29.68
N ARG B 362 -46.39 -11.87 -28.60
CA ARG B 362 -45.69 -10.91 -27.74
C ARG B 362 -44.59 -11.60 -26.95
N LEU B 363 -44.83 -12.86 -26.54
CA LEU B 363 -43.80 -13.62 -25.86
C LEU B 363 -42.57 -13.81 -26.74
N GLY B 364 -42.75 -13.81 -28.06
CA GLY B 364 -41.60 -13.79 -28.95
C GLY B 364 -40.74 -12.55 -28.76
N LYS B 365 -41.37 -11.40 -28.57
CA LYS B 365 -40.62 -10.19 -28.28
C LYS B 365 -39.97 -10.26 -26.91
N ILE B 366 -40.67 -10.84 -25.92
CA ILE B 366 -40.08 -11.00 -24.60
C ILE B 366 -38.83 -11.87 -24.67
N LEU B 367 -38.87 -12.92 -25.49
CA LEU B 367 -37.72 -13.81 -25.63
C LEU B 367 -36.60 -13.19 -26.46
N ARG B 368 -36.95 -12.34 -27.43
CA ARG B 368 -35.94 -11.75 -28.31
C ARG B 368 -35.12 -10.65 -27.62
N SER B 369 -35.56 -10.17 -26.46
CA SER B 369 -34.80 -9.16 -25.73
C SER B 369 -33.40 -9.69 -25.40
N PRO B 370 -32.39 -8.82 -25.38
CA PRO B 370 -31.03 -9.28 -25.08
C PRO B 370 -30.89 -9.94 -23.72
N PHE B 371 -31.60 -9.43 -22.71
CA PHE B 371 -31.50 -10.04 -21.38
C PHE B 371 -32.02 -11.47 -21.40
N MET B 372 -33.11 -11.73 -22.10
CA MET B 372 -33.62 -13.10 -22.17
C MET B 372 -32.75 -13.97 -23.05
N LYS B 373 -32.08 -13.41 -24.06
CA LYS B 373 -31.07 -14.18 -24.78
C LYS B 373 -29.96 -14.63 -23.84
N PHE B 374 -29.47 -13.71 -23.00
CA PHE B 374 -28.41 -14.06 -22.06
C PHE B 374 -28.88 -15.08 -21.04
N VAL B 375 -30.10 -14.92 -20.53
CA VAL B 375 -30.64 -15.87 -19.57
C VAL B 375 -30.81 -17.25 -20.22
N ALA B 376 -31.25 -17.27 -21.49
CA ALA B 376 -31.39 -18.54 -22.19
C ALA B 376 -30.04 -19.22 -22.37
N HIS B 377 -29.01 -18.47 -22.75
CA HIS B 377 -27.69 -19.06 -22.91
C HIS B 377 -27.14 -19.56 -21.59
N ALA B 378 -27.35 -18.80 -20.51
CA ALA B 378 -26.85 -19.24 -19.20
C ALA B 378 -27.57 -20.49 -18.72
N ALA B 379 -28.91 -20.52 -18.87
CA ALA B 379 -29.66 -21.72 -18.49
C ALA B 379 -29.30 -22.91 -19.37
N SER B 380 -28.98 -22.66 -20.64
CA SER B 380 -28.53 -23.73 -21.51
C SER B 380 -27.21 -24.31 -21.01
N PHE B 381 -26.26 -23.46 -20.68
CA PHE B 381 -24.98 -23.95 -20.15
C PHE B 381 -25.20 -24.69 -18.82
N ILE B 382 -26.14 -24.21 -18.00
CA ILE B 382 -26.46 -24.90 -16.77
C ILE B 382 -27.00 -26.30 -17.06
N ILE B 383 -27.88 -26.42 -18.05
CA ILE B 383 -28.39 -27.73 -18.43
C ILE B 383 -27.27 -28.63 -18.92
N PHE B 384 -26.30 -28.05 -19.64
CA PHE B 384 -25.17 -28.84 -20.12
C PHE B 384 -24.35 -29.39 -18.96
N LEU B 385 -24.05 -28.55 -17.97
CA LEU B 385 -23.32 -29.03 -16.80
C LEU B 385 -24.13 -30.07 -16.04
N GLY B 386 -25.44 -29.86 -15.93
CA GLY B 386 -26.28 -30.85 -15.27
C GLY B 386 -26.27 -32.17 -15.99
N LEU B 387 -26.21 -32.15 -17.32
CA LEU B 387 -26.11 -33.39 -18.09
C LEU B 387 -24.75 -34.06 -17.86
N LEU B 388 -23.67 -33.28 -17.89
CA LEU B 388 -22.35 -33.86 -17.62
C LEU B 388 -22.31 -34.54 -16.25
N VAL B 389 -22.95 -33.93 -15.26
CA VAL B 389 -22.96 -34.52 -13.92
C VAL B 389 -23.87 -35.75 -13.87
N PHE B 390 -25.09 -35.61 -14.40
CA PHE B 390 -26.08 -36.69 -14.29
C PHE B 390 -25.68 -37.91 -15.10
N ASN B 391 -24.86 -37.72 -16.13
CA ASN B 391 -24.35 -38.88 -16.86
C ASN B 391 -23.47 -39.76 -15.99
N ALA B 392 -22.77 -39.14 -15.03
CA ALA B 392 -21.95 -39.88 -14.08
C ALA B 392 -22.74 -40.38 -12.88
N SER B 393 -24.07 -40.35 -12.93
CA SER B 393 -24.86 -40.91 -11.86
C SER B 393 -24.75 -42.44 -11.86
N ASP B 394 -25.31 -43.06 -10.82
CA ASP B 394 -25.18 -44.48 -10.49
C ASP B 394 -23.76 -44.84 -10.09
N ARG B 395 -22.83 -43.90 -10.09
CA ARG B 395 -21.49 -44.10 -9.55
C ARG B 395 -21.17 -43.13 -8.43
N PHE B 396 -22.14 -42.31 -8.02
CA PHE B 396 -21.89 -41.30 -6.99
C PHE B 396 -21.40 -41.93 -5.70
N GLU B 397 -21.94 -43.09 -5.34
CA GLU B 397 -21.51 -43.81 -4.15
C GLU B 397 -20.53 -44.93 -4.47
N GLY B 398 -20.02 -44.99 -5.67
CA GLY B 398 -19.00 -45.97 -6.02
C GLY B 398 -19.53 -47.00 -7.01
N ILE B 399 -18.60 -47.54 -7.81
CA ILE B 399 -18.96 -48.61 -8.74
C ILE B 399 -19.38 -49.83 -7.93
N THR B 400 -20.33 -50.58 -8.48
CA THR B 400 -20.94 -51.68 -7.74
C THR B 400 -20.12 -52.96 -7.85
N THR B 401 -19.58 -53.23 -9.04
CA THR B 401 -18.81 -54.44 -9.30
C THR B 401 -17.33 -54.12 -9.40
N LEU B 402 -16.50 -55.03 -8.91
CA LEU B 402 -15.06 -54.83 -8.97
C LEU B 402 -14.58 -54.83 -10.43
N PRO B 403 -13.48 -54.14 -10.72
CA PRO B 403 -12.97 -54.14 -12.11
C PRO B 403 -12.58 -55.52 -12.61
N ASN B 404 -12.36 -56.50 -11.72
CA ASN B 404 -12.01 -57.83 -12.17
C ASN B 404 -13.19 -58.58 -12.76
N ILE B 405 -14.41 -58.25 -12.31
CA ILE B 405 -15.60 -59.02 -12.66
C ILE B 405 -16.21 -58.46 -13.93
N THR B 406 -16.75 -59.35 -14.76
CA THR B 406 -17.44 -58.98 -16.00
C THR B 406 -18.91 -59.38 -15.87
N VAL B 407 -19.81 -58.40 -16.00
CA VAL B 407 -21.25 -58.62 -15.93
C VAL B 407 -21.86 -58.23 -17.26
N THR B 408 -22.73 -59.09 -17.79
CA THR B 408 -23.36 -58.87 -19.08
C THR B 408 -24.85 -59.19 -18.97
N ASP B 409 -25.65 -58.47 -19.77
CA ASP B 409 -27.10 -58.65 -19.72
C ASP B 409 -27.50 -60.03 -20.23
N TYR B 410 -27.10 -60.37 -21.45
CA TYR B 410 -27.41 -61.67 -22.02
C TYR B 410 -26.12 -62.39 -22.42
N PRO B 411 -26.07 -63.71 -22.30
CA PRO B 411 -24.78 -64.43 -22.39
C PRO B 411 -24.03 -64.21 -23.70
N LYS B 412 -24.75 -64.10 -24.82
CA LYS B 412 -24.10 -64.10 -26.12
C LYS B 412 -23.30 -62.82 -26.40
N GLN B 413 -23.55 -61.75 -25.66
CA GLN B 413 -22.95 -60.46 -25.99
C GLN B 413 -21.53 -60.34 -25.46
N ILE B 414 -20.72 -59.58 -26.19
CA ILE B 414 -19.37 -59.25 -25.74
C ILE B 414 -19.44 -58.19 -24.65
N PHE B 415 -18.57 -58.32 -23.64
CA PHE B 415 -18.59 -57.38 -22.53
C PHE B 415 -18.23 -55.96 -22.97
N ARG B 416 -17.36 -55.82 -23.98
CA ARG B 416 -16.98 -54.48 -24.44
C ARG B 416 -18.15 -53.77 -25.11
N VAL B 417 -19.05 -54.51 -25.77
CA VAL B 417 -20.28 -53.91 -26.28
C VAL B 417 -21.08 -53.29 -25.13
N LYS B 418 -21.16 -54.00 -24.01
CA LYS B 418 -21.83 -53.48 -22.82
C LYS B 418 -21.10 -52.26 -22.24
N THR B 419 -19.77 -52.25 -22.32
CA THR B 419 -19.00 -51.18 -21.69
C THR B 419 -18.97 -49.89 -22.52
N THR B 420 -18.94 -50.00 -23.84
CA THR B 420 -18.71 -48.83 -24.69
C THR B 420 -19.97 -48.32 -25.39
N GLN B 421 -21.13 -48.90 -25.12
CA GLN B 421 -22.34 -48.44 -25.79
C GLN B 421 -22.72 -47.04 -25.33
N PHE B 422 -23.33 -46.27 -26.23
CA PHE B 422 -23.70 -44.90 -25.95
C PHE B 422 -25.03 -44.85 -25.20
N THR B 423 -25.02 -44.36 -23.97
CA THR B 423 -26.26 -44.09 -23.26
C THR B 423 -26.91 -42.83 -23.81
N TRP B 424 -28.18 -42.62 -23.43
CA TRP B 424 -28.96 -41.54 -24.03
C TRP B 424 -28.38 -40.18 -23.68
N THR B 425 -28.05 -39.96 -22.41
CA THR B 425 -27.49 -38.67 -22.02
C THR B 425 -26.15 -38.42 -22.71
N GLU B 426 -25.40 -39.48 -23.01
CA GLU B 426 -24.13 -39.30 -23.71
C GLU B 426 -24.34 -38.85 -25.15
N MET B 427 -25.36 -39.41 -25.82
CA MET B 427 -25.70 -38.94 -27.16
C MET B 427 -26.18 -37.50 -27.11
N LEU B 428 -26.90 -37.13 -26.06
CA LEU B 428 -27.32 -35.74 -25.91
C LEU B 428 -26.12 -34.81 -25.74
N ILE B 429 -25.12 -35.25 -24.96
CA ILE B 429 -23.88 -34.49 -24.84
C ILE B 429 -23.19 -34.37 -26.19
N MET B 430 -23.23 -35.44 -26.99
CA MET B 430 -22.60 -35.40 -28.30
C MET B 430 -23.26 -34.36 -29.20
N VAL B 431 -24.59 -34.35 -29.26
CA VAL B 431 -25.27 -33.37 -30.10
C VAL B 431 -25.04 -31.97 -29.56
N TRP B 432 -24.91 -31.83 -28.23
CA TRP B 432 -24.62 -30.53 -27.64
C TRP B 432 -23.26 -30.00 -28.07
N VAL B 433 -22.24 -30.86 -27.98
CA VAL B 433 -20.89 -30.46 -28.37
C VAL B 433 -20.84 -30.19 -29.87
N LEU B 434 -21.60 -30.93 -30.67
CA LEU B 434 -21.66 -30.65 -32.10
C LEU B 434 -22.26 -29.26 -32.36
N GLY B 435 -23.29 -28.90 -31.60
CA GLY B 435 -23.87 -27.57 -31.74
C GLY B 435 -22.91 -26.46 -31.36
N MET B 436 -22.25 -26.61 -30.21
CA MET B 436 -21.26 -25.62 -29.79
C MET B 436 -20.12 -25.52 -30.80
N MET B 437 -19.68 -26.66 -31.34
CA MET B 437 -18.62 -26.65 -32.33
C MET B 437 -19.08 -25.98 -33.61
N TRP B 438 -20.35 -26.16 -33.99
CA TRP B 438 -20.87 -25.48 -35.16
C TRP B 438 -20.85 -23.97 -34.96
N SER B 439 -21.31 -23.50 -33.80
CA SER B 439 -21.27 -22.06 -33.53
C SER B 439 -19.85 -21.52 -33.57
N GLU B 440 -18.90 -22.26 -32.96
CA GLU B 440 -17.53 -21.78 -32.89
C GLU B 440 -16.88 -21.78 -34.27
N CYS B 441 -17.13 -22.82 -35.09
CA CYS B 441 -16.61 -22.84 -36.45
C CYS B 441 -17.24 -21.76 -37.31
N LYS B 442 -18.50 -21.42 -37.05
CA LYS B 442 -19.13 -20.32 -37.77
C LYS B 442 -18.43 -19.00 -37.47
N GLU B 443 -18.19 -18.73 -36.19
CA GLU B 443 -17.49 -17.50 -35.85
C GLU B 443 -16.04 -17.53 -36.33
N LEU B 444 -15.42 -18.71 -36.41
CA LEU B 444 -14.09 -18.83 -36.98
C LEU B 444 -14.10 -18.49 -38.46
N TRP B 445 -15.09 -18.99 -39.20
CA TRP B 445 -15.19 -18.69 -40.62
C TRP B 445 -15.46 -17.21 -40.85
N LEU B 446 -16.24 -16.60 -39.97
CA LEU B 446 -16.56 -15.18 -40.12
C LEU B 446 -15.33 -14.31 -39.84
N GLU B 447 -14.77 -14.43 -38.63
CA GLU B 447 -13.68 -13.54 -38.25
C GLU B 447 -12.36 -13.91 -38.90
N GLY B 448 -12.19 -15.16 -39.31
CA GLY B 448 -10.96 -15.60 -39.94
C GLY B 448 -9.96 -16.13 -38.94
N PRO B 449 -9.18 -17.14 -39.34
CA PRO B 449 -8.26 -17.79 -38.38
C PRO B 449 -7.31 -16.83 -37.68
N ARG B 450 -6.76 -15.86 -38.41
CA ARG B 450 -5.76 -14.95 -37.83
C ARG B 450 -6.36 -14.17 -36.66
N GLU B 451 -7.49 -13.51 -36.88
CA GLU B 451 -8.13 -12.77 -35.80
C GLU B 451 -8.75 -13.69 -34.76
N TYR B 452 -9.17 -14.89 -35.18
CA TYR B 452 -9.80 -15.83 -34.25
C TYR B 452 -8.81 -16.35 -33.22
N ILE B 453 -7.56 -16.59 -33.62
CA ILE B 453 -6.58 -17.16 -32.71
C ILE B 453 -6.04 -16.15 -31.70
N LEU B 454 -6.15 -14.84 -32.00
CA LEU B 454 -5.53 -13.83 -31.16
C LEU B 454 -6.06 -13.87 -29.72
N GLN B 455 -7.37 -13.93 -29.55
CA GLN B 455 -7.95 -14.00 -28.21
C GLN B 455 -7.67 -15.37 -27.61
N LEU B 456 -6.92 -15.40 -26.50
CA LEU B 456 -6.52 -16.68 -25.91
C LEU B 456 -7.71 -17.45 -25.37
N TRP B 457 -8.73 -16.75 -24.87
CA TRP B 457 -9.90 -17.45 -24.34
C TRP B 457 -10.64 -18.21 -25.43
N ASN B 458 -10.67 -17.65 -26.64
CA ASN B 458 -11.28 -18.37 -27.76
C ASN B 458 -10.48 -19.63 -28.09
N VAL B 459 -9.15 -19.55 -27.96
CA VAL B 459 -8.32 -20.75 -28.16
C VAL B 459 -8.64 -21.79 -27.09
N LEU B 460 -8.82 -21.35 -25.85
CA LEU B 460 -9.19 -22.30 -24.79
C LEU B 460 -10.52 -22.96 -25.09
N ASP B 461 -11.51 -22.18 -25.56
CA ASP B 461 -12.81 -22.73 -25.87
C ASP B 461 -12.73 -23.74 -27.03
N PHE B 462 -11.98 -23.39 -28.07
CA PHE B 462 -11.80 -24.29 -29.20
C PHE B 462 -11.12 -25.58 -28.75
N GLY B 463 -10.12 -25.48 -27.88
CA GLY B 463 -9.44 -26.67 -27.38
C GLY B 463 -10.34 -27.55 -26.54
N MET B 464 -11.19 -26.93 -25.71
CA MET B 464 -12.13 -27.70 -24.90
C MET B 464 -13.11 -28.47 -25.77
N LEU B 465 -13.69 -27.79 -26.76
CA LEU B 465 -14.61 -28.48 -27.67
C LEU B 465 -13.90 -29.56 -28.46
N SER B 466 -12.66 -29.31 -28.88
CA SER B 466 -11.90 -30.32 -29.61
C SER B 466 -11.59 -31.52 -28.72
N ILE B 467 -11.38 -31.31 -27.42
CA ILE B 467 -11.10 -32.43 -26.53
C ILE B 467 -12.36 -33.25 -26.31
N PHE B 468 -13.52 -32.60 -26.21
CA PHE B 468 -14.78 -33.35 -26.19
C PHE B 468 -14.93 -34.19 -27.46
N ILE B 469 -14.64 -33.60 -28.62
CA ILE B 469 -14.72 -34.33 -29.88
C ILE B 469 -13.77 -35.53 -29.86
N ALA B 470 -12.57 -35.34 -29.32
CA ALA B 470 -11.59 -36.42 -29.26
C ALA B 470 -12.06 -37.55 -28.37
N ALA B 471 -12.61 -37.22 -27.20
CA ALA B 471 -13.11 -38.25 -26.30
C ALA B 471 -14.23 -39.05 -26.95
N PHE B 472 -15.17 -38.36 -27.61
CA PHE B 472 -16.27 -39.08 -28.24
C PHE B 472 -15.82 -39.89 -29.45
N THR B 473 -14.80 -39.41 -30.18
CA THR B 473 -14.26 -40.18 -31.30
C THR B 473 -13.61 -41.47 -30.80
N ALA B 474 -12.80 -41.38 -29.74
CA ALA B 474 -12.17 -42.58 -29.19
C ALA B 474 -13.21 -43.55 -28.66
N ARG B 475 -14.24 -43.04 -27.98
CA ARG B 475 -15.32 -43.90 -27.51
C ARG B 475 -16.02 -44.59 -28.68
N PHE B 476 -16.23 -43.85 -29.78
CA PHE B 476 -16.90 -44.44 -30.93
C PHE B 476 -16.04 -45.52 -31.60
N LEU B 477 -14.71 -45.32 -31.63
CA LEU B 477 -13.84 -46.35 -32.19
C LEU B 477 -13.87 -47.61 -31.32
N ALA B 478 -13.82 -47.45 -30.00
CA ALA B 478 -13.94 -48.59 -29.11
C ALA B 478 -15.28 -49.30 -29.32
N PHE B 479 -16.35 -48.54 -29.51
CA PHE B 479 -17.66 -49.13 -29.75
C PHE B 479 -17.70 -49.89 -31.08
N LEU B 480 -17.06 -49.36 -32.11
CA LEU B 480 -17.02 -50.05 -33.39
C LEU B 480 -16.28 -51.39 -33.28
N GLN B 481 -15.13 -51.38 -32.59
CA GLN B 481 -14.41 -52.64 -32.39
C GLN B 481 -15.23 -53.63 -31.57
N ALA B 482 -15.93 -53.13 -30.54
CA ALA B 482 -16.74 -54.01 -29.71
C ALA B 482 -17.88 -54.64 -30.52
N THR B 483 -18.57 -53.84 -31.33
CA THR B 483 -19.68 -54.39 -32.10
C THR B 483 -19.20 -55.29 -33.21
N LYS B 484 -18.00 -55.06 -33.74
CA LYS B 484 -17.44 -56.02 -34.70
C LYS B 484 -17.15 -57.36 -34.04
N ALA B 485 -16.62 -57.34 -32.81
CA ALA B 485 -16.43 -58.58 -32.08
C ALA B 485 -17.76 -59.27 -31.81
N GLN B 486 -18.77 -58.51 -31.41
CA GLN B 486 -20.10 -59.08 -31.18
C GLN B 486 -20.67 -59.70 -32.45
N GLN B 487 -20.47 -59.03 -33.60
CA GLN B 487 -20.95 -59.57 -34.86
C GLN B 487 -20.25 -60.87 -35.21
N TYR B 488 -18.93 -60.94 -35.01
CA TYR B 488 -18.21 -62.18 -35.22
C TYR B 488 -18.76 -63.29 -34.34
N VAL B 489 -18.97 -63.01 -33.06
CA VAL B 489 -19.43 -64.03 -32.12
C VAL B 489 -20.81 -64.54 -32.54
N ASP B 490 -21.71 -63.63 -32.88
CA ASP B 490 -23.06 -64.05 -33.24
C ASP B 490 -23.08 -64.76 -34.59
N SER B 491 -22.15 -64.43 -35.48
CA SER B 491 -22.17 -64.99 -36.82
C SER B 491 -21.58 -66.40 -36.86
N TYR B 492 -20.40 -66.58 -36.28
CA TYR B 492 -19.64 -67.79 -36.57
C TYR B 492 -19.77 -68.89 -35.53
N VAL B 493 -19.97 -68.58 -34.25
CA VAL B 493 -19.99 -69.60 -33.20
C VAL B 493 -21.41 -69.78 -32.70
N GLN B 494 -21.75 -71.01 -32.37
CA GLN B 494 -23.09 -71.38 -31.89
C GLN B 494 -22.96 -72.09 -30.55
N GLU B 495 -23.63 -71.57 -29.53
CA GLU B 495 -23.65 -72.16 -28.20
C GLU B 495 -24.70 -71.42 -27.38
N SER B 496 -24.92 -71.93 -26.16
CA SER B 496 -25.88 -71.29 -25.26
C SER B 496 -25.24 -70.11 -24.54
N ASP B 497 -24.12 -70.33 -23.86
CA ASP B 497 -23.40 -69.28 -23.14
C ASP B 497 -22.03 -69.10 -23.77
N LEU B 498 -21.59 -67.84 -23.84
CA LEU B 498 -20.30 -67.54 -24.45
C LEU B 498 -19.14 -68.01 -23.59
N SER B 499 -19.32 -68.07 -22.26
CA SER B 499 -18.22 -68.39 -21.36
C SER B 499 -17.62 -69.76 -21.66
N GLU B 500 -18.48 -70.75 -21.95
CA GLU B 500 -17.99 -72.10 -22.20
C GLU B 500 -17.17 -72.18 -23.48
N VAL B 501 -17.42 -71.29 -24.44
CA VAL B 501 -16.77 -71.36 -25.74
C VAL B 501 -15.35 -70.81 -25.63
N THR B 502 -14.46 -71.35 -26.47
CA THR B 502 -13.13 -70.79 -26.67
C THR B 502 -13.10 -70.09 -28.02
N LEU B 503 -12.64 -68.85 -28.04
CA LEU B 503 -12.71 -67.98 -29.20
C LEU B 503 -11.32 -67.65 -29.73
N PRO B 504 -11.22 -67.16 -30.96
CA PRO B 504 -9.94 -66.64 -31.42
C PRO B 504 -9.50 -65.48 -30.57
N PRO B 505 -8.19 -65.28 -30.40
CA PRO B 505 -7.71 -64.33 -29.38
C PRO B 505 -8.01 -62.89 -29.71
N GLU B 506 -7.90 -62.49 -30.99
CA GLU B 506 -8.19 -61.11 -31.34
C GLU B 506 -9.64 -60.75 -31.01
N ILE B 507 -10.56 -61.69 -31.17
CA ILE B 507 -11.95 -61.45 -30.82
C ILE B 507 -12.18 -61.68 -29.33
N GLN B 508 -11.49 -62.66 -28.75
CA GLN B 508 -11.68 -62.98 -27.33
C GLN B 508 -11.21 -61.84 -26.42
N TYR B 509 -10.24 -61.04 -26.88
CA TYR B 509 -9.74 -59.93 -26.07
C TYR B 509 -10.84 -59.00 -25.61
N PHE B 510 -11.91 -58.87 -26.40
CA PHE B 510 -13.01 -57.99 -26.03
C PHE B 510 -13.89 -58.57 -24.93
N THR B 511 -13.59 -59.76 -24.43
CA THR B 511 -14.29 -60.32 -23.28
C THR B 511 -13.58 -60.05 -21.97
N TYR B 512 -12.42 -59.40 -22.01
CA TYR B 512 -11.63 -59.16 -20.82
C TYR B 512 -12.20 -58.03 -19.97
N ALA B 513 -11.90 -58.09 -18.68
CA ALA B 513 -12.38 -57.10 -17.71
C ALA B 513 -11.50 -55.85 -17.77
N ARG B 514 -11.70 -54.95 -16.81
CA ARG B 514 -11.01 -53.67 -16.86
C ARG B 514 -9.51 -53.84 -16.71
N ASP B 515 -9.08 -54.75 -15.83
CA ASP B 515 -7.68 -54.84 -15.52
C ASP B 515 -6.87 -55.33 -16.70
N LYS B 516 -7.38 -56.33 -17.40
CA LYS B 516 -6.60 -56.92 -18.48
C LYS B 516 -6.32 -55.91 -19.59
N TRP B 517 -7.19 -54.90 -19.72
CA TRP B 517 -7.27 -54.01 -20.88
C TRP B 517 -5.94 -53.43 -21.35
N LEU B 518 -5.72 -53.43 -22.67
CA LEU B 518 -4.47 -52.90 -23.20
C LEU B 518 -4.26 -51.45 -22.72
N PRO B 519 -3.03 -51.07 -22.36
CA PRO B 519 -2.80 -49.70 -21.89
C PRO B 519 -3.24 -48.62 -22.87
N SER B 520 -3.14 -48.87 -24.17
CA SER B 520 -3.52 -47.89 -25.19
C SER B 520 -4.89 -48.17 -25.78
N ASP B 521 -5.78 -48.79 -25.00
CA ASP B 521 -7.14 -49.02 -25.46
C ASP B 521 -7.81 -47.70 -25.78
N PRO B 522 -8.61 -47.62 -26.85
CA PRO B 522 -9.25 -46.33 -27.18
C PRO B 522 -10.20 -45.83 -26.11
N GLN B 523 -10.79 -46.72 -25.31
CA GLN B 523 -11.73 -46.27 -24.29
C GLN B 523 -11.00 -45.64 -23.11
N ILE B 524 -9.77 -46.07 -22.82
CA ILE B 524 -8.96 -45.40 -21.80
C ILE B 524 -8.66 -43.97 -22.22
N ILE B 525 -8.26 -43.81 -23.48
CA ILE B 525 -8.06 -42.47 -24.05
C ILE B 525 -9.35 -41.67 -23.96
N SER B 526 -10.48 -42.32 -24.23
CA SER B 526 -11.78 -41.64 -24.18
C SER B 526 -12.06 -41.14 -22.78
N GLU B 527 -11.86 -41.98 -21.76
CA GLU B 527 -12.13 -41.57 -20.39
C GLU B 527 -11.22 -40.43 -19.96
N GLY B 528 -9.94 -40.50 -20.31
CA GLY B 528 -9.02 -39.43 -19.92
C GLY B 528 -9.38 -38.12 -20.57
N LEU B 529 -9.57 -38.12 -21.89
CA LEU B 529 -9.92 -36.90 -22.59
C LEU B 529 -11.28 -36.37 -22.13
N TYR B 530 -12.21 -37.26 -21.75
CA TYR B 530 -13.52 -36.80 -21.28
C TYR B 530 -13.40 -36.12 -19.93
N ALA B 531 -12.57 -36.66 -19.03
CA ALA B 531 -12.35 -35.98 -17.75
C ALA B 531 -11.72 -34.61 -17.96
N ILE B 532 -10.70 -34.51 -18.81
CA ILE B 532 -10.10 -33.21 -19.08
C ILE B 532 -11.12 -32.26 -19.68
N ALA B 533 -11.97 -32.76 -20.57
CA ALA B 533 -12.97 -31.91 -21.22
C ALA B 533 -14.01 -31.42 -20.23
N VAL B 534 -14.40 -32.26 -19.26
CA VAL B 534 -15.36 -31.82 -18.24
C VAL B 534 -14.74 -30.72 -17.38
N VAL B 535 -13.50 -30.94 -16.93
CA VAL B 535 -12.83 -29.93 -16.10
C VAL B 535 -12.73 -28.60 -16.86
N LEU B 536 -12.42 -28.67 -18.16
CA LEU B 536 -12.33 -27.43 -18.94
C LEU B 536 -13.71 -26.83 -19.21
N SER B 537 -14.74 -27.66 -19.38
CA SER B 537 -16.06 -27.15 -19.69
C SER B 537 -16.65 -26.39 -18.52
N PHE B 538 -16.25 -26.75 -17.30
CA PHE B 538 -16.70 -25.97 -16.15
C PHE B 538 -16.15 -24.56 -16.16
N SER B 539 -15.13 -24.28 -16.97
CA SER B 539 -14.54 -22.94 -17.01
C SER B 539 -15.37 -21.93 -17.81
N ARG B 540 -16.39 -22.38 -18.54
CA ARG B 540 -17.20 -21.49 -19.34
C ARG B 540 -18.00 -20.47 -18.52
N ILE B 541 -17.97 -20.55 -17.19
CA ILE B 541 -18.62 -19.55 -16.34
C ILE B 541 -18.04 -18.15 -16.51
N ALA B 542 -16.89 -18.03 -17.19
CA ALA B 542 -16.33 -16.72 -17.43
C ALA B 542 -17.13 -15.94 -18.46
N TYR B 543 -17.85 -16.63 -19.34
CA TYR B 543 -18.74 -15.94 -20.27
C TYR B 543 -19.99 -15.40 -19.57
N ILE B 544 -20.28 -15.89 -18.36
CA ILE B 544 -21.52 -15.56 -17.68
C ILE B 544 -21.30 -14.62 -16.50
N LEU B 545 -20.17 -14.74 -15.80
CA LEU B 545 -19.97 -13.97 -14.57
C LEU B 545 -19.93 -12.46 -14.74
N PRO B 546 -19.33 -11.87 -15.79
CA PRO B 546 -19.24 -10.39 -15.84
C PRO B 546 -20.58 -9.67 -15.78
N ALA B 547 -21.70 -10.35 -16.10
CA ALA B 547 -23.00 -9.71 -16.01
C ALA B 547 -23.38 -9.38 -14.57
N ASN B 548 -22.87 -10.15 -13.61
CA ASN B 548 -23.20 -9.92 -12.20
C ASN B 548 -22.50 -8.69 -11.66
N GLU B 549 -23.13 -8.04 -10.68
CA GLU B 549 -22.58 -6.82 -10.11
C GLU B 549 -21.53 -7.10 -9.03
N SER B 550 -21.64 -8.22 -8.32
CA SER B 550 -20.71 -8.54 -7.25
C SER B 550 -19.56 -9.43 -7.69
N PHE B 551 -19.77 -10.30 -8.69
CA PHE B 551 -18.74 -11.24 -9.12
C PHE B 551 -17.93 -10.73 -10.30
N GLY B 552 -18.38 -9.69 -10.99
CA GLY B 552 -17.66 -9.12 -12.11
C GLY B 552 -16.28 -8.58 -11.75
N PRO B 553 -16.21 -7.61 -10.84
CA PRO B 553 -14.91 -7.03 -10.48
C PRO B 553 -13.93 -8.06 -9.93
N LEU B 554 -14.42 -9.04 -9.19
CA LEU B 554 -13.57 -10.13 -8.71
C LEU B 554 -12.96 -10.90 -9.87
N GLN B 555 -13.76 -11.16 -10.91
CA GLN B 555 -13.24 -11.84 -12.09
C GLN B 555 -12.21 -10.99 -12.82
N ILE B 556 -12.44 -9.68 -12.88
CA ILE B 556 -11.47 -8.78 -13.53
C ILE B 556 -10.13 -8.82 -12.80
N SER B 557 -10.17 -8.67 -11.48
CA SER B 557 -8.94 -8.73 -10.69
C SER B 557 -8.25 -10.08 -10.85
N LEU B 558 -9.02 -11.16 -10.86
CA LEU B 558 -8.43 -12.49 -11.03
C LEU B 558 -7.72 -12.59 -12.37
N GLY B 559 -8.34 -12.09 -13.43
CA GLY B 559 -7.69 -12.13 -14.74
C GLY B 559 -6.37 -11.38 -14.75
N ARG B 560 -6.35 -10.18 -14.15
CA ARG B 560 -5.11 -9.41 -14.09
C ARG B 560 -4.01 -10.16 -13.35
N THR B 561 -4.36 -10.73 -12.19
CA THR B 561 -3.36 -11.47 -11.43
C THR B 561 -2.84 -12.67 -12.21
N VAL B 562 -3.72 -13.34 -12.96
CA VAL B 562 -3.28 -14.46 -13.80
C VAL B 562 -2.30 -13.97 -14.87
N LYS B 563 -2.57 -12.80 -15.44
CA LYS B 563 -1.68 -12.27 -16.47
C LYS B 563 -0.28 -12.01 -15.92
N ASP B 564 -0.18 -11.66 -14.63
CA ASP B 564 1.17 -11.55 -14.04
C ASP B 564 1.74 -12.91 -13.61
N ILE B 565 0.85 -13.81 -13.17
CA ILE B 565 1.25 -15.15 -12.77
C ILE B 565 1.93 -15.88 -13.90
N PHE B 566 1.56 -15.57 -15.15
CA PHE B 566 2.23 -16.24 -16.27
C PHE B 566 3.73 -15.95 -16.29
N LYS B 567 4.11 -14.67 -16.16
CA LYS B 567 5.53 -14.33 -16.16
C LYS B 567 6.25 -14.94 -14.96
N PHE B 568 5.63 -14.85 -13.78
CA PHE B 568 6.34 -15.42 -12.63
C PHE B 568 6.42 -16.94 -12.72
N MET B 569 5.45 -17.59 -13.39
CA MET B 569 5.56 -19.02 -13.62
C MET B 569 6.64 -19.36 -14.63
N VAL B 570 6.90 -18.47 -15.59
CA VAL B 570 8.04 -18.69 -16.50
C VAL B 570 9.35 -18.69 -15.71
N LEU B 571 9.49 -17.74 -14.78
CA LEU B 571 10.69 -17.76 -13.93
C LEU B 571 10.74 -19.03 -13.08
N PHE B 572 9.59 -19.40 -12.50
CA PHE B 572 9.48 -20.68 -11.80
C PHE B 572 10.01 -21.82 -12.65
N ILE B 573 9.63 -21.86 -13.93
CA ILE B 573 10.02 -22.95 -14.81
C ILE B 573 11.53 -22.96 -15.02
N MET B 574 12.13 -21.78 -15.20
CA MET B 574 13.58 -21.72 -15.35
C MET B 574 14.29 -22.31 -14.12
N VAL B 575 13.94 -21.81 -12.93
CA VAL B 575 14.59 -22.29 -11.70
C VAL B 575 14.34 -23.78 -11.49
N PHE B 576 13.10 -24.21 -11.74
CA PHE B 576 12.71 -25.59 -11.53
C PHE B 576 13.48 -26.52 -12.45
N PHE B 577 13.63 -26.15 -13.72
CA PHE B 577 14.40 -26.98 -14.65
C PHE B 577 15.85 -27.04 -14.23
N ALA B 578 16.43 -25.92 -13.80
CA ALA B 578 17.79 -25.92 -13.28
C ALA B 578 17.95 -26.99 -12.20
N PHE B 579 17.13 -26.92 -11.15
CA PHE B 579 17.29 -27.84 -10.04
C PHE B 579 16.92 -29.27 -10.42
N MET B 580 15.96 -29.46 -11.32
CA MET B 580 15.61 -30.81 -11.76
C MET B 580 16.79 -31.48 -12.45
N ILE B 581 17.44 -30.77 -13.38
CA ILE B 581 18.58 -31.35 -14.08
C ILE B 581 19.72 -31.60 -13.10
N GLY B 582 19.95 -30.67 -12.17
CA GLY B 582 20.98 -30.90 -11.17
C GLY B 582 20.76 -32.15 -10.36
N MET B 583 19.56 -32.29 -9.78
CA MET B 583 19.28 -33.46 -8.94
C MET B 583 19.30 -34.75 -9.74
N PHE B 584 18.85 -34.70 -11.00
CA PHE B 584 18.87 -35.90 -11.83
C PHE B 584 20.30 -36.33 -12.12
N ILE B 585 21.16 -35.38 -12.54
CA ILE B 585 22.55 -35.71 -12.79
C ILE B 585 23.22 -36.23 -11.52
N LEU B 586 22.79 -35.76 -10.36
CA LEU B 586 23.38 -36.22 -9.11
C LEU B 586 22.96 -37.65 -8.79
N TYR B 587 21.66 -37.94 -8.84
CA TYR B 587 21.13 -39.19 -8.29
C TYR B 587 20.83 -40.26 -9.34
N SER B 588 21.08 -40.02 -10.63
CA SER B 588 20.69 -41.01 -11.62
C SER B 588 21.49 -42.31 -11.50
N TYR B 589 22.74 -42.22 -11.05
CA TYR B 589 23.57 -43.42 -10.94
C TYR B 589 23.15 -44.33 -9.79
N TYR B 590 22.37 -43.81 -8.84
CA TYR B 590 22.00 -44.54 -7.63
C TYR B 590 20.57 -45.06 -7.69
N LEU B 591 20.14 -45.58 -8.84
CA LEU B 591 18.74 -45.98 -8.99
C LEU B 591 18.36 -47.09 -8.01
N GLY B 592 19.11 -48.19 -8.01
CA GLY B 592 18.87 -49.21 -7.01
C GLY B 592 19.29 -48.83 -5.62
N ALA B 593 20.16 -47.82 -5.49
CA ALA B 593 20.71 -47.48 -4.18
C ALA B 593 19.74 -46.65 -3.33
N LYS B 594 19.04 -45.71 -3.91
CA LYS B 594 18.16 -44.87 -3.10
C LYS B 594 17.00 -45.61 -2.43
N VAL B 595 16.68 -45.21 -1.20
CA VAL B 595 15.57 -45.83 -0.48
C VAL B 595 14.25 -45.53 -1.17
N ASN B 596 14.13 -44.36 -1.79
CA ASN B 596 12.93 -43.94 -2.50
C ASN B 596 13.37 -43.49 -3.88
N ALA B 597 12.77 -44.08 -4.92
CA ALA B 597 13.18 -43.78 -6.29
C ALA B 597 12.72 -42.39 -6.71
N ALA B 598 13.26 -41.35 -6.06
CA ALA B 598 12.79 -39.99 -6.24
C ALA B 598 13.48 -39.28 -7.41
N PHE B 599 14.81 -39.20 -7.38
CA PHE B 599 15.57 -38.48 -8.40
C PHE B 599 16.27 -39.42 -9.38
N THR B 600 15.84 -40.68 -9.46
CA THR B 600 16.57 -41.65 -10.28
C THR B 600 16.39 -41.39 -11.77
N THR B 601 15.22 -40.91 -12.19
CA THR B 601 14.94 -40.61 -13.59
C THR B 601 14.48 -39.16 -13.70
N VAL B 602 14.45 -38.67 -14.94
CA VAL B 602 14.02 -37.28 -15.14
C VAL B 602 12.52 -37.14 -14.86
N GLU B 603 11.74 -38.18 -15.14
CA GLU B 603 10.32 -38.12 -14.82
C GLU B 603 10.09 -38.08 -13.32
N GLU B 604 10.74 -38.99 -12.59
CA GLU B 604 10.59 -39.02 -11.14
C GLU B 604 11.15 -37.76 -10.51
N SER B 605 12.24 -37.23 -11.07
CA SER B 605 12.82 -36.01 -10.53
C SER B 605 11.88 -34.82 -10.72
N PHE B 606 11.34 -34.65 -11.93
CA PHE B 606 10.33 -33.63 -12.16
C PHE B 606 9.13 -33.81 -11.23
N LYS B 607 8.69 -35.06 -11.05
CA LYS B 607 7.54 -35.33 -10.21
C LYS B 607 7.78 -34.89 -8.77
N THR B 608 8.89 -35.34 -8.17
CA THR B 608 9.13 -35.03 -6.77
C THR B 608 9.46 -33.55 -6.57
N LEU B 609 10.14 -32.92 -7.54
CA LEU B 609 10.45 -31.50 -7.37
C LEU B 609 9.21 -30.64 -7.54
N PHE B 610 8.25 -31.06 -8.36
CA PHE B 610 7.00 -30.32 -8.45
C PHE B 610 6.18 -30.50 -7.19
N TRP B 611 6.00 -31.75 -6.75
CA TRP B 611 5.20 -31.97 -5.56
C TRP B 611 5.87 -31.45 -4.29
N SER B 612 7.16 -31.09 -4.36
CA SER B 612 7.81 -30.43 -3.23
C SER B 612 7.32 -29.00 -3.05
N ILE B 613 6.80 -28.37 -4.11
CA ILE B 613 6.28 -27.01 -3.99
C ILE B 613 5.15 -26.97 -2.98
N PHE B 614 4.30 -27.99 -2.97
CA PHE B 614 3.15 -28.05 -2.08
C PHE B 614 3.41 -28.87 -0.83
N GLY B 615 4.67 -29.19 -0.54
CA GLY B 615 5.02 -29.94 0.65
C GLY B 615 4.54 -31.38 0.67
N LEU B 616 4.11 -31.92 -0.46
CA LEU B 616 3.55 -33.26 -0.52
C LEU B 616 4.58 -34.33 -0.82
N SER B 617 5.87 -33.98 -0.89
CA SER B 617 6.94 -34.94 -1.11
C SER B 617 7.83 -35.01 0.13
N GLU B 618 8.18 -36.23 0.52
CA GLU B 618 8.96 -36.46 1.73
C GLU B 618 10.37 -35.90 1.61
N VAL B 619 11.03 -35.77 2.77
CA VAL B 619 12.44 -35.39 2.81
C VAL B 619 13.35 -36.59 2.72
N THR B 620 12.81 -37.81 2.86
CA THR B 620 13.57 -39.04 2.67
C THR B 620 13.83 -39.34 1.19
N SER B 621 13.56 -38.38 0.30
CA SER B 621 13.84 -38.58 -1.11
C SER B 621 15.35 -38.64 -1.38
N VAL B 622 16.12 -37.83 -0.67
CA VAL B 622 17.53 -37.64 -0.99
C VAL B 622 18.46 -38.61 -0.26
N VAL B 623 17.97 -39.34 0.73
CA VAL B 623 18.82 -40.21 1.53
C VAL B 623 19.15 -41.48 0.73
N LEU B 624 20.34 -42.02 0.94
CA LEU B 624 20.85 -43.18 0.20
C LEU B 624 20.88 -44.41 1.10
N LYS B 625 20.70 -45.60 0.52
CA LYS B 625 21.03 -46.81 1.27
C LYS B 625 22.53 -46.99 1.40
N TYR B 626 23.30 -46.58 0.38
CA TYR B 626 24.73 -46.82 0.42
C TYR B 626 25.43 -45.85 1.37
N ASP B 627 26.59 -46.25 1.88
CA ASP B 627 27.38 -45.38 2.74
C ASP B 627 28.25 -44.43 1.90
N HIS B 628 27.57 -43.58 1.13
CA HIS B 628 28.17 -42.39 0.54
C HIS B 628 27.53 -41.16 1.17
N LYS B 629 28.34 -40.38 1.88
CA LYS B 629 27.84 -39.17 2.54
C LYS B 629 28.03 -37.90 1.72
N PHE B 630 29.02 -37.84 0.83
CA PHE B 630 29.19 -36.64 0.00
C PHE B 630 27.99 -36.40 -0.89
N ILE B 631 27.57 -37.43 -1.64
CA ILE B 631 26.44 -37.28 -2.56
C ILE B 631 25.16 -36.98 -1.79
N GLU B 632 24.94 -37.69 -0.68
CA GLU B 632 23.73 -37.50 0.10
C GLU B 632 23.68 -36.11 0.73
N ASN B 633 24.82 -35.61 1.20
CA ASN B 633 24.85 -34.28 1.79
C ASN B 633 24.65 -33.20 0.73
N ILE B 634 25.23 -33.39 -0.46
CA ILE B 634 24.98 -32.45 -1.54
C ILE B 634 23.52 -32.49 -1.96
N GLY B 635 22.89 -33.66 -1.89
CA GLY B 635 21.46 -33.73 -2.13
C GLY B 635 20.66 -32.96 -1.10
N TYR B 636 21.01 -33.12 0.18
CA TYR B 636 20.41 -32.31 1.24
C TYR B 636 20.52 -30.83 0.92
N VAL B 637 21.73 -30.37 0.60
CA VAL B 637 21.98 -28.95 0.40
C VAL B 637 21.21 -28.44 -0.82
N LEU B 638 21.24 -29.19 -1.93
CA LEU B 638 20.54 -28.75 -3.13
C LEU B 638 19.04 -28.72 -2.93
N TYR B 639 18.49 -29.72 -2.24
CA TYR B 639 17.05 -29.72 -1.97
C TYR B 639 16.65 -28.54 -1.09
N GLY B 640 17.44 -28.26 -0.04
CA GLY B 640 17.14 -27.10 0.79
C GLY B 640 17.23 -25.80 0.03
N ILE B 641 18.27 -25.64 -0.79
CA ILE B 641 18.41 -24.44 -1.60
C ILE B 641 17.22 -24.30 -2.54
N TYR B 642 16.74 -25.42 -3.10
CA TYR B 642 15.61 -25.37 -4.01
C TYR B 642 14.35 -24.90 -3.28
N ASN B 643 14.10 -25.43 -2.08
CA ASN B 643 12.94 -25.01 -1.32
C ASN B 643 13.02 -23.52 -0.98
N VAL B 644 14.19 -23.07 -0.53
CA VAL B 644 14.34 -21.65 -0.17
C VAL B 644 14.15 -20.76 -1.39
N THR B 645 14.66 -21.19 -2.55
CA THR B 645 14.52 -20.40 -3.76
C THR B 645 13.08 -20.33 -4.23
N MET B 646 12.36 -21.44 -4.13
CA MET B 646 10.93 -21.43 -4.47
C MET B 646 10.18 -20.48 -3.54
N VAL B 647 10.50 -20.49 -2.25
CA VAL B 647 9.85 -19.57 -1.31
C VAL B 647 10.15 -18.12 -1.67
N VAL B 648 11.40 -17.83 -2.02
CA VAL B 648 11.79 -16.46 -2.36
C VAL B 648 11.07 -16.00 -3.61
N VAL B 649 10.97 -16.87 -4.62
CA VAL B 649 10.29 -16.49 -5.86
C VAL B 649 8.81 -16.28 -5.61
N LEU B 650 8.20 -17.11 -4.75
CA LEU B 650 6.79 -16.90 -4.42
C LEU B 650 6.58 -15.57 -3.71
N LEU B 651 7.46 -15.22 -2.76
CA LEU B 651 7.32 -13.95 -2.06
C LEU B 651 7.49 -12.78 -3.02
N ASN B 652 8.45 -12.89 -3.95
CA ASN B 652 8.63 -11.82 -4.93
C ASN B 652 7.41 -11.68 -5.82
N MET B 653 6.82 -12.81 -6.24
CA MET B 653 5.59 -12.77 -7.02
C MET B 653 4.48 -12.05 -6.26
N LEU B 654 4.30 -12.40 -4.99
CA LEU B 654 3.25 -11.78 -4.19
C LEU B 654 3.46 -10.27 -4.07
N ILE B 655 4.70 -9.85 -3.82
CA ILE B 655 4.98 -8.42 -3.68
C ILE B 655 4.76 -7.69 -5.00
N ALA B 656 5.25 -8.26 -6.10
CA ALA B 656 5.06 -7.63 -7.40
C ALA B 656 3.58 -7.48 -7.73
N MET B 657 2.78 -8.50 -7.42
CA MET B 657 1.35 -8.41 -7.68
C MET B 657 0.69 -7.36 -6.80
N ILE B 658 1.10 -7.27 -5.53
CA ILE B 658 0.55 -6.25 -4.64
C ILE B 658 0.86 -4.86 -5.16
N ASN B 659 2.11 -4.63 -5.59
CA ASN B 659 2.47 -3.32 -6.12
C ASN B 659 1.74 -3.02 -7.42
N SER B 660 1.64 -4.00 -8.32
CA SER B 660 0.93 -3.82 -9.57
C SER B 660 -0.57 -3.66 -9.37
N SER B 661 -1.09 -3.98 -8.17
CA SER B 661 -2.51 -3.78 -7.90
C SER B 661 -2.88 -2.30 -7.91
N TYR B 662 -1.93 -1.42 -7.56
CA TYR B 662 -2.17 0.02 -7.65
C TYR B 662 -0.91 0.72 -8.16
N ASP B 667 -11.74 5.31 -9.59
CA ASP B 667 -12.71 4.27 -9.86
C ASP B 667 -12.36 3.48 -11.12
N ASP B 668 -11.07 3.19 -11.29
CA ASP B 668 -10.64 2.42 -12.45
C ASP B 668 -11.09 0.97 -12.36
N SER B 669 -11.07 0.41 -11.14
CA SER B 669 -11.58 -0.94 -10.95
C SER B 669 -13.07 -1.03 -11.26
N ASP B 670 -13.80 0.08 -11.18
CA ASP B 670 -15.20 0.07 -11.55
C ASP B 670 -15.38 0.20 -13.05
N VAL B 671 -14.59 1.07 -13.70
CA VAL B 671 -14.78 1.27 -15.14
C VAL B 671 -14.30 0.06 -15.92
N GLU B 672 -13.29 -0.66 -15.42
CA GLU B 672 -12.87 -1.89 -16.10
C GLU B 672 -13.98 -2.93 -16.08
N TRP B 673 -14.61 -3.12 -14.92
CA TRP B 673 -15.72 -4.06 -14.84
C TRP B 673 -16.90 -3.61 -15.70
N LYS B 674 -17.21 -2.32 -15.69
CA LYS B 674 -18.32 -1.83 -16.51
C LYS B 674 -18.01 -2.00 -17.99
N PHE B 675 -16.74 -1.86 -18.38
CA PHE B 675 -16.36 -2.08 -19.77
C PHE B 675 -16.52 -3.55 -20.15
N ALA B 676 -16.09 -4.46 -19.28
CA ALA B 676 -16.27 -5.88 -19.56
C ALA B 676 -17.75 -6.25 -19.66
N ARG B 677 -18.56 -5.71 -18.76
CA ARG B 677 -19.99 -6.00 -18.80
C ARG B 677 -20.64 -5.41 -20.04
N SER B 678 -20.17 -4.23 -20.49
CA SER B 678 -20.73 -3.63 -21.70
C SER B 678 -20.35 -4.44 -22.94
N LYS B 679 -19.15 -5.01 -22.95
CA LYS B 679 -18.81 -5.94 -24.03
C LYS B 679 -19.72 -7.15 -24.00
N LEU B 680 -19.99 -7.69 -22.81
CA LEU B 680 -20.90 -8.81 -22.69
C LEU B 680 -22.29 -8.45 -23.21
N TRP B 681 -22.77 -7.25 -22.91
CA TRP B 681 -24.07 -6.82 -23.39
C TRP B 681 -24.10 -6.69 -24.91
N LEU B 682 -23.14 -5.96 -25.48
CA LEU B 682 -23.11 -5.77 -26.92
C LEU B 682 -22.93 -7.09 -27.66
N SER B 683 -22.37 -8.11 -27.01
CA SER B 683 -22.31 -9.42 -27.66
C SER B 683 -23.71 -10.00 -27.88
N TYR B 684 -24.68 -9.60 -27.05
CA TYR B 684 -26.04 -10.10 -27.18
C TYR B 684 -27.00 -9.12 -27.85
N PHE B 685 -26.65 -7.84 -27.94
CA PHE B 685 -27.51 -6.88 -28.63
C PHE B 685 -27.81 -7.33 -30.06
N ASP B 686 -26.78 -7.79 -30.77
CA ASP B 686 -26.95 -8.29 -32.12
C ASP B 686 -25.87 -9.32 -32.46
N LYS B 689 -27.55 -14.44 -32.62
CA LYS B 689 -27.45 -15.18 -31.37
C LYS B 689 -28.78 -15.15 -30.63
N THR B 690 -29.81 -15.79 -31.20
CA THR B 690 -31.13 -15.78 -30.60
C THR B 690 -31.38 -17.01 -29.72
N LEU B 691 -31.01 -18.19 -30.20
CA LEU B 691 -31.26 -19.42 -29.46
C LEU B 691 -29.95 -20.05 -29.01
N PRO B 692 -29.97 -20.80 -27.90
CA PRO B 692 -28.74 -21.38 -27.36
C PRO B 692 -28.11 -22.38 -28.32
N PRO B 693 -26.87 -22.79 -28.06
CA PRO B 693 -26.17 -23.73 -28.96
C PRO B 693 -26.96 -25.00 -29.25
N PRO B 694 -27.61 -25.62 -28.25
CA PRO B 694 -28.35 -26.86 -28.58
C PRO B 694 -29.48 -26.65 -29.58
N PHE B 695 -30.20 -25.54 -29.48
CA PHE B 695 -31.35 -25.28 -30.34
C PHE B 695 -31.02 -24.35 -31.50
N SER B 696 -29.77 -23.88 -31.60
CA SER B 696 -29.36 -23.08 -32.74
C SER B 696 -28.97 -23.93 -33.94
N LEU B 697 -29.07 -25.26 -33.83
CA LEU B 697 -28.76 -26.10 -34.98
C LEU B 697 -29.91 -26.12 -35.99
N VAL B 698 -31.14 -26.09 -35.51
CA VAL B 698 -32.29 -26.09 -36.44
C VAL B 698 -32.30 -24.79 -37.22
N PRO B 699 -32.56 -24.81 -38.54
CA PRO B 699 -32.58 -23.61 -39.37
C PRO B 699 -33.99 -23.04 -39.57
N GLN B 759 -28.55 24.27 -44.93
CA GLN B 759 -29.06 23.49 -43.81
C GLN B 759 -28.10 22.35 -43.50
N PRO B 760 -27.32 22.48 -42.43
CA PRO B 760 -26.20 21.55 -42.21
C PRO B 760 -26.62 20.10 -42.07
N THR B 761 -27.33 19.78 -40.99
CA THR B 761 -27.93 18.47 -40.69
C THR B 761 -28.54 18.64 -39.31
N ARG B 762 -29.39 17.68 -38.93
CA ARG B 762 -29.77 17.59 -37.52
C ARG B 762 -28.58 17.15 -36.68
N TYR B 763 -27.86 16.12 -37.15
CA TYR B 763 -26.69 15.64 -36.41
C TYR B 763 -25.59 16.69 -36.34
N GLN B 764 -25.37 17.42 -37.44
CA GLN B 764 -24.37 18.48 -37.41
C GLN B 764 -24.76 19.60 -36.46
N GLN B 765 -26.07 19.89 -36.34
CA GLN B 765 -26.52 20.88 -35.38
C GLN B 765 -26.25 20.42 -33.95
N ILE B 766 -26.60 19.17 -33.64
CA ILE B 766 -26.34 18.65 -32.30
C ILE B 766 -24.85 18.67 -31.99
N MET B 767 -24.02 18.26 -32.95
CA MET B 767 -22.58 18.20 -32.70
C MET B 767 -21.99 19.58 -32.54
N LYS B 768 -22.46 20.55 -33.33
CA LYS B 768 -22.01 21.92 -33.17
C LYS B 768 -22.39 22.47 -31.80
N ARG B 769 -23.60 22.16 -31.33
CA ARG B 769 -23.99 22.60 -29.99
C ARG B 769 -23.10 22.00 -28.92
N LEU B 770 -22.83 20.69 -29.02
CA LEU B 770 -21.99 20.04 -28.01
C LEU B 770 -20.57 20.57 -28.02
N ILE B 771 -20.00 20.80 -29.20
CA ILE B 771 -18.64 21.32 -29.27
C ILE B 771 -18.58 22.76 -28.78
N LYS B 772 -19.63 23.54 -29.02
CA LYS B 772 -19.70 24.88 -28.45
C LYS B 772 -19.72 24.82 -26.94
N ARG B 773 -20.51 23.91 -26.37
CA ARG B 773 -20.51 23.73 -24.92
C ARG B 773 -19.12 23.36 -24.41
N TYR B 774 -18.42 22.49 -25.13
CA TYR B 774 -17.10 22.06 -24.67
C TYR B 774 -16.10 23.19 -24.70
N VAL B 775 -16.08 23.96 -25.80
CA VAL B 775 -15.17 25.10 -25.89
C VAL B 775 -15.47 26.12 -24.81
N LEU B 776 -16.76 26.39 -24.56
CA LEU B 776 -17.11 27.37 -23.53
C LEU B 776 -16.71 26.89 -22.15
N LYS B 777 -16.96 25.61 -21.85
CA LYS B 777 -16.58 25.07 -20.55
C LYS B 777 -15.07 25.12 -20.36
N ALA B 778 -14.31 24.79 -21.41
CA ALA B 778 -12.86 24.83 -21.29
C ALA B 778 -12.36 26.26 -21.08
N GLN B 779 -12.89 27.22 -21.83
CA GLN B 779 -12.46 28.61 -21.65
C GLN B 779 -12.82 29.14 -20.28
N VAL B 780 -14.02 28.80 -19.79
CA VAL B 780 -14.43 29.25 -18.46
C VAL B 780 -13.56 28.63 -17.39
N ASP B 781 -13.23 27.34 -17.53
CA ASP B 781 -12.37 26.67 -16.55
C ASP B 781 -10.97 27.27 -16.57
N LYS B 782 -10.48 27.66 -17.76
CA LYS B 782 -9.15 28.23 -17.84
C LYS B 782 -9.11 29.64 -17.23
N GLU B 783 -10.09 30.48 -17.59
CA GLU B 783 -10.10 31.85 -17.08
C GLU B 783 -10.37 31.89 -15.58
N ASN B 784 -11.23 31.00 -15.07
CA ASN B 784 -11.54 31.00 -13.64
C ASN B 784 -10.31 30.74 -12.79
N ASP B 785 -9.46 29.81 -13.23
CA ASP B 785 -8.24 29.47 -12.50
C ASP B 785 -7.20 30.59 -12.64
N THR C 22 -36.24 48.07 9.76
CA THR C 22 -35.13 48.41 10.64
C THR C 22 -35.55 49.43 11.70
N SER C 23 -35.41 49.05 12.97
CA SER C 23 -35.77 49.95 14.07
C SER C 23 -34.90 51.20 14.11
N LEU C 24 -33.71 51.17 13.50
CA LEU C 24 -32.81 52.30 13.55
C LEU C 24 -33.38 53.50 12.83
N THR C 25 -32.98 54.69 13.27
CA THR C 25 -33.40 55.93 12.63
C THR C 25 -32.42 56.29 11.52
N ALA C 26 -32.67 57.43 10.86
CA ALA C 26 -31.88 57.79 9.68
C ALA C 26 -30.51 58.33 10.05
N GLU C 27 -30.41 59.12 11.12
CA GLU C 27 -29.13 59.72 11.48
C GLU C 27 -28.12 58.67 11.91
N GLU C 28 -28.55 57.67 12.68
CA GLU C 28 -27.60 56.64 13.10
C GLU C 28 -27.24 55.71 11.95
N GLU C 29 -28.13 55.55 10.97
CA GLU C 29 -27.74 54.84 9.76
C GLU C 29 -26.69 55.62 8.98
N ARG C 30 -26.86 56.94 8.87
CA ARG C 30 -25.87 57.78 8.22
C ARG C 30 -24.53 57.70 8.96
N PHE C 31 -24.57 57.62 10.29
CA PHE C 31 -23.37 57.45 11.09
C PHE C 31 -22.72 56.09 10.81
N LEU C 32 -23.51 55.02 10.82
CA LEU C 32 -22.95 53.67 10.72
C LEU C 32 -22.41 53.37 9.34
N ASP C 33 -23.03 53.90 8.28
CA ASP C 33 -22.47 53.67 6.94
C ASP C 33 -21.07 54.23 6.83
N ALA C 34 -20.87 55.46 7.32
CA ALA C 34 -19.55 56.07 7.26
C ALA C 34 -18.57 55.37 8.20
N ALA C 35 -19.05 54.93 9.37
CA ALA C 35 -18.18 54.21 10.29
C ALA C 35 -17.71 52.88 9.69
N GLU C 36 -18.62 52.15 9.05
CA GLU C 36 -18.26 50.89 8.42
C GLU C 36 -17.33 51.11 7.25
N TYR C 37 -17.64 52.09 6.38
CA TYR C 37 -16.81 52.37 5.22
C TYR C 37 -15.64 53.29 5.52
N GLY C 38 -15.45 53.66 6.79
CA GLY C 38 -14.23 54.32 7.19
C GLY C 38 -14.08 55.78 6.81
N ASN C 39 -15.18 56.48 6.57
CA ASN C 39 -15.11 57.91 6.27
C ASN C 39 -14.94 58.67 7.58
N ILE C 40 -13.71 59.11 7.84
CA ILE C 40 -13.41 59.74 9.14
C ILE C 40 -14.18 61.04 9.35
N PRO C 41 -14.23 61.98 8.39
CA PRO C 41 -14.87 63.27 8.71
C PRO C 41 -16.37 63.18 8.96
N VAL C 42 -17.08 62.31 8.23
CA VAL C 42 -18.52 62.19 8.44
C VAL C 42 -18.82 61.68 9.84
N VAL C 43 -18.10 60.65 10.28
CA VAL C 43 -18.29 60.10 11.62
C VAL C 43 -17.91 61.13 12.68
N ARG C 44 -16.78 61.81 12.47
CA ARG C 44 -16.37 62.84 13.43
C ARG C 44 -17.43 63.92 13.57
N LYS C 45 -17.94 64.44 12.45
CA LYS C 45 -18.98 65.45 12.50
C LYS C 45 -20.25 64.92 13.15
N MET C 46 -20.57 63.65 12.90
CA MET C 46 -21.81 63.08 13.44
C MET C 46 -21.75 62.98 14.96
N LEU C 47 -20.65 62.46 15.50
CA LEU C 47 -20.59 62.24 16.94
C LEU C 47 -20.10 63.44 17.73
N GLU C 48 -19.86 64.58 17.08
CA GLU C 48 -19.42 65.80 17.77
C GLU C 48 -20.64 66.65 18.09
N GLU C 49 -21.02 66.67 19.37
CA GLU C 49 -22.00 67.58 19.97
C GLU C 49 -23.44 67.30 19.53
N SER C 50 -23.71 66.18 18.87
CA SER C 50 -25.09 65.82 18.58
C SER C 50 -25.81 65.38 19.85
N LYS C 51 -27.04 65.86 20.03
CA LYS C 51 -27.79 65.53 21.22
C LYS C 51 -28.21 64.06 21.22
N THR C 52 -28.75 63.59 20.09
CA THR C 52 -29.14 62.20 19.89
C THR C 52 -27.93 61.44 19.35
N LEU C 53 -28.16 60.27 18.74
CA LEU C 53 -27.11 59.45 18.11
C LEU C 53 -26.21 58.79 19.17
N ASN C 54 -26.85 58.13 20.13
CA ASN C 54 -26.13 57.26 21.06
C ASN C 54 -25.18 56.33 20.29
N VAL C 55 -23.93 56.27 20.75
CA VAL C 55 -22.91 55.51 20.02
C VAL C 55 -23.13 54.01 20.14
N ASN C 56 -23.95 53.55 21.08
CA ASN C 56 -24.19 52.13 21.29
C ASN C 56 -25.28 51.58 20.37
N CYS C 57 -25.57 52.26 19.26
CA CYS C 57 -26.66 51.86 18.38
C CYS C 57 -26.33 50.54 17.68
N VAL C 58 -27.28 50.05 16.90
CA VAL C 58 -27.16 48.74 16.25
C VAL C 58 -27.28 48.90 14.74
N ASP C 59 -27.14 47.80 13.99
CA ASP C 59 -27.08 47.86 12.54
C ASP C 59 -27.90 46.71 11.96
N TYR C 60 -27.81 46.55 10.64
CA TYR C 60 -28.63 45.56 9.94
C TYR C 60 -28.28 44.13 10.37
N MET C 61 -26.99 43.86 10.58
CA MET C 61 -26.54 42.53 10.99
C MET C 61 -26.50 42.36 12.50
N GLY C 62 -26.98 43.36 13.25
CA GLY C 62 -26.88 43.34 14.69
C GLY C 62 -25.56 43.82 15.23
N GLN C 63 -24.71 44.38 14.38
CA GLN C 63 -23.37 44.79 14.77
C GLN C 63 -23.43 46.15 15.48
N ASN C 64 -22.26 46.76 15.66
CA ASN C 64 -22.11 48.03 16.33
C ASN C 64 -21.21 48.93 15.49
N ALA C 65 -21.19 50.22 15.82
CA ALA C 65 -20.27 51.15 15.17
C ALA C 65 -18.83 50.73 15.37
N LEU C 66 -18.47 50.41 16.62
CA LEU C 66 -17.10 50.03 16.94
C LEU C 66 -16.71 48.73 16.25
N GLN C 67 -17.61 47.75 16.24
CA GLN C 67 -17.28 46.46 15.62
C GLN C 67 -17.18 46.60 14.10
N LEU C 68 -18.03 47.41 13.49
CA LEU C 68 -17.91 47.65 12.06
C LEU C 68 -16.63 48.40 11.73
N ALA C 69 -16.19 49.30 12.62
CA ALA C 69 -14.93 50.01 12.40
C ALA C 69 -13.74 49.08 12.53
N VAL C 70 -13.77 48.16 13.49
CA VAL C 70 -12.62 47.28 13.72
C VAL C 70 -12.59 46.14 12.70
N GLY C 71 -13.76 45.72 12.20
CA GLY C 71 -13.79 44.60 11.27
C GLY C 71 -13.00 44.85 10.01
N ASN C 72 -13.03 46.08 9.52
CA ASN C 72 -12.21 46.53 8.41
C ASN C 72 -11.26 47.58 8.96
N GLU C 73 -9.96 47.28 8.95
CA GLU C 73 -8.99 48.01 9.75
C GLU C 73 -9.05 49.53 9.52
N HIS C 74 -9.47 50.25 10.54
CA HIS C 74 -9.58 51.71 10.52
C HIS C 74 -9.20 52.20 11.92
N LEU C 75 -7.92 52.53 12.10
CA LEU C 75 -7.45 52.98 13.40
C LEU C 75 -8.05 54.33 13.77
N GLU C 76 -8.24 55.21 12.80
CA GLU C 76 -8.78 56.53 13.08
C GLU C 76 -10.22 56.44 13.58
N VAL C 77 -11.07 55.71 12.84
CA VAL C 77 -12.48 55.60 13.22
C VAL C 77 -12.61 54.91 14.57
N THR C 78 -11.82 53.85 14.79
CA THR C 78 -11.88 53.16 16.07
C THR C 78 -11.43 54.06 17.22
N GLU C 79 -10.39 54.87 16.99
CA GLU C 79 -9.93 55.77 18.04
C GLU C 79 -10.98 56.82 18.37
N LEU C 80 -11.56 57.45 17.34
CA LEU C 80 -12.55 58.50 17.59
C LEU C 80 -13.82 57.92 18.23
N LEU C 81 -14.16 56.66 17.92
CA LEU C 81 -15.25 56.01 18.63
C LEU C 81 -14.86 55.73 20.09
N LEU C 82 -13.61 55.32 20.32
CA LEU C 82 -13.14 55.05 21.68
C LEU C 82 -13.09 56.31 22.53
N LYS C 83 -13.01 57.49 21.90
CA LYS C 83 -13.03 58.73 22.67
C LYS C 83 -14.29 58.82 23.54
N LYS C 84 -15.41 58.30 23.05
CA LYS C 84 -16.65 58.33 23.79
C LYS C 84 -16.55 57.51 25.07
N GLU C 85 -17.10 58.04 26.17
CA GLU C 85 -16.95 57.39 27.46
C GLU C 85 -17.75 56.11 27.54
N ASN C 86 -19.05 56.17 27.22
CA ASN C 86 -19.94 55.01 27.32
C ASN C 86 -20.07 54.39 25.93
N LEU C 87 -19.29 53.35 25.67
CA LEU C 87 -19.33 52.63 24.41
C LEU C 87 -19.48 51.14 24.71
N ALA C 88 -20.44 50.49 24.05
CA ALA C 88 -20.77 49.11 24.35
C ALA C 88 -19.99 48.15 23.47
N ARG C 89 -19.81 46.93 23.98
CA ARG C 89 -19.17 45.83 23.25
C ARG C 89 -17.72 46.18 22.89
N ILE C 90 -16.96 46.63 23.89
CA ILE C 90 -15.55 46.90 23.69
C ILE C 90 -14.75 45.60 23.64
N GLY C 91 -15.08 44.66 24.54
CA GLY C 91 -14.35 43.39 24.56
C GLY C 91 -14.53 42.60 23.28
N ASP C 92 -15.71 42.64 22.69
CA ASP C 92 -15.91 42.00 21.39
C ASP C 92 -15.02 42.63 20.33
N ALA C 93 -14.89 43.96 20.36
CA ALA C 93 -14.01 44.62 19.41
C ALA C 93 -12.56 44.19 19.62
N LEU C 94 -12.15 44.04 20.88
CA LEU C 94 -10.80 43.57 21.17
C LEU C 94 -10.58 42.16 20.64
N LEU C 95 -11.53 41.26 20.88
CA LEU C 95 -11.41 39.90 20.37
C LEU C 95 -11.41 39.86 18.85
N LEU C 96 -12.17 40.75 18.21
CA LEU C 96 -12.17 40.80 16.75
C LEU C 96 -10.84 41.32 16.22
N ALA C 97 -10.24 42.30 16.90
CA ALA C 97 -8.95 42.82 16.47
C ALA C 97 -7.85 41.78 16.70
N ILE C 98 -7.94 41.03 17.79
CA ILE C 98 -6.96 39.99 18.07
C ILE C 98 -7.09 38.84 17.06
N SER C 99 -8.33 38.50 16.70
CA SER C 99 -8.55 37.47 15.69
C SER C 99 -7.84 37.80 14.38
N LYS C 100 -7.68 39.09 14.09
CA LYS C 100 -6.96 39.55 12.91
C LYS C 100 -5.61 40.11 13.33
N GLY C 101 -4.88 40.67 12.37
CA GLY C 101 -3.54 41.14 12.65
C GLY C 101 -3.42 42.62 12.94
N TYR C 102 -4.53 43.25 13.35
CA TYR C 102 -4.58 44.70 13.54
C TYR C 102 -4.01 45.02 14.92
N VAL C 103 -2.67 45.13 14.96
CA VAL C 103 -1.98 45.35 16.22
C VAL C 103 -2.25 46.77 16.75
N ARG C 104 -2.35 47.74 15.84
CA ARG C 104 -2.57 49.12 16.27
C ARG C 104 -3.94 49.28 16.92
N ILE C 105 -4.96 48.63 16.36
CA ILE C 105 -6.29 48.70 16.96
C ILE C 105 -6.28 48.03 18.32
N VAL C 106 -5.51 46.95 18.48
CA VAL C 106 -5.39 46.29 19.77
C VAL C 106 -4.74 47.21 20.79
N GLU C 107 -3.67 47.90 20.39
CA GLU C 107 -3.03 48.86 21.29
C GLU C 107 -4.01 49.96 21.69
N ALA C 108 -4.79 50.47 20.73
CA ALA C 108 -5.75 51.52 21.02
C ALA C 108 -6.80 51.04 22.01
N ILE C 109 -7.37 49.86 21.78
CA ILE C 109 -8.42 49.35 22.67
C ILE C 109 -7.85 49.02 24.06
N LEU C 110 -6.60 48.57 24.13
CA LEU C 110 -5.99 48.33 25.43
C LEU C 110 -5.71 49.62 26.17
N ASN C 111 -5.42 50.71 25.44
CA ASN C 111 -5.23 52.01 26.07
C ASN C 111 -6.54 52.61 26.61
N HIS C 112 -7.68 52.01 26.28
CA HIS C 112 -8.95 52.49 26.78
C HIS C 112 -8.95 52.48 28.31
N PRO C 113 -9.53 53.50 28.95
CA PRO C 113 -9.57 53.50 30.43
C PRO C 113 -10.42 52.38 31.02
N GLY C 114 -11.32 51.78 30.23
CA GLY C 114 -12.09 50.66 30.74
C GLY C 114 -11.23 49.46 31.07
N PHE C 115 -10.18 49.23 30.27
CA PHE C 115 -9.30 48.09 30.50
C PHE C 115 -8.25 48.39 31.57
N ALA C 116 -7.84 49.65 31.72
CA ALA C 116 -6.68 49.97 32.56
C ALA C 116 -6.95 49.66 34.02
N ALA C 117 -8.03 50.20 34.57
CA ALA C 117 -8.29 50.13 36.01
C ALA C 117 -9.18 48.95 36.38
N SER C 118 -9.29 47.94 35.52
CA SER C 118 -10.17 46.81 35.78
C SER C 118 -9.44 45.50 35.53
N LYS C 119 -10.01 44.42 36.07
CA LYS C 119 -9.52 43.07 35.85
C LYS C 119 -10.14 42.43 34.61
N ARG C 120 -10.82 43.22 33.77
CA ARG C 120 -11.58 42.67 32.65
C ARG C 120 -10.67 42.00 31.62
N LEU C 121 -9.46 42.52 31.43
CA LEU C 121 -8.58 41.98 30.38
C LEU C 121 -8.14 40.55 30.70
N THR C 122 -7.79 40.28 31.95
CA THR C 122 -7.22 38.97 32.29
C THR C 122 -8.28 37.89 32.29
N LEU C 123 -9.32 38.03 33.10
CA LEU C 123 -10.27 36.95 33.34
C LEU C 123 -11.23 36.78 32.16
N SER C 124 -11.71 35.55 32.00
CA SER C 124 -12.51 35.17 30.84
C SER C 124 -13.89 35.82 30.89
N PRO C 125 -14.53 36.02 29.73
CA PRO C 125 -15.90 36.58 29.72
C PRO C 125 -16.90 35.73 30.49
N CYS C 126 -16.68 34.43 30.60
CA CYS C 126 -17.65 33.56 31.25
C CYS C 126 -17.75 33.84 32.75
N GLU C 127 -16.61 34.09 33.41
CA GLU C 127 -16.56 34.20 34.86
C GLU C 127 -15.93 35.51 35.34
N GLN C 128 -15.91 36.55 34.51
CA GLN C 128 -15.22 37.78 34.87
C GLN C 128 -15.92 38.50 36.01
N GLU C 129 -17.24 38.65 35.91
CA GLU C 129 -18.00 39.45 36.87
C GLU C 129 -19.45 38.97 36.82
N LEU C 130 -20.36 39.79 37.36
CA LEU C 130 -21.78 39.52 37.19
C LEU C 130 -22.17 39.49 35.72
N GLN C 131 -21.43 40.22 34.89
CA GLN C 131 -21.59 40.24 33.43
C GLN C 131 -22.92 40.83 32.99
N ASP C 132 -23.52 41.69 33.80
CA ASP C 132 -24.71 42.42 33.36
C ASP C 132 -24.36 43.35 32.19
N ASP C 133 -23.17 43.94 32.23
CA ASP C 133 -22.73 44.80 31.13
C ASP C 133 -22.35 43.95 29.92
N ASP C 134 -22.66 44.46 28.74
CA ASP C 134 -22.33 43.78 27.48
C ASP C 134 -20.90 44.13 27.06
N PHE C 135 -19.95 43.71 27.90
CA PHE C 135 -18.55 43.99 27.62
C PHE C 135 -18.04 43.15 26.45
N TYR C 136 -18.24 41.83 26.52
CA TYR C 136 -17.77 40.92 25.48
C TYR C 136 -18.89 40.43 24.58
N ALA C 137 -20.06 41.04 24.65
CA ALA C 137 -21.21 40.53 23.94
C ALA C 137 -21.03 40.60 22.42
N TYR C 138 -21.62 39.62 21.74
CA TYR C 138 -21.80 39.58 20.30
C TYR C 138 -23.30 39.77 20.07
N ASP C 139 -23.76 39.54 18.83
CA ASP C 139 -24.97 40.16 18.29
C ASP C 139 -26.09 40.31 19.31
N GLU C 140 -26.72 39.20 19.73
CA GLU C 140 -27.67 39.30 20.83
C GLU C 140 -27.53 38.15 21.81
N ASP C 141 -27.28 36.93 21.33
CA ASP C 141 -27.45 35.75 22.16
C ASP C 141 -26.21 35.39 22.95
N GLY C 142 -25.04 35.37 22.32
CA GLY C 142 -23.84 34.93 22.99
C GLY C 142 -22.62 35.68 22.53
N THR C 143 -21.46 35.27 23.03
CA THR C 143 -20.19 35.88 22.68
C THR C 143 -19.77 35.44 21.28
N ARG C 144 -18.83 36.19 20.69
CA ARG C 144 -18.32 35.87 19.36
C ARG C 144 -17.66 34.49 19.35
N PHE C 145 -16.77 34.24 20.29
CA PHE C 145 -16.11 32.95 20.44
C PHE C 145 -16.67 32.24 21.67
N SER C 146 -16.05 31.10 22.01
CA SER C 146 -16.47 30.38 23.20
C SER C 146 -16.36 31.28 24.42
N PRO C 147 -17.30 31.21 25.37
CA PRO C 147 -17.22 32.07 26.56
C PRO C 147 -15.97 31.84 27.39
N ASP C 148 -15.30 30.70 27.22
CA ASP C 148 -14.09 30.42 27.98
C ASP C 148 -12.87 31.15 27.42
N ILE C 149 -12.85 31.42 26.12
CA ILE C 149 -11.68 32.01 25.49
C ILE C 149 -11.48 33.44 25.97
N THR C 150 -10.25 33.76 26.36
CA THR C 150 -9.84 35.09 26.76
C THR C 150 -9.13 35.78 25.60
N PRO C 151 -8.85 37.08 25.71
CA PRO C 151 -8.03 37.72 24.66
C PRO C 151 -6.65 37.08 24.49
N ILE C 152 -5.99 36.70 25.59
CA ILE C 152 -4.66 36.11 25.48
C ILE C 152 -4.74 34.69 24.93
N ILE C 153 -5.73 33.92 25.37
CA ILE C 153 -5.93 32.58 24.82
C ILE C 153 -6.22 32.65 23.34
N LEU C 154 -7.01 33.63 22.91
CA LEU C 154 -7.32 33.77 21.49
C LEU C 154 -6.08 34.21 20.70
N ALA C 155 -5.28 35.10 21.28
CA ALA C 155 -4.05 35.51 20.62
C ALA C 155 -3.11 34.33 20.44
N ALA C 156 -3.02 33.46 21.45
CA ALA C 156 -2.18 32.27 21.33
C ALA C 156 -2.74 31.31 20.30
N HIS C 157 -4.07 31.13 20.27
CA HIS C 157 -4.70 30.32 19.23
C HIS C 157 -4.32 30.80 17.84
N CYS C 158 -4.48 32.10 17.59
CA CYS C 158 -4.20 32.67 16.27
C CYS C 158 -2.72 32.79 15.96
N GLN C 159 -1.84 32.59 16.95
CA GLN C 159 -0.39 32.70 16.78
C GLN C 159 0.01 34.10 16.29
N LYS C 160 -0.47 35.11 17.00
CA LYS C 160 -0.12 36.50 16.75
C LYS C 160 0.95 36.88 17.77
N TYR C 161 2.21 36.91 17.33
CA TYR C 161 3.32 37.13 18.26
C TYR C 161 3.27 38.53 18.87
N GLU C 162 3.01 39.54 18.05
CA GLU C 162 2.93 40.91 18.56
C GLU C 162 1.82 41.05 19.59
N VAL C 163 0.63 40.52 19.28
CA VAL C 163 -0.50 40.65 20.19
C VAL C 163 -0.23 39.87 21.47
N VAL C 164 0.40 38.71 21.37
CA VAL C 164 0.72 37.92 22.56
C VAL C 164 1.69 38.69 23.45
N HIS C 165 2.71 39.31 22.86
CA HIS C 165 3.64 40.10 23.66
C HIS C 165 2.93 41.28 24.31
N MET C 166 2.08 41.98 23.56
CA MET C 166 1.34 43.11 24.12
C MET C 166 0.51 42.68 25.33
N LEU C 167 -0.26 41.60 25.17
CA LEU C 167 -1.11 41.14 26.27
C LEU C 167 -0.29 40.62 27.44
N LEU C 168 0.90 40.07 27.18
CA LEU C 168 1.76 39.63 28.27
C LEU C 168 2.34 40.82 29.03
N MET C 169 2.55 41.95 28.35
CA MET C 169 3.04 43.13 29.04
C MET C 169 2.02 43.62 30.07
N LYS C 170 0.73 43.51 29.75
CA LYS C 170 -0.32 43.94 30.68
C LYS C 170 -0.53 42.97 31.82
N GLY C 171 0.18 41.84 31.85
CA GLY C 171 0.01 40.85 32.88
C GLY C 171 -1.02 39.80 32.59
N ALA C 172 -1.52 39.72 31.35
CA ALA C 172 -2.51 38.72 30.96
C ALA C 172 -1.77 37.45 30.56
N ARG C 173 -1.89 36.41 31.39
CA ARG C 173 -1.23 35.14 31.16
C ARG C 173 -2.26 34.03 31.21
N ILE C 174 -2.10 33.03 30.34
CA ILE C 174 -2.99 31.88 30.35
C ILE C 174 -2.81 31.12 31.65
N GLU C 175 -3.90 30.93 32.38
CA GLU C 175 -3.84 30.18 33.64
C GLU C 175 -3.86 28.70 33.33
N ARG C 176 -2.85 27.98 33.80
CA ARG C 176 -2.76 26.55 33.54
C ARG C 176 -3.95 25.85 34.16
N PRO C 177 -4.67 25.01 33.41
CA PRO C 177 -5.86 24.35 33.97
C PRO C 177 -5.47 23.37 35.07
N HIS C 178 -6.39 23.19 36.01
CA HIS C 178 -6.16 22.28 37.13
C HIS C 178 -6.00 20.85 36.62
N ASP C 179 -5.43 20.02 37.49
CA ASP C 179 -5.28 18.60 37.17
C ASP C 179 -6.65 17.98 36.91
N TYR C 180 -6.66 16.96 36.05
CA TYR C 180 -7.92 16.31 35.68
C TYR C 180 -8.67 15.83 36.91
N PHE C 181 -7.96 15.25 37.88
CA PHE C 181 -8.58 14.67 39.06
C PHE C 181 -8.64 15.65 40.22
N CYS C 182 -8.58 16.95 39.95
CA CYS C 182 -8.70 17.94 41.01
C CYS C 182 -10.10 17.90 41.62
N LYS C 183 -10.18 18.04 42.93
CA LYS C 183 -11.44 18.00 43.65
C LYS C 183 -11.76 19.31 44.36
N CYS C 184 -11.08 20.40 43.99
CA CYS C 184 -11.35 21.69 44.60
C CYS C 184 -12.80 22.12 44.33
N GLY C 185 -13.29 23.04 45.16
CA GLY C 185 -14.68 23.44 45.06
C GLY C 185 -15.03 24.07 43.72
N ASP C 186 -14.09 24.84 43.16
CA ASP C 186 -14.35 25.50 41.89
C ASP C 186 -14.50 24.48 40.76
N CYS C 187 -13.55 23.54 40.66
CA CYS C 187 -13.62 22.54 39.60
C CYS C 187 -14.85 21.65 39.76
N MET C 188 -15.20 21.31 41.01
CA MET C 188 -16.39 20.50 41.22
C MET C 188 -17.65 21.26 40.81
N GLU C 189 -17.72 22.55 41.14
CA GLU C 189 -18.87 23.35 40.74
C GLU C 189 -18.99 23.44 39.23
N LYS C 190 -17.86 23.67 38.54
CA LYS C 190 -17.90 23.71 37.08
C LYS C 190 -18.21 22.34 36.48
N GLN C 191 -17.90 21.27 37.21
CA GLN C 191 -18.20 19.93 36.72
C GLN C 191 -19.67 19.57 36.89
N ARG C 192 -20.33 20.09 37.92
CA ARG C 192 -21.74 19.75 38.16
C ARG C 192 -22.61 20.13 36.98
N HIS C 193 -22.50 21.38 36.52
CA HIS C 193 -23.28 21.86 35.38
C HIS C 193 -22.33 22.16 34.22
N ASP C 194 -22.70 21.67 33.03
CA ASP C 194 -21.90 21.82 31.82
C ASP C 194 -20.50 21.22 31.98
N SER C 195 -20.47 19.90 32.23
CA SER C 195 -19.19 19.21 32.23
C SER C 195 -18.54 19.22 30.85
N PHE C 196 -19.36 19.15 29.81
CA PHE C 196 -18.84 19.24 28.45
C PHE C 196 -18.16 20.58 28.21
N SER C 197 -18.80 21.66 28.64
CA SER C 197 -18.20 22.98 28.50
C SER C 197 -16.92 23.10 29.31
N HIS C 198 -16.87 22.44 30.47
CA HIS C 198 -15.65 22.45 31.28
C HIS C 198 -14.50 21.77 30.56
N SER C 199 -14.77 20.60 29.98
CA SER C 199 -13.74 19.91 29.22
C SER C 199 -13.30 20.73 28.01
N ARG C 200 -14.26 21.36 27.32
CA ARG C 200 -13.93 22.18 26.17
C ARG C 200 -13.06 23.37 26.58
N SER C 201 -13.34 23.97 27.73
CA SER C 201 -12.53 25.08 28.22
C SER C 201 -11.12 24.62 28.56
N ARG C 202 -10.99 23.43 29.17
CA ARG C 202 -9.67 22.88 29.42
C ARG C 202 -8.89 22.70 28.12
N ILE C 203 -9.54 22.16 27.10
CA ILE C 203 -8.87 21.95 25.82
C ILE C 203 -8.46 23.29 25.20
N ASN C 204 -9.31 24.31 25.34
CA ASN C 204 -8.95 25.62 24.81
C ASN C 204 -7.74 26.19 25.54
N ALA C 205 -7.71 26.08 26.87
CA ALA C 205 -6.57 26.56 27.62
C ALA C 205 -5.29 25.84 27.20
N TYR C 206 -5.37 24.52 26.98
CA TYR C 206 -4.18 23.79 26.58
C TYR C 206 -3.77 24.09 25.15
N LYS C 207 -4.73 24.36 24.26
CA LYS C 207 -4.39 24.76 22.90
C LYS C 207 -3.77 26.15 22.88
N GLY C 208 -4.11 26.99 23.85
CA GLY C 208 -3.42 28.25 23.99
C GLY C 208 -2.02 28.10 24.54
N LEU C 209 -1.86 27.24 25.55
CA LEU C 209 -0.54 27.02 26.14
C LEU C 209 0.42 26.34 25.18
N ALA C 210 -0.08 25.40 24.37
CA ALA C 210 0.75 24.66 23.44
C ALA C 210 1.03 25.43 22.16
N SER C 211 0.69 26.70 22.10
CA SER C 211 0.95 27.47 20.89
C SER C 211 2.40 27.93 20.84
N PRO C 212 3.05 27.82 19.68
CA PRO C 212 4.45 28.28 19.59
C PRO C 212 4.63 29.74 19.98
N ALA C 213 3.65 30.60 19.68
CA ALA C 213 3.74 32.00 20.08
C ALA C 213 3.83 32.12 21.60
N TYR C 214 2.85 31.57 22.31
CA TYR C 214 2.85 31.66 23.75
C TYR C 214 4.01 30.87 24.36
N LEU C 215 4.39 29.75 23.75
CA LEU C 215 5.53 28.98 24.26
C LEU C 215 6.81 29.80 24.20
N SER C 216 7.05 30.49 23.09
CA SER C 216 8.28 31.25 22.96
C SER C 216 8.27 32.51 23.80
N LEU C 217 7.15 33.24 23.81
CA LEU C 217 7.11 34.53 24.49
C LEU C 217 6.66 34.43 25.95
N SER C 218 6.40 33.23 26.46
CA SER C 218 5.78 33.11 27.77
C SER C 218 6.80 33.20 28.90
N SER C 219 7.87 32.41 28.83
CA SER C 219 8.76 32.27 29.97
C SER C 219 10.18 32.05 29.48
N GLU C 220 11.13 32.19 30.40
CA GLU C 220 12.51 31.86 30.14
C GLU C 220 12.68 30.35 30.02
N ASP C 221 13.62 29.93 29.19
CA ASP C 221 13.87 28.53 28.88
C ASP C 221 12.60 27.87 28.34
N PRO C 222 12.13 28.25 27.15
CA PRO C 222 10.88 27.68 26.64
C PRO C 222 11.01 26.26 26.13
N VAL C 223 12.22 25.75 25.90
CA VAL C 223 12.34 24.37 25.42
C VAL C 223 11.95 23.39 26.52
N LEU C 224 12.37 23.67 27.76
CA LEU C 224 11.95 22.82 28.87
C LEU C 224 10.45 22.92 29.12
N THR C 225 9.91 24.15 29.03
CA THR C 225 8.47 24.33 29.15
C THR C 225 7.73 23.49 28.11
N ALA C 226 8.21 23.51 26.87
CA ALA C 226 7.53 22.77 25.80
C ALA C 226 7.64 21.27 26.00
N LEU C 227 8.79 20.78 26.47
CA LEU C 227 8.93 19.35 26.75
C LEU C 227 7.97 18.91 27.86
N GLU C 228 7.94 19.67 28.96
CA GLU C 228 7.06 19.30 30.06
C GLU C 228 5.59 19.36 29.64
N LEU C 229 5.22 20.39 28.88
CA LEU C 229 3.83 20.48 28.41
C LEU C 229 3.50 19.34 27.45
N SER C 230 4.46 18.91 26.63
CA SER C 230 4.24 17.76 25.76
C SER C 230 3.93 16.52 26.58
N ASN C 231 4.73 16.27 27.64
CA ASN C 231 4.46 15.11 28.49
C ASN C 231 3.10 15.21 29.16
N GLU C 232 2.76 16.41 29.67
CA GLU C 232 1.48 16.59 30.35
C GLU C 232 0.31 16.35 29.41
N LEU C 233 0.41 16.85 28.18
CA LEU C 233 -0.65 16.65 27.21
C LEU C 233 -0.76 15.20 26.77
N ALA C 234 0.36 14.47 26.68
CA ALA C 234 0.27 13.04 26.38
C ALA C 234 -0.43 12.28 27.49
N LYS C 235 -0.08 12.57 28.74
CA LYS C 235 -0.75 11.91 29.87
C LYS C 235 -2.25 12.22 29.86
N LEU C 236 -2.61 13.47 29.59
CA LEU C 236 -4.04 13.80 29.55
C LEU C 236 -4.74 13.19 28.34
N ALA C 237 -4.02 12.96 27.24
CA ALA C 237 -4.60 12.22 26.12
C ALA C 237 -4.92 10.79 26.54
N ASN C 238 -4.02 10.18 27.33
CA ASN C 238 -4.30 8.83 27.81
C ASN C 238 -5.42 8.82 28.83
N ILE C 239 -5.60 9.90 29.58
CA ILE C 239 -6.62 9.92 30.63
C ILE C 239 -8.01 10.20 30.05
N GLU C 240 -8.13 11.22 29.20
CA GLU C 240 -9.43 11.64 28.71
C GLU C 240 -10.07 10.56 27.84
N LYS C 241 -9.42 10.22 26.73
CA LYS C 241 -9.83 9.15 25.81
C LYS C 241 -11.04 9.49 24.95
N GLU C 242 -11.66 10.65 25.18
CA GLU C 242 -12.66 11.16 24.25
C GLU C 242 -12.06 12.20 23.31
N PHE C 243 -11.29 13.13 23.87
CA PHE C 243 -10.57 14.13 23.09
C PHE C 243 -9.11 13.75 22.92
N LYS C 244 -8.85 12.44 22.79
CA LYS C 244 -7.48 11.95 22.67
C LYS C 244 -6.76 12.57 21.47
N ASN C 245 -7.48 12.74 20.37
CA ASN C 245 -6.85 13.29 19.16
C ASN C 245 -6.46 14.75 19.35
N ASP C 246 -7.30 15.52 20.06
CA ASP C 246 -6.97 16.92 20.33
C ASP C 246 -5.69 17.02 21.15
N TYR C 247 -5.61 16.28 22.26
CA TYR C 247 -4.43 16.34 23.10
C TYR C 247 -3.20 15.79 22.39
N ARG C 248 -3.36 14.80 21.52
CA ARG C 248 -2.22 14.31 20.76
C ARG C 248 -1.74 15.34 19.74
N LYS C 249 -2.66 16.06 19.12
CA LYS C 249 -2.27 17.16 18.24
C LYS C 249 -1.49 18.23 19.01
N LEU C 250 -1.95 18.57 20.21
CA LEU C 250 -1.23 19.58 20.99
C LEU C 250 0.14 19.09 21.41
N SER C 251 0.24 17.81 21.79
CA SER C 251 1.54 17.25 22.14
C SER C 251 2.48 17.26 20.95
N MET C 252 1.96 16.95 19.76
CA MET C 252 2.78 17.04 18.56
C MET C 252 3.21 18.47 18.27
N GLN C 253 2.34 19.44 18.56
CA GLN C 253 2.73 20.85 18.43
C GLN C 253 3.92 21.17 19.33
N CYS C 254 3.86 20.73 20.59
CA CYS C 254 4.98 20.98 21.50
C CYS C 254 6.26 20.31 21.02
N LYS C 255 6.17 19.05 20.61
CA LYS C 255 7.34 18.35 20.08
C LYS C 255 7.93 19.06 18.88
N ASP C 256 7.06 19.52 17.97
CA ASP C 256 7.54 20.23 16.78
C ASP C 256 8.21 21.54 17.16
N PHE C 257 7.68 22.24 18.17
CA PHE C 257 8.33 23.47 18.60
C PHE C 257 9.73 23.19 19.14
N VAL C 258 9.86 22.15 19.96
CA VAL C 258 11.18 21.81 20.50
C VAL C 258 12.15 21.47 19.38
N VAL C 259 11.71 20.65 18.43
CA VAL C 259 12.60 20.27 17.33
C VAL C 259 12.94 21.48 16.46
N GLY C 260 11.99 22.38 16.27
CA GLY C 260 12.26 23.58 15.48
C GLY C 260 13.27 24.49 16.15
N VAL C 261 13.17 24.65 17.47
CA VAL C 261 14.16 25.44 18.19
C VAL C 261 15.53 24.79 18.10
N LEU C 262 15.58 23.45 18.17
CA LEU C 262 16.85 22.76 18.05
C LEU C 262 17.45 22.94 16.66
N ASP C 263 16.60 22.98 15.63
CA ASP C 263 17.08 23.02 14.26
C ASP C 263 17.85 24.29 13.96
N LEU C 264 17.45 25.42 14.57
CA LEU C 264 18.03 26.71 14.23
C LEU C 264 19.47 26.89 14.71
N CYS C 265 19.97 26.00 15.55
CA CYS C 265 21.34 26.13 16.05
C CYS C 265 22.34 26.06 14.92
N ARG C 266 23.29 27.00 14.91
CA ARG C 266 24.34 27.03 13.90
C ARG C 266 25.73 27.16 14.52
N ASP C 267 25.85 27.05 15.83
CA ASP C 267 27.14 26.98 16.51
C ASP C 267 27.12 25.78 17.45
N SER C 268 28.30 25.34 17.84
CA SER C 268 28.37 24.21 18.77
C SER C 268 27.95 24.64 20.17
N GLU C 269 28.16 25.91 20.53
CA GLU C 269 27.75 26.40 21.84
C GLU C 269 26.24 26.39 21.99
N GLU C 270 25.53 26.79 20.93
CA GLU C 270 24.06 26.79 20.98
C GLU C 270 23.51 25.37 21.02
N VAL C 271 24.11 24.46 20.25
CA VAL C 271 23.71 23.06 20.32
C VAL C 271 23.91 22.50 21.72
N GLU C 272 25.06 22.80 22.32
CA GLU C 272 25.31 22.34 23.69
C GLU C 272 24.35 22.96 24.68
N ALA C 273 23.98 24.22 24.47
CA ALA C 273 23.05 24.89 25.38
C ALA C 273 21.66 24.29 25.30
N ILE C 274 21.22 23.91 24.10
CA ILE C 274 19.90 23.29 24.00
C ILE C 274 19.92 21.85 24.50
N LEU C 275 21.00 21.11 24.22
CA LEU C 275 21.05 19.70 24.58
C LEU C 275 21.15 19.50 26.09
N ASN C 276 21.68 20.47 26.82
CA ASN C 276 21.68 20.43 28.27
C ASN C 276 21.53 21.84 28.81
N GLY C 277 20.71 22.00 29.84
CA GLY C 277 20.42 23.30 30.37
C GLY C 277 21.62 23.95 31.04
N ASP C 278 21.32 25.03 31.75
CA ASP C 278 22.34 25.77 32.46
C ASP C 278 22.93 24.95 33.60
N SER C 293 27.11 16.30 30.68
CA SER C 293 25.79 15.73 30.91
C SER C 293 24.82 16.19 29.83
N LEU C 294 23.96 15.28 29.38
CA LEU C 294 22.95 15.57 28.37
C LEU C 294 21.60 15.53 29.08
N SER C 295 21.24 16.66 29.70
CA SER C 295 20.03 16.69 30.51
C SER C 295 18.78 16.70 29.63
N ARG C 296 18.74 17.60 28.64
CA ARG C 296 17.56 17.70 27.79
C ARG C 296 17.41 16.47 26.90
N VAL C 297 18.52 15.84 26.51
CA VAL C 297 18.41 14.62 25.72
C VAL C 297 17.80 13.50 26.55
N LYS C 298 18.24 13.36 27.81
CA LYS C 298 17.63 12.37 28.69
C LYS C 298 16.15 12.67 28.92
N LEU C 299 15.82 13.95 29.12
CA LEU C 299 14.43 14.29 29.40
C LEU C 299 13.55 14.14 28.16
N ALA C 300 14.12 14.28 26.97
CA ALA C 300 13.35 14.04 25.75
C ALA C 300 13.22 12.56 25.45
N ILE C 301 14.21 11.76 25.83
CA ILE C 301 14.08 10.31 25.72
C ILE C 301 13.01 9.81 26.68
N LYS C 302 12.94 10.40 27.88
CA LYS C 302 11.91 10.00 28.83
C LYS C 302 10.52 10.35 28.32
N TYR C 303 10.37 11.52 27.71
CA TYR C 303 9.09 11.97 27.18
C TYR C 303 8.83 11.56 25.75
N GLU C 304 9.67 10.68 25.19
CA GLU C 304 9.40 10.05 23.90
C GLU C 304 9.38 11.05 22.75
N VAL C 305 10.22 12.09 22.82
CA VAL C 305 10.33 13.07 21.75
C VAL C 305 11.35 12.53 20.76
N LYS C 306 10.88 11.85 19.72
CA LYS C 306 11.76 11.07 18.86
C LYS C 306 12.55 11.93 17.87
N LYS C 307 11.97 13.04 17.41
CA LYS C 307 12.66 13.85 16.40
C LYS C 307 13.68 14.80 17.02
N PHE C 308 13.53 15.14 18.29
CA PHE C 308 14.58 15.89 18.98
C PHE C 308 15.85 15.05 19.12
N VAL C 309 15.70 13.77 19.44
CA VAL C 309 16.86 12.93 19.68
C VAL C 309 17.44 12.40 18.37
N ALA C 310 16.61 12.22 17.35
CA ALA C 310 17.07 11.75 16.04
C ALA C 310 17.45 12.89 15.11
N HIS C 311 17.62 14.08 15.63
CA HIS C 311 18.00 15.22 14.81
C HIS C 311 19.51 15.23 14.60
N PRO C 312 19.98 15.56 13.39
CA PRO C 312 21.43 15.58 13.16
C PRO C 312 22.22 16.41 14.14
N ASN C 313 21.67 17.55 14.58
CA ASN C 313 22.37 18.40 15.53
C ASN C 313 22.57 17.72 16.87
N CYS C 314 21.65 16.84 17.26
CA CYS C 314 21.80 16.04 18.46
C CYS C 314 22.62 14.78 18.23
N GLN C 315 22.47 14.16 17.07
CA GLN C 315 23.19 12.93 16.77
C GLN C 315 24.70 13.18 16.67
N GLN C 316 25.09 14.34 16.13
CA GLN C 316 26.52 14.63 16.05
C GLN C 316 27.14 14.77 17.43
N GLN C 317 26.43 15.38 18.37
CA GLN C 317 26.94 15.51 19.73
C GLN C 317 26.99 14.15 20.42
N LEU C 318 25.94 13.34 20.27
CA LEU C 318 25.96 12.01 20.85
C LEU C 318 27.06 11.15 20.26
N LEU C 319 27.41 11.38 18.99
CA LEU C 319 28.49 10.61 18.36
C LEU C 319 29.86 11.07 18.84
N THR C 320 30.05 12.37 19.05
CA THR C 320 31.33 12.81 19.60
C THR C 320 31.48 12.42 21.07
N ILE C 321 30.38 12.23 21.79
CA ILE C 321 30.49 11.67 23.14
C ILE C 321 30.73 10.16 23.06
N TRP C 322 30.14 9.49 22.07
CA TRP C 322 30.20 8.03 21.97
C TRP C 322 31.61 7.56 21.63
N TYR C 323 32.20 8.10 20.57
CA TYR C 323 33.57 7.76 20.18
C TYR C 323 34.57 8.72 20.84
N GLU C 324 34.55 8.75 22.17
CA GLU C 324 35.45 9.61 22.91
C GLU C 324 36.78 8.89 23.15
N ASN C 325 37.87 9.66 23.12
CA ASN C 325 39.25 9.21 23.33
C ASN C 325 39.74 8.27 22.24
N LEU C 326 38.90 7.93 21.25
CA LEU C 326 39.32 7.13 20.11
C LEU C 326 38.65 7.75 18.88
N SER C 327 39.34 8.70 18.26
CA SER C 327 38.75 9.43 17.15
C SER C 327 38.85 8.67 15.84
N GLY C 328 39.96 7.96 15.62
CA GLY C 328 40.17 7.30 14.33
C GLY C 328 39.19 6.18 14.05
N LEU C 329 38.70 5.51 15.10
CA LEU C 329 37.83 4.36 14.92
C LEU C 329 36.42 4.73 14.47
N ARG C 330 36.10 6.02 14.33
CA ARG C 330 34.78 6.40 13.87
C ARG C 330 34.57 6.07 12.39
N GLU C 331 35.62 6.16 11.59
CA GLU C 331 35.50 6.04 10.14
C GLU C 331 35.83 4.65 9.61
N GLN C 332 36.33 3.75 10.45
CA GLN C 332 36.67 2.42 9.99
C GLN C 332 35.42 1.65 9.53
N THR C 333 35.64 0.71 8.62
CA THR C 333 34.54 -0.07 8.08
C THR C 333 33.91 -0.96 9.17
N ILE C 334 32.76 -1.55 8.83
CA ILE C 334 32.08 -2.42 9.77
C ILE C 334 32.90 -3.67 10.06
N ALA C 335 33.62 -4.17 9.06
CA ALA C 335 34.44 -5.36 9.25
C ALA C 335 35.49 -5.14 10.32
N ILE C 336 36.15 -3.98 10.32
CA ILE C 336 37.22 -3.73 11.29
C ILE C 336 36.65 -3.58 12.69
N LYS C 337 35.48 -2.95 12.83
CA LYS C 337 34.87 -2.82 14.15
C LYS C 337 34.44 -4.16 14.71
N CYS C 338 33.88 -5.03 13.85
CA CYS C 338 33.56 -6.38 14.30
C CYS C 338 34.81 -7.16 14.67
N LEU C 339 35.90 -6.95 13.91
CA LEU C 339 37.16 -7.58 14.26
C LEU C 339 37.65 -7.10 15.62
N VAL C 340 37.44 -5.83 15.93
CA VAL C 340 37.78 -5.31 17.26
C VAL C 340 36.96 -6.03 18.33
N VAL C 341 35.70 -6.30 18.03
CA VAL C 341 34.87 -7.08 18.96
C VAL C 341 35.51 -8.43 19.23
N LEU C 342 35.97 -9.11 18.18
CA LEU C 342 36.60 -10.41 18.34
C LEU C 342 37.91 -10.32 19.12
N VAL C 343 38.70 -9.27 18.86
CA VAL C 343 39.97 -9.09 19.58
C VAL C 343 39.69 -8.90 21.07
N VAL C 344 38.69 -8.08 21.41
CA VAL C 344 38.36 -7.88 22.81
C VAL C 344 37.82 -9.16 23.43
N ALA C 345 37.05 -9.94 22.67
CA ALA C 345 36.56 -11.21 23.20
C ALA C 345 37.72 -12.15 23.53
N LEU C 346 38.76 -12.15 22.71
CA LEU C 346 39.89 -13.04 22.96
C LEU C 346 40.77 -12.53 24.11
N GLY C 347 40.92 -11.20 24.23
CA GLY C 347 41.79 -10.63 25.23
C GLY C 347 41.14 -10.04 26.46
N LEU C 348 39.86 -10.31 26.69
CA LEU C 348 39.17 -9.66 27.81
C LEU C 348 39.70 -10.01 29.20
N PRO C 349 40.09 -11.24 29.53
CA PRO C 349 40.69 -11.47 30.87
C PRO C 349 41.88 -10.57 31.16
N PHE C 350 42.77 -10.41 30.18
CA PHE C 350 43.97 -9.61 30.37
C PHE C 350 43.62 -8.14 30.57
N LEU C 351 42.70 -7.61 29.75
CA LEU C 351 42.30 -6.22 29.91
C LEU C 351 41.54 -6.01 31.21
N ALA C 352 40.82 -7.04 31.67
CA ALA C 352 40.14 -6.95 32.96
C ALA C 352 41.13 -6.76 34.09
N ILE C 353 42.21 -7.57 34.10
CA ILE C 353 43.21 -7.39 35.17
C ILE C 353 43.99 -6.10 34.96
N GLY C 354 44.15 -5.66 33.71
CA GLY C 354 44.89 -4.43 33.46
C GLY C 354 44.12 -3.17 33.82
N TYR C 355 42.78 -3.25 33.83
CA TYR C 355 41.98 -2.08 34.19
C TYR C 355 42.24 -1.62 35.63
N TRP C 356 42.73 -2.49 36.50
CA TRP C 356 43.08 -2.07 37.85
C TRP C 356 44.23 -1.06 37.84
N ILE C 357 45.22 -1.28 36.97
CA ILE C 357 46.34 -0.35 36.80
C ILE C 357 46.03 0.74 35.79
N ALA C 358 44.95 0.61 35.03
CA ALA C 358 44.58 1.50 33.93
C ALA C 358 44.33 2.98 34.26
N PRO C 359 43.66 3.34 35.37
CA PRO C 359 43.27 4.76 35.54
C PRO C 359 44.40 5.76 35.35
N CYS C 360 45.65 5.36 35.63
CA CYS C 360 46.79 6.20 35.28
C CYS C 360 47.14 6.10 33.81
N SER C 361 46.95 4.93 33.21
CA SER C 361 47.36 4.69 31.83
C SER C 361 46.41 5.34 30.84
N ARG C 362 46.93 5.57 29.63
CA ARG C 362 46.10 6.08 28.54
C ARG C 362 45.15 5.00 28.03
N LEU C 363 45.59 3.75 28.04
CA LEU C 363 44.72 2.64 27.67
C LEU C 363 43.52 2.55 28.59
N GLY C 364 43.66 3.01 29.84
CA GLY C 364 42.50 3.12 30.71
C GLY C 364 41.45 4.07 30.16
N LYS C 365 41.90 5.19 29.59
CA LYS C 365 40.96 6.11 28.95
C LYS C 365 40.37 5.49 27.69
N ILE C 366 41.18 4.76 26.93
CA ILE C 366 40.67 4.08 25.73
C ILE C 366 39.57 3.10 26.12
N LEU C 367 39.75 2.38 27.23
CA LEU C 367 38.77 1.41 27.67
C LEU C 367 37.54 2.08 28.29
N ARG C 368 37.72 3.22 28.93
CA ARG C 368 36.61 3.90 29.60
C ARG C 368 35.64 4.56 28.62
N SER C 369 36.02 4.72 27.36
CA SER C 369 35.12 5.30 26.37
C SER C 369 33.85 4.47 26.26
N PRO C 370 32.71 5.12 25.99
CA PRO C 370 31.44 4.37 25.89
C PRO C 370 31.45 3.31 24.81
N PHE C 371 32.09 3.57 23.67
CA PHE C 371 32.13 2.57 22.61
C PHE C 371 32.88 1.31 23.07
N MET C 372 33.98 1.48 23.79
CA MET C 372 34.70 0.31 24.28
C MET C 372 33.95 -0.38 25.42
N LYS C 373 33.18 0.37 26.21
CA LYS C 373 32.29 -0.28 27.17
C LYS C 373 31.30 -1.18 26.44
N PHE C 374 30.68 -0.68 25.37
CA PHE C 374 29.72 -1.48 24.62
C PHE C 374 30.38 -2.69 23.97
N VAL C 375 31.57 -2.49 23.39
CA VAL C 375 32.29 -3.61 22.78
C VAL C 375 32.65 -4.64 23.83
N ALA C 376 33.05 -4.20 25.03
CA ALA C 376 33.38 -5.14 26.08
C ALA C 376 32.16 -5.93 26.51
N HIS C 377 31.01 -5.27 26.66
CA HIS C 377 29.80 -5.99 27.04
C HIS C 377 29.37 -6.98 25.95
N ALA C 378 29.48 -6.58 24.69
CA ALA C 378 29.10 -7.47 23.60
C ALA C 378 30.03 -8.68 23.52
N ALA C 379 31.34 -8.45 23.64
CA ALA C 379 32.29 -9.56 23.65
C ALA C 379 32.11 -10.45 24.86
N SER C 380 31.73 -9.87 25.99
CA SER C 380 31.42 -10.66 27.18
C SER C 380 30.24 -11.59 26.92
N PHE C 381 29.16 -11.05 26.37
CA PHE C 381 28.01 -11.89 26.05
C PHE C 381 28.36 -12.95 25.03
N ILE C 382 29.24 -12.62 24.07
CA ILE C 382 29.71 -13.61 23.11
C ILE C 382 30.45 -14.74 23.81
N ILE C 383 31.31 -14.39 24.77
CA ILE C 383 32.02 -15.40 25.53
C ILE C 383 31.05 -16.27 26.32
N PHE C 384 29.98 -15.65 26.84
CA PHE C 384 28.98 -16.42 27.58
C PHE C 384 28.29 -17.44 26.68
N LEU C 385 27.89 -17.02 25.48
CA LEU C 385 27.28 -17.96 24.54
C LEU C 385 28.26 -19.05 24.13
N GLY C 386 29.53 -18.67 23.92
CA GLY C 386 30.53 -19.66 23.59
C GLY C 386 30.72 -20.68 24.70
N LEU C 387 30.62 -20.24 25.95
CA LEU C 387 30.70 -21.17 27.06
C LEU C 387 29.49 -22.09 27.11
N LEU C 388 28.28 -21.54 26.92
CA LEU C 388 27.08 -22.37 26.88
C LEU C 388 27.19 -23.44 25.81
N VAL C 389 27.76 -23.10 24.64
CA VAL C 389 27.89 -24.06 23.57
C VAL C 389 28.99 -25.08 23.90
N PHE C 390 30.16 -24.58 24.31
CA PHE C 390 31.31 -25.46 24.52
C PHE C 390 31.10 -26.40 25.70
N ASN C 391 30.23 -26.05 26.63
CA ASN C 391 29.90 -26.98 27.71
C ASN C 391 29.20 -28.21 27.17
N ALA C 392 28.43 -28.07 26.10
CA ALA C 392 27.77 -29.18 25.45
C ALA C 392 28.66 -29.91 24.46
N SER C 393 29.97 -29.64 24.46
CA SER C 393 30.87 -30.39 23.60
C SER C 393 30.99 -31.83 24.09
N ASP C 394 31.68 -32.65 23.29
CA ASP C 394 31.79 -34.09 23.43
C ASP C 394 30.46 -34.80 23.22
N ARG C 395 29.39 -34.06 22.93
CA ARG C 395 28.12 -34.64 22.52
C ARG C 395 27.67 -34.14 21.16
N PHE C 396 28.51 -33.35 20.48
CA PHE C 396 28.13 -32.77 19.19
C PHE C 396 27.78 -33.86 18.19
N GLU C 397 28.51 -34.96 18.20
CA GLU C 397 28.24 -36.08 17.31
C GLU C 397 27.44 -37.19 17.99
N GLY C 398 26.92 -36.94 19.17
CA GLY C 398 26.07 -37.91 19.84
C GLY C 398 26.72 -38.47 21.09
N ILE C 399 25.87 -38.88 22.05
CA ILE C 399 26.37 -39.52 23.25
C ILE C 399 27.02 -40.85 22.87
N THR C 400 28.06 -41.23 23.61
CA THR C 400 28.86 -42.40 23.23
C THR C 400 28.26 -43.69 23.77
N THR C 401 27.73 -43.65 24.99
CA THR C 401 27.17 -44.82 25.64
C THR C 401 25.65 -44.72 25.67
N LEU C 402 24.99 -45.86 25.52
CA LEU C 402 23.54 -45.89 25.55
C LEU C 402 23.03 -45.51 26.95
N PRO C 403 21.83 -44.94 27.04
CA PRO C 403 21.29 -44.60 28.37
C PRO C 403 21.11 -45.78 29.29
N ASN C 404 21.07 -47.01 28.76
CA ASN C 404 20.93 -48.18 29.63
C ASN C 404 22.21 -48.49 30.39
N ILE C 405 23.36 -48.14 29.84
CA ILE C 405 24.65 -48.54 30.38
C ILE C 405 25.14 -47.51 31.39
N THR C 406 25.79 -47.99 32.44
CA THR C 406 26.38 -47.14 33.48
C THR C 406 27.90 -47.31 33.44
N VAL C 407 28.62 -46.21 33.23
CA VAL C 407 30.07 -46.21 33.19
C VAL C 407 30.58 -45.32 34.32
N THR C 408 31.57 -45.82 35.07
CA THR C 408 32.12 -45.10 36.21
C THR C 408 33.64 -45.18 36.16
N ASP C 409 34.29 -44.13 36.66
CA ASP C 409 35.75 -44.08 36.64
C ASP C 409 36.36 -45.13 37.55
N TYR C 410 35.99 -45.12 38.83
CA TYR C 410 36.49 -46.12 39.77
C TYR C 410 35.32 -46.86 40.42
N PRO C 411 35.50 -48.16 40.72
CA PRO C 411 34.33 -48.99 41.06
C PRO C 411 33.52 -48.50 42.26
N LYS C 412 34.19 -47.93 43.27
CA LYS C 412 33.50 -47.62 44.52
C LYS C 412 32.50 -46.46 44.39
N GLN C 413 32.59 -45.65 43.34
CA GLN C 413 31.78 -44.45 43.27
C GLN C 413 30.38 -44.73 42.77
N ILE C 414 29.43 -43.92 43.23
CA ILE C 414 28.07 -43.98 42.75
C ILE C 414 27.99 -43.32 41.37
N PHE C 415 27.18 -43.91 40.48
CA PHE C 415 27.07 -43.38 39.12
C PHE C 415 26.47 -41.98 39.10
N ARG C 416 25.56 -41.66 40.03
CA ARG C 416 24.97 -40.34 40.06
C ARG C 416 25.99 -39.27 40.42
N VAL C 417 26.98 -39.59 41.27
CA VAL C 417 28.07 -38.67 41.52
C VAL C 417 28.79 -38.33 40.22
N LYS C 418 29.02 -39.34 39.38
CA LYS C 418 29.63 -39.11 38.07
C LYS C 418 28.72 -38.28 37.16
N THR C 419 27.40 -38.46 37.27
CA THR C 419 26.49 -37.79 36.34
C THR C 419 26.23 -36.34 36.72
N THR C 420 26.19 -36.02 38.01
CA THR C 420 25.75 -34.70 38.45
C THR C 420 26.87 -33.79 38.92
N GLN C 421 28.13 -34.22 38.81
CA GLN C 421 29.23 -33.38 39.27
C GLN C 421 29.39 -32.16 38.37
N PHE C 422 29.84 -31.06 38.96
CA PHE C 422 29.99 -29.80 38.24
C PHE C 422 31.32 -29.79 37.50
N THR C 423 31.25 -29.71 36.17
CA THR C 423 32.44 -29.49 35.38
C THR C 423 32.88 -28.03 35.48
N TRP C 424 34.11 -27.76 35.03
CA TRP C 424 34.68 -26.42 35.23
C TRP C 424 33.90 -25.35 34.48
N THR C 425 33.57 -25.61 33.21
CA THR C 425 32.81 -24.62 32.44
C THR C 425 31.44 -24.39 33.05
N GLU C 426 30.86 -25.40 33.69
CA GLU C 426 29.56 -25.21 34.34
C GLU C 426 29.66 -24.31 35.55
N MET C 427 30.74 -24.46 36.34
CA MET C 427 30.96 -23.52 37.45
C MET C 427 31.20 -22.11 36.93
N LEU C 428 31.87 -21.99 35.79
CA LEU C 428 32.07 -20.67 35.20
C LEU C 428 30.73 -20.06 34.77
N ILE C 429 29.84 -20.88 34.20
CA ILE C 429 28.50 -20.41 33.87
C ILE C 429 27.76 -19.97 35.13
N MET C 430 27.96 -20.71 36.24
CA MET C 430 27.29 -20.36 37.49
C MET C 430 27.75 -19.00 37.99
N VAL C 431 29.06 -18.76 38.01
CA VAL C 431 29.55 -17.46 38.47
C VAL C 431 29.10 -16.36 37.52
N TRP C 432 28.99 -16.67 36.22
CA TRP C 432 28.51 -15.69 35.26
C TRP C 432 27.07 -15.30 35.54
N VAL C 433 26.21 -16.29 35.75
CA VAL C 433 24.80 -16.02 36.03
C VAL C 433 24.66 -15.28 37.36
N LEU C 434 25.52 -15.60 38.33
CA LEU C 434 25.49 -14.87 39.59
C LEU C 434 25.85 -13.40 39.39
N GLY C 435 26.83 -13.13 38.52
CA GLY C 435 27.18 -11.74 38.22
C GLY C 435 26.06 -10.99 37.53
N MET C 436 25.47 -11.61 36.50
CA MET C 436 24.35 -10.98 35.82
C MET C 436 23.17 -10.74 36.78
N MET C 437 22.92 -11.71 37.65
CA MET C 437 21.84 -11.57 38.63
C MET C 437 22.14 -10.46 39.61
N TRP C 438 23.41 -10.29 39.98
CA TRP C 438 23.79 -9.19 40.88
C TRP C 438 23.53 -7.85 40.21
N SER C 439 23.94 -7.71 38.94
CA SER C 439 23.68 -6.46 38.22
C SER C 439 22.18 -6.18 38.12
N GLU C 440 21.39 -7.21 37.81
CA GLU C 440 19.96 -7.01 37.64
C GLU C 440 19.27 -6.67 38.96
N CYS C 441 19.67 -7.35 40.05
CA CYS C 441 19.12 -7.03 41.36
C CYS C 441 19.55 -5.63 41.82
N LYS C 442 20.75 -5.19 41.43
CA LYS C 442 21.16 -3.83 41.75
C LYS C 442 20.27 -2.82 41.07
N GLU C 443 20.03 -3.00 39.77
CA GLU C 443 19.13 -2.07 39.08
C GLU C 443 17.69 -2.18 39.58
N LEU C 444 17.28 -3.36 40.03
CA LEU C 444 15.96 -3.51 40.66
C LEU C 444 15.88 -2.72 41.96
N TRP C 445 16.92 -2.80 42.79
CA TRP C 445 16.93 -2.04 44.04
C TRP C 445 16.95 -0.55 43.77
N LEU C 446 17.66 -0.12 42.73
CA LEU C 446 17.72 1.30 42.41
C LEU C 446 16.38 1.81 41.90
N GLU C 447 15.88 1.23 40.80
CA GLU C 447 14.68 1.76 40.18
C GLU C 447 13.41 1.41 40.96
N GLY C 448 13.43 0.35 41.75
CA GLY C 448 12.28 -0.06 42.52
C GLY C 448 11.42 -1.04 41.76
N PRO C 449 10.79 -1.98 42.48
CA PRO C 449 10.02 -3.04 41.80
C PRO C 449 8.93 -2.52 40.87
N ARG C 450 8.21 -1.47 41.27
CA ARG C 450 7.11 -0.98 40.45
C ARG C 450 7.60 -0.52 39.08
N GLU C 451 8.60 0.35 39.04
CA GLU C 451 9.14 0.81 37.77
C GLU C 451 9.92 -0.30 37.06
N TYR C 452 10.52 -1.21 37.82
CA TYR C 452 11.32 -2.28 37.24
C TYR C 452 10.45 -3.26 36.45
N ILE C 453 9.25 -3.55 36.94
CA ILE C 453 8.40 -4.54 36.29
C ILE C 453 7.75 -3.99 35.02
N LEU C 454 7.63 -2.66 34.88
CA LEU C 454 6.87 -2.09 33.77
C LEU C 454 7.44 -2.51 32.42
N GLN C 455 8.75 -2.39 32.24
CA GLN C 455 9.36 -2.80 30.98
C GLN C 455 9.32 -4.32 30.86
N LEU C 456 8.62 -4.81 29.84
CA LEU C 456 8.45 -6.26 29.69
C LEU C 456 9.77 -6.96 29.38
N TRP C 457 10.68 -6.30 28.67
CA TRP C 457 11.95 -6.95 28.35
C TRP C 457 12.77 -7.18 29.61
N ASN C 458 12.68 -6.26 30.58
CA ASN C 458 13.36 -6.48 31.84
C ASN C 458 12.78 -7.67 32.59
N VAL C 459 11.46 -7.87 32.48
CA VAL C 459 10.83 -9.05 33.07
C VAL C 459 11.34 -10.32 32.38
N LEU C 460 11.48 -10.28 31.05
CA LEU C 460 12.03 -11.43 30.34
C LEU C 460 13.44 -11.73 30.81
N ASP C 461 14.27 -10.70 30.98
CA ASP C 461 15.65 -10.91 31.41
C ASP C 461 15.69 -11.49 32.82
N PHE C 462 14.86 -10.95 33.73
CA PHE C 462 14.81 -11.47 35.09
C PHE C 462 14.36 -12.92 35.10
N GLY C 463 13.38 -13.27 34.25
CA GLY C 463 12.92 -14.65 34.19
C GLY C 463 13.98 -15.58 33.64
N MET C 464 14.73 -15.14 32.63
CA MET C 464 15.80 -15.96 32.09
C MET C 464 16.88 -16.24 33.13
N LEU C 465 17.31 -15.20 33.85
CA LEU C 465 18.30 -15.40 34.89
C LEU C 465 17.76 -16.28 36.01
N SER C 466 16.48 -16.10 36.37
CA SER C 466 15.87 -16.94 37.38
C SER C 466 15.79 -18.41 36.95
N ILE C 467 15.59 -18.65 35.65
CA ILE C 467 15.52 -20.02 35.17
C ILE C 467 16.90 -20.67 35.19
N PHE C 468 17.94 -19.89 34.86
CA PHE C 468 19.31 -20.40 35.05
C PHE C 468 19.55 -20.77 36.50
N ILE C 469 19.15 -19.87 37.43
CA ILE C 469 19.30 -20.16 38.85
C ILE C 469 18.56 -21.42 39.24
N ALA C 470 17.36 -21.61 38.70
CA ALA C 470 16.57 -22.80 39.01
C ALA C 470 17.25 -24.07 38.51
N ALA C 471 17.77 -24.04 37.29
CA ALA C 471 18.46 -25.21 36.75
C ALA C 471 19.67 -25.56 37.59
N PHE C 472 20.46 -24.56 37.98
CA PHE C 472 21.65 -24.86 38.77
C PHE C 472 21.30 -25.29 40.18
N THR C 473 20.20 -24.78 40.75
CA THR C 473 19.77 -25.23 42.07
C THR C 473 19.35 -26.70 42.03
N ALA C 474 18.56 -27.08 41.02
CA ALA C 474 18.15 -28.48 40.90
C ALA C 474 19.36 -29.39 40.68
N ARG C 475 20.30 -28.96 39.83
CA ARG C 475 21.52 -29.73 39.63
C ARG C 475 22.29 -29.89 40.94
N PHE C 476 22.35 -28.83 41.75
CA PHE C 476 23.07 -28.89 43.02
C PHE C 476 22.39 -29.83 44.01
N LEU C 477 21.05 -29.85 44.01
CA LEU C 477 20.33 -30.78 44.89
C LEU C 477 20.59 -32.22 44.47
N ALA C 478 20.54 -32.50 43.17
CA ALA C 478 20.89 -33.83 42.69
C ALA C 478 22.31 -34.22 43.08
N PHE C 479 23.24 -33.26 42.99
CA PHE C 479 24.62 -33.53 43.36
C PHE C 479 24.74 -33.81 44.86
N LEU C 480 24.00 -33.08 45.69
CA LEU C 480 24.04 -33.34 47.13
C LEU C 480 23.53 -34.73 47.46
N GLN C 481 22.42 -35.13 46.85
CA GLN C 481 21.92 -36.49 47.07
C GLN C 481 22.91 -37.54 46.59
N ALA C 482 23.54 -37.30 45.44
CA ALA C 482 24.51 -38.25 44.91
C ALA C 482 25.72 -38.40 45.84
N THR C 483 26.24 -37.27 46.34
CA THR C 483 27.41 -37.36 47.21
C THR C 483 27.05 -37.93 48.57
N LYS C 484 25.80 -37.75 49.03
CA LYS C 484 25.39 -38.42 50.25
C LYS C 484 25.35 -39.93 50.06
N ALA C 485 24.85 -40.38 48.91
CA ALA C 485 24.88 -41.82 48.61
C ALA C 485 26.31 -42.34 48.54
N GLN C 486 27.20 -41.57 47.90
CA GLN C 486 28.61 -41.98 47.82
C GLN C 486 29.24 -42.05 49.21
N GLN C 487 28.90 -41.10 50.08
CA GLN C 487 29.43 -41.12 51.44
C GLN C 487 28.94 -42.33 52.21
N TYR C 488 27.66 -42.67 52.06
CA TYR C 488 27.13 -43.88 52.69
C TYR C 488 27.89 -45.12 52.20
N VAL C 489 28.08 -45.22 50.88
CA VAL C 489 28.73 -46.40 50.31
C VAL C 489 30.16 -46.53 50.82
N ASP C 490 30.89 -45.42 50.83
CA ASP C 490 32.28 -45.48 51.27
C ASP C 490 32.38 -45.70 52.77
N SER C 491 31.39 -45.25 53.55
CA SER C 491 31.47 -45.35 55.00
C SER C 491 31.11 -46.75 55.49
N TYR C 492 29.99 -47.30 55.03
CA TYR C 492 29.42 -48.47 55.71
C TYR C 492 29.76 -49.81 55.07
N VAL C 493 29.93 -49.89 53.76
CA VAL C 493 30.15 -51.16 53.09
C VAL C 493 31.61 -51.25 52.64
N GLN C 494 32.15 -52.47 52.70
CA GLN C 494 33.53 -52.74 52.33
C GLN C 494 33.56 -53.86 51.30
N GLU C 495 34.17 -53.58 50.15
CA GLU C 495 34.33 -54.56 49.08
C GLU C 495 35.25 -53.96 48.02
N SER C 496 35.58 -54.78 47.03
CA SER C 496 36.45 -54.32 45.95
C SER C 496 35.65 -53.54 44.90
N ASP C 497 34.60 -54.15 44.37
CA ASP C 497 33.75 -53.52 43.37
C ASP C 497 32.34 -53.37 43.93
N LEU C 498 31.69 -52.24 43.61
CA LEU C 498 30.35 -51.98 44.13
C LEU C 498 29.32 -52.89 43.49
N SER C 499 29.55 -53.34 42.26
CA SER C 499 28.53 -54.09 41.54
C SER C 499 28.16 -55.39 42.26
N GLU C 500 29.16 -56.06 42.84
CA GLU C 500 28.89 -57.33 43.51
C GLU C 500 28.05 -57.13 44.78
N VAL C 501 28.14 -55.96 45.40
CA VAL C 501 27.46 -55.71 46.66
C VAL C 501 25.99 -55.45 46.43
N THR C 502 25.17 -55.84 47.41
CA THR C 502 23.77 -55.47 47.46
C THR C 502 23.58 -54.39 48.53
N LEU C 503 22.92 -53.31 48.16
CA LEU C 503 22.82 -52.11 48.97
C LEU C 503 21.38 -51.86 49.40
N PRO C 504 21.17 -51.03 50.42
CA PRO C 504 19.81 -50.61 50.74
C PRO C 504 19.21 -49.86 49.56
N PRO C 505 17.88 -49.96 49.38
CA PRO C 505 17.29 -49.47 48.12
C PRO C 505 17.34 -47.96 47.96
N GLU C 506 17.13 -47.20 49.04
CA GLU C 506 17.19 -45.74 48.95
C GLU C 506 18.56 -45.28 48.47
N ILE C 507 19.61 -45.96 48.90
CA ILE C 507 20.97 -45.62 48.45
C ILE C 507 21.28 -46.27 47.11
N GLN C 508 20.76 -47.49 46.88
CA GLN C 508 21.05 -48.20 45.64
C GLN C 508 20.42 -47.51 44.44
N TYR C 509 19.32 -46.77 44.64
CA TYR C 509 18.66 -46.08 43.54
C TYR C 509 19.62 -45.17 42.77
N PHE C 510 20.62 -44.63 43.44
CA PHE C 510 21.58 -43.74 42.78
C PHE C 510 22.57 -44.50 41.91
N THR C 511 22.48 -45.82 41.81
CA THR C 511 23.30 -46.59 40.90
C THR C 511 22.58 -46.86 39.58
N TYR C 512 21.32 -46.43 39.45
CA TYR C 512 20.54 -46.72 38.25
C TYR C 512 20.95 -45.84 37.08
N ALA C 513 20.70 -46.36 35.87
CA ALA C 513 21.03 -45.67 34.64
C ALA C 513 19.96 -44.62 34.31
N ARG C 514 20.02 -44.05 33.11
CA ARG C 514 19.14 -42.95 32.77
C ARG C 514 17.70 -43.41 32.72
N ASP C 515 17.45 -44.60 32.20
CA ASP C 515 16.08 -45.01 31.96
C ASP C 515 15.34 -45.24 33.27
N LYS C 516 15.99 -45.86 34.23
CA LYS C 516 15.28 -46.19 35.47
C LYS C 516 14.82 -44.94 36.20
N TRP C 517 15.50 -43.81 35.97
CA TRP C 517 15.40 -42.60 36.79
C TRP C 517 13.98 -42.13 37.08
N LEU C 518 13.73 -41.74 38.34
CA LEU C 518 12.40 -41.28 38.70
C LEU C 518 11.98 -40.11 37.81
N PRO C 519 10.70 -40.08 37.36
CA PRO C 519 10.26 -38.98 36.49
C PRO C 519 10.50 -37.59 37.07
N SER C 520 10.40 -37.43 38.39
CA SER C 520 10.59 -36.13 39.03
C SER C 520 11.98 -35.98 39.64
N ASP C 521 12.98 -36.66 39.08
CA ASP C 521 14.34 -36.51 39.55
C ASP C 521 14.78 -35.06 39.41
N PRO C 522 15.52 -34.51 40.38
CA PRO C 522 15.94 -33.10 40.26
C PRO C 522 16.83 -32.83 39.07
N GLN C 523 17.57 -33.81 38.58
CA GLN C 523 18.44 -33.56 37.44
C GLN C 523 17.66 -33.48 36.13
N ILE C 524 16.52 -34.17 36.02
CA ILE C 524 15.66 -34.00 34.86
C ILE C 524 15.11 -32.58 34.83
N ILE C 525 14.65 -32.09 35.98
CA ILE C 525 14.22 -30.69 36.10
C ILE C 525 15.37 -29.76 35.72
N SER C 526 16.58 -30.09 36.16
CA SER C 526 17.74 -29.26 35.85
C SER C 526 17.98 -29.19 34.35
N GLU C 527 17.96 -30.34 33.67
CA GLU C 527 18.19 -30.36 32.23
C GLU C 527 17.11 -29.57 31.49
N GLY C 528 15.86 -29.74 31.88
CA GLY C 528 14.79 -29.02 31.19
C GLY C 528 14.90 -27.51 31.38
N LEU C 529 15.06 -27.07 32.63
CA LEU C 529 15.19 -25.64 32.89
C LEU C 529 16.45 -25.08 32.24
N TYR C 530 17.52 -25.87 32.15
CA TYR C 530 18.75 -25.39 31.52
C TYR C 530 18.56 -25.20 30.03
N ALA C 531 17.85 -26.12 29.37
CA ALA C 531 17.56 -25.93 27.95
C ALA C 531 16.72 -24.69 27.72
N ILE C 532 15.67 -24.50 28.53
CA ILE C 532 14.85 -23.29 28.38
C ILE C 532 15.69 -22.04 28.63
N ALA C 533 16.60 -22.10 29.61
CA ALA C 533 17.42 -20.94 29.92
C ALA C 533 18.39 -20.62 28.80
N VAL C 534 18.94 -21.64 28.14
CA VAL C 534 19.84 -21.41 27.01
C VAL C 534 19.08 -20.76 25.86
N VAL C 535 17.90 -21.30 25.53
CA VAL C 535 17.09 -20.73 24.45
C VAL C 535 16.76 -19.28 24.75
N LEU C 536 16.43 -18.96 26.01
CA LEU C 536 16.13 -17.58 26.35
C LEU C 536 17.37 -16.70 26.38
N SER C 537 18.52 -17.26 26.79
CA SER C 537 19.74 -16.47 26.88
C SER C 537 20.22 -16.04 25.51
N PHE C 538 19.92 -16.84 24.48
CA PHE C 538 20.27 -16.40 23.14
C PHE C 538 19.49 -15.15 22.70
N SER C 539 18.41 -14.80 23.40
CA SER C 539 17.61 -13.64 23.04
C SER C 539 18.25 -12.32 23.45
N ARG C 540 19.31 -12.33 24.25
CA ARG C 540 19.94 -11.10 24.71
C ARG C 540 20.59 -10.29 23.59
N ILE C 541 20.60 -10.78 22.35
CA ILE C 541 21.11 -10.02 21.21
C ILE C 541 20.30 -8.75 20.94
N ALA C 542 19.14 -8.61 21.57
CA ALA C 542 18.36 -7.40 21.40
C ALA C 542 18.99 -6.21 22.11
N TYR C 543 19.79 -6.46 23.15
CA TYR C 543 20.54 -5.38 23.78
C TYR C 543 21.70 -4.89 22.91
N ILE C 544 22.10 -5.68 21.92
CA ILE C 544 23.29 -5.39 21.13
C ILE C 544 22.94 -4.94 19.71
N LEU C 545 21.87 -5.44 19.12
CA LEU C 545 21.58 -5.15 17.72
C LEU C 545 21.29 -3.69 17.40
N PRO C 546 20.58 -2.90 18.22
CA PRO C 546 20.25 -1.53 17.80
C PRO C 546 21.46 -0.66 17.48
N ALA C 547 22.65 -1.01 17.97
CA ALA C 547 23.84 -0.22 17.64
C ALA C 547 24.20 -0.32 16.16
N ASN C 548 23.84 -1.42 15.51
CA ASN C 548 24.18 -1.61 14.10
C ASN C 548 23.29 -0.73 13.22
N GLU C 549 23.84 -0.34 12.06
CA GLU C 549 23.11 0.53 11.14
C GLU C 549 22.15 -0.25 10.24
N SER C 550 22.47 -1.50 9.92
CA SER C 550 21.63 -2.29 9.03
C SER C 550 20.63 -3.18 9.76
N PHE C 551 20.94 -3.64 10.97
CA PHE C 551 20.07 -4.54 11.72
C PHE C 551 19.15 -3.82 12.70
N GLY C 552 19.40 -2.55 13.00
CA GLY C 552 18.57 -1.79 13.90
C GLY C 552 17.13 -1.62 13.43
N PRO C 553 16.94 -1.01 12.26
CA PRO C 553 15.56 -0.80 11.77
C PRO C 553 14.78 -2.09 11.61
N LEU C 554 15.45 -3.17 11.20
CA LEU C 554 14.80 -4.48 11.12
C LEU C 554 14.30 -4.93 12.47
N GLN C 555 15.10 -4.71 13.52
CA GLN C 555 14.66 -5.06 14.87
C GLN C 555 13.48 -4.19 15.31
N ILE C 556 13.49 -2.91 14.95
CA ILE C 556 12.38 -2.02 15.31
C ILE C 556 11.08 -2.52 14.67
N SER C 557 11.13 -2.78 13.37
CA SER C 557 9.96 -3.29 12.66
C SER C 557 9.49 -4.61 13.27
N LEU C 558 10.43 -5.50 13.60
CA LEU C 558 10.06 -6.78 14.20
C LEU C 558 9.33 -6.57 15.53
N GLY C 559 9.83 -5.66 16.36
CA GLY C 559 9.17 -5.38 17.62
C GLY C 559 7.74 -4.89 17.43
N ARG C 560 7.55 -3.96 16.48
CA ARG C 560 6.20 -3.47 16.21
C ARG C 560 5.26 -4.60 15.78
N THR C 561 5.72 -5.43 14.84
CA THR C 561 4.87 -6.52 14.39
C THR C 561 4.54 -7.47 15.53
N VAL C 562 5.49 -7.72 16.43
CA VAL C 562 5.21 -8.57 17.58
C VAL C 562 4.15 -7.94 18.48
N LYS C 563 4.20 -6.61 18.64
CA LYS C 563 3.22 -5.94 19.47
C LYS C 563 1.81 -6.10 18.90
N ASP C 564 1.67 -6.20 17.57
CA ASP C 564 0.35 -6.50 17.02
C ASP C 564 0.02 -8.00 17.05
N ILE C 565 1.06 -8.84 16.91
CA ILE C 565 0.90 -10.28 16.95
C ILE C 565 0.30 -10.71 18.29
N PHE C 566 0.59 -9.97 19.36
CA PHE C 566 0.00 -10.35 20.65
C PHE C 566 -1.53 -10.31 20.61
N LYS C 567 -2.10 -9.22 20.10
CA LYS C 567 -3.56 -9.14 20.02
C LYS C 567 -4.13 -10.20 19.10
N PHE C 568 -3.51 -10.40 17.94
CA PHE C 568 -4.08 -11.41 17.05
C PHE C 568 -3.90 -12.81 17.62
N MET C 569 -2.88 -13.05 18.44
CA MET C 569 -2.75 -14.33 19.11
C MET C 569 -3.79 -14.50 20.21
N VAL C 570 -4.22 -13.41 20.84
CA VAL C 570 -5.32 -13.51 21.80
C VAL C 570 -6.59 -13.97 21.09
N LEU C 571 -6.87 -13.40 19.91
CA LEU C 571 -8.03 -13.89 19.15
C LEU C 571 -7.84 -15.34 18.74
N PHE C 572 -6.64 -15.70 18.29
CA PHE C 572 -6.30 -17.10 18.03
C PHE C 572 -6.66 -17.98 19.21
N ILE C 573 -6.31 -17.54 20.43
CA ILE C 573 -6.55 -18.35 21.61
C ILE C 573 -8.04 -18.54 21.85
N MET C 574 -8.83 -17.48 21.66
CA MET C 574 -10.28 -17.60 21.82
C MET C 574 -10.84 -18.66 20.87
N VAL C 575 -10.54 -18.52 19.57
CA VAL C 575 -11.08 -19.46 18.58
C VAL C 575 -10.58 -20.88 18.85
N PHE C 576 -9.29 -21.00 19.19
CA PHE C 576 -8.68 -22.30 19.42
C PHE C 576 -9.31 -23.00 20.61
N PHE C 577 -9.56 -22.27 21.70
CA PHE C 577 -10.19 -22.88 22.86
C PHE C 577 -11.62 -23.30 22.53
N ALA C 578 -12.35 -22.48 21.78
CA ALA C 578 -13.68 -22.87 21.31
C ALA C 578 -13.64 -24.24 20.64
N PHE C 579 -12.81 -24.37 19.60
CA PHE C 579 -12.78 -25.62 18.84
C PHE C 579 -12.20 -26.78 19.65
N MET C 580 -11.25 -26.50 20.54
CA MET C 580 -10.69 -27.55 21.38
C MET C 580 -11.76 -28.17 22.28
N ILE C 581 -12.55 -27.31 22.94
CA ILE C 581 -13.60 -27.82 23.82
C ILE C 581 -14.66 -28.54 23.01
N GLY C 582 -15.01 -28.02 21.83
CA GLY C 582 -15.97 -28.71 20.99
C GLY C 582 -15.51 -30.11 20.61
N MET C 583 -14.30 -30.23 20.08
CA MET C 583 -13.81 -31.53 19.64
C MET C 583 -13.64 -32.48 20.82
N PHE C 584 -13.23 -31.97 21.98
CA PHE C 584 -13.09 -32.82 23.15
C PHE C 584 -14.44 -33.37 23.60
N ILE C 585 -15.44 -32.49 23.71
CA ILE C 585 -16.77 -32.95 24.10
C ILE C 585 -17.31 -33.94 23.08
N LEU C 586 -16.93 -33.80 21.81
CA LEU C 586 -17.41 -34.73 20.80
C LEU C 586 -16.75 -36.10 20.94
N TYR C 587 -15.42 -36.14 21.04
CA TYR C 587 -14.68 -37.40 20.91
C TYR C 587 -14.24 -38.02 22.23
N SER C 588 -14.56 -37.42 23.38
CA SER C 588 -14.04 -37.97 24.63
C SER C 588 -14.61 -39.34 24.95
N TYR C 589 -15.85 -39.61 24.53
CA TYR C 589 -16.46 -40.91 24.83
C TYR C 589 -15.87 -42.04 24.02
N TYR C 590 -15.16 -41.74 22.93
CA TYR C 590 -14.64 -42.74 22.00
C TYR C 590 -13.15 -42.99 22.18
N LEU C 591 -12.67 -43.02 23.43
CA LEU C 591 -11.23 -43.13 23.67
C LEU C 591 -10.66 -44.41 23.09
N GLY C 592 -11.22 -45.56 23.45
CA GLY C 592 -10.78 -46.80 22.82
C GLY C 592 -11.23 -46.95 21.39
N ALA C 593 -12.25 -46.19 20.97
CA ALA C 593 -12.80 -46.38 19.64
C ALA C 593 -11.96 -45.72 18.55
N LYS C 594 -11.44 -44.54 18.78
CA LYS C 594 -10.69 -43.87 17.71
C LYS C 594 -9.41 -44.57 17.28
N VAL C 595 -9.12 -44.55 15.98
CA VAL C 595 -7.91 -45.18 15.47
C VAL C 595 -6.67 -44.47 15.99
N ASN C 596 -6.76 -43.16 16.20
CA ASN C 596 -5.67 -42.34 16.71
C ASN C 596 -6.21 -41.55 17.89
N ALA C 597 -5.55 -41.67 19.05
CA ALA C 597 -6.04 -41.02 20.26
C ALA C 597 -5.82 -39.51 20.20
N ALA C 598 -6.51 -38.85 19.27
CA ALA C 598 -6.27 -37.43 18.99
C ALA C 598 -7.10 -36.52 19.88
N PHE C 599 -8.43 -36.67 19.88
CA PHE C 599 -9.31 -35.80 20.64
C PHE C 599 -9.88 -36.48 21.87
N THR C 600 -9.25 -37.54 22.35
CA THR C 600 -9.84 -38.31 23.44
C THR C 600 -9.74 -37.57 24.77
N THR C 601 -8.68 -36.80 24.99
CA THR C 601 -8.49 -36.03 26.21
C THR C 601 -8.28 -34.57 25.85
N VAL C 602 -8.36 -33.70 26.86
CA VAL C 602 -8.17 -32.28 26.59
C VAL C 602 -6.70 -31.99 26.24
N GLU C 603 -5.76 -32.74 26.82
CA GLU C 603 -4.36 -32.55 26.46
C GLU C 603 -4.11 -32.96 25.02
N GLU C 604 -4.58 -34.15 24.64
CA GLU C 604 -4.39 -34.61 23.27
C GLU C 604 -5.13 -33.73 22.28
N SER C 605 -6.31 -33.24 22.67
CA SER C 605 -7.06 -32.36 21.79
C SER C 605 -6.33 -31.04 21.57
N PHE C 606 -5.86 -30.41 22.65
CA PHE C 606 -5.04 -29.21 22.51
C PHE C 606 -3.81 -29.48 21.64
N LYS C 607 -3.16 -30.63 21.87
CA LYS C 607 -1.95 -30.97 21.13
C LYS C 607 -2.22 -31.05 19.63
N THR C 608 -3.23 -31.83 19.23
CA THR C 608 -3.48 -32.04 17.82
C THR C 608 -4.05 -30.78 17.17
N LEU C 609 -4.85 -30.00 17.89
CA LEU C 609 -5.38 -28.77 17.30
C LEU C 609 -4.30 -27.71 17.14
N PHE C 610 -3.31 -27.68 18.04
CA PHE C 610 -2.20 -26.77 17.85
C PHE C 610 -1.32 -27.20 16.70
N TRP C 611 -0.93 -28.47 16.67
CA TRP C 611 -0.07 -28.93 15.59
C TRP C 611 -0.78 -28.96 14.25
N SER C 612 -2.11 -28.81 14.22
CA SER C 612 -2.83 -28.65 12.97
C SER C 612 -2.58 -27.30 12.32
N ILE C 613 -2.20 -26.29 13.11
CA ILE C 613 -1.91 -24.97 12.55
C ILE C 613 -0.77 -25.07 11.55
N PHE C 614 0.24 -25.89 11.85
CA PHE C 614 1.41 -26.04 10.99
C PHE C 614 1.32 -27.25 10.08
N GLY C 615 0.13 -27.85 9.93
CA GLY C 615 -0.06 -28.98 9.06
C GLY C 615 0.64 -30.26 9.47
N LEU C 616 1.13 -30.33 10.71
CA LEU C 616 1.90 -31.47 11.18
C LEU C 616 1.05 -32.54 11.83
N SER C 617 -0.27 -32.40 11.82
CA SER C 617 -1.18 -33.40 12.36
C SER C 617 -2.02 -34.00 11.24
N GLU C 618 -2.16 -35.33 11.27
CA GLU C 618 -2.85 -36.05 10.21
C GLU C 618 -4.34 -35.73 10.19
N VAL C 619 -4.98 -36.08 9.07
CA VAL C 619 -6.43 -35.97 8.94
C VAL C 619 -7.13 -37.21 9.44
N THR C 620 -6.40 -38.30 9.68
CA THR C 620 -6.96 -39.51 10.27
C THR C 620 -7.20 -39.37 11.76
N SER C 621 -7.12 -38.15 12.29
CA SER C 621 -7.40 -37.93 13.71
C SER C 621 -8.88 -38.14 14.03
N VAL C 622 -9.76 -37.74 13.11
CA VAL C 622 -11.19 -37.69 13.39
C VAL C 622 -11.93 -38.98 13.04
N VAL C 623 -11.30 -39.89 12.31
CA VAL C 623 -11.98 -41.10 11.87
C VAL C 623 -12.12 -42.08 13.03
N LEU C 624 -13.20 -42.85 13.04
CA LEU C 624 -13.53 -43.78 14.12
C LEU C 624 -13.33 -45.23 13.67
N LYS C 625 -12.97 -46.12 14.59
CA LYS C 625 -13.08 -47.54 14.26
C LYS C 625 -14.54 -48.00 14.24
N TYR C 626 -15.38 -47.41 15.10
CA TYR C 626 -16.76 -47.89 15.17
C TYR C 626 -17.58 -47.39 13.99
N ASP C 627 -18.64 -48.11 13.67
CA ASP C 627 -19.54 -47.70 12.59
C ASP C 627 -20.58 -46.70 13.11
N HIS C 628 -20.07 -45.55 13.55
CA HIS C 628 -20.86 -44.33 13.74
C HIS C 628 -20.42 -43.28 12.74
N LYS C 629 -21.33 -42.92 11.83
CA LYS C 629 -21.02 -41.92 10.81
C LYS C 629 -21.44 -40.50 11.19
N PHE C 630 -22.44 -40.32 12.06
CA PHE C 630 -22.83 -38.98 12.45
C PHE C 630 -21.70 -38.27 13.19
N ILE C 631 -21.14 -38.92 14.22
CA ILE C 631 -20.08 -38.30 15.00
C ILE C 631 -18.84 -38.06 14.15
N GLU C 632 -18.48 -39.05 13.32
CA GLU C 632 -17.29 -38.91 12.49
C GLU C 632 -17.46 -37.81 11.44
N ASN C 633 -18.65 -37.68 10.88
CA ASN C 633 -18.88 -36.63 9.89
C ASN C 633 -18.89 -35.26 10.54
N ILE C 634 -19.46 -35.15 11.75
CA ILE C 634 -19.40 -33.87 12.46
C ILE C 634 -17.96 -33.55 12.83
N GLY C 635 -17.15 -34.56 13.13
CA GLY C 635 -15.73 -34.32 13.34
C GLY C 635 -15.04 -33.78 12.09
N TYR C 636 -15.33 -34.40 10.94
CA TYR C 636 -14.83 -33.89 9.66
C TYR C 636 -15.20 -32.42 9.50
N VAL C 637 -16.47 -32.09 9.68
CA VAL C 637 -16.94 -30.74 9.43
C VAL C 637 -16.31 -29.75 10.41
N LEU C 638 -16.25 -30.10 11.69
CA LEU C 638 -15.67 -29.19 12.68
C LEU C 638 -14.18 -28.99 12.43
N TYR C 639 -13.45 -30.05 12.08
CA TYR C 639 -12.03 -29.91 11.79
C TYR C 639 -11.80 -29.02 10.56
N GLY C 640 -12.59 -29.21 9.50
CA GLY C 640 -12.47 -28.36 8.34
C GLY C 640 -12.80 -26.91 8.64
N ILE C 641 -13.86 -26.67 9.41
CA ILE C 641 -14.22 -25.31 9.80
C ILE C 641 -13.10 -24.68 10.61
N TYR C 642 -12.46 -25.47 11.47
CA TYR C 642 -11.36 -24.96 12.29
C TYR C 642 -10.19 -24.54 11.42
N ASN C 643 -9.82 -25.38 10.45
CA ASN C 643 -8.72 -25.04 9.56
C ASN C 643 -9.04 -23.78 8.77
N VAL C 644 -10.25 -23.68 8.23
CA VAL C 644 -10.62 -22.50 7.45
C VAL C 644 -10.61 -21.25 8.31
N THR C 645 -11.08 -21.37 9.55
CA THR C 645 -11.11 -20.22 10.45
C THR C 645 -9.71 -19.77 10.83
N MET C 646 -8.80 -20.72 11.07
CA MET C 646 -7.42 -20.36 11.34
C MET C 646 -6.79 -19.66 10.15
N VAL C 647 -7.09 -20.13 8.93
CA VAL C 647 -6.56 -19.45 7.74
C VAL C 647 -7.11 -18.04 7.63
N VAL C 648 -8.40 -17.86 7.90
CA VAL C 648 -9.01 -16.54 7.80
C VAL C 648 -8.41 -15.59 8.82
N VAL C 649 -8.20 -16.07 10.04
CA VAL C 649 -7.63 -15.21 11.08
C VAL C 649 -6.19 -14.85 10.74
N LEU C 650 -5.43 -15.80 10.17
CA LEU C 650 -4.07 -15.49 9.75
C LEU C 650 -4.05 -14.43 8.65
N LEU C 651 -4.94 -14.55 7.66
CA LEU C 651 -5.00 -13.56 6.60
C LEU C 651 -5.38 -12.19 7.13
N ASN C 652 -6.34 -12.15 8.07
CA ASN C 652 -6.73 -10.88 8.66
C ASN C 652 -5.57 -10.26 9.44
N MET C 653 -4.81 -11.09 10.17
CA MET C 653 -3.62 -10.60 10.87
C MET C 653 -2.62 -9.99 9.89
N LEU C 654 -2.36 -10.69 8.79
CA LEU C 654 -1.40 -10.19 7.80
C LEU C 654 -1.85 -8.86 7.22
N ILE C 655 -3.14 -8.75 6.89
CA ILE C 655 -3.64 -7.51 6.31
C ILE C 655 -3.58 -6.37 7.32
N ALA C 656 -4.00 -6.63 8.55
CA ALA C 656 -3.95 -5.59 9.58
C ALA C 656 -2.52 -5.11 9.80
N MET C 657 -1.56 -6.03 9.81
CA MET C 657 -0.17 -5.63 9.99
C MET C 657 0.34 -4.82 8.80
N ILE C 658 -0.05 -5.20 7.59
CA ILE C 658 0.35 -4.45 6.40
C ILE C 658 -0.20 -3.03 6.46
N ASN C 659 -1.47 -2.89 6.82
CA ASN C 659 -2.06 -1.56 6.93
C ASN C 659 -1.42 -0.74 8.04
N SER C 660 -1.20 -1.35 9.20
CA SER C 660 -0.56 -0.67 10.31
C SER C 660 0.91 -0.34 10.02
N SER C 661 1.50 -0.94 8.99
CA SER C 661 2.87 -0.61 8.62
C SER C 661 3.00 0.84 8.15
N TYR C 662 1.94 1.40 7.56
CA TYR C 662 1.93 2.81 7.18
C TYR C 662 0.57 3.41 7.47
N ASP C 667 10.45 9.93 7.09
CA ASP C 667 11.58 9.20 7.64
C ASP C 667 11.32 8.81 9.09
N ASP C 668 10.09 8.38 9.39
CA ASP C 668 9.76 7.96 10.75
C ASP C 668 10.45 6.65 11.11
N SER C 669 10.55 5.74 10.13
CA SER C 669 11.29 4.50 10.36
C SER C 669 12.76 4.74 10.65
N ASP C 670 13.29 5.88 10.20
CA ASP C 670 14.67 6.22 10.51
C ASP C 670 14.79 6.85 11.89
N VAL C 671 13.85 7.74 12.25
CA VAL C 671 13.96 8.41 13.54
C VAL C 671 13.66 7.45 14.68
N GLU C 672 12.80 6.45 14.47
CA GLU C 672 12.57 5.46 15.51
C GLU C 672 13.83 4.66 15.80
N TRP C 673 14.52 4.22 14.74
CA TRP C 673 15.77 3.49 14.94
C TRP C 673 16.83 4.38 15.58
N LYS C 674 16.94 5.64 15.14
CA LYS C 674 17.92 6.52 15.74
C LYS C 674 17.61 6.80 17.20
N PHE C 675 16.33 6.85 17.56
CA PHE C 675 15.94 7.02 18.96
C PHE C 675 16.32 5.79 19.79
N ALA C 676 16.08 4.60 19.26
CA ALA C 676 16.47 3.38 19.96
C ALA C 676 17.99 3.32 20.14
N ARG C 677 18.74 3.66 19.09
CA ARG C 677 20.20 3.64 19.19
C ARG C 677 20.70 4.70 20.16
N SER C 678 20.04 5.85 20.22
CA SER C 678 20.46 6.89 21.16
C SER C 678 20.19 6.47 22.60
N LYS C 679 19.08 5.75 22.83
CA LYS C 679 18.87 5.17 24.16
C LYS C 679 19.97 4.18 24.49
N LEU C 680 20.35 3.34 23.53
CA LEU C 680 21.45 2.40 23.74
C LEU C 680 22.74 3.13 24.09
N TRP C 681 23.02 4.24 23.41
CA TRP C 681 24.23 5.01 23.68
C TRP C 681 24.20 5.60 25.09
N LEU C 682 23.12 6.32 25.42
CA LEU C 682 23.00 6.94 26.73
C LEU C 682 23.03 5.93 27.85
N SER C 683 22.66 4.67 27.57
CA SER C 683 22.80 3.64 28.61
C SER C 683 24.26 3.41 28.97
N TYR C 684 25.18 3.67 28.03
CA TYR C 684 26.61 3.47 28.27
C TYR C 684 27.37 4.74 28.58
N PHE C 685 26.80 5.91 28.26
CA PHE C 685 27.49 7.17 28.59
C PHE C 685 27.81 7.26 30.08
N ASP C 686 26.85 6.89 30.92
CA ASP C 686 27.08 6.87 32.36
C ASP C 686 26.16 5.84 33.04
N LYS C 689 28.65 1.39 34.77
CA LYS C 689 28.71 0.28 33.82
C LYS C 689 30.04 0.30 33.07
N THR C 690 31.13 0.04 33.80
CA THR C 690 32.45 0.08 33.17
C THR C 690 32.92 -1.30 32.73
N LEU C 691 32.73 -2.32 33.58
CA LEU C 691 33.20 -3.65 33.26
C LEU C 691 32.02 -4.62 33.08
N PRO C 692 32.20 -5.65 32.26
CA PRO C 692 31.09 -6.57 31.96
C PRO C 692 30.61 -7.30 33.21
N PRO C 693 29.46 -7.97 33.13
CA PRO C 693 28.90 -8.67 34.30
C PRO C 693 29.87 -9.64 34.96
N PRO C 694 30.64 -10.43 34.19
CA PRO C 694 31.57 -11.37 34.87
C PRO C 694 32.62 -10.67 35.72
N PHE C 695 33.15 -9.54 35.25
CA PHE C 695 34.22 -8.84 35.96
C PHE C 695 33.71 -7.65 36.77
N SER C 696 32.41 -7.39 36.75
CA SER C 696 31.83 -6.34 37.58
C SER C 696 31.55 -6.82 39.00
N LEU C 697 31.87 -8.08 39.32
CA LEU C 697 31.69 -8.56 40.68
C LEU C 697 32.79 -8.07 41.62
N VAL C 698 34.01 -7.98 41.13
CA VAL C 698 35.12 -7.50 41.98
C VAL C 698 34.90 -6.03 42.30
N PRO C 699 35.12 -5.60 43.55
CA PRO C 699 34.93 -4.20 43.95
C PRO C 699 36.22 -3.38 43.91
N GLN C 759 22.99 41.63 34.07
CA GLN C 759 23.66 40.62 33.25
C GLN C 759 22.91 39.30 33.36
N PRO C 760 22.15 38.96 32.31
CA PRO C 760 21.20 37.84 32.43
C PRO C 760 21.85 36.50 32.75
N THR C 761 22.64 35.98 31.80
CA THR C 761 23.45 34.76 31.92
C THR C 761 24.06 34.57 30.54
N ARG C 762 25.06 33.70 30.46
CA ARG C 762 25.49 33.23 29.15
C ARG C 762 24.41 32.34 28.53
N TYR C 763 23.85 31.43 29.32
CA TYR C 763 22.80 30.55 28.80
C TYR C 763 21.55 31.33 28.43
N GLN C 764 21.19 32.32 29.25
CA GLN C 764 20.02 33.14 28.91
C GLN C 764 20.26 33.94 27.64
N GLN C 765 21.49 34.39 27.40
CA GLN C 765 21.81 35.09 26.16
C GLN C 765 21.65 34.16 24.97
N ILE C 766 22.20 32.95 25.05
CA ILE C 766 22.08 31.98 23.96
C ILE C 766 20.61 31.66 23.70
N MET C 767 19.84 31.45 24.76
CA MET C 767 18.44 31.08 24.59
C MET C 767 17.63 32.23 24.00
N LYS C 768 17.92 33.46 24.44
CA LYS C 768 17.24 34.62 23.86
C LYS C 768 17.56 34.76 22.37
N ARG C 769 18.82 34.52 22.00
CA ARG C 769 19.18 34.57 20.58
C ARG C 769 18.42 33.52 19.77
N LEU C 770 18.37 32.28 20.29
CA LEU C 770 17.68 31.20 19.57
C LEU C 770 16.19 31.48 19.44
N ILE C 771 15.56 31.98 20.51
CA ILE C 771 14.13 32.26 20.44
C ILE C 771 13.85 33.45 19.52
N LYS C 772 14.75 34.42 19.47
CA LYS C 772 14.62 35.50 18.51
C LYS C 772 14.68 34.97 17.09
N ARG C 773 15.64 34.06 16.82
CA ARG C 773 15.69 33.43 15.51
C ARG C 773 14.39 32.70 15.17
N TYR C 774 13.83 32.01 16.15
CA TYR C 774 12.62 31.23 15.89
C TYR C 774 11.43 32.15 15.59
N VAL C 775 11.27 33.21 16.38
CA VAL C 775 10.18 34.16 16.14
C VAL C 775 10.34 34.81 14.78
N LEU C 776 11.57 35.20 14.42
CA LEU C 776 11.80 35.84 13.13
C LEU C 776 11.51 34.89 11.98
N LYS C 777 11.97 33.63 12.09
CA LYS C 777 11.72 32.65 11.04
C LYS C 777 10.22 32.39 10.89
N ALA C 778 9.51 32.29 12.01
CA ALA C 778 8.06 32.06 11.92
C ALA C 778 7.35 33.24 11.28
N GLN C 779 7.70 34.47 11.66
CA GLN C 779 7.04 35.64 11.07
C GLN C 779 7.36 35.76 9.59
N VAL C 780 8.61 35.48 9.20
CA VAL C 780 8.97 35.55 7.79
C VAL C 780 8.24 34.47 7.00
N ASP C 781 8.13 33.26 7.55
CA ASP C 781 7.42 32.19 6.87
C ASP C 781 5.93 32.53 6.72
N LYS C 782 5.35 33.19 7.74
CA LYS C 782 3.94 33.54 7.67
C LYS C 782 3.70 34.65 6.64
N GLU C 783 4.51 35.70 6.69
CA GLU C 783 4.33 36.83 5.77
C GLU C 783 4.62 36.43 4.33
N ASN C 784 5.62 35.57 4.11
CA ASN C 784 5.97 35.18 2.74
C ASN C 784 4.83 34.46 2.06
N ASP C 785 4.13 33.59 2.78
CA ASP C 785 2.99 32.85 2.23
C ASP C 785 1.79 33.75 2.04
N THR D 22 -21.42 41.20 -39.55
CA THR D 22 -22.34 41.40 -38.43
C THR D 22 -23.62 42.10 -38.91
N SER D 23 -24.76 41.44 -38.69
CA SER D 23 -26.04 42.01 -39.10
C SER D 23 -26.39 43.28 -38.33
N LEU D 24 -25.78 43.49 -37.17
CA LEU D 24 -26.10 44.65 -36.34
C LEU D 24 -25.69 45.94 -37.02
N THR D 25 -26.41 47.01 -36.71
CA THR D 25 -26.09 48.33 -37.23
C THR D 25 -25.09 49.03 -36.31
N ALA D 26 -24.74 50.27 -36.66
CA ALA D 26 -23.68 50.97 -35.95
C ALA D 26 -24.15 51.51 -34.60
N GLU D 27 -25.38 52.02 -34.55
CA GLU D 27 -25.86 52.62 -33.30
C GLU D 27 -26.02 51.58 -32.20
N GLU D 28 -26.53 50.39 -32.54
CA GLU D 28 -26.68 49.38 -31.50
C GLU D 28 -25.34 48.78 -31.09
N GLU D 29 -24.35 48.79 -32.00
CA GLU D 29 -23.00 48.43 -31.59
C GLU D 29 -22.43 49.46 -30.61
N ARG D 30 -22.64 50.75 -30.90
CA ARG D 30 -22.22 51.80 -29.98
C ARG D 30 -22.90 51.65 -28.63
N PHE D 31 -24.17 51.24 -28.64
CA PHE D 31 -24.89 50.98 -27.40
C PHE D 31 -24.28 49.79 -26.65
N LEU D 32 -24.04 48.69 -27.35
CA LEU D 32 -23.62 47.46 -26.70
C LEU D 32 -22.19 47.54 -26.17
N ASP D 33 -21.30 48.26 -26.86
CA ASP D 33 -19.95 48.40 -26.33
C ASP D 33 -19.96 49.09 -24.97
N ALA D 34 -20.74 50.17 -24.86
CA ALA D 34 -20.82 50.88 -23.59
C ALA D 34 -21.56 50.06 -22.54
N ALA D 35 -22.58 49.31 -22.94
CA ALA D 35 -23.30 48.47 -21.99
C ALA D 35 -22.40 47.36 -21.44
N GLU D 36 -21.60 46.74 -22.31
CA GLU D 36 -20.68 45.70 -21.88
C GLU D 36 -19.58 46.27 -20.99
N TYR D 37 -19.00 47.40 -21.40
CA TYR D 37 -17.92 48.01 -20.63
C TYR D 37 -18.43 48.93 -19.52
N GLY D 38 -19.74 49.00 -19.32
CA GLY D 38 -20.29 49.64 -18.14
C GLY D 38 -20.28 51.15 -18.12
N ASN D 39 -20.22 51.80 -19.27
CA ASN D 39 -20.27 53.26 -19.32
C ASN D 39 -21.73 53.69 -19.18
N ILE D 40 -22.08 54.15 -17.98
CA ILE D 40 -23.49 54.48 -17.69
C ILE D 40 -24.02 55.61 -18.56
N PRO D 41 -23.33 56.76 -18.70
CA PRO D 41 -23.95 57.87 -19.43
C PRO D 41 -24.18 57.60 -20.91
N VAL D 42 -23.27 56.88 -21.56
CA VAL D 42 -23.44 56.60 -22.99
C VAL D 42 -24.69 55.75 -23.21
N VAL D 43 -24.85 54.70 -22.40
CA VAL D 43 -26.02 53.83 -22.53
C VAL D 43 -27.29 54.59 -22.20
N ARG D 44 -27.26 55.39 -21.13
CA ARG D 44 -28.43 56.19 -20.76
C ARG D 44 -28.84 57.11 -21.91
N LYS D 45 -27.88 57.84 -22.48
CA LYS D 45 -28.18 58.73 -23.59
C LYS D 45 -28.68 57.96 -24.80
N MET D 46 -28.14 56.76 -25.03
CA MET D 46 -28.53 55.99 -26.20
C MET D 46 -29.98 55.52 -26.10
N LEU D 47 -30.38 54.98 -24.96
CA LEU D 47 -31.72 54.42 -24.83
C LEU D 47 -32.78 55.43 -24.42
N GLU D 48 -32.42 56.71 -24.29
CA GLU D 48 -33.38 57.75 -23.92
C GLU D 48 -33.92 58.40 -25.19
N GLU D 49 -35.17 58.08 -25.54
CA GLU D 49 -35.96 58.73 -26.58
C GLU D 49 -35.48 58.46 -28.00
N SER D 50 -34.57 57.51 -28.20
CA SER D 50 -34.21 57.12 -29.56
C SER D 50 -35.34 56.33 -30.20
N LYS D 51 -35.64 56.67 -31.46
CA LYS D 51 -36.72 55.98 -32.16
C LYS D 51 -36.36 54.53 -32.45
N THR D 52 -35.16 54.31 -32.99
CA THR D 52 -34.62 52.99 -33.28
C THR D 52 -33.91 52.47 -32.03
N LEU D 53 -33.03 51.47 -32.19
CA LEU D 53 -32.23 50.92 -31.09
C LEU D 53 -33.08 50.10 -30.13
N ASN D 54 -33.85 49.17 -30.68
CA ASN D 54 -34.54 48.17 -29.86
C ASN D 54 -33.57 47.53 -28.87
N VAL D 55 -33.98 47.46 -27.61
CA VAL D 55 -33.09 46.98 -26.56
C VAL D 55 -32.83 45.48 -26.65
N ASN D 56 -33.65 44.75 -27.41
CA ASN D 56 -33.50 43.31 -27.55
C ASN D 56 -32.48 42.91 -28.62
N CYS D 57 -31.57 43.81 -28.97
CA CYS D 57 -30.62 43.55 -30.05
C CYS D 57 -29.63 42.47 -29.64
N VAL D 58 -28.75 42.11 -30.59
CA VAL D 58 -27.81 41.01 -30.37
C VAL D 58 -26.39 41.52 -30.55
N ASP D 59 -25.40 40.65 -30.34
CA ASP D 59 -23.99 41.06 -30.32
C ASP D 59 -23.16 40.03 -31.07
N TYR D 60 -21.83 40.19 -31.00
CA TYR D 60 -20.92 39.33 -31.75
C TYR D 60 -20.99 37.89 -31.28
N MET D 61 -21.11 37.67 -29.98
CA MET D 61 -21.18 36.33 -29.41
C MET D 61 -22.62 35.80 -29.32
N GLY D 62 -23.59 36.55 -29.86
CA GLY D 62 -24.98 36.18 -29.73
C GLY D 62 -25.61 36.63 -28.43
N GLN D 63 -24.92 37.44 -27.64
CA GLN D 63 -25.38 37.85 -26.34
C GLN D 63 -26.41 39.00 -26.47
N ASN D 64 -26.71 39.63 -25.35
CA ASN D 64 -27.69 40.71 -25.27
C ASN D 64 -27.07 41.85 -24.47
N ALA D 65 -27.71 43.03 -24.55
CA ALA D 65 -27.29 44.15 -23.72
C ALA D 65 -27.38 43.81 -22.24
N LEU D 66 -28.52 43.23 -21.83
CA LEU D 66 -28.73 42.90 -20.43
C LEU D 66 -27.73 41.84 -19.95
N GLN D 67 -27.48 40.82 -20.78
CA GLN D 67 -26.57 39.76 -20.38
C GLN D 67 -25.14 40.26 -20.32
N LEU D 68 -24.75 41.12 -21.25
CA LEU D 68 -23.41 41.71 -21.18
C LEU D 68 -23.27 42.62 -19.96
N ALA D 69 -24.36 43.30 -19.57
CA ALA D 69 -24.30 44.14 -18.39
C ALA D 69 -24.19 43.32 -17.11
N VAL D 70 -24.91 42.19 -17.05
CA VAL D 70 -24.89 41.38 -15.83
C VAL D 70 -23.63 40.53 -15.74
N GLY D 71 -23.06 40.14 -16.89
CA GLY D 71 -21.88 39.28 -16.87
C GLY D 71 -20.71 39.90 -16.12
N ASN D 72 -20.53 41.20 -16.27
CA ASN D 72 -19.55 41.97 -15.50
C ASN D 72 -20.34 42.93 -14.63
N GLU D 73 -20.25 42.75 -13.31
CA GLU D 73 -21.20 43.34 -12.37
C GLU D 73 -21.34 44.86 -12.56
N HIS D 74 -22.53 45.28 -13.01
CA HIS D 74 -22.86 46.68 -13.22
C HIS D 74 -24.33 46.85 -12.85
N LEU D 75 -24.57 47.24 -11.59
CA LEU D 75 -25.94 47.39 -11.12
C LEU D 75 -26.64 48.55 -11.81
N GLU D 76 -25.90 49.63 -12.09
CA GLU D 76 -26.51 50.79 -12.74
C GLU D 76 -26.97 50.47 -14.15
N VAL D 77 -26.10 49.87 -14.96
CA VAL D 77 -26.44 49.56 -16.33
C VAL D 77 -27.58 48.56 -16.38
N THR D 78 -27.54 47.55 -15.52
CA THR D 78 -28.60 46.55 -15.48
C THR D 78 -29.93 47.19 -15.08
N GLU D 79 -29.90 48.10 -14.11
CA GLU D 79 -31.14 48.76 -13.69
C GLU D 79 -31.72 49.61 -14.81
N LEU D 80 -30.88 50.43 -15.46
CA LEU D 80 -31.38 51.29 -16.52
C LEU D 80 -31.86 50.48 -17.72
N LEU D 81 -31.26 49.31 -17.97
CA LEU D 81 -31.80 48.42 -18.99
C LEU D 81 -33.15 47.83 -18.55
N LEU D 82 -33.26 47.47 -17.27
CA LEU D 82 -34.51 46.92 -16.73
C LEU D 82 -35.64 47.94 -16.76
N LYS D 83 -35.32 49.24 -16.78
CA LYS D 83 -36.37 50.25 -16.89
C LYS D 83 -37.25 50.02 -18.11
N LYS D 84 -36.64 49.55 -19.21
CA LYS D 84 -37.39 49.30 -20.44
C LYS D 84 -38.43 48.20 -20.23
N GLU D 85 -39.62 48.41 -20.80
CA GLU D 85 -40.72 47.48 -20.57
C GLU D 85 -40.49 46.15 -21.27
N ASN D 86 -40.20 46.19 -22.56
CA ASN D 86 -40.02 44.97 -23.36
C ASN D 86 -38.53 44.70 -23.49
N LEU D 87 -38.02 43.83 -22.63
CA LEU D 87 -36.61 43.42 -22.66
C LEU D 87 -36.55 41.90 -22.68
N ALA D 88 -35.75 41.36 -23.60
CA ALA D 88 -35.70 39.92 -23.82
C ALA D 88 -34.61 39.26 -22.99
N ARG D 89 -34.81 37.97 -22.71
CA ARG D 89 -33.84 37.14 -21.99
C ARG D 89 -33.56 37.68 -20.59
N ILE D 90 -34.63 37.94 -19.84
CA ILE D 90 -34.50 38.36 -18.45
C ILE D 90 -34.13 37.18 -17.57
N GLY D 91 -34.76 36.03 -17.80
CA GLY D 91 -34.49 34.85 -16.98
C GLY D 91 -33.05 34.38 -17.12
N ASP D 92 -32.49 34.47 -18.34
CA ASP D 92 -31.09 34.15 -18.51
C ASP D 92 -30.20 35.09 -17.71
N ALA D 93 -30.54 36.37 -17.67
CA ALA D 93 -29.78 37.32 -16.86
C ALA D 93 -29.88 36.97 -15.38
N LEU D 94 -31.06 36.55 -14.93
CA LEU D 94 -31.22 36.13 -13.54
C LEU D 94 -30.35 34.91 -13.23
N LEU D 95 -30.37 33.91 -14.11
CA LEU D 95 -29.55 32.73 -13.89
C LEU D 95 -28.06 33.06 -13.93
N LEU D 96 -27.67 34.02 -14.77
CA LEU D 96 -26.26 34.42 -14.81
C LEU D 96 -25.86 35.15 -13.54
N ALA D 97 -26.75 36.00 -13.01
CA ALA D 97 -26.46 36.70 -11.76
C ALA D 97 -26.41 35.73 -10.58
N ILE D 98 -27.29 34.72 -10.59
CA ILE D 98 -27.30 33.73 -9.52
C ILE D 98 -26.05 32.87 -9.60
N SER D 99 -25.62 32.52 -10.81
CA SER D 99 -24.39 31.74 -10.97
C SER D 99 -23.20 32.45 -10.33
N LYS D 100 -23.22 33.76 -10.28
CA LYS D 100 -22.19 34.56 -9.63
C LYS D 100 -22.73 35.11 -8.31
N GLY D 101 -21.93 35.93 -7.65
CA GLY D 101 -22.31 36.43 -6.34
C GLY D 101 -22.95 37.80 -6.34
N TYR D 102 -23.50 38.22 -7.48
CA TYR D 102 -24.05 39.57 -7.63
C TYR D 102 -25.45 39.60 -7.04
N VAL D 103 -25.51 39.80 -5.72
CA VAL D 103 -26.78 39.77 -5.02
C VAL D 103 -27.63 40.98 -5.38
N ARG D 104 -27.00 42.13 -5.58
CA ARG D 104 -27.75 43.35 -5.89
C ARG D 104 -28.43 43.23 -7.24
N ILE D 105 -27.74 42.66 -8.23
CA ILE D 105 -28.34 42.47 -9.54
C ILE D 105 -29.51 41.50 -9.45
N VAL D 106 -29.38 40.48 -8.59
CA VAL D 106 -30.47 39.53 -8.40
C VAL D 106 -31.68 40.24 -7.80
N GLU D 107 -31.46 41.08 -6.79
CA GLU D 107 -32.55 41.85 -6.20
C GLU D 107 -33.22 42.74 -7.24
N ALA D 108 -32.41 43.40 -8.08
CA ALA D 108 -32.96 44.26 -9.12
C ALA D 108 -33.82 43.48 -10.10
N ILE D 109 -33.32 42.34 -10.58
CA ILE D 109 -34.06 41.55 -11.56
C ILE D 109 -35.31 40.95 -10.94
N LEU D 110 -35.27 40.59 -9.65
CA LEU D 110 -36.48 40.09 -9.01
C LEU D 110 -37.50 41.19 -8.80
N ASN D 111 -37.05 42.43 -8.61
CA ASN D 111 -37.98 43.55 -8.51
C ASN D 111 -38.65 43.90 -9.84
N HIS D 112 -38.19 43.31 -10.94
CA HIS D 112 -38.81 43.55 -12.23
C HIS D 112 -40.29 43.18 -12.19
N PRO D 113 -41.17 43.95 -12.84
CA PRO D 113 -42.60 43.60 -12.83
C PRO D 113 -42.90 42.30 -13.58
N GLY D 114 -42.00 41.84 -14.44
CA GLY D 114 -42.22 40.57 -15.11
C GLY D 114 -42.24 39.40 -14.16
N PHE D 115 -41.41 39.45 -13.11
CA PHE D 115 -41.35 38.38 -12.14
C PHE D 115 -42.45 38.48 -11.08
N ALA D 116 -42.90 39.69 -10.78
CA ALA D 116 -43.78 39.90 -9.63
C ALA D 116 -45.13 39.23 -9.83
N ALA D 117 -45.81 39.53 -10.93
CA ALA D 117 -47.18 39.09 -11.15
C ALA D 117 -47.27 37.78 -11.93
N SER D 118 -46.19 37.01 -11.99
CA SER D 118 -46.16 35.78 -12.78
C SER D 118 -45.60 34.63 -11.95
N LYS D 119 -45.86 33.42 -12.42
CA LYS D 119 -45.32 32.19 -11.85
C LYS D 119 -43.96 31.83 -12.44
N ARG D 120 -43.35 32.75 -13.20
CA ARG D 120 -42.13 32.42 -13.94
C ARG D 120 -40.97 32.10 -13.02
N LEU D 121 -40.90 32.74 -11.85
CA LEU D 121 -39.75 32.54 -10.97
C LEU D 121 -39.69 31.12 -10.41
N THR D 122 -40.85 30.58 -10.01
CA THR D 122 -40.86 29.29 -9.33
C THR D 122 -40.59 28.15 -10.30
N LEU D 123 -41.42 28.02 -11.34
CA LEU D 123 -41.39 26.83 -12.19
C LEU D 123 -40.21 26.88 -13.16
N SER D 124 -39.76 25.68 -13.55
CA SER D 124 -38.56 25.54 -14.34
C SER D 124 -38.78 26.04 -15.78
N PRO D 125 -37.70 26.46 -16.45
CA PRO D 125 -37.84 26.89 -17.86
C PRO D 125 -38.38 25.82 -18.78
N CYS D 126 -38.18 24.54 -18.45
CA CYS D 126 -38.61 23.46 -19.34
C CYS D 126 -40.13 23.36 -19.41
N GLU D 127 -40.81 23.55 -18.28
CA GLU D 127 -42.25 23.30 -18.21
C GLU D 127 -43.03 24.49 -17.66
N GLN D 128 -42.48 25.71 -17.75
CA GLN D 128 -43.12 26.86 -17.14
C GLN D 128 -44.41 27.23 -17.87
N GLU D 129 -44.36 27.29 -19.20
CA GLU D 129 -45.48 27.77 -19.99
C GLU D 129 -45.33 27.20 -21.40
N LEU D 130 -46.06 27.80 -22.35
CA LEU D 130 -45.84 27.45 -23.76
C LEU D 130 -44.41 27.76 -24.18
N GLN D 131 -43.77 28.72 -23.52
CA GLN D 131 -42.37 29.07 -23.71
C GLN D 131 -42.08 29.65 -25.10
N ASP D 132 -43.10 30.24 -25.75
CA ASP D 132 -42.85 30.95 -26.99
C ASP D 132 -41.95 32.16 -26.76
N ASP D 133 -42.11 32.82 -25.61
CA ASP D 133 -41.26 33.95 -25.26
C ASP D 133 -39.88 33.46 -24.85
N ASP D 134 -38.85 34.22 -25.23
CA ASP D 134 -37.47 33.88 -24.89
C ASP D 134 -37.13 34.43 -23.49
N PHE D 135 -37.84 33.91 -22.49
CA PHE D 135 -37.62 34.35 -21.12
C PHE D 135 -36.28 33.87 -20.58
N TYR D 136 -36.02 32.56 -20.69
CA TYR D 136 -34.80 31.96 -20.17
C TYR D 136 -33.81 31.62 -21.28
N ALA D 137 -34.04 32.10 -22.49
CA ALA D 137 -33.22 31.68 -23.62
C ALA D 137 -31.77 32.13 -23.47
N TYR D 138 -30.87 31.31 -24.01
CA TYR D 138 -29.47 31.60 -24.23
C TYR D 138 -29.31 31.72 -25.74
N ASP D 139 -28.05 31.76 -26.21
CA ASP D 139 -27.69 32.40 -27.47
C ASP D 139 -28.73 32.20 -28.58
N GLU D 140 -28.85 30.98 -29.11
CA GLU D 140 -29.95 30.73 -30.04
C GLU D 140 -30.63 29.39 -29.79
N ASP D 141 -29.85 28.35 -29.46
CA ASP D 141 -30.38 26.99 -29.52
C ASP D 141 -31.06 26.55 -28.22
N GLY D 142 -30.43 26.78 -27.07
CA GLY D 142 -30.97 26.29 -25.83
C GLY D 142 -30.68 27.23 -24.68
N THR D 143 -31.07 26.80 -23.49
CA THR D 143 -30.87 27.58 -22.27
C THR D 143 -29.39 27.52 -21.85
N ARG D 144 -29.01 28.47 -20.99
CA ARG D 144 -27.64 28.52 -20.49
C ARG D 144 -27.27 27.24 -19.73
N PHE D 145 -28.13 26.84 -18.79
CA PHE D 145 -27.96 25.62 -18.03
C PHE D 145 -28.98 24.58 -18.51
N SER D 146 -29.03 23.46 -17.81
CA SER D 146 -30.00 22.43 -18.13
C SER D 146 -31.41 23.03 -18.06
N PRO D 147 -32.32 22.64 -18.96
CA PRO D 147 -33.68 23.19 -18.92
C PRO D 147 -34.43 22.87 -17.64
N ASP D 148 -33.98 21.86 -16.88
CA ASP D 148 -34.64 21.51 -15.63
C ASP D 148 -34.27 22.45 -14.49
N ILE D 149 -33.06 23.02 -14.52
CA ILE D 149 -32.59 23.84 -13.42
C ILE D 149 -33.41 25.12 -13.31
N THR D 150 -33.86 25.44 -12.11
CA THR D 150 -34.57 26.67 -11.79
C THR D 150 -33.60 27.67 -11.17
N PRO D 151 -34.02 28.93 -10.97
CA PRO D 151 -33.16 29.85 -10.23
C PRO D 151 -32.83 29.39 -8.83
N ILE D 152 -33.79 28.81 -8.10
CA ILE D 152 -33.54 28.37 -6.74
C ILE D 152 -32.66 27.13 -6.72
N ILE D 153 -32.89 26.19 -7.64
CA ILE D 153 -32.05 25.02 -7.74
C ILE D 153 -30.62 25.42 -8.08
N LEU D 154 -30.45 26.40 -8.97
CA LEU D 154 -29.11 26.86 -9.31
C LEU D 154 -28.44 27.58 -8.14
N ALA D 155 -29.21 28.37 -7.39
CA ALA D 155 -28.66 29.02 -6.21
C ALA D 155 -28.20 27.99 -5.18
N ALA D 156 -28.97 26.92 -5.00
CA ALA D 156 -28.57 25.86 -4.09
C ALA D 156 -27.32 25.14 -4.59
N HIS D 157 -27.26 24.88 -5.90
CA HIS D 157 -26.07 24.28 -6.50
C HIS D 157 -24.82 25.12 -6.19
N CYS D 158 -24.91 26.43 -6.45
CA CYS D 158 -23.76 27.31 -6.26
C CYS D 158 -23.48 27.63 -4.79
N GLN D 159 -24.39 27.26 -3.88
CA GLN D 159 -24.23 27.52 -2.45
C GLN D 159 -24.10 29.02 -2.18
N LYS D 160 -25.04 29.79 -2.71
CA LYS D 160 -25.14 31.23 -2.46
C LYS D 160 -26.21 31.45 -1.40
N TYR D 161 -25.78 31.67 -0.16
CA TYR D 161 -26.72 31.75 0.95
C TYR D 161 -27.65 32.95 0.80
N GLU D 162 -27.11 34.11 0.44
CA GLU D 162 -27.93 35.30 0.28
C GLU D 162 -28.99 35.09 -0.82
N VAL D 163 -28.56 34.57 -1.97
CA VAL D 163 -29.47 34.37 -3.08
C VAL D 163 -30.54 33.33 -2.72
N VAL D 164 -30.14 32.29 -2.00
CA VAL D 164 -31.10 31.27 -1.58
C VAL D 164 -32.16 31.87 -0.66
N HIS D 165 -31.72 32.70 0.30
CA HIS D 165 -32.67 33.34 1.18
C HIS D 165 -33.61 34.26 0.41
N MET D 166 -33.06 35.05 -0.52
CA MET D 166 -33.88 35.95 -1.33
C MET D 166 -34.94 35.17 -2.09
N LEU D 167 -34.54 34.11 -2.77
CA LEU D 167 -35.49 33.33 -3.56
C LEU D 167 -36.50 32.61 -2.68
N LEU D 168 -36.10 32.24 -1.46
CA LEU D 168 -37.05 31.62 -0.53
C LEU D 168 -38.07 32.64 -0.02
N MET D 169 -37.68 33.91 0.08
CA MET D 169 -38.65 34.93 0.49
C MET D 169 -39.77 35.06 -0.54
N LYS D 170 -39.44 34.93 -1.82
CA LYS D 170 -40.44 35.04 -2.87
C LYS D 170 -41.33 33.80 -2.97
N GLY D 171 -41.06 32.76 -2.18
CA GLY D 171 -41.84 31.55 -2.25
C GLY D 171 -41.30 30.51 -3.21
N ALA D 172 -40.09 30.70 -3.73
CA ALA D 172 -39.47 29.75 -4.65
C ALA D 172 -38.76 28.68 -3.83
N ARG D 173 -39.31 27.47 -3.84
CA ARG D 173 -38.77 26.34 -3.10
C ARG D 173 -38.57 25.16 -4.04
N ILE D 174 -37.48 24.42 -3.83
CA ILE D 174 -37.21 23.23 -4.63
C ILE D 174 -38.29 22.20 -4.35
N GLU D 175 -38.96 21.75 -5.40
CA GLU D 175 -39.99 20.73 -5.26
C GLU D 175 -39.33 19.37 -5.17
N ARG D 176 -39.61 18.65 -4.09
CA ARG D 176 -39.01 17.34 -3.90
C ARG D 176 -39.46 16.40 -5.02
N PRO D 177 -38.52 15.72 -5.70
CA PRO D 177 -38.92 14.85 -6.81
C PRO D 177 -39.74 13.67 -6.33
N HIS D 178 -40.61 13.19 -7.20
CA HIS D 178 -41.47 12.06 -6.87
C HIS D 178 -40.64 10.81 -6.61
N ASP D 179 -41.27 9.84 -5.96
CA ASP D 179 -40.62 8.56 -5.71
C ASP D 179 -40.23 7.92 -7.03
N TYR D 180 -39.14 7.13 -6.99
CA TYR D 180 -38.63 6.50 -8.21
C TYR D 180 -39.71 5.68 -8.88
N PHE D 181 -40.50 4.93 -8.11
CA PHE D 181 -41.51 4.04 -8.64
C PHE D 181 -42.89 4.70 -8.76
N CYS D 182 -42.94 6.03 -8.79
CA CYS D 182 -44.21 6.72 -8.97
C CYS D 182 -44.78 6.43 -10.35
N LYS D 183 -46.11 6.23 -10.40
CA LYS D 183 -46.80 5.92 -11.63
C LYS D 183 -47.80 7.00 -12.04
N CYS D 184 -47.70 8.19 -11.46
CA CYS D 184 -48.61 9.27 -11.81
C CYS D 184 -48.47 9.62 -13.28
N GLY D 185 -49.50 10.27 -13.82
CA GLY D 185 -49.51 10.58 -15.24
C GLY D 185 -48.37 11.48 -15.67
N ASP D 186 -48.00 12.44 -14.82
CA ASP D 186 -46.93 13.36 -15.15
C ASP D 186 -45.59 12.63 -15.25
N CYS D 187 -45.25 11.83 -14.25
CA CYS D 187 -43.99 11.11 -14.26
C CYS D 187 -43.93 10.11 -15.41
N MET D 188 -45.05 9.45 -15.70
CA MET D 188 -45.09 8.52 -16.83
C MET D 188 -44.87 9.26 -18.14
N GLU D 189 -45.51 10.43 -18.31
CA GLU D 189 -45.33 11.20 -19.52
C GLU D 189 -43.89 11.64 -19.69
N LYS D 190 -43.26 12.11 -18.60
CA LYS D 190 -41.86 12.51 -18.68
C LYS D 190 -40.95 11.30 -18.90
N GLN D 191 -41.39 10.11 -18.49
CA GLN D 191 -40.59 8.92 -18.70
C GLN D 191 -40.67 8.41 -20.14
N ARG D 192 -41.81 8.61 -20.80
CA ARG D 192 -41.96 8.11 -22.17
C ARG D 192 -40.92 8.70 -23.11
N HIS D 193 -40.78 10.03 -23.10
CA HIS D 193 -39.79 10.70 -23.94
C HIS D 193 -38.73 11.34 -23.07
N ASP D 194 -37.46 11.13 -23.42
CA ASP D 194 -36.32 11.63 -22.67
C ASP D 194 -36.32 11.13 -21.22
N SER D 195 -36.23 9.80 -21.08
CA SER D 195 -36.07 9.23 -19.75
C SER D 195 -34.73 9.62 -19.14
N PHE D 196 -33.70 9.74 -19.98
CA PHE D 196 -32.40 10.20 -19.50
C PHE D 196 -32.50 11.60 -18.94
N SER D 197 -33.18 12.51 -19.65
CA SER D 197 -33.36 13.86 -19.15
C SER D 197 -34.16 13.88 -17.86
N HIS D 198 -35.12 12.96 -17.73
CA HIS D 198 -35.91 12.88 -16.50
C HIS D 198 -35.03 12.48 -15.32
N SER D 199 -34.20 11.47 -15.51
CA SER D 199 -33.27 11.07 -14.45
C SER D 199 -32.30 12.19 -14.12
N ARG D 200 -31.80 12.89 -15.14
CA ARG D 200 -30.87 13.99 -14.89
C ARG D 200 -31.55 15.11 -14.10
N SER D 201 -32.83 15.38 -14.40
CA SER D 201 -33.55 16.41 -13.66
C SER D 201 -33.77 15.99 -12.21
N ARG D 202 -34.07 14.71 -11.99
CA ARG D 202 -34.17 14.23 -10.61
C ARG D 202 -32.86 14.42 -9.86
N ILE D 203 -31.74 14.09 -10.50
CA ILE D 203 -30.45 14.26 -9.84
C ILE D 203 -30.17 15.73 -9.56
N ASN D 204 -30.55 16.62 -10.47
CA ASN D 204 -30.36 18.05 -10.22
C ASN D 204 -31.20 18.53 -9.05
N ALA D 205 -32.46 18.09 -8.98
CA ALA D 205 -33.30 18.47 -7.85
C ALA D 205 -32.71 17.97 -6.53
N TYR D 206 -32.18 16.76 -6.52
CA TYR D 206 -31.59 16.23 -5.28
C TYR D 206 -30.28 16.91 -4.95
N LYS D 207 -29.49 17.30 -5.95
CA LYS D 207 -28.27 18.04 -5.67
C LYS D 207 -28.57 19.44 -5.16
N GLY D 208 -29.73 19.99 -5.53
CA GLY D 208 -30.16 21.25 -4.94
C GLY D 208 -30.66 21.07 -3.52
N LEU D 209 -31.42 20.00 -3.26
CA LEU D 209 -31.94 19.75 -1.92
C LEU D 209 -30.82 19.42 -0.94
N ALA D 210 -29.83 18.66 -1.38
CA ALA D 210 -28.74 18.23 -0.52
C ALA D 210 -27.67 19.31 -0.33
N SER D 211 -27.93 20.53 -0.78
CA SER D 211 -26.94 21.59 -0.62
C SER D 211 -27.00 22.16 0.79
N PRO D 212 -25.85 22.38 1.43
CA PRO D 212 -25.86 22.96 2.79
C PRO D 212 -26.59 24.30 2.86
N ALA D 213 -26.51 25.12 1.82
CA ALA D 213 -27.24 26.38 1.81
C ALA D 213 -28.74 26.15 1.93
N TYR D 214 -29.29 25.35 1.01
CA TYR D 214 -30.73 25.09 1.05
C TYR D 214 -31.11 24.28 2.28
N LEU D 215 -30.24 23.36 2.72
CA LEU D 215 -30.55 22.60 3.93
C LEU D 215 -30.69 23.51 5.14
N SER D 216 -29.77 24.46 5.30
CA SER D 216 -29.81 25.32 6.47
C SER D 216 -30.94 26.34 6.39
N LEU D 217 -31.14 26.95 5.22
CA LEU D 217 -32.11 28.03 5.10
C LEU D 217 -33.49 27.55 4.68
N SER D 218 -33.70 26.24 4.53
CA SER D 218 -34.95 25.75 3.96
C SER D 218 -36.06 25.66 4.99
N SER D 219 -35.79 24.99 6.12
CA SER D 219 -36.85 24.65 7.05
C SER D 219 -36.32 24.67 8.47
N GLU D 220 -37.25 24.66 9.42
CA GLU D 220 -36.89 24.53 10.83
C GLU D 220 -36.41 23.10 11.10
N ASP D 221 -35.49 22.97 12.06
CA ASP D 221 -34.85 21.71 12.41
C ASP D 221 -34.19 21.10 11.18
N PRO D 222 -33.13 21.72 10.65
CA PRO D 222 -32.51 21.20 9.42
C PRO D 222 -31.66 19.95 9.66
N VAL D 223 -31.30 19.61 10.89
CA VAL D 223 -30.50 18.41 11.10
C VAL D 223 -31.34 17.16 10.82
N LEU D 224 -32.60 17.15 11.24
CA LEU D 224 -33.48 16.03 10.93
C LEU D 224 -33.75 15.96 9.43
N THR D 225 -33.96 17.12 8.79
CA THR D 225 -34.13 17.15 7.35
C THR D 225 -32.93 16.54 6.65
N ALA D 226 -31.72 16.89 7.09
CA ALA D 226 -30.52 16.39 6.44
C ALA D 226 -30.35 14.88 6.67
N LEU D 227 -30.67 14.40 7.87
CA LEU D 227 -30.59 12.96 8.13
C LEU D 227 -31.57 12.19 7.23
N GLU D 228 -32.82 12.64 7.16
CA GLU D 228 -33.81 11.95 6.34
C GLU D 228 -33.43 12.00 4.87
N LEU D 229 -32.93 13.14 4.40
CA LEU D 229 -32.51 13.23 3.00
C LEU D 229 -31.31 12.34 2.73
N SER D 230 -30.40 12.19 3.70
CA SER D 230 -29.28 11.27 3.54
C SER D 230 -29.78 9.85 3.36
N ASN D 231 -30.73 9.43 4.18
CA ASN D 231 -31.28 8.08 4.04
C ASN D 231 -31.97 7.91 2.68
N GLU D 232 -32.75 8.90 2.27
CA GLU D 232 -33.46 8.82 1.00
C GLU D 232 -32.49 8.71 -0.17
N LEU D 233 -31.43 9.50 -0.15
CA LEU D 233 -30.44 9.46 -1.22
C LEU D 233 -29.67 8.15 -1.22
N ALA D 234 -29.41 7.56 -0.05
CA ALA D 234 -28.76 6.26 -0.03
C ALA D 234 -29.66 5.18 -0.65
N LYS D 235 -30.94 5.19 -0.28
CA LYS D 235 -31.87 4.23 -0.88
C LYS D 235 -31.96 4.41 -2.39
N LEU D 236 -31.98 5.65 -2.86
CA LEU D 236 -32.05 5.87 -4.30
C LEU D 236 -30.73 5.52 -4.99
N ALA D 237 -29.60 5.62 -4.28
CA ALA D 237 -28.35 5.12 -4.83
C ALA D 237 -28.40 3.61 -5.02
N ASN D 238 -29.00 2.91 -4.07
CA ASN D 238 -29.14 1.46 -4.23
C ASN D 238 -30.15 1.11 -5.32
N ILE D 239 -31.14 1.96 -5.56
CA ILE D 239 -32.17 1.64 -6.55
C ILE D 239 -31.69 1.95 -7.97
N GLU D 240 -31.11 3.13 -8.19
CA GLU D 240 -30.74 3.55 -9.55
C GLU D 240 -29.64 2.66 -10.12
N LYS D 241 -28.47 2.65 -9.47
CA LYS D 241 -27.33 1.81 -9.82
C LYS D 241 -26.58 2.25 -11.07
N GLU D 242 -27.09 3.26 -11.77
CA GLU D 242 -26.31 3.91 -12.84
C GLU D 242 -25.66 5.18 -12.34
N PHE D 243 -26.41 6.01 -11.63
CA PHE D 243 -25.91 7.22 -11.02
C PHE D 243 -25.63 7.01 -9.53
N LYS D 244 -25.19 5.80 -9.17
CA LYS D 244 -24.95 5.46 -7.77
C LYS D 244 -23.93 6.41 -7.14
N ASN D 245 -22.91 6.79 -7.89
CA ASN D 245 -21.87 7.66 -7.34
C ASN D 245 -22.40 9.06 -7.07
N ASP D 246 -23.28 9.56 -7.94
CA ASP D 246 -23.88 10.87 -7.70
C ASP D 246 -24.69 10.89 -6.41
N TYR D 247 -25.58 9.90 -6.25
CA TYR D 247 -26.41 9.85 -5.05
C TYR D 247 -25.57 9.60 -3.81
N ARG D 248 -24.49 8.83 -3.92
CA ARG D 248 -23.63 8.63 -2.76
C ARG D 248 -22.89 9.91 -2.39
N LYS D 249 -22.48 10.70 -3.39
CA LYS D 249 -21.88 12.00 -3.09
C LYS D 249 -22.88 12.90 -2.39
N LEU D 250 -24.13 12.91 -2.84
CA LEU D 250 -25.13 13.75 -2.19
C LEU D 250 -25.42 13.28 -0.76
N SER D 251 -25.47 11.96 -0.55
CA SER D 251 -25.67 11.44 0.80
C SER D 251 -24.50 11.81 1.71
N MET D 252 -23.27 11.78 1.17
CA MET D 252 -22.12 12.21 1.95
C MET D 252 -22.18 13.70 2.26
N GLN D 253 -22.71 14.50 1.33
CA GLN D 253 -22.93 15.92 1.61
C GLN D 253 -23.88 16.10 2.79
N CYS D 254 -24.99 15.37 2.81
CA CYS D 254 -25.93 15.49 3.93
C CYS D 254 -25.28 15.05 5.24
N LYS D 255 -24.58 13.92 5.24
CA LYS D 255 -23.90 13.47 6.44
C LYS D 255 -22.89 14.50 6.93
N ASP D 256 -22.13 15.09 6.02
CA ASP D 256 -21.15 16.10 6.41
C ASP D 256 -21.83 17.34 6.98
N PHE D 257 -22.98 17.72 6.43
CA PHE D 257 -23.70 18.87 7.00
C PHE D 257 -24.13 18.57 8.42
N VAL D 258 -24.67 17.38 8.66
CA VAL D 258 -25.12 17.02 10.01
C VAL D 258 -23.94 17.06 10.98
N VAL D 259 -22.82 16.46 10.58
CA VAL D 259 -21.64 16.42 11.46
C VAL D 259 -21.10 17.82 11.69
N GLY D 260 -21.15 18.68 10.66
CA GLY D 260 -20.67 20.04 10.83
C GLY D 260 -21.54 20.84 11.78
N VAL D 261 -22.85 20.66 11.69
CA VAL D 261 -23.74 21.34 12.64
C VAL D 261 -23.48 20.84 14.06
N LEU D 262 -23.23 19.53 14.21
CA LEU D 262 -22.93 18.99 15.54
C LEU D 262 -21.61 19.55 16.08
N ASP D 263 -20.64 19.77 15.20
CA ASP D 263 -19.31 20.18 15.64
C ASP D 263 -19.33 21.56 16.31
N LEU D 264 -20.20 22.46 15.84
CA LEU D 264 -20.17 23.84 16.30
C LEU D 264 -20.67 24.01 17.73
N CYS D 265 -21.27 22.98 18.33
CA CYS D 265 -21.78 23.10 19.69
C CYS D 265 -20.65 23.39 20.67
N ARG D 266 -20.87 24.37 21.53
CA ARG D 266 -19.89 24.73 22.56
C ARG D 266 -20.51 24.82 23.94
N ASP D 267 -21.77 24.41 24.11
CA ASP D 267 -22.39 24.27 25.41
C ASP D 267 -23.02 22.89 25.52
N SER D 268 -23.28 22.46 26.75
CA SER D 268 -23.91 21.16 26.92
C SER D 268 -25.37 21.19 26.51
N GLU D 269 -26.02 22.36 26.63
CA GLU D 269 -27.42 22.48 26.22
C GLU D 269 -27.56 22.32 24.71
N GLU D 270 -26.65 22.90 23.93
CA GLU D 270 -26.71 22.77 22.49
C GLU D 270 -26.40 21.34 22.04
N VAL D 271 -25.42 20.68 22.69
CA VAL D 271 -25.16 19.28 22.39
C VAL D 271 -26.38 18.43 22.67
N GLU D 272 -27.03 18.66 23.83
CA GLU D 272 -28.24 17.90 24.15
C GLU D 272 -29.36 18.19 23.15
N ALA D 273 -29.47 19.44 22.69
CA ALA D 273 -30.52 19.78 21.74
C ALA D 273 -30.30 19.10 20.39
N ILE D 274 -29.05 18.99 19.96
CA ILE D 274 -28.80 18.32 18.68
C ILE D 274 -28.95 16.81 18.83
N LEU D 275 -28.48 16.25 19.95
CA LEU D 275 -28.50 14.79 20.12
C LEU D 275 -29.91 14.24 20.28
N ASN D 276 -30.85 15.06 20.75
CA ASN D 276 -32.24 14.65 20.80
C ASN D 276 -33.11 15.88 20.55
N GLY D 277 -34.15 15.71 19.75
CA GLY D 277 -34.99 16.82 19.37
C GLY D 277 -35.78 17.38 20.53
N ASP D 278 -36.74 18.23 20.18
CA ASP D 278 -37.61 18.86 21.15
C ASP D 278 -38.50 17.83 21.84
N SER D 293 -33.54 10.51 26.59
CA SER D 293 -33.63 9.82 25.31
C SER D 293 -32.69 10.44 24.28
N LEU D 294 -32.06 9.59 23.48
CA LEU D 294 -31.15 10.03 22.42
C LEU D 294 -31.84 9.72 21.10
N SER D 295 -32.72 10.62 20.67
CA SER D 295 -33.50 10.37 19.48
C SER D 295 -32.67 10.50 18.22
N ARG D 296 -31.94 11.60 18.08
CA ARG D 296 -31.14 11.80 16.88
C ARG D 296 -29.99 10.83 16.80
N VAL D 297 -29.44 10.40 17.93
CA VAL D 297 -28.37 9.40 17.91
C VAL D 297 -28.92 8.06 17.41
N LYS D 298 -30.09 7.66 17.88
CA LYS D 298 -30.72 6.44 17.39
C LYS D 298 -31.02 6.55 15.90
N LEU D 299 -31.52 7.71 15.46
CA LEU D 299 -31.90 7.87 14.06
C LEU D 299 -30.67 7.94 13.16
N ALA D 300 -29.53 8.41 13.68
CA ALA D 300 -28.30 8.42 12.91
C ALA D 300 -27.65 7.05 12.89
N ILE D 301 -27.81 6.26 13.94
CA ILE D 301 -27.36 4.88 13.92
C ILE D 301 -28.17 4.07 12.91
N LYS D 302 -29.48 4.35 12.83
CA LYS D 302 -30.31 3.65 11.86
C LYS D 302 -29.91 4.00 10.44
N TYR D 303 -29.60 5.27 10.18
CA TYR D 303 -29.22 5.74 8.85
C TYR D 303 -27.73 5.66 8.59
N GLU D 304 -26.97 5.00 9.47
CA GLU D 304 -25.56 4.69 9.24
C GLU D 304 -24.70 5.94 9.09
N VAL D 305 -25.00 6.99 9.86
CA VAL D 305 -24.20 8.21 9.86
C VAL D 305 -23.11 8.00 10.91
N LYS D 306 -21.94 7.56 10.46
CA LYS D 306 -20.91 7.09 11.37
C LYS D 306 -20.16 8.22 12.06
N LYS D 307 -19.97 9.36 11.39
CA LYS D 307 -19.19 10.44 11.99
C LYS D 307 -20.00 11.29 12.95
N PHE D 308 -21.33 11.30 12.81
CA PHE D 308 -22.18 11.94 13.81
C PHE D 308 -22.10 11.21 15.15
N VAL D 309 -22.09 9.87 15.11
CA VAL D 309 -22.12 9.09 16.33
C VAL D 309 -20.72 8.94 16.92
N ALA D 310 -19.68 8.95 16.08
CA ALA D 310 -18.30 8.85 16.54
C ALA D 310 -17.67 10.21 16.79
N HIS D 311 -18.47 11.25 16.89
CA HIS D 311 -17.94 12.58 17.16
C HIS D 311 -17.74 12.77 18.67
N PRO D 312 -16.64 13.41 19.07
CA PRO D 312 -16.40 13.60 20.52
C PRO D 312 -17.56 14.25 21.27
N ASN D 313 -18.27 15.18 20.64
CA ASN D 313 -19.39 15.84 21.30
C ASN D 313 -20.52 14.86 21.58
N CYS D 314 -20.68 13.85 20.74
CA CYS D 314 -21.67 12.80 20.98
C CYS D 314 -21.13 11.70 21.89
N GLN D 315 -19.84 11.37 21.76
CA GLN D 315 -19.26 10.31 22.57
C GLN D 315 -19.21 10.70 24.04
N GLN D 316 -18.97 11.98 24.33
CA GLN D 316 -18.94 12.40 25.73
C GLN D 316 -20.32 12.24 26.39
N GLN D 317 -21.38 12.56 25.64
CA GLN D 317 -22.72 12.38 26.19
C GLN D 317 -23.06 10.91 26.36
N LEU D 318 -22.72 10.09 25.36
CA LEU D 318 -22.97 8.66 25.49
C LEU D 318 -22.17 8.05 26.65
N LEU D 319 -21.00 8.61 26.95
CA LEU D 319 -20.19 8.12 28.06
C LEU D 319 -20.76 8.55 29.41
N THR D 320 -21.29 9.78 29.51
CA THR D 320 -21.91 10.17 30.76
C THR D 320 -23.24 9.45 30.98
N ILE D 321 -23.91 9.00 29.92
CA ILE D 321 -25.06 8.13 30.11
C ILE D 321 -24.63 6.71 30.46
N TRP D 322 -23.50 6.26 29.90
CA TRP D 322 -23.06 4.88 30.07
C TRP D 322 -22.60 4.62 31.49
N TYR D 323 -21.70 5.46 32.01
CA TYR D 323 -21.23 5.32 33.40
C TYR D 323 -22.09 6.16 34.34
N GLU D 324 -23.39 5.87 34.35
CA GLU D 324 -24.32 6.59 35.20
C GLU D 324 -24.37 5.96 36.58
N ASN D 325 -24.51 6.80 37.61
CA ASN D 325 -24.60 6.42 39.02
C ASN D 325 -23.31 5.82 39.56
N LEU D 326 -22.28 5.66 38.73
CA LEU D 326 -20.96 5.19 39.17
C LEU D 326 -19.93 6.03 38.43
N SER D 327 -19.56 7.16 39.03
CA SER D 327 -18.66 8.09 38.35
C SER D 327 -17.20 7.67 38.48
N GLY D 328 -16.80 7.13 39.63
CA GLY D 328 -15.41 6.82 39.86
C GLY D 328 -14.87 5.73 38.96
N LEU D 329 -15.73 4.80 38.55
CA LEU D 329 -15.27 3.65 37.77
C LEU D 329 -14.94 4.00 36.32
N ARG D 330 -15.11 5.26 35.90
CA ARG D 330 -14.77 5.63 34.54
C ARG D 330 -13.27 5.66 34.31
N GLU D 331 -12.49 6.02 35.34
CA GLU D 331 -11.06 6.25 35.19
C GLU D 331 -10.21 5.07 35.61
N GLN D 332 -10.79 4.02 36.19
CA GLN D 332 -10.01 2.87 36.63
C GLN D 332 -9.40 2.15 35.44
N THR D 333 -8.29 1.47 35.69
CA THR D 333 -7.58 0.75 34.64
C THR D 333 -8.43 -0.41 34.12
N ILE D 334 -7.96 -0.99 33.01
CA ILE D 334 -8.67 -2.11 32.42
C ILE D 334 -8.64 -3.33 33.34
N ALA D 335 -7.54 -3.52 34.06
CA ALA D 335 -7.43 -4.65 34.98
C ALA D 335 -8.52 -4.62 36.04
N ILE D 336 -8.79 -3.44 36.60
CA ILE D 336 -9.78 -3.34 37.68
C ILE D 336 -11.18 -3.58 37.14
N LYS D 337 -11.48 -3.10 35.92
CA LYS D 337 -12.80 -3.33 35.34
C LYS D 337 -13.00 -4.81 35.04
N CYS D 338 -11.98 -5.49 34.52
CA CYS D 338 -12.09 -6.93 34.30
C CYS D 338 -12.25 -7.67 35.63
N LEU D 339 -11.56 -7.20 36.68
CA LEU D 339 -11.73 -7.79 38.00
C LEU D 339 -13.17 -7.62 38.49
N VAL D 340 -13.78 -6.47 38.17
CA VAL D 340 -15.18 -6.27 38.52
C VAL D 340 -16.05 -7.29 37.79
N VAL D 341 -15.71 -7.58 36.53
CA VAL D 341 -16.43 -8.63 35.79
C VAL D 341 -16.36 -9.95 36.55
N LEU D 342 -15.17 -10.30 37.02
CA LEU D 342 -15.00 -11.56 37.76
C LEU D 342 -15.77 -11.55 39.08
N VAL D 343 -15.77 -10.42 39.78
CA VAL D 343 -16.51 -10.31 41.04
C VAL D 343 -18.00 -10.51 40.80
N VAL D 344 -18.53 -9.88 39.74
CA VAL D 344 -19.94 -10.04 39.43
C VAL D 344 -20.23 -11.48 39.02
N ALA D 345 -19.32 -12.11 38.28
CA ALA D 345 -19.52 -13.51 37.91
C ALA D 345 -19.61 -14.40 39.14
N LEU D 346 -18.80 -14.12 40.16
CA LEU D 346 -18.82 -14.95 41.36
C LEU D 346 -20.06 -14.66 42.22
N GLY D 347 -20.49 -13.41 42.27
CA GLY D 347 -21.59 -13.02 43.13
C GLY D 347 -22.94 -12.81 42.47
N LEU D 348 -23.11 -13.22 41.22
CA LEU D 348 -24.35 -12.92 40.51
C LEU D 348 -25.61 -13.55 41.10
N PRO D 349 -25.63 -14.79 41.60
CA PRO D 349 -26.87 -15.29 42.25
C PRO D 349 -27.36 -14.39 43.37
N PHE D 350 -26.44 -13.92 44.22
CA PHE D 350 -26.82 -13.10 45.35
C PHE D 350 -27.37 -11.75 44.90
N LEU D 351 -26.71 -11.12 43.93
CA LEU D 351 -27.20 -9.85 43.42
C LEU D 351 -28.52 -10.02 42.68
N ALA D 352 -28.73 -11.19 42.05
CA ALA D 352 -30.00 -11.47 41.41
C ALA D 352 -31.14 -11.48 42.41
N ILE D 353 -30.94 -12.17 43.55
CA ILE D 353 -32.02 -12.17 44.54
C ILE D 353 -32.12 -10.81 45.23
N GLY D 354 -31.02 -10.07 45.32
CA GLY D 354 -31.07 -8.76 45.95
C GLY D 354 -31.74 -7.70 45.09
N TYR D 355 -31.73 -7.88 43.77
CA TYR D 355 -32.37 -6.91 42.90
C TYR D 355 -33.86 -6.78 43.16
N TRP D 356 -34.50 -7.81 43.74
CA TRP D 356 -35.91 -7.69 44.10
C TRP D 356 -36.14 -6.62 45.16
N ILE D 357 -35.23 -6.55 46.14
CA ILE D 357 -35.30 -5.52 47.18
C ILE D 357 -34.58 -4.23 46.77
N ALA D 358 -33.81 -4.27 45.68
CA ALA D 358 -32.97 -3.16 45.21
C ALA D 358 -33.65 -1.84 44.86
N PRO D 359 -34.82 -1.81 44.18
CA PRO D 359 -35.34 -0.51 43.69
C PRO D 359 -35.38 0.58 44.75
N CYS D 360 -35.55 0.24 46.02
CA CYS D 360 -35.41 1.22 47.08
C CYS D 360 -33.95 1.52 47.41
N SER D 361 -33.08 0.51 47.28
CA SER D 361 -31.69 0.64 47.68
C SER D 361 -30.90 1.44 46.66
N ARG D 362 -29.78 2.00 47.13
CA ARG D 362 -28.85 2.69 46.23
C ARG D 362 -28.10 1.69 45.35
N LEU D 363 -27.79 0.51 45.89
CA LEU D 363 -27.17 -0.54 45.10
C LEU D 363 -28.06 -0.95 43.93
N GLY D 364 -29.37 -0.80 44.06
CA GLY D 364 -30.25 -0.99 42.92
C GLY D 364 -29.96 -0.02 41.80
N LYS D 365 -29.68 1.24 42.14
CA LYS D 365 -29.29 2.20 41.12
C LYS D 365 -27.92 1.86 40.54
N ILE D 366 -26.99 1.40 41.39
CA ILE D 366 -25.68 1.00 40.89
C ILE D 366 -25.82 -0.14 39.89
N LEU D 367 -26.72 -1.09 40.16
CA LEU D 367 -26.91 -2.22 39.26
C LEU D 367 -27.69 -1.82 38.00
N ARG D 368 -28.60 -0.84 38.10
CA ARG D 368 -29.40 -0.45 36.96
C ARG D 368 -28.62 0.35 35.93
N SER D 369 -27.44 0.84 36.26
CA SER D 369 -26.63 1.58 35.30
C SER D 369 -26.32 0.70 34.08
N PRO D 370 -26.23 1.29 32.89
CA PRO D 370 -25.96 0.50 31.68
C PRO D 370 -24.66 -0.28 31.74
N PHE D 371 -23.61 0.31 32.34
CA PHE D 371 -22.34 -0.41 32.43
C PHE D 371 -22.47 -1.66 33.27
N MET D 372 -23.21 -1.59 34.38
CA MET D 372 -23.39 -2.78 35.20
C MET D 372 -24.33 -3.78 34.54
N LYS D 373 -25.28 -3.32 33.73
CA LYS D 373 -26.05 -4.25 32.92
C LYS D 373 -25.15 -5.03 31.97
N PHE D 374 -24.23 -4.32 31.30
CA PHE D 374 -23.32 -4.99 30.39
C PHE D 374 -22.39 -5.95 31.11
N VAL D 375 -21.87 -5.53 32.27
CA VAL D 375 -21.00 -6.39 33.06
C VAL D 375 -21.76 -7.63 33.53
N ALA D 376 -23.02 -7.45 33.92
CA ALA D 376 -23.82 -8.58 34.35
C ALA D 376 -24.05 -9.57 33.20
N HIS D 377 -24.36 -9.06 32.02
CA HIS D 377 -24.57 -9.94 30.87
C HIS D 377 -23.27 -10.66 30.49
N ALA D 378 -22.14 -9.96 30.54
CA ALA D 378 -20.88 -10.60 30.19
C ALA D 378 -20.50 -11.67 31.22
N ALA D 379 -20.66 -11.37 32.51
CA ALA D 379 -20.39 -12.36 33.54
C ALA D 379 -21.35 -13.54 33.46
N SER D 380 -22.60 -13.28 33.05
CA SER D 380 -23.55 -14.36 32.85
C SER D 380 -23.09 -15.28 31.73
N PHE D 381 -22.68 -14.71 30.60
CA PHE D 381 -22.18 -15.54 29.51
C PHE D 381 -20.93 -16.30 29.92
N ILE D 382 -20.08 -15.67 30.74
CA ILE D 382 -18.90 -16.36 31.25
C ILE D 382 -19.30 -17.56 32.10
N ILE D 383 -20.31 -17.39 32.96
CA ILE D 383 -20.80 -18.49 33.77
C ILE D 383 -21.36 -19.60 32.88
N PHE D 384 -22.01 -19.22 31.78
CA PHE D 384 -22.55 -20.22 30.87
C PHE D 384 -21.44 -21.04 30.23
N LEU D 385 -20.38 -20.38 29.77
CA LEU D 385 -19.24 -21.11 29.20
C LEU D 385 -18.58 -21.98 30.26
N GLY D 386 -18.45 -21.47 31.49
CA GLY D 386 -17.89 -22.26 32.56
C GLY D 386 -18.71 -23.50 32.85
N LEU D 387 -20.03 -23.39 32.75
CA LEU D 387 -20.89 -24.55 32.93
C LEU D 387 -20.72 -25.55 31.78
N LEU D 388 -20.67 -25.05 30.54
CA LEU D 388 -20.44 -25.95 29.41
C LEU D 388 -19.14 -26.72 29.58
N VAL D 389 -18.10 -26.05 30.07
CA VAL D 389 -16.81 -26.73 30.26
C VAL D 389 -16.87 -27.70 31.44
N PHE D 390 -17.39 -27.23 32.58
CA PHE D 390 -17.37 -28.03 33.80
C PHE D 390 -18.28 -29.25 33.69
N ASN D 391 -19.29 -29.19 32.81
CA ASN D 391 -20.11 -30.38 32.59
C ASN D 391 -19.29 -31.51 31.97
N ALA D 392 -18.29 -31.16 31.17
CA ALA D 392 -17.39 -32.15 30.58
C ALA D 392 -16.25 -32.54 31.50
N SER D 393 -16.31 -32.17 32.77
CA SER D 393 -15.28 -32.60 33.71
C SER D 393 -15.41 -34.11 33.96
N ASP D 394 -14.42 -34.65 34.68
CA ASP D 394 -14.21 -36.08 34.91
C ASP D 394 -13.84 -36.82 33.63
N ARG D 395 -13.75 -36.12 32.50
CA ARG D 395 -13.22 -36.68 31.27
C ARG D 395 -12.02 -35.91 30.75
N PHE D 396 -11.55 -34.91 31.51
CA PHE D 396 -10.44 -34.07 31.05
C PHE D 396 -9.21 -34.90 30.76
N GLU D 397 -8.94 -35.92 31.57
CA GLU D 397 -7.81 -36.80 31.36
C GLU D 397 -8.20 -38.11 30.67
N GLY D 398 -9.42 -38.20 30.15
CA GLY D 398 -9.84 -39.36 29.40
C GLY D 398 -10.91 -40.16 30.12
N ILE D 399 -11.74 -40.84 29.34
CA ILE D 399 -12.75 -41.72 29.92
C ILE D 399 -12.05 -42.86 30.66
N THR D 400 -12.67 -43.31 31.74
CA THR D 400 -12.02 -44.28 32.62
C THR D 400 -12.23 -45.71 32.13
N THR D 401 -13.42 -46.03 31.63
CA THR D 401 -13.77 -47.36 31.18
C THR D 401 -13.85 -47.39 29.66
N LEU D 402 -13.43 -48.51 29.08
CA LEU D 402 -13.46 -48.66 27.63
C LEU D 402 -14.90 -48.67 27.14
N PRO D 403 -15.14 -48.24 25.90
CA PRO D 403 -16.52 -48.27 25.37
C PRO D 403 -17.12 -49.66 25.31
N ASN D 404 -16.32 -50.72 25.36
CA ASN D 404 -16.87 -52.07 25.33
C ASN D 404 -17.52 -52.45 26.64
N ILE D 405 -17.06 -51.89 27.75
CA ILE D 405 -17.48 -52.30 29.08
C ILE D 405 -18.71 -51.51 29.51
N THR D 406 -19.61 -52.18 30.22
CA THR D 406 -20.82 -51.56 30.78
C THR D 406 -20.73 -51.60 32.30
N VAL D 407 -20.79 -50.42 32.93
CA VAL D 407 -20.75 -50.29 34.37
C VAL D 407 -22.05 -49.66 34.84
N THR D 408 -22.65 -50.25 35.88
CA THR D 408 -23.92 -49.78 36.41
C THR D 408 -23.84 -49.73 37.93
N ASP D 409 -24.59 -48.78 38.52
CA ASP D 409 -24.56 -48.60 39.96
C ASP D 409 -25.18 -49.80 40.68
N TYR D 410 -26.43 -50.13 40.34
CA TYR D 410 -27.10 -51.27 40.93
C TYR D 410 -27.55 -52.25 39.85
N PRO D 411 -27.53 -53.56 40.13
CA PRO D 411 -27.68 -54.55 39.04
C PRO D 411 -28.96 -54.43 38.23
N LYS D 412 -30.07 -54.06 38.87
CA LYS D 412 -31.36 -54.11 38.20
C LYS D 412 -31.53 -53.06 37.12
N GLN D 413 -30.71 -52.01 37.12
CA GLN D 413 -30.94 -50.89 36.22
C GLN D 413 -30.38 -51.16 34.82
N ILE D 414 -31.04 -50.57 33.83
CA ILE D 414 -30.56 -50.61 32.46
C ILE D 414 -29.39 -49.65 32.30
N PHE D 415 -28.39 -50.07 31.51
CA PHE D 415 -27.21 -49.23 31.33
C PHE D 415 -27.53 -47.92 30.61
N ARG D 416 -28.52 -47.92 29.72
CA ARG D 416 -28.87 -46.68 29.02
C ARG D 416 -29.48 -45.65 29.96
N VAL D 417 -30.20 -46.10 31.00
CA VAL D 417 -30.66 -45.18 32.03
C VAL D 417 -29.48 -44.47 32.68
N LYS D 418 -28.43 -45.23 32.97
CA LYS D 418 -27.20 -44.65 33.52
C LYS D 418 -26.52 -43.70 32.53
N THR D 419 -26.60 -44.00 31.23
CA THR D 419 -25.87 -43.21 30.25
C THR D 419 -26.59 -41.90 29.89
N THR D 420 -27.92 -41.91 29.85
CA THR D 420 -28.67 -40.78 29.32
C THR D 420 -29.34 -39.93 30.39
N GLN D 421 -29.12 -40.21 31.68
CA GLN D 421 -29.76 -39.43 32.71
C GLN D 421 -29.19 -38.02 32.76
N PHE D 422 -30.03 -37.06 33.14
CA PHE D 422 -29.64 -35.66 33.18
C PHE D 422 -28.90 -35.35 34.48
N THR D 423 -27.64 -34.97 34.37
CA THR D 423 -26.91 -34.46 35.52
C THR D 423 -27.37 -33.04 35.84
N TRP D 424 -26.98 -32.56 37.04
CA TRP D 424 -27.50 -31.28 37.52
C TRP D 424 -27.04 -30.13 36.63
N THR D 425 -25.74 -30.10 36.29
CA THR D 425 -25.25 -29.02 35.44
C THR D 425 -25.90 -29.04 34.07
N GLU D 426 -26.29 -30.24 33.58
CA GLU D 426 -26.96 -30.31 32.29
C GLU D 426 -28.36 -29.72 32.36
N MET D 427 -29.09 -29.96 33.46
CA MET D 427 -30.38 -29.32 33.64
C MET D 427 -30.22 -27.81 33.76
N LEU D 428 -29.15 -27.36 34.40
CA LEU D 428 -28.89 -25.92 34.47
C LEU D 428 -28.64 -25.34 33.08
N ILE D 429 -27.89 -26.06 32.24
CA ILE D 429 -27.69 -25.64 30.85
C ILE D 429 -29.03 -25.58 30.13
N MET D 430 -29.92 -26.55 30.40
CA MET D 430 -31.21 -26.56 29.74
C MET D 430 -32.03 -25.33 30.10
N VAL D 431 -32.10 -24.99 31.40
CA VAL D 431 -32.86 -23.81 31.79
C VAL D 431 -32.21 -22.56 31.25
N TRP D 432 -30.88 -22.55 31.12
CA TRP D 432 -30.18 -21.41 30.55
C TRP D 432 -30.56 -21.21 29.08
N VAL D 433 -30.54 -22.29 28.30
CA VAL D 433 -30.88 -22.20 26.89
C VAL D 433 -32.34 -21.84 26.73
N LEU D 434 -33.21 -22.31 27.63
CA LEU D 434 -34.61 -21.91 27.59
C LEU D 434 -34.76 -20.40 27.83
N GLY D 435 -33.98 -19.86 28.76
CA GLY D 435 -34.03 -18.42 28.99
C GLY D 435 -33.55 -17.61 27.80
N MET D 436 -32.41 -18.01 27.23
CA MET D 436 -31.90 -17.33 26.04
C MET D 436 -32.89 -17.43 24.88
N MET D 437 -33.52 -18.59 24.72
CA MET D 437 -34.50 -18.77 23.66
C MET D 437 -35.72 -17.91 23.91
N TRP D 438 -36.12 -17.74 25.17
CA TRP D 438 -37.24 -16.87 25.49
C TRP D 438 -36.92 -15.43 25.11
N SER D 439 -35.73 -14.95 25.47
CA SER D 439 -35.34 -13.59 25.09
C SER D 439 -35.32 -13.41 23.58
N GLU D 440 -34.77 -14.40 22.86
CA GLU D 440 -34.66 -14.28 21.42
C GLU D 440 -36.03 -14.34 20.75
N CYS D 441 -36.92 -15.22 21.22
CA CYS D 441 -38.28 -15.26 20.68
C CYS D 441 -39.06 -14.00 21.02
N LYS D 442 -38.79 -13.38 22.16
CA LYS D 442 -39.42 -12.11 22.49
C LYS D 442 -39.01 -11.03 21.49
N GLU D 443 -37.71 -10.92 21.23
CA GLU D 443 -37.25 -9.92 20.25
C GLU D 443 -37.74 -10.27 18.84
N LEU D 444 -37.89 -11.55 18.53
CA LEU D 444 -38.47 -11.94 17.25
C LEU D 444 -39.93 -11.50 17.14
N TRP D 445 -40.71 -11.69 18.20
CA TRP D 445 -42.10 -11.27 18.19
C TRP D 445 -42.21 -9.76 18.08
N LEU D 446 -41.29 -9.04 18.73
CA LEU D 446 -41.33 -7.58 18.68
C LEU D 446 -40.97 -7.06 17.29
N GLU D 447 -39.77 -7.41 16.81
CA GLU D 447 -39.30 -6.84 15.54
C GLU D 447 -39.98 -7.47 14.33
N GLY D 448 -40.49 -8.69 14.46
CA GLY D 448 -41.14 -9.36 13.36
C GLY D 448 -40.16 -10.20 12.55
N PRO D 449 -40.65 -11.33 12.02
CA PRO D 449 -39.74 -12.26 11.31
C PRO D 449 -38.96 -11.62 10.17
N ARG D 450 -39.61 -10.75 9.38
CA ARG D 450 -38.95 -10.16 8.23
C ARG D 450 -37.73 -9.35 8.63
N GLU D 451 -37.90 -8.42 9.58
CA GLU D 451 -36.77 -7.63 10.04
C GLU D 451 -35.80 -8.46 10.88
N TYR D 452 -36.32 -9.47 11.57
CA TYR D 452 -35.49 -10.31 12.44
C TYR D 452 -34.49 -11.13 11.63
N ILE D 453 -34.89 -11.62 10.46
CA ILE D 453 -34.03 -12.49 9.68
C ILE D 453 -32.94 -11.72 8.94
N LEU D 454 -33.13 -10.41 8.72
CA LEU D 454 -32.21 -9.64 7.89
C LEU D 454 -30.78 -9.66 8.46
N GLN D 455 -30.63 -9.42 9.75
CA GLN D 455 -29.30 -9.45 10.36
C GLN D 455 -28.82 -10.89 10.43
N LEU D 456 -27.71 -11.18 9.75
CA LEU D 456 -27.22 -12.56 9.68
C LEU D 456 -26.74 -13.06 11.04
N TRP D 457 -26.19 -12.17 11.88
CA TRP D 457 -25.73 -12.61 13.18
C TRP D 457 -26.88 -13.08 14.06
N ASN D 458 -28.05 -12.44 13.92
CA ASN D 458 -29.22 -12.89 14.65
C ASN D 458 -29.65 -14.27 14.18
N VAL D 459 -29.51 -14.54 12.88
CA VAL D 459 -29.79 -15.87 12.35
C VAL D 459 -28.82 -16.89 12.94
N LEU D 460 -27.54 -16.53 13.04
CA LEU D 460 -26.57 -17.42 13.66
C LEU D 460 -26.94 -17.72 15.11
N ASP D 461 -27.34 -16.70 15.86
CA ASP D 461 -27.71 -16.88 17.25
C ASP D 461 -28.93 -17.79 17.38
N PHE D 462 -29.94 -17.56 16.54
CA PHE D 462 -31.14 -18.39 16.56
C PHE D 462 -30.80 -19.84 16.21
N GLY D 463 -29.90 -20.04 15.25
CA GLY D 463 -29.51 -21.39 14.90
C GLY D 463 -28.74 -22.09 16.01
N MET D 464 -27.87 -21.35 16.70
CA MET D 464 -27.13 -21.93 17.81
C MET D 464 -28.06 -22.36 18.93
N LEU D 465 -29.01 -21.50 19.30
CA LEU D 465 -29.97 -21.86 20.33
C LEU D 465 -30.85 -23.03 19.89
N SER D 466 -31.24 -23.05 18.61
CA SER D 466 -32.03 -24.16 18.10
C SER D 466 -31.25 -25.46 18.11
N ILE D 467 -29.93 -25.41 17.90
CA ILE D 467 -29.13 -26.63 17.92
C ILE D 467 -28.98 -27.13 19.35
N PHE D 468 -28.85 -26.23 20.32
CA PHE D 468 -28.90 -26.65 21.72
C PHE D 468 -30.22 -27.33 22.03
N ILE D 469 -31.33 -26.74 21.58
CA ILE D 469 -32.65 -27.33 21.81
C ILE D 469 -32.72 -28.71 21.17
N ALA D 470 -32.16 -28.86 19.97
CA ALA D 470 -32.18 -30.16 19.28
C ALA D 470 -31.38 -31.20 20.04
N ALA D 471 -30.19 -30.84 20.53
CA ALA D 471 -29.38 -31.78 21.29
C ALA D 471 -30.11 -32.23 22.55
N PHE D 472 -30.72 -31.29 23.27
CA PHE D 472 -31.40 -31.67 24.50
C PHE D 472 -32.68 -32.47 24.21
N THR D 473 -33.36 -32.20 23.10
CA THR D 473 -34.53 -32.99 22.73
C THR D 473 -34.13 -34.43 22.43
N ALA D 474 -33.07 -34.62 21.65
CA ALA D 474 -32.61 -35.97 21.34
C ALA D 474 -32.17 -36.71 22.61
N ARG D 475 -31.45 -36.01 23.50
CA ARG D 475 -31.06 -36.61 24.76
C ARG D 475 -32.29 -37.02 25.58
N PHE D 476 -33.32 -36.17 25.58
CA PHE D 476 -34.53 -36.50 26.34
C PHE D 476 -35.27 -37.69 25.75
N LEU D 477 -35.28 -37.82 24.41
CA LEU D 477 -35.90 -38.99 23.80
C LEU D 477 -35.15 -40.26 24.16
N ALA D 478 -33.82 -40.22 24.09
CA ALA D 478 -33.03 -41.37 24.52
C ALA D 478 -33.31 -41.71 25.98
N PHE D 479 -33.44 -40.69 26.83
CA PHE D 479 -33.73 -40.94 28.24
C PHE D 479 -35.11 -41.56 28.43
N LEU D 480 -36.10 -41.12 27.65
CA LEU D 480 -37.43 -41.70 27.75
C LEU D 480 -37.42 -43.18 27.35
N GLN D 481 -36.73 -43.51 26.26
CA GLN D 481 -36.62 -44.91 25.87
C GLN D 481 -35.89 -45.73 26.93
N ALA D 482 -34.83 -45.16 27.51
CA ALA D 482 -34.08 -45.88 28.53
C ALA D 482 -34.94 -46.14 29.77
N THR D 483 -35.69 -45.15 30.22
CA THR D 483 -36.51 -45.34 31.41
C THR D 483 -37.69 -46.25 31.13
N LYS D 484 -38.19 -46.29 29.89
CA LYS D 484 -39.22 -47.27 29.57
C LYS D 484 -38.67 -48.69 29.62
N ALA D 485 -37.44 -48.89 29.14
CA ALA D 485 -36.79 -50.20 29.27
C ALA D 485 -36.60 -50.56 30.74
N GLN D 486 -36.15 -49.60 31.55
CA GLN D 486 -35.98 -49.85 32.98
C GLN D 486 -37.30 -50.22 33.65
N GLN D 487 -38.37 -49.53 33.26
CA GLN D 487 -39.68 -49.83 33.83
C GLN D 487 -40.13 -51.23 33.45
N TYR D 488 -39.92 -51.63 32.19
CA TYR D 488 -40.24 -53.00 31.78
C TYR D 488 -39.46 -54.01 32.60
N VAL D 489 -38.15 -53.78 32.78
CA VAL D 489 -37.30 -54.73 33.50
C VAL D 489 -37.77 -54.85 34.95
N ASP D 490 -38.04 -53.72 35.60
CA ASP D 490 -38.45 -53.78 37.00
C ASP D 490 -39.85 -54.35 37.16
N SER D 491 -40.70 -54.19 36.15
CA SER D 491 -42.09 -54.62 36.27
C SER D 491 -42.23 -56.12 36.04
N TYR D 492 -41.66 -56.64 34.95
CA TYR D 492 -42.04 -57.97 34.49
C TYR D 492 -41.10 -59.09 34.92
N VAL D 493 -39.80 -58.83 35.06
CA VAL D 493 -38.84 -59.89 35.36
C VAL D 493 -38.36 -59.76 36.80
N GLN D 494 -38.13 -60.89 37.44
CA GLN D 494 -37.70 -60.96 38.83
C GLN D 494 -36.42 -61.79 38.91
N GLU D 495 -35.36 -61.19 39.47
CA GLU D 495 -34.09 -61.86 39.66
C GLU D 495 -33.20 -60.96 40.51
N SER D 496 -32.04 -61.49 40.89
CA SER D 496 -31.10 -60.71 41.69
C SER D 496 -30.28 -59.77 40.81
N ASP D 497 -29.61 -60.31 39.79
CA ASP D 497 -28.81 -59.53 38.86
C ASP D 497 -29.41 -59.64 37.46
N LEU D 498 -29.37 -58.52 36.73
CA LEU D 498 -29.94 -58.50 35.39
C LEU D 498 -29.12 -59.30 34.41
N SER D 499 -27.80 -59.42 34.64
CA SER D 499 -26.93 -60.06 33.66
C SER D 499 -27.33 -61.51 33.41
N GLU D 500 -27.70 -62.23 34.47
CA GLU D 500 -28.06 -63.64 34.32
C GLU D 500 -29.33 -63.82 33.50
N VAL D 501 -30.22 -62.82 33.52
CA VAL D 501 -31.52 -62.95 32.86
C VAL D 501 -31.36 -62.77 31.35
N THR D 502 -32.22 -63.44 30.60
CA THR D 502 -32.37 -63.21 29.17
C THR D 502 -33.67 -62.45 28.94
N LEU D 503 -33.58 -61.35 28.19
CA LEU D 503 -34.67 -60.40 28.02
C LEU D 503 -35.15 -60.39 26.57
N PRO D 504 -36.35 -59.85 26.33
CA PRO D 504 -36.76 -59.61 24.94
C PRO D 504 -35.81 -58.67 24.26
N PRO D 505 -35.62 -58.81 22.94
CA PRO D 505 -34.52 -58.08 22.28
C PRO D 505 -34.73 -56.59 22.21
N GLU D 506 -35.97 -56.13 21.98
CA GLU D 506 -36.22 -54.69 21.92
C GLU D 506 -35.86 -54.02 23.23
N ILE D 507 -36.11 -54.70 24.35
CA ILE D 507 -35.74 -54.15 25.66
C ILE D 507 -34.28 -54.43 25.98
N GLN D 508 -33.78 -55.59 25.56
CA GLN D 508 -32.39 -55.95 25.86
C GLN D 508 -31.40 -55.05 25.15
N TYR D 509 -31.78 -54.48 24.00
CA TYR D 509 -30.88 -53.59 23.26
C TYR D 509 -30.36 -52.45 24.13
N PHE D 510 -31.14 -52.00 25.11
CA PHE D 510 -30.70 -50.92 25.96
C PHE D 510 -29.66 -51.34 27.00
N THR D 511 -29.26 -52.61 27.01
CA THR D 511 -28.17 -53.07 27.85
C THR D 511 -26.82 -53.08 27.13
N TYR D 512 -26.81 -52.73 25.84
CA TYR D 512 -25.60 -52.79 25.05
C TYR D 512 -24.66 -51.62 25.36
N ALA D 513 -23.37 -51.84 25.11
CA ALA D 513 -22.34 -50.84 25.36
C ALA D 513 -22.28 -49.85 24.21
N ARG D 514 -21.26 -49.00 24.19
CA ARG D 514 -21.21 -47.91 23.23
C ARG D 514 -21.06 -48.47 21.82
N ASP D 515 -20.25 -49.52 21.65
CA ASP D 515 -19.94 -49.97 20.31
C ASP D 515 -21.15 -50.55 19.62
N LYS D 516 -21.93 -51.34 20.34
CA LYS D 516 -23.05 -52.02 19.69
C LYS D 516 -24.07 -51.01 19.15
N TRP D 517 -24.13 -49.82 19.75
CA TRP D 517 -25.21 -48.85 19.58
C TRP D 517 -25.62 -48.59 18.14
N LEU D 518 -26.93 -48.54 17.88
CA LEU D 518 -27.41 -48.29 16.53
C LEU D 518 -26.82 -46.98 16.00
N PRO D 519 -26.42 -46.94 14.72
CA PRO D 519 -25.84 -45.70 14.17
C PRO D 519 -26.73 -44.48 14.32
N SER D 520 -28.06 -44.64 14.24
CA SER D 520 -28.99 -43.53 14.34
C SER D 520 -29.61 -43.42 15.73
N ASP D 521 -28.89 -43.86 16.76
CA ASP D 521 -29.38 -43.72 18.13
C ASP D 521 -29.59 -42.24 18.45
N PRO D 522 -30.65 -41.89 19.17
CA PRO D 522 -30.89 -40.47 19.46
C PRO D 522 -29.79 -39.83 20.30
N GLN D 523 -29.07 -40.62 21.11
CA GLN D 523 -28.01 -40.03 21.93
C GLN D 523 -26.78 -39.68 21.11
N ILE D 524 -26.52 -40.43 20.03
CA ILE D 524 -25.44 -40.05 19.11
C ILE D 524 -25.75 -38.71 18.47
N ILE D 525 -26.98 -38.55 18.00
CA ILE D 525 -27.44 -37.27 17.47
C ILE D 525 -27.30 -36.18 18.53
N SER D 526 -27.63 -36.52 19.78
CA SER D 526 -27.53 -35.55 20.86
C SER D 526 -26.09 -35.09 21.06
N GLU D 527 -25.15 -36.04 21.10
CA GLU D 527 -23.74 -35.68 21.29
C GLU D 527 -23.22 -34.83 20.15
N GLY D 528 -23.57 -35.19 18.91
CA GLY D 528 -23.09 -34.41 17.78
C GLY D 528 -23.63 -32.99 17.77
N LEU D 529 -24.95 -32.86 17.93
CA LEU D 529 -25.56 -31.53 17.97
C LEU D 529 -25.06 -30.73 19.16
N TYR D 530 -24.77 -31.38 20.28
CA TYR D 530 -24.27 -30.67 21.45
C TYR D 530 -22.86 -30.14 21.22
N ALA D 531 -22.01 -30.92 20.56
CA ALA D 531 -20.68 -30.43 20.22
C ALA D 531 -20.76 -29.23 19.27
N ILE D 532 -21.61 -29.33 18.24
CA ILE D 532 -21.77 -28.20 17.33
C ILE D 532 -22.29 -26.98 18.08
N ALA D 533 -23.23 -27.19 19.00
CA ALA D 533 -23.81 -26.08 19.75
C ALA D 533 -22.79 -25.43 20.67
N VAL D 534 -21.90 -26.22 21.27
CA VAL D 534 -20.85 -25.63 22.12
C VAL D 534 -19.90 -24.79 21.28
N VAL D 535 -19.46 -25.33 20.14
CA VAL D 535 -18.55 -24.59 19.26
C VAL D 535 -19.20 -23.27 18.83
N LEU D 536 -20.50 -23.31 18.51
CA LEU D 536 -21.17 -22.07 18.11
C LEU D 536 -21.40 -21.13 19.29
N SER D 537 -21.65 -21.68 20.48
CA SER D 537 -21.93 -20.84 21.64
C SER D 537 -20.70 -20.05 22.05
N PHE D 538 -19.51 -20.59 21.78
CA PHE D 538 -18.31 -19.81 22.06
C PHE D 538 -18.20 -18.58 21.19
N SER D 539 -18.97 -18.50 20.10
CA SER D 539 -18.91 -17.35 19.21
C SER D 539 -19.62 -16.11 19.75
N ARG D 540 -20.39 -16.24 20.83
CA ARG D 540 -21.13 -15.11 21.37
C ARG D 540 -20.23 -14.00 21.93
N ILE D 541 -18.91 -14.18 21.95
CA ILE D 541 -17.98 -13.13 22.37
C ILE D 541 -18.04 -11.90 21.46
N ALA D 542 -18.69 -12.01 20.30
CA ALA D 542 -18.83 -10.86 19.43
C ALA D 542 -19.80 -9.83 19.99
N TYR D 543 -20.75 -10.26 20.83
CA TYR D 543 -21.62 -9.30 21.51
C TYR D 543 -20.88 -8.53 22.60
N ILE D 544 -19.72 -9.02 23.04
CA ILE D 544 -19.03 -8.45 24.17
C ILE D 544 -17.76 -7.69 23.77
N LEU D 545 -17.07 -8.13 22.72
CA LEU D 545 -15.78 -7.53 22.37
C LEU D 545 -15.83 -6.07 21.96
N PRO D 546 -16.83 -5.56 21.21
CA PRO D 546 -16.76 -4.16 20.76
C PRO D 546 -16.65 -3.15 21.89
N ALA D 547 -17.03 -3.49 23.13
CA ALA D 547 -16.90 -2.57 24.24
C ALA D 547 -15.44 -2.27 24.57
N ASN D 548 -14.54 -3.21 24.28
CA ASN D 548 -13.12 -3.02 24.58
C ASN D 548 -12.48 -2.03 23.62
N GLU D 549 -11.45 -1.33 24.10
CA GLU D 549 -10.78 -0.33 23.28
C GLU D 549 -9.72 -0.93 22.36
N SER D 550 -9.11 -2.04 22.76
CA SER D 550 -8.05 -2.66 21.97
C SER D 550 -8.55 -3.78 21.06
N PHE D 551 -9.61 -4.48 21.44
CA PHE D 551 -10.12 -5.61 20.66
C PHE D 551 -11.26 -5.23 19.72
N GLY D 552 -11.86 -4.05 19.88
CA GLY D 552 -12.92 -3.59 19.01
C GLY D 552 -12.52 -3.43 17.56
N PRO D 553 -11.53 -2.58 17.28
CA PRO D 553 -11.11 -2.37 15.89
C PRO D 553 -10.65 -3.64 15.20
N LEU D 554 -9.99 -4.53 15.93
CA LEU D 554 -9.58 -5.83 15.38
C LEU D 554 -10.80 -6.63 14.95
N GLN D 555 -11.87 -6.61 15.76
CA GLN D 555 -13.09 -7.30 15.39
C GLN D 555 -13.74 -6.68 14.16
N ILE D 556 -13.70 -5.35 14.06
CA ILE D 556 -14.27 -4.66 12.90
C ILE D 556 -13.54 -5.08 11.62
N SER D 557 -12.20 -5.03 11.66
CA SER D 557 -11.42 -5.45 10.50
C SER D 557 -11.69 -6.91 10.16
N LEU D 558 -11.78 -7.77 11.18
CA LEU D 558 -12.06 -9.18 10.92
C LEU D 558 -13.40 -9.35 10.21
N GLY D 559 -14.42 -8.63 10.66
CA GLY D 559 -15.72 -8.73 10.01
C GLY D 559 -15.66 -8.32 8.55
N ARG D 560 -14.97 -7.21 8.26
CA ARG D 560 -14.84 -6.78 6.87
C ARG D 560 -14.15 -7.83 6.01
N THR D 561 -13.03 -8.39 6.51
CA THR D 561 -12.33 -9.40 5.73
C THR D 561 -13.22 -10.62 5.50
N VAL D 562 -14.02 -11.00 6.49
CA VAL D 562 -14.93 -12.13 6.31
C VAL D 562 -15.96 -11.81 5.23
N LYS D 563 -16.44 -10.57 5.19
CA LYS D 563 -17.42 -10.20 4.17
C LYS D 563 -16.84 -10.33 2.77
N ASP D 564 -15.52 -10.11 2.61
CA ASP D 564 -14.92 -10.38 1.29
C ASP D 564 -14.59 -11.86 1.08
N ILE D 565 -14.24 -12.55 2.18
CA ILE D 565 -13.93 -13.97 2.13
C ILE D 565 -15.13 -14.75 1.60
N PHE D 566 -16.34 -14.28 1.86
CA PHE D 566 -17.51 -15.00 1.34
C PHE D 566 -17.49 -15.08 -0.19
N LYS D 567 -17.26 -13.95 -0.86
CA LYS D 567 -17.22 -13.97 -2.32
C LYS D 567 -16.07 -14.82 -2.84
N PHE D 568 -14.90 -14.68 -2.23
CA PHE D 568 -13.79 -15.49 -2.75
C PHE D 568 -14.00 -16.97 -2.45
N MET D 569 -14.72 -17.31 -1.39
CA MET D 569 -15.07 -18.71 -1.14
C MET D 569 -16.10 -19.22 -2.14
N VAL D 570 -16.97 -18.35 -2.64
CA VAL D 570 -17.89 -18.77 -3.70
C VAL D 570 -17.10 -19.15 -4.96
N LEU D 571 -16.10 -18.33 -5.30
CA LEU D 571 -15.25 -18.71 -6.43
C LEU D 571 -14.50 -20.00 -6.16
N PHE D 572 -13.96 -20.14 -4.93
CA PHE D 572 -13.37 -21.40 -4.50
C PHE D 572 -14.30 -22.57 -4.76
N ILE D 573 -15.58 -22.41 -4.42
CA ILE D 573 -16.55 -23.50 -4.55
C ILE D 573 -16.74 -23.86 -6.02
N MET D 574 -16.82 -22.85 -6.89
CA MET D 574 -16.96 -23.13 -8.32
C MET D 574 -15.77 -23.97 -8.83
N VAL D 575 -14.55 -23.50 -8.58
CA VAL D 575 -13.36 -24.21 -9.06
C VAL D 575 -13.28 -25.61 -8.45
N PHE D 576 -13.56 -25.70 -7.16
CA PHE D 576 -13.47 -26.96 -6.43
C PHE D 576 -14.46 -27.98 -6.98
N PHE D 577 -15.69 -27.55 -7.25
CA PHE D 577 -16.68 -28.47 -7.82
C PHE D 577 -16.26 -28.92 -9.20
N ALA D 578 -15.73 -28.00 -10.02
CA ALA D 578 -15.20 -28.38 -11.33
C ALA D 578 -14.21 -29.53 -11.20
N PHE D 579 -13.17 -29.34 -10.39
CA PHE D 579 -12.13 -30.36 -10.30
C PHE D 579 -12.63 -31.63 -9.61
N MET D 580 -13.55 -31.50 -8.65
CA MET D 580 -14.10 -32.68 -7.99
C MET D 580 -14.83 -33.57 -8.99
N ILE D 581 -15.69 -32.97 -9.82
CA ILE D 581 -16.42 -33.76 -10.80
C ILE D 581 -15.47 -34.35 -11.83
N GLY D 582 -14.46 -33.58 -12.24
CA GLY D 582 -13.48 -34.13 -13.17
C GLY D 582 -12.77 -35.35 -12.62
N MET D 583 -12.21 -35.24 -11.41
CA MET D 583 -11.47 -36.35 -10.83
C MET D 583 -12.38 -37.54 -10.56
N PHE D 584 -13.63 -37.30 -10.17
CA PHE D 584 -14.55 -38.39 -9.93
C PHE D 584 -14.86 -39.14 -11.22
N ILE D 585 -15.20 -38.40 -12.28
CA ILE D 585 -15.47 -39.04 -13.57
C ILE D 585 -14.25 -39.80 -14.06
N LEU D 586 -13.05 -39.32 -13.72
CA LEU D 586 -11.84 -40.02 -14.15
C LEU D 586 -11.64 -41.32 -13.39
N TYR D 587 -11.72 -41.28 -12.05
CA TYR D 587 -11.28 -42.40 -11.23
C TYR D 587 -12.40 -43.28 -10.70
N SER D 588 -13.67 -43.02 -11.04
CA SER D 588 -14.75 -43.81 -10.45
C SER D 588 -14.72 -45.25 -10.90
N TYR D 589 -14.26 -45.52 -12.13
CA TYR D 589 -14.24 -46.89 -12.63
C TYR D 589 -13.17 -47.74 -11.98
N TYR D 590 -12.19 -47.13 -11.32
CA TYR D 590 -11.04 -47.84 -10.75
C TYR D 590 -11.14 -47.99 -9.24
N LEU D 591 -12.34 -48.29 -8.73
CA LEU D 591 -12.54 -48.33 -7.28
C LEU D 591 -11.66 -49.38 -6.62
N GLY D 592 -11.74 -50.63 -7.08
CA GLY D 592 -10.82 -51.64 -6.57
C GLY D 592 -9.39 -51.48 -7.04
N ALA D 593 -9.18 -50.72 -8.12
CA ALA D 593 -7.85 -50.63 -8.70
C ALA D 593 -6.94 -49.66 -7.94
N LYS D 594 -7.45 -48.53 -7.50
CA LYS D 594 -6.58 -47.57 -6.83
C LYS D 594 -5.98 -48.04 -5.51
N VAL D 595 -4.72 -47.68 -5.26
CA VAL D 595 -4.06 -48.07 -4.02
C VAL D 595 -4.73 -47.40 -2.82
N ASN D 596 -5.26 -46.20 -3.01
CA ASN D 596 -5.94 -45.44 -1.98
C ASN D 596 -7.28 -45.01 -2.55
N ALA D 597 -8.37 -45.35 -1.85
CA ALA D 597 -9.70 -45.06 -2.35
C ALA D 597 -10.01 -43.56 -2.25
N ALA D 598 -9.28 -42.75 -3.02
CA ALA D 598 -9.35 -41.29 -2.89
C ALA D 598 -10.45 -40.69 -3.76
N PHE D 599 -10.41 -40.95 -5.07
CA PHE D 599 -11.37 -40.36 -6.00
C PHE D 599 -12.41 -41.36 -6.48
N THR D 600 -12.60 -42.46 -5.77
CA THR D 600 -13.49 -43.51 -6.26
C THR D 600 -14.96 -43.11 -6.19
N THR D 601 -15.34 -42.33 -5.18
CA THR D 601 -16.72 -41.87 -5.02
C THR D 601 -16.71 -40.35 -4.93
N VAL D 602 -17.91 -39.76 -5.05
CA VAL D 602 -17.99 -38.31 -4.97
C VAL D 602 -17.71 -37.82 -3.55
N GLU D 603 -18.09 -38.62 -2.54
CA GLU D 603 -17.78 -38.23 -1.17
C GLU D 603 -16.28 -38.26 -0.92
N GLU D 604 -15.62 -39.35 -1.31
CA GLU D 604 -14.17 -39.45 -1.12
C GLU D 604 -13.44 -38.42 -1.95
N SER D 605 -13.94 -38.13 -3.15
CA SER D 605 -13.32 -37.13 -4.00
C SER D 605 -13.41 -35.74 -3.37
N PHE D 606 -14.61 -35.35 -2.92
CA PHE D 606 -14.76 -34.10 -2.20
C PHE D 606 -13.84 -34.05 -0.97
N LYS D 607 -13.77 -35.17 -0.23
CA LYS D 607 -12.97 -35.21 0.98
C LYS D 607 -11.50 -34.96 0.67
N THR D 608 -10.93 -35.70 -0.28
CA THR D 608 -9.51 -35.57 -0.55
C THR D 608 -9.19 -34.24 -1.23
N LEU D 609 -10.09 -33.72 -2.07
CA LEU D 609 -9.81 -32.44 -2.71
C LEU D 609 -9.91 -31.29 -1.72
N PHE D 610 -10.78 -31.40 -0.71
CA PHE D 610 -10.82 -30.37 0.32
C PHE D 610 -9.58 -30.45 1.20
N TRP D 611 -9.25 -31.64 1.69
CA TRP D 611 -8.08 -31.76 2.55
C TRP D 611 -6.77 -31.51 1.81
N SER D 612 -6.80 -31.46 0.48
CA SER D 612 -5.62 -31.07 -0.29
C SER D 612 -5.33 -29.59 -0.15
N ILE D 613 -6.34 -28.77 0.15
CA ILE D 613 -6.11 -27.34 0.34
C ILE D 613 -5.11 -27.10 1.46
N PHE D 614 -5.19 -27.89 2.52
CA PHE D 614 -4.32 -27.72 3.68
C PHE D 614 -3.13 -28.69 3.66
N GLY D 615 -2.86 -29.32 2.52
CA GLY D 615 -1.73 -30.22 2.40
C GLY D 615 -1.82 -31.49 3.20
N LEU D 616 -3.00 -31.83 3.73
CA LEU D 616 -3.18 -32.97 4.59
C LEU D 616 -3.55 -34.24 3.85
N SER D 617 -3.58 -34.21 2.51
CA SER D 617 -3.87 -35.39 1.70
C SER D 617 -2.64 -35.76 0.88
N GLU D 618 -2.35 -37.07 0.85
CA GLU D 618 -1.15 -37.56 0.18
C GLU D 618 -1.22 -37.36 -1.33
N VAL D 619 -0.05 -37.48 -1.97
CA VAL D 619 0.04 -37.46 -3.42
C VAL D 619 -0.15 -38.84 -4.02
N THR D 620 -0.11 -39.89 -3.20
CA THR D 620 -0.39 -41.25 -3.64
C THR D 620 -1.89 -41.50 -3.87
N SER D 621 -2.70 -40.43 -3.86
CA SER D 621 -4.12 -40.59 -4.12
C SER D 621 -4.38 -40.99 -5.57
N VAL D 622 -3.61 -40.45 -6.51
CA VAL D 622 -3.89 -40.59 -7.93
C VAL D 622 -3.24 -41.80 -8.56
N VAL D 623 -2.32 -42.46 -7.88
CA VAL D 623 -1.59 -43.57 -8.48
C VAL D 623 -2.48 -44.81 -8.52
N LEU D 624 -2.31 -45.65 -9.54
CA LEU D 624 -3.14 -46.84 -9.76
C LEU D 624 -2.34 -48.11 -9.47
N LYS D 625 -3.02 -49.17 -9.02
CA LYS D 625 -2.36 -50.47 -9.03
C LYS D 625 -2.24 -51.03 -10.45
N TYR D 626 -3.21 -50.74 -11.31
CA TYR D 626 -3.18 -51.33 -12.64
C TYR D 626 -2.15 -50.62 -13.53
N ASP D 627 -1.67 -51.33 -14.54
CA ASP D 627 -0.74 -50.74 -15.50
C ASP D 627 -1.49 -49.99 -16.60
N HIS D 628 -2.19 -48.94 -16.16
CA HIS D 628 -2.69 -47.88 -17.05
C HIS D 628 -1.96 -46.58 -16.71
N LYS D 629 -1.18 -46.08 -17.67
CA LYS D 629 -0.44 -44.84 -17.46
C LYS D 629 -1.15 -43.59 -17.97
N PHE D 630 -2.03 -43.71 -18.97
CA PHE D 630 -2.74 -42.54 -19.45
C PHE D 630 -3.63 -41.95 -18.36
N ILE D 631 -4.47 -42.77 -17.72
CA ILE D 631 -5.37 -42.28 -16.69
C ILE D 631 -4.59 -41.75 -15.50
N GLU D 632 -3.55 -42.47 -15.09
CA GLU D 632 -2.76 -42.04 -13.93
C GLU D 632 -2.01 -40.74 -14.21
N ASN D 633 -1.50 -40.57 -15.42
CA ASN D 633 -0.80 -39.34 -15.76
C ASN D 633 -1.77 -38.16 -15.86
N ILE D 634 -2.97 -38.39 -16.40
CA ILE D 634 -3.98 -37.33 -16.42
C ILE D 634 -4.40 -36.99 -15.00
N GLY D 635 -4.44 -37.98 -14.10
CA GLY D 635 -4.69 -37.68 -12.70
C GLY D 635 -3.61 -36.80 -12.09
N TYR D 636 -2.35 -37.15 -12.36
CA TYR D 636 -1.23 -36.30 -11.94
C TYR D 636 -1.42 -34.87 -12.42
N VAL D 637 -1.70 -34.70 -13.71
CA VAL D 637 -1.78 -33.37 -14.30
C VAL D 637 -2.96 -32.60 -13.71
N LEU D 638 -4.13 -33.25 -13.58
CA LEU D 638 -5.30 -32.56 -13.05
C LEU D 638 -5.10 -32.18 -11.59
N TYR D 639 -4.50 -33.06 -10.80
CA TYR D 639 -4.24 -32.74 -9.40
C TYR D 639 -3.26 -31.57 -9.27
N GLY D 640 -2.20 -31.56 -10.07
CA GLY D 640 -1.28 -30.44 -10.04
C GLY D 640 -1.92 -29.14 -10.47
N ILE D 641 -2.74 -29.18 -11.54
CA ILE D 641 -3.44 -27.99 -11.99
C ILE D 641 -4.37 -27.49 -10.89
N TYR D 642 -5.02 -28.41 -10.17
CA TYR D 642 -5.93 -28.02 -9.10
C TYR D 642 -5.18 -27.32 -7.98
N ASN D 643 -4.03 -27.87 -7.57
CA ASN D 643 -3.24 -27.23 -6.53
C ASN D 643 -2.78 -25.84 -6.96
N VAL D 644 -2.29 -25.72 -8.20
CA VAL D 644 -1.82 -24.41 -8.67
C VAL D 644 -2.97 -23.41 -8.74
N THR D 645 -4.14 -23.87 -9.16
CA THR D 645 -5.29 -22.97 -9.25
C THR D 645 -5.75 -22.52 -7.88
N MET D 646 -5.75 -23.42 -6.89
CA MET D 646 -6.10 -23.03 -5.54
C MET D 646 -5.11 -22.01 -4.99
N VAL D 647 -3.82 -22.19 -5.29
CA VAL D 647 -2.82 -21.21 -4.85
C VAL D 647 -3.06 -19.87 -5.50
N VAL D 648 -3.38 -19.86 -6.80
CA VAL D 648 -3.60 -18.61 -7.51
C VAL D 648 -4.82 -17.89 -6.96
N VAL D 649 -5.89 -18.63 -6.68
CA VAL D 649 -7.09 -18.00 -6.15
C VAL D 649 -6.85 -17.46 -4.75
N LEU D 650 -6.06 -18.17 -3.94
CA LEU D 650 -5.72 -17.66 -2.61
C LEU D 650 -4.91 -16.37 -2.71
N LEU D 651 -3.92 -16.32 -3.61
CA LEU D 651 -3.13 -15.11 -3.77
C LEU D 651 -3.99 -13.95 -4.25
N ASN D 652 -4.92 -14.21 -5.18
CA ASN D 652 -5.80 -13.15 -5.64
C ASN D 652 -6.70 -12.66 -4.51
N MET D 653 -7.20 -13.57 -3.68
CA MET D 653 -7.98 -13.17 -2.52
C MET D 653 -7.18 -12.26 -1.60
N LEU D 654 -5.94 -12.65 -1.30
CA LEU D 654 -5.10 -11.86 -0.41
C LEU D 654 -4.86 -10.47 -0.98
N ILE D 655 -4.58 -10.38 -2.28
CA ILE D 655 -4.31 -9.08 -2.89
C ILE D 655 -5.57 -8.22 -2.88
N ALA D 656 -6.71 -8.80 -3.25
CA ALA D 656 -7.96 -8.03 -3.25
C ALA D 656 -8.28 -7.51 -1.87
N MET D 657 -8.06 -8.33 -0.83
CA MET D 657 -8.33 -7.88 0.53
C MET D 657 -7.37 -6.76 0.93
N ILE D 658 -6.09 -6.87 0.55
CA ILE D 658 -5.12 -5.82 0.86
C ILE D 658 -5.53 -4.51 0.21
N ASN D 659 -5.93 -4.56 -1.06
CA ASN D 659 -6.35 -3.35 -1.76
C ASN D 659 -7.63 -2.77 -1.15
N SER D 660 -8.60 -3.63 -0.85
CA SER D 660 -9.84 -3.18 -0.23
C SER D 660 -9.63 -2.68 1.20
N SER D 661 -8.48 -2.96 1.80
CA SER D 661 -8.19 -2.44 3.14
C SER D 661 -8.08 -0.92 3.14
N TYR D 662 -7.66 -0.32 2.02
CA TYR D 662 -7.64 1.13 1.90
C TYR D 662 -8.07 1.54 0.49
N ASP D 667 -9.22 8.73 9.85
CA ASP D 667 -9.57 7.98 11.04
C ASP D 667 -10.89 7.23 10.85
N ASP D 668 -11.07 6.64 9.66
CA ASP D 668 -12.30 5.88 9.40
C ASP D 668 -12.31 4.59 10.19
N SER D 669 -11.15 3.95 10.35
CA SER D 669 -11.06 2.75 11.17
C SER D 669 -11.40 3.04 12.63
N ASP D 670 -11.23 4.29 13.07
CA ASP D 670 -11.61 4.65 14.42
C ASP D 670 -13.10 4.94 14.52
N VAL D 671 -13.67 5.63 13.54
CA VAL D 671 -15.09 5.99 13.63
C VAL D 671 -15.96 4.75 13.44
N GLU D 672 -15.51 3.77 12.65
CA GLU D 672 -16.29 2.54 12.52
C GLU D 672 -16.36 1.80 13.84
N TRP D 673 -15.22 1.68 14.54
CA TRP D 673 -15.23 1.03 15.84
C TRP D 673 -16.06 1.82 16.85
N LYS D 674 -15.94 3.15 16.85
CA LYS D 674 -16.73 3.95 17.78
C LYS D 674 -18.22 3.82 17.48
N PHE D 675 -18.59 3.69 16.21
CA PHE D 675 -19.99 3.48 15.86
C PHE D 675 -20.49 2.13 16.35
N ALA D 676 -19.69 1.08 16.18
CA ALA D 676 -20.07 -0.24 16.69
C ALA D 676 -20.22 -0.22 18.21
N ARG D 677 -19.28 0.43 18.90
CA ARG D 677 -19.36 0.50 20.35
C ARG D 677 -20.56 1.33 20.80
N SER D 678 -20.90 2.37 20.05
CA SER D 678 -22.06 3.19 20.41
C SER D 678 -23.35 2.42 20.21
N LYS D 679 -23.41 1.57 19.18
CA LYS D 679 -24.55 0.67 19.04
C LYS D 679 -24.64 -0.28 20.23
N LEU D 680 -23.48 -0.83 20.64
CA LEU D 680 -23.47 -1.70 21.81
C LEU D 680 -23.97 -0.97 23.06
N TRP D 681 -23.57 0.28 23.24
CA TRP D 681 -24.03 1.06 24.39
C TRP D 681 -25.53 1.30 24.33
N LEU D 682 -26.02 1.81 23.21
CA LEU D 682 -27.46 2.10 23.10
C LEU D 682 -28.30 0.84 23.23
N SER D 683 -27.73 -0.34 22.95
CA SER D 683 -28.48 -1.56 23.19
C SER D 683 -28.76 -1.77 24.68
N TYR D 684 -27.91 -1.21 25.55
CA TYR D 684 -28.08 -1.35 27.00
C TYR D 684 -28.69 -0.12 27.66
N PHE D 685 -28.66 1.04 27.01
CA PHE D 685 -29.28 2.23 27.60
C PHE D 685 -30.74 1.98 27.95
N ASP D 686 -31.48 1.33 27.05
CA ASP D 686 -32.87 1.00 27.31
C ASP D 686 -33.29 -0.23 26.50
N LYS D 689 -33.87 -4.76 29.36
CA LYS D 689 -32.68 -5.60 29.47
C LYS D 689 -31.95 -5.30 30.78
N THR D 690 -32.58 -5.62 31.91
CA THR D 690 -31.97 -5.34 33.21
C THR D 690 -31.21 -6.54 33.77
N LEU D 691 -31.78 -7.74 33.69
CA LEU D 691 -31.14 -8.91 34.25
C LEU D 691 -30.74 -9.89 33.14
N PRO D 692 -29.70 -10.68 33.37
CA PRO D 692 -29.19 -11.59 32.33
C PRO D 692 -30.22 -12.63 31.94
N PRO D 693 -30.00 -13.35 30.84
CA PRO D 693 -30.96 -14.36 30.36
C PRO D 693 -31.35 -15.37 31.43
N PRO D 694 -30.42 -15.89 32.24
CA PRO D 694 -30.84 -16.88 33.25
C PRO D 694 -31.82 -16.33 34.26
N PHE D 695 -31.64 -15.09 34.70
CA PHE D 695 -32.49 -14.50 35.73
C PHE D 695 -33.56 -13.59 35.15
N SER D 696 -33.62 -13.43 33.83
CA SER D 696 -34.69 -12.67 33.20
C SER D 696 -35.95 -13.49 33.00
N LEU D 697 -35.96 -14.76 33.42
CA LEU D 697 -37.16 -15.57 33.30
C LEU D 697 -38.18 -15.23 34.39
N VAL D 698 -37.72 -14.93 35.59
CA VAL D 698 -38.65 -14.59 36.68
C VAL D 698 -39.32 -13.26 36.35
N PRO D 699 -40.64 -13.12 36.58
CA PRO D 699 -41.37 -11.89 36.28
C PRO D 699 -41.53 -10.98 37.50
N GLN D 759 -43.02 33.85 20.64
CA GLN D 759 -41.98 33.13 21.35
C GLN D 759 -41.76 31.77 20.70
N PRO D 760 -40.66 31.63 19.95
CA PRO D 760 -40.51 30.44 19.09
C PRO D 760 -40.49 29.12 19.84
N THR D 761 -39.45 28.91 20.64
CA THR D 761 -39.27 27.77 21.55
C THR D 761 -37.88 27.97 22.15
N ARG D 762 -37.58 27.23 23.21
CA ARG D 762 -36.19 27.12 23.63
C ARG D 762 -35.37 26.34 22.61
N TYR D 763 -35.91 25.21 22.13
CA TYR D 763 -35.20 24.41 21.15
C TYR D 763 -35.05 25.15 19.83
N GLN D 764 -36.09 25.88 19.41
CA GLN D 764 -35.97 26.66 18.18
C GLN D 764 -34.93 27.77 18.33
N GLN D 765 -34.80 28.35 19.52
CA GLN D 765 -33.76 29.35 19.73
C GLN D 765 -32.37 28.72 19.62
N ILE D 766 -32.17 27.58 20.28
CA ILE D 766 -30.87 26.91 20.19
C ILE D 766 -30.55 26.55 18.74
N MET D 767 -31.54 26.02 18.02
CA MET D 767 -31.29 25.59 16.65
C MET D 767 -31.00 26.78 15.74
N LYS D 768 -31.72 27.89 15.94
CA LYS D 768 -31.44 29.09 15.16
C LYS D 768 -30.04 29.61 15.44
N ARG D 769 -29.60 29.57 16.70
CA ARG D 769 -28.24 29.99 17.01
C ARG D 769 -27.22 29.10 16.32
N LEU D 770 -27.40 27.78 16.38
CA LEU D 770 -26.46 26.87 15.75
C LEU D 770 -26.40 27.04 14.24
N ILE D 771 -27.56 27.21 13.59
CA ILE D 771 -27.59 27.39 12.14
C ILE D 771 -26.98 28.73 11.76
N LYS D 772 -27.17 29.75 12.58
CA LYS D 772 -26.49 31.03 12.34
C LYS D 772 -24.98 30.86 12.41
N ARG D 773 -24.50 30.12 13.42
CA ARG D 773 -23.06 29.84 13.49
C ARG D 773 -22.58 29.11 12.25
N TYR D 774 -23.36 28.15 11.75
CA TYR D 774 -22.92 27.37 10.60
C TYR D 774 -22.86 28.23 9.35
N VAL D 775 -23.90 29.05 9.12
CA VAL D 775 -23.90 29.94 7.96
C VAL D 775 -22.72 30.91 8.03
N LEU D 776 -22.48 31.48 9.22
CA LEU D 776 -21.37 32.43 9.36
C LEU D 776 -20.03 31.76 9.11
N LYS D 777 -19.83 30.56 9.68
CA LYS D 777 -18.57 29.84 9.47
C LYS D 777 -18.38 29.52 8.00
N ALA D 778 -19.44 29.09 7.31
CA ALA D 778 -19.32 28.76 5.90
C ALA D 778 -18.97 30.01 5.07
N GLN D 779 -19.65 31.13 5.35
CA GLN D 779 -19.37 32.35 4.59
C GLN D 779 -17.96 32.85 4.85
N VAL D 780 -17.49 32.78 6.11
CA VAL D 780 -16.14 33.21 6.43
C VAL D 780 -15.12 32.31 5.76
N ASP D 781 -15.36 31.00 5.76
CA ASP D 781 -14.44 30.06 5.10
C ASP D 781 -14.40 30.30 3.60
N LYS D 782 -15.54 30.65 3.00
CA LYS D 782 -15.57 30.89 1.56
C LYS D 782 -14.85 32.19 1.21
N GLU D 783 -15.15 33.27 1.94
CA GLU D 783 -14.53 34.56 1.64
C GLU D 783 -13.03 34.55 1.94
N ASN D 784 -12.61 33.85 2.99
CA ASN D 784 -11.19 33.83 3.33
C ASN D 784 -10.35 33.21 2.22
N ASP D 785 -10.85 32.14 1.61
CA ASP D 785 -10.14 31.46 0.53
C ASP D 785 -10.18 32.29 -0.75
CAA Y01 E . 11.66 -24.90 -19.88
CBA Y01 E . 12.95 -24.61 -20.65
CAB Y01 E . 13.03 -25.45 -21.91
CAN Y01 E . 14.16 -24.84 -19.75
CAJ Y01 E . 14.89 -23.53 -19.46
CAO Y01 E . 15.37 -22.88 -20.75
CBB Y01 E . 16.25 -21.68 -20.44
CAC Y01 E . 17.44 -22.13 -19.60
CBE Y01 E . 16.75 -20.95 -21.69
CAP Y01 E . 16.62 -21.77 -22.98
CAQ Y01 E . 16.38 -20.75 -24.10
CBG Y01 E . 16.56 -19.40 -23.44
CBI Y01 E . 16.08 -19.60 -22.02
CAE Y01 E . 14.57 -19.74 -21.98
CAU Y01 E . 16.52 -18.39 -21.21
CAS Y01 E . 15.87 -17.13 -21.79
CBF Y01 E . 16.16 -16.93 -23.30
CBD Y01 E . 15.89 -18.20 -24.10
CAK Y01 E . 16.33 -18.06 -25.55
CAI Y01 E . 15.75 -16.77 -26.09
CAZ Y01 E . 15.84 -15.66 -25.35
CAV Y01 E . 16.40 -14.42 -26.00
CBH Y01 E . 15.38 -15.77 -23.91
CAD Y01 E . 13.89 -16.11 -23.89
CAT Y01 E . 15.57 -14.47 -23.13
CAR Y01 E . 16.73 -13.64 -23.64
CBC Y01 E . 16.53 -13.20 -25.08
OAW Y01 E . 15.38 -12.38 -25.22
CAY Y01 E . 15.53 -11.40 -26.29
OAG Y01 E . 15.77 -11.78 -27.42
CAM Y01 E . 15.40 -9.92 -26.01
CAL Y01 E . 14.70 -9.25 -27.19
CAX Y01 E . 15.55 -8.12 -27.70
OAH Y01 E . 15.07 -6.89 -27.78
OAF Y01 E . 16.70 -8.32 -28.05
ZN ZN F . 42.26 21.03 4.75
CAA Y01 G . 42.71 -22.61 -11.29
CBA Y01 G . 41.37 -22.05 -10.83
CAB Y01 G . 41.44 -20.52 -10.71
CAN Y01 G . 40.93 -22.69 -9.52
CAJ Y01 G . 40.90 -24.21 -9.63
CAO Y01 G . 41.06 -24.85 -8.25
CBB Y01 G . 41.45 -26.32 -8.36
CAC Y01 G . 42.66 -26.49 -9.27
CBE Y01 G . 41.69 -26.94 -6.98
CAP Y01 G . 40.85 -26.25 -5.90
CAQ Y01 G . 40.15 -27.35 -5.09
CBG Y01 G . 40.90 -28.61 -5.46
CBI Y01 G . 41.32 -28.42 -6.89
CAE Y01 G . 40.14 -28.66 -7.84
CAU Y01 G . 42.41 -29.44 -7.17
CAS Y01 G . 41.84 -30.85 -6.97
CBF Y01 G . 41.15 -31.07 -5.62
CBD Y01 G . 40.19 -29.93 -5.27
CAK Y01 G . 39.71 -30.11 -3.84
CAI Y01 G . 39.12 -31.49 -3.68
CAZ Y01 G . 39.63 -32.57 -4.31
CAV Y01 G . 39.34 -33.93 -3.72
CBH Y01 G . 40.40 -32.40 -5.61
CAD Y01 G . 39.41 -32.44 -6.76
CAT Y01 G . 41.42 -33.52 -5.78
CAR Y01 G . 40.79 -34.87 -5.49
CBC Y01 G . 40.44 -34.94 -4.01
OAW Y01 G . 39.98 -36.25 -3.67
CAY Y01 G . 41.05 -37.11 -3.21
OAG Y01 G . 42.12 -37.11 -3.79
CAM Y01 G . 40.83 -37.99 -2.00
CAL Y01 G . 40.87 -39.47 -2.37
CAX Y01 G . 42.27 -39.90 -2.72
OAH Y01 G . 43.10 -40.32 -1.77
OAF Y01 G . 42.67 -39.87 -3.88
C1 POV H . 5.06 -35.80 34.84
C2 POV H . 5.17 -34.29 35.08
C3 POV H . 4.77 -33.54 33.82
C210 POV H . 9.24 -24.53 37.43
C310 POV H . 7.10 -22.13 29.71
C211 POV H . 9.56 -23.94 38.78
C311 POV H . 8.36 -21.51 29.11
C212 POV H . 10.65 -22.88 38.62
C312 POV H . 8.00 -20.26 28.31
C213 POV H . 10.12 -21.66 37.86
C313 POV H . 9.23 -19.64 27.65
C214 POV H . 11.15 -20.54 37.86
C314 POV H . 8.87 -18.34 26.93
C215 POV H . 10.58 -19.27 37.24
C21 POV H . 6.75 -33.93 36.86
O21 POV H . 6.51 -33.95 35.42
C22 POV H . 7.45 -32.74 37.49
O22 POV H . 6.36 -34.87 37.54
C23 POV H . 6.41 -31.66 37.78
C24 POV H . 7.06 -30.30 38.01
C25 POV H . 8.16 -30.37 39.05
C26 POV H . 8.69 -28.97 39.39
C27 POV H . 8.74 -28.09 38.14
C28 POV H . 9.49 -26.79 38.41
C29 POV H . 9.22 -25.84 37.26
C31 POV H . 4.94 -31.23 32.88
O31 POV H . 5.30 -32.21 33.88
C32 POV H . 5.62 -29.89 32.84
O32 POV H . 4.07 -31.50 32.07
C33 POV H . 4.93 -28.98 31.83
C34 POV H . 5.31 -27.52 32.03
C35 POV H . 6.74 -27.24 31.58
C36 POV H . 6.75 -26.58 30.20
C37 POV H . 6.48 -25.09 30.30
C38 POV H . 7.71 -24.34 30.80
C39 POV H . 7.42 -22.86 31.02
C1 98R I . 2.28 -31.07 24.85
C2 98R I . 1.83 -29.72 24.29
C3 98R I . 1.49 -28.80 25.45
C11 98R I . 2.23 -28.41 27.79
C12 98R I . 2.37 -26.92 27.97
C13 98R I . 1.22 -26.21 27.29
C14 98R I . 1.45 -24.71 27.27
C15 98R I . 0.32 -24.00 26.55
C16 98R I . -0.97 -24.10 27.35
C18 98R I . 6.06 -14.76 19.15
C19 98R I . 7.54 -14.84 19.47
C31 98R I . 2.46 -28.17 22.59
C32 98R I . 2.40 -26.71 22.96
C33 98R I . 3.38 -25.96 22.06
C34 98R I . 2.91 -24.54 21.80
C35 98R I . 3.29 -23.61 22.94
C36 98R I . 2.36 -22.40 22.94
C37 98R I . 2.66 -21.45 21.80
C38 98R I . 3.63 -20.38 22.28
C39 98R I . 3.58 -19.12 21.41
C40 98R I . 4.70 -18.22 21.85
C41 98R I . 5.12 -17.23 21.05
C42 98R I . 6.25 -16.35 21.52
O11 98R I . 1.93 -29.12 28.72
O2 98R I . 2.90 -29.16 23.55
O3 98R I . 2.45 -29.01 26.48
O31 98R I . 2.13 -28.53 21.48
O3P 98R I . 1.56 -31.37 26.05
C20 98R I . 8.29 -13.64 18.89
C1 POV J . 31.88 -38.51 4.67
C2 POV J . 32.24 -37.10 4.21
C3 POV J . 31.04 -36.17 4.37
C210 POV J . 35.39 -28.83 -2.05
C310 POV J . 27.89 -25.41 -0.76
C211 POV J . 36.79 -28.44 -2.46
C311 POV J . 27.34 -25.06 -2.14
C212 POV J . 36.73 -27.66 -3.78
C312 POV J . 26.64 -23.70 -2.12
C213 POV J . 36.07 -26.30 -3.58
C313 POV J . 26.04 -23.36 -3.47
C214 POV J . 36.16 -25.47 -4.85
C314 POV J . 25.43 -21.95 -3.45
C215 POV J . 35.64 -24.06 -4.62
C21 POV J . 34.05 -37.26 2.64
O21 POV J . 32.61 -37.12 2.82
C22 POV J . 34.78 -36.33 1.68
O22 POV J . 34.66 -38.13 3.25
C23 POV J . 35.15 -35.06 2.44
C24 POV J . 35.50 -33.91 1.49
C25 POV J . 36.54 -34.33 0.45
C26 POV J . 36.99 -33.14 -0.39
C27 POV J . 35.83 -32.21 -0.68
C28 POV J . 36.19 -31.15 -1.71
C29 POV J . 35.11 -30.08 -1.71
C31 POV J . 30.29 -33.91 3.63
O31 POV J . 31.21 -35.03 3.54
C32 POV J . 30.37 -32.78 2.63
O32 POV J . 29.46 -33.90 4.52
C33 POV J . 29.42 -31.65 3.07
C34 POV J . 29.74 -30.35 2.35
C35 POV J . 29.32 -30.39 0.89
C36 POV J . 28.01 -29.65 0.68
C37 POV J . 28.22 -28.15 0.59
C38 POV J . 28.79 -27.76 -0.78
C39 POV J . 29.13 -26.28 -0.85
C1 98R K . 22.28 -32.49 5.96
C2 98R K . 21.83 -31.04 6.06
C3 98R K . 23.06 -30.15 6.19
C11 98R K . 25.43 -30.14 5.44
C12 98R K . 25.74 -28.75 4.94
C13 98R K . 25.10 -27.72 5.88
C14 98R K . 25.19 -26.33 5.29
C15 98R K . 24.54 -25.31 6.19
C16 98R K . 25.31 -25.16 7.49
C18 98R K . 17.94 -17.21 -1.81
C19 98R K . 18.26 -17.67 -3.22
C31 98R K . 20.27 -29.56 5.03
C32 98R K . 20.75 -28.16 4.73
C33 98R K . 19.93 -27.61 3.58
C34 98R K . 19.78 -26.10 3.69
C35 98R K . 20.98 -25.38 3.12
C36 98R K . 21.07 -23.99 3.74
C37 98R K . 20.02 -23.05 3.18
C38 98R K . 20.60 -22.29 1.99
C39 98R K . 19.83 -21.00 1.73
C40 98R K . 20.34 -20.43 0.43
C41 98R K . 19.63 -19.53 -0.24
C42 98R K . 20.17 -18.98 -1.54
O11 98R K . 26.30 -30.83 5.93
O2 98R K . 21.15 -30.70 4.86
O3 98R K . 24.08 -30.67 5.35
O31 98R K . 19.13 -29.75 5.40
O3P 98R K . 23.45 -32.70 6.77
C20 98R K . 17.78 -16.65 -4.24
CAA Y01 L . -21.75 -25.40 -5.81
CBA Y01 L . -22.46 -25.37 -7.15
CAB Y01 L . -23.80 -26.11 -7.05
CAN Y01 L . -21.59 -25.96 -8.24
CAJ Y01 L . -21.19 -24.89 -9.26
CAO Y01 L . -22.42 -24.27 -9.92
CBB Y01 L . -22.00 -23.34 -11.06
CAC Y01 L . -21.20 -24.15 -12.07
CBE Y01 L . -23.19 -22.66 -11.74
CAP Y01 L . -24.55 -23.33 -11.46
CAQ Y01 L . -25.59 -22.21 -11.50
CBG Y01 L . -24.81 -21.00 -11.99
CBI Y01 L . -23.41 -21.19 -11.44
CAE Y01 L . -23.40 -20.95 -9.93
CAU Y01 L . -22.51 -20.18 -12.13
CAS Y01 L . -23.00 -18.75 -11.82
CBF Y01 L . -24.47 -18.52 -12.19
CBD Y01 L . -25.38 -19.63 -11.64
CAK Y01 L . -26.81 -19.48 -12.13
CAI Y01 L . -27.25 -18.06 -11.90
CAZ Y01 L . -26.41 -17.06 -12.23
CAV Y01 L . -26.97 -15.95 -13.10
CBH Y01 L . -24.99 -17.17 -11.73
CAD Y01 L . -25.02 -17.13 -10.20
CAT Y01 L . -24.12 -16.01 -12.20
CAR Y01 L . -24.55 -15.46 -13.55
CBC Y01 L . -25.95 -14.87 -13.50
OAW Y01 L . -26.02 -13.78 -12.59
CAY Y01 L . -27.01 -12.80 -12.99
OAG Y01 L . -28.18 -13.14 -13.16
CAM Y01 L . -26.62 -11.36 -13.21
CAL Y01 L . -27.75 -10.45 -12.73
CAX Y01 L . -28.16 -9.52 -13.85
OAH Y01 L . -28.14 -8.20 -13.68
OAF Y01 L . -28.51 -9.97 -14.92
ZN ZN M . 6.72 9.69 -45.95
CAA Y01 N . -12.78 -31.39 -36.25
CBA Y01 N . -12.29 -30.56 -35.07
CAB Y01 N . -12.04 -29.11 -35.50
CAN Y01 N . -11.03 -31.16 -34.45
CAJ Y01 N . -11.26 -32.63 -34.07
CAO Y01 N . -9.94 -33.39 -34.02
CBB Y01 N . -10.17 -34.90 -34.05
CAC Y01 N . -11.08 -35.29 -35.20
CBE Y01 N . -8.84 -35.66 -34.10
CAP Y01 N . -7.72 -34.87 -33.42
CAQ Y01 N . -7.00 -35.82 -32.45
CBG Y01 N . -7.47 -37.20 -32.89
CBI Y01 N . -8.88 -37.00 -33.38
CAE Y01 N . -9.85 -36.89 -32.20
CAU Y01 N . -9.23 -38.24 -34.19
CAS Y01 N . -9.14 -39.48 -33.29
CBF Y01 N . -7.82 -39.63 -32.53
CBD Y01 N . -7.38 -38.32 -31.87
CAK Y01 N . -5.98 -38.48 -31.32
CAI Y01 N . -5.94 -39.69 -30.42
CAZ Y01 N . -6.65 -40.80 -30.67
CAV Y01 N . -6.17 -42.10 -30.04
CBH Y01 N . -7.92 -40.74 -31.49
CAD Y01 N . -9.08 -40.43 -30.54
CAT Y01 N . -8.17 -42.06 -32.21
CAR Y01 N . -7.99 -43.23 -31.26
CBC Y01 N . -6.53 -43.32 -30.87
OAW Y01 N . -6.31 -44.50 -30.10
CAY Y01 N . -5.90 -45.63 -30.92
OAG Y01 N . -6.47 -45.84 -31.98
CAM Y01 N . -4.76 -46.51 -30.46
CAL Y01 N . -5.26 -47.93 -30.14
CAX Y01 N . -5.63 -48.67 -31.41
OAH Y01 N . -4.72 -49.34 -32.09
OAF Y01 N . -6.78 -48.64 -31.84
CAA Y01 O . 25.43 -18.32 13.01
CBA Y01 O . 26.10 -17.76 14.25
CAB Y01 O . 27.53 -18.26 14.35
CAN Y01 O . 25.30 -18.10 15.50
CAJ Y01 O . 24.71 -16.84 16.13
CAO Y01 O . 25.80 -15.86 16.53
CBB Y01 O . 25.21 -14.70 17.32
CAC Y01 O . 24.51 -15.25 18.55
CBE Y01 O . 26.25 -13.65 17.73
CAP Y01 O . 27.70 -14.15 17.62
CAQ Y01 O . 28.54 -12.92 17.29
CBG Y01 O . 27.57 -11.75 17.37
CBI Y01 O . 26.24 -12.33 16.95
CAE Y01 O . 26.22 -12.60 15.45
CAU Y01 O . 25.16 -11.32 17.32
CAS Y01 O . 25.42 -10.01 16.56
CBF Y01 O . 26.82 -9.43 16.80
CBD Y01 O . 27.91 -10.49 16.59
CAK Y01 O . 29.28 -9.96 16.98
CAI Y01 O . 29.49 -8.63 16.30
CAZ Y01 O . 28.50 -7.74 16.31
CAV Y01 O . 28.84 -6.33 16.77
CBH Y01 O . 27.13 -8.22 15.91
CAD Y01 O . 27.20 -8.67 14.45
CAT Y01 O . 26.06 -7.14 16.02
CAR Y01 O . 26.37 -6.12 17.10
CBC Y01 O . 27.66 -5.36 16.83
OAW Y01 O . 27.57 -4.63 15.61
CAY Y01 O . 28.38 -3.41 15.66
OAG Y01 O . 29.57 -3.48 15.89
CAM Y01 O . 27.75 -2.06 15.42
CAL Y01 O . 28.73 -1.19 14.65
CAX Y01 O . 28.95 0.10 15.40
OAH Y01 O . 28.72 1.28 14.82
OAF Y01 O . 29.34 0.09 16.55
ZN ZN P . -9.43 22.58 40.63
CAA Y01 Q . 16.75 -15.69 44.01
CBA Y01 Q . 16.15 -15.36 42.63
CAB Y01 Q . 15.67 -13.92 42.59
CAN Y01 Q . 15.03 -16.33 42.27
CAJ Y01 Q . 15.50 -17.78 42.37
CAO Y01 Q . 14.33 -18.73 42.61
CBB Y01 Q . 14.79 -20.09 43.10
CAC Y01 Q . 15.73 -19.94 44.30
CBE Y01 Q . 13.61 -21.00 43.43
CAP Y01 Q . 12.39 -20.66 42.57
CAQ Y01 Q . 11.87 -21.98 41.97
CBG Y01 Q . 12.54 -23.04 42.81
CBI Y01 Q . 13.90 -22.48 43.17
CAE Y01 Q . 14.85 -22.58 42.00
CAU Y01 Q . 14.41 -23.32 44.33
CAS Y01 Q . 14.55 -24.77 43.88
CBF Y01 Q . 13.30 -25.37 43.24
CBD Y01 Q . 12.67 -24.43 42.21
CAK Y01 Q . 11.32 -24.98 41.78
CAI Y01 Q . 11.50 -26.41 41.31
CAZ Y01 Q . 12.38 -27.26 41.88
CAV Y01 Q . 12.13 -28.74 41.70
CBH Y01 Q . 13.60 -26.72 42.60
CAD Y01 Q . 14.72 -26.55 41.58
CAT Y01 Q . 14.05 -27.68 43.70
CAR Y01 Q . 14.08 -29.11 43.18
CBC Y01 Q . 12.67 -29.56 42.87
OAW Y01 Q . 12.66 -30.94 42.52
CAY Y01 Q . 12.42 -31.80 43.67
OAG Y01 Q . 13.00 -31.58 44.73
CAM Y01 Q . 11.46 -32.96 43.54
CAL Y01 Q . 12.19 -34.30 43.69
CAX Y01 Q . 12.64 -34.52 45.11
OAH Y01 Q . 11.82 -35.09 46.00
OAF Y01 Q . 13.75 -34.18 45.48
C1 POV R . -25.04 -42.63 8.69
C2 POV R . -25.65 -41.23 8.70
C3 POV R . -24.60 -40.23 8.21
C210 POV R . -30.27 -32.03 12.07
C310 POV R . -23.38 -28.02 9.55
C211 POV R . -31.72 -31.76 12.38
C311 POV R . -22.94 -27.16 10.74
C212 POV R . -31.82 -30.61 13.37
C312 POV R . -22.48 -25.79 10.27
C213 POV R . -31.38 -29.30 12.74
C313 POV R . -21.97 -24.94 11.43
C214 POV R . -31.65 -28.13 13.68
C314 POV R . -21.60 -23.54 10.95
C215 POV R . -31.36 -26.79 12.99
C21 POV R . -27.45 -41.18 10.28
O21 POV R . -26.05 -40.88 10.02
C22 POV R . -28.34 -40.13 10.90
O22 POV R . -27.89 -42.28 9.99
C23 POV R . -28.90 -39.24 9.80
C24 POV R . -29.45 -37.93 10.35
C25 POV R . -30.44 -38.16 11.49
C26 POV R . -31.09 -36.85 11.92
C27 POV R . -30.10 -35.69 11.85
C28 POV R . -30.67 -34.43 12.52
C29 POV R . -29.78 -33.27 12.15
C31 POV R . -24.25 -37.76 8.18
O31 POV R . -24.99 -38.92 8.64
C32 POV R . -24.54 -36.38 8.75
O32 POV R . -23.41 -37.90 7.31
C33 POV R . -23.78 -35.33 7.97
C34 POV R . -24.34 -33.93 8.23
C35 POV R . -23.95 -33.44 9.63
C36 POV R . -22.78 -32.47 9.55
C37 POV R . -23.24 -31.07 9.17
C38 POV R . -23.90 -30.37 10.36
C39 POV R . -24.47 -29.02 9.96
C1 98R S . -16.52 -35.87 5.30
C2 98R S . -16.32 -34.47 4.73
C3 98R S . -17.67 -33.88 4.36
C11 98R S . -20.03 -34.01 5.13
C12 98R S . -20.57 -32.60 5.16
C13 98R S . -20.09 -31.85 3.94
C14 98R S . -20.42 -30.37 4.06
C15 98R S . -19.91 -29.59 2.85
C16 98R S . -20.67 -30.00 1.60
C18 98R S . -14.93 -18.42 7.67
C19 98R S . -15.22 -18.46 9.17
C31 98R S . -15.04 -32.51 5.20
C32 98R S . -15.75 -31.19 5.04
C33 98R S . -15.06 -30.17 5.93
C34 98R S . -15.16 -28.77 5.35
C35 98R S . -16.48 -28.11 5.69
C36 98R S . -16.78 -27.03 4.67
C37 98R S . -15.91 -25.80 4.87
C38 98R S . -16.62 -24.81 5.76
C39 98R S . -16.09 -23.39 5.59
C40 98R S . -16.73 -22.52 6.65
C41 98R S . -16.19 -21.35 6.97
C42 98R S . -16.85 -20.51 8.04
O11 98R S . -20.76 -34.96 4.91
O2 98R S . -15.73 -33.67 5.74
O3 98R S . -18.61 -34.26 5.34
O31 98R S . -13.88 -32.62 4.87
O3P 98R S . -17.63 -36.51 4.62
C20 98R S . -14.94 -17.10 9.80
C1 POV T . 1.78 -45.35 -21.47
C2 POV T . 1.42 -44.04 -22.18
C3 POV T . 1.66 -42.87 -21.23
C210 POV T . -4.12 -36.34 -27.41
C310 POV T . -2.61 -31.29 -20.92
C211 POV T . -4.50 -36.26 -28.87
C311 POV T . -3.96 -30.72 -20.50
C212 POV T . -5.75 -35.40 -29.03
C312 POV T . -3.84 -29.24 -20.16
C213 POV T . -5.45 -33.94 -28.71
C313 POV T . -5.17 -28.65 -19.69
C214 POV T . -6.64 -33.05 -29.04
C314 POV T . -5.04 -27.15 -19.44
C215 POV T . -6.30 -31.57 -28.86
C21 POV T . -0.14 -44.51 -23.94
O21 POV T . 0.06 -44.05 -22.57
C22 POV T . -1.01 -43.73 -24.89
O22 POV T . 0.41 -45.54 -24.31
C23 POV T . -0.15 -42.64 -25.55
C24 POV T . -1.01 -41.55 -26.18
C25 POV T . -2.06 -42.13 -27.12
C26 POV T . -2.80 -41.02 -27.86
C27 POV T . -3.02 -39.80 -26.97
C28 POV T . -3.97 -38.80 -27.60
C29 POV T . -3.89 -37.50 -26.82
C31 POV T . 1.09 -40.44 -21.07
O31 POV T . 0.92 -41.74 -21.70
C32 POV T . 0.20 -39.27 -21.45
O32 POV T . 1.97 -40.30 -20.24
C33 POV T . 0.71 -38.00 -20.79
C34 POV T . 0.10 -36.76 -21.44
C35 POV T . -1.36 -36.59 -21.06
C36 POV T . -1.52 -35.54 -19.97
C37 POV T . -1.50 -34.13 -20.55
C38 POV T . -2.82 -33.80 -21.23
C39 POV T . -2.76 -32.44 -21.91
C1 98R U . 3.48 -37.30 -13.59
C2 98R U . 3.69 -35.79 -13.50
C3 98R U . 3.90 -35.24 -14.90
C11 98R U . 3.17 -35.74 -17.22
C12 98R U . 2.79 -34.44 -17.87
C13 98R U . 3.79 -33.36 -17.48
C14 98R U . 3.32 -31.99 -17.93
C15 98R U . 4.30 -30.92 -17.51
C16 98R U . 5.61 -31.06 -18.26
C18 98R U . -3.07 -20.87 -13.28
C19 98R U . -4.50 -21.29 -13.52
C31 98R U . 2.77 -33.90 -12.37
C32 98R U . 2.59 -32.65 -13.19
C33 98R U . 1.48 -31.82 -12.55
C34 98R U . 1.71 -30.33 -12.77
C35 98R U . 1.21 -29.89 -14.12
C36 98R U . 1.94 -28.61 -14.54
C37 98R U . 1.45 -27.40 -13.75
C38 98R U . 0.33 -26.72 -14.53
C39 98R U . 0.16 -25.26 -14.10
C40 98R U . -1.08 -24.73 -14.77
C41 98R U . -1.68 -23.63 -14.32
C42 98R U . -2.93 -23.13 -15.01
O11 98R U . 3.61 -36.66 -17.89
O2 98R U . 2.52 -35.21 -12.95
O3 98R U . 3.02 -35.93 -15.79
O31 98R U . 3.12 -33.83 -11.21
O3P 98R U . 4.27 -37.84 -14.65
C20 98R U . -5.45 -20.11 -13.33
CAA Y01 V . -7.98 -18.82 27.09
CBA Y01 V . -9.32 -18.52 27.75
CAB Y01 V . -9.29 -18.91 29.22
CAN Y01 V . -10.46 -19.21 27.01
CAJ Y01 V . -11.38 -18.20 26.33
CAO Y01 V . -11.98 -17.26 27.36
CBB Y01 V . -13.05 -16.38 26.71
CAC Y01 V . -14.12 -17.26 26.09
CBE Y01 V . -13.69 -15.37 27.67
CAP Y01 V . -13.46 -15.72 29.15
CAQ Y01 V . -13.43 -14.37 29.89
CBG Y01 V . -13.80 -13.35 28.84
CBI Y01 V . -13.27 -13.91 27.54
CAE Y01 V . -11.75 -13.80 27.51
CAU Y01 V . -13.87 -13.11 26.40
CAS Y01 V . -13.45 -11.63 26.53
CBF Y01 V . -13.82 -11.02 27.90
CBD Y01 V . -13.35 -11.91 29.06
CAK Y01 V . -13.85 -11.39 30.40
CAI Y01 V . -13.51 -9.92 30.48
CAZ Y01 V . -13.75 -9.14 29.43
CAV Y01 V . -14.53 -7.86 29.67
CBH Y01 V . -13.25 -9.62 28.08
CAD Y01 V . -11.72 -9.70 28.14
CAT Y01 V . -13.62 -8.68 26.95
CAR Y01 V . -14.92 -7.93 27.19
CBC Y01 V . -14.83 -7.03 28.42
OAW Y01 V . -13.83 -6.03 28.24
CAY Y01 V . -14.17 -4.81 28.95
OAG Y01 V . -14.37 -4.84 30.16
CAM Y01 V . -14.26 -3.49 28.22
CAL Y01 V . -13.72 -2.37 29.11
CAX Y01 V . -14.76 -1.29 29.25
OAH Y01 V . -14.48 -0.04 28.92
OAF Y01 V . -15.88 -1.56 29.68
ZN ZN W . -44.97 11.24 -10.07
CAA Y01 X . -38.75 -24.48 19.04
CBA Y01 X . -37.50 -23.88 18.40
CAB Y01 X . -37.80 -22.51 17.80
CAN Y01 X . -36.92 -24.82 17.34
CAJ Y01 X . -36.66 -26.20 17.92
CAO Y01 X . -36.67 -27.26 16.83
CBB Y01 X . -36.81 -28.67 17.41
CAC Y01 X . -38.01 -28.73 18.37
CBE Y01 X . -36.92 -29.72 16.32
CAP Y01 X . -36.17 -29.29 15.05
CAQ Y01 X . -35.29 -30.45 14.60
CBG Y01 X . -35.82 -31.64 15.38
CBI Y01 X . -36.31 -31.06 16.69
CAE Y01 X . -35.14 -30.81 17.64
CAU Y01 X . -37.23 -32.11 17.31
CAS Y01 X . -36.43 -33.39 17.55
CBF Y01 X . -35.67 -33.93 16.33
CBD Y01 X . -34.90 -32.82 15.60
CAK Y01 X . -34.36 -33.36 14.29
CAI Y01 X . -33.56 -34.61 14.57
CAZ Y01 X . -33.90 -35.49 15.52
CAV Y01 X . -33.38 -36.91 15.39
CBH Y01 X . -34.72 -35.05 16.72
CAD Y01 X . -33.77 -34.55 17.80
CAT Y01 X . -35.55 -36.21 17.27
CAR Y01 X . -34.70 -37.46 17.40
CBC Y01 X . -34.31 -37.93 16.01
OAW Y01 X . -33.63 -39.19 16.10
CAY Y01 X . -34.53 -40.32 15.95
OAG Y01 X . -35.61 -40.30 16.54
CAM Y01 X . -34.14 -41.49 15.08
CAL Y01 X . -33.94 -42.76 15.92
CAX Y01 X . -35.27 -43.28 16.42
OAH Y01 X . -35.99 -44.11 15.68
OAF Y01 X . -35.70 -42.95 17.52
#